data_3CF0
#
_entry.id   3CF0
#
_cell.length_a   173.317
_cell.length_b   167.223
_cell.length_c   209.465
_cell.angle_alpha   90.00
_cell.angle_beta   112.29
_cell.angle_gamma   90.00
#
_symmetry.space_group_name_H-M   'C 1 2 1'
#
loop_
_entity.id
_entity.type
_entity.pdbx_description
1 polymer 'Transitional endoplasmic reticulum ATPase'
2 non-polymer "ADENOSINE-5'-DIPHOSPHATE"
#
_entity_poly.entity_id   1
_entity_poly.type   'polypeptide(L)'
_entity_poly.pdbx_seq_one_letter_code
;ALRETVVEVPQVTWEDIGGLEDVKRELQELVQYPVEHPDKFLKFGMTPSKGVLFYGPPGCGKTLLAKAIANECQANFISI
KGPELLTMWFGESEANVREIFDKARQAAPCVLFFDELDSIAKARGGNIGDGGGAADRVINQILTEMDGMSTKKNVFIIGA
TNRPDIIDPAILRPGRLDQLIYIPLPDEKSRVAILKANLRKSPVAKDVDLEFLAKMTNGFSGADLTEICQRACKLAIRES
IESEIRRERERQTNPSAMEVEEDDPVPEIRRDHFEEAMRFARRSVSDNDIRKYEMFAQTLQ
;
_entity_poly.pdbx_strand_id   A,B,C,D,E,F,G,H,I,J,K,L,M,N
#
loop_
_chem_comp.id
_chem_comp.type
_chem_comp.name
_chem_comp.formula
ADP non-polymer ADENOSINE-5'-DIPHOSPHATE 'C10 H15 N5 O10 P2'
#
# COMPACT_ATOMS: atom_id res chain seq x y z
N ALA A 1 8.99 -47.65 -14.89
CA ALA A 1 8.32 -48.95 -15.16
C ALA A 1 9.28 -50.18 -15.08
N LEU A 2 10.33 -50.13 -14.23
CA LEU A 2 11.44 -51.14 -14.31
C LEU A 2 11.03 -52.62 -14.12
N ARG A 3 11.47 -53.47 -15.05
CA ARG A 3 11.27 -54.93 -14.99
C ARG A 3 11.82 -55.51 -13.68
N GLU A 4 11.45 -56.76 -13.38
CA GLU A 4 11.88 -57.41 -12.13
C GLU A 4 13.24 -58.11 -12.21
N THR A 5 14.16 -57.75 -11.29
CA THR A 5 15.54 -58.26 -11.29
C THR A 5 15.59 -59.75 -10.88
N VAL A 6 16.01 -60.60 -11.81
CA VAL A 6 15.98 -62.06 -11.63
C VAL A 6 17.35 -62.70 -11.40
N VAL A 7 17.57 -63.19 -10.18
CA VAL A 7 18.80 -63.95 -9.90
C VAL A 7 18.55 -65.34 -10.40
N GLU A 8 19.61 -66.04 -10.80
CA GLU A 8 19.46 -67.36 -11.42
C GLU A 8 20.78 -68.11 -11.33
N VAL A 9 20.74 -69.42 -11.53
CA VAL A 9 22.01 -70.13 -11.60
C VAL A 9 22.25 -70.45 -13.03
N PRO A 10 23.38 -69.99 -13.56
CA PRO A 10 23.74 -70.13 -14.95
C PRO A 10 23.74 -71.60 -15.31
N GLN A 11 22.89 -71.92 -16.26
CA GLN A 11 22.69 -73.24 -16.83
C GLN A 11 23.88 -73.74 -17.67
N VAL A 12 24.69 -72.82 -18.21
CA VAL A 12 25.70 -73.12 -19.24
C VAL A 12 27.13 -73.18 -18.71
N THR A 13 27.91 -74.13 -19.24
CA THR A 13 29.28 -74.37 -18.79
C THR A 13 30.30 -74.21 -19.92
N TRP A 14 31.58 -74.28 -19.60
CA TRP A 14 32.62 -74.14 -20.64
C TRP A 14 32.46 -75.06 -21.84
N GLU A 15 31.87 -76.23 -21.64
CA GLU A 15 31.68 -77.21 -22.71
C GLU A 15 30.80 -76.68 -23.83
N ASP A 16 29.87 -75.79 -23.50
CA ASP A 16 28.94 -75.26 -24.49
C ASP A 16 29.54 -74.12 -25.30
N ILE A 17 30.73 -73.68 -24.92
CA ILE A 17 31.44 -72.61 -25.62
C ILE A 17 32.56 -73.16 -26.49
N GLY A 18 32.40 -73.02 -27.79
CA GLY A 18 33.43 -73.37 -28.77
C GLY A 18 34.56 -72.35 -28.83
N GLY A 19 35.77 -72.84 -28.63
CA GLY A 19 36.95 -71.99 -28.75
C GLY A 19 37.13 -71.04 -27.58
N LEU A 20 37.89 -69.97 -27.84
CA LEU A 20 38.18 -68.94 -26.85
C LEU A 20 38.93 -69.48 -25.64
N GLU A 21 39.84 -70.44 -25.84
CA GLU A 21 40.50 -71.10 -24.71
C GLU A 21 41.27 -70.10 -23.86
N ASP A 22 42.04 -69.25 -24.54
CA ASP A 22 42.79 -68.16 -23.95
C ASP A 22 41.97 -67.29 -22.99
N VAL A 23 40.76 -66.91 -23.36
CA VAL A 23 39.96 -66.05 -22.50
C VAL A 23 39.37 -66.82 -21.33
N LYS A 24 38.92 -68.04 -21.57
CA LYS A 24 38.38 -68.89 -20.52
C LYS A 24 39.38 -68.98 -19.40
N ARG A 25 40.64 -69.22 -19.77
CA ARG A 25 41.73 -69.24 -18.81
C ARG A 25 41.84 -67.91 -18.10
N GLU A 26 41.88 -66.83 -18.89
CA GLU A 26 42.03 -65.48 -18.39
C GLU A 26 40.90 -65.11 -17.44
N LEU A 27 39.69 -65.54 -17.77
CA LEU A 27 38.52 -65.27 -16.97
C LEU A 27 38.62 -65.90 -15.63
N GLN A 28 39.03 -67.17 -15.61
CA GLN A 28 39.26 -67.92 -14.38
C GLN A 28 40.29 -67.21 -13.52
N GLU A 29 41.42 -66.82 -14.13
CA GLU A 29 42.44 -66.09 -13.40
C GLU A 29 41.93 -64.79 -12.75
N LEU A 30 40.78 -64.30 -13.20
CA LEU A 30 40.22 -63.03 -12.70
C LEU A 30 39.17 -63.17 -11.63
N VAL A 31 38.50 -64.32 -11.60
CA VAL A 31 37.47 -64.61 -10.58
C VAL A 31 37.75 -65.81 -9.67
N GLN A 32 38.23 -66.94 -10.22
CA GLN A 32 38.58 -68.13 -9.43
C GLN A 32 39.68 -67.78 -8.47
N TYR A 33 40.84 -67.50 -9.04
CA TYR A 33 42.06 -67.31 -8.27
C TYR A 33 41.94 -66.36 -7.08
N PRO A 34 41.33 -65.20 -7.25
CA PRO A 34 41.17 -64.38 -6.05
C PRO A 34 40.34 -65.01 -4.93
N VAL A 35 39.30 -65.78 -5.28
CA VAL A 35 38.39 -66.40 -4.29
C VAL A 35 38.93 -67.73 -3.73
N GLU A 36 39.48 -68.57 -4.60
CA GLU A 36 39.93 -69.88 -4.20
C GLU A 36 41.38 -69.91 -3.84
N HIS A 37 42.07 -68.79 -4.01
CA HIS A 37 43.45 -68.68 -3.54
C HIS A 37 43.76 -67.34 -2.90
N PRO A 38 42.89 -66.85 -1.99
CA PRO A 38 43.13 -65.52 -1.44
C PRO A 38 44.51 -65.43 -0.82
N ASP A 39 45.02 -66.56 -0.34
CA ASP A 39 46.37 -66.63 0.19
C ASP A 39 47.44 -66.12 -0.78
N LYS A 40 47.36 -66.55 -2.05
CA LYS A 40 48.36 -66.21 -3.08
C LYS A 40 48.28 -64.75 -3.50
N PHE A 41 47.09 -64.17 -3.44
CA PHE A 41 46.89 -62.76 -3.78
C PHE A 41 47.41 -61.88 -2.65
N LEU A 42 47.24 -62.36 -1.43
CA LEU A 42 47.77 -61.70 -0.25
C LEU A 42 49.28 -61.84 -0.18
N LYS A 43 49.77 -63.01 -0.60
CA LYS A 43 51.20 -63.27 -0.65
C LYS A 43 51.95 -62.31 -1.56
N PHE A 44 51.49 -62.21 -2.80
CA PHE A 44 52.15 -61.34 -3.79
C PHE A 44 51.70 -59.90 -3.67
N GLY A 45 50.61 -59.67 -2.93
CA GLY A 45 50.18 -58.32 -2.64
C GLY A 45 49.05 -57.84 -3.51
N MET A 46 49.23 -57.91 -4.82
CA MET A 46 48.24 -57.39 -5.76
C MET A 46 46.81 -57.80 -5.43
N THR A 47 45.91 -56.82 -5.52
CA THR A 47 44.48 -57.02 -5.26
C THR A 47 43.74 -57.18 -6.58
N PRO A 48 42.64 -57.98 -6.59
CA PRO A 48 41.97 -58.41 -7.83
C PRO A 48 41.21 -57.27 -8.52
N SER A 49 40.59 -57.53 -9.67
CA SER A 49 39.85 -56.49 -10.40
C SER A 49 38.33 -56.63 -10.23
N LYS A 50 37.63 -55.50 -10.22
CA LYS A 50 36.17 -55.43 -9.97
C LYS A 50 35.31 -55.96 -11.10
N GLY A 51 35.85 -55.92 -12.32
CA GLY A 51 35.08 -56.23 -13.50
C GLY A 51 35.83 -56.27 -14.80
N VAL A 52 35.09 -56.51 -15.86
CA VAL A 52 35.61 -56.83 -17.15
C VAL A 52 34.63 -56.31 -18.18
N LEU A 53 35.13 -55.86 -19.32
CA LEU A 53 34.30 -55.47 -20.44
C LEU A 53 34.64 -56.37 -21.64
N PHE A 54 33.69 -57.15 -22.10
CA PHE A 54 33.84 -57.86 -23.35
C PHE A 54 33.32 -57.00 -24.50
N TYR A 55 34.13 -56.83 -25.54
CA TYR A 55 33.65 -56.16 -26.75
C TYR A 55 34.02 -57.03 -27.92
N GLY A 56 33.25 -56.97 -28.98
CA GLY A 56 33.41 -57.90 -30.07
C GLY A 56 32.20 -57.77 -30.96
N PRO A 57 32.25 -58.36 -32.17
CA PRO A 57 31.03 -58.49 -32.95
C PRO A 57 30.00 -59.35 -32.22
N PRO A 58 28.73 -59.25 -32.64
CA PRO A 58 27.58 -59.94 -32.07
C PRO A 58 27.55 -61.42 -32.47
N GLY A 59 27.30 -62.25 -31.47
CA GLY A 59 27.07 -63.68 -31.66
C GLY A 59 28.37 -64.42 -31.61
N CYS A 60 29.21 -64.04 -30.65
CA CYS A 60 30.52 -64.66 -30.57
C CYS A 60 30.76 -65.27 -29.22
N GLY A 61 29.74 -65.27 -28.38
CA GLY A 61 29.88 -65.85 -27.05
C GLY A 61 30.09 -64.93 -25.82
N LYS A 62 29.90 -63.60 -25.99
CA LYS A 62 30.05 -62.65 -24.90
C LYS A 62 29.17 -63.03 -23.72
N THR A 63 27.94 -63.45 -24.04
CA THR A 63 27.02 -63.91 -23.02
C THR A 63 27.43 -65.23 -22.41
N LEU A 64 27.79 -66.18 -23.28
CA LEU A 64 28.12 -67.52 -22.82
C LEU A 64 29.25 -67.44 -21.85
N LEU A 65 30.25 -66.66 -22.21
CA LEU A 65 31.35 -66.44 -21.31
C LEU A 65 30.89 -65.88 -19.97
N ALA A 66 29.98 -64.90 -20.00
CA ALA A 66 29.61 -64.24 -18.76
C ALA A 66 28.91 -65.25 -17.86
N LYS A 67 28.13 -66.13 -18.48
CA LYS A 67 27.42 -67.18 -17.74
C LYS A 67 28.29 -68.37 -17.30
N ALA A 68 28.96 -68.99 -18.26
CA ALA A 68 29.86 -70.06 -17.94
C ALA A 68 30.72 -69.66 -16.75
N ILE A 69 31.38 -68.51 -16.82
CA ILE A 69 32.22 -68.14 -15.69
C ILE A 69 31.44 -68.13 -14.39
N ALA A 70 30.23 -67.60 -14.38
CA ALA A 70 29.46 -67.56 -13.14
C ALA A 70 29.18 -68.95 -12.65
N ASN A 71 28.83 -69.81 -13.60
CA ASN A 71 28.49 -71.19 -13.30
C ASN A 71 29.68 -71.98 -12.80
N GLU A 72 30.85 -71.75 -13.39
CA GLU A 72 32.09 -72.37 -12.94
C GLU A 72 32.34 -71.99 -11.49
N CYS A 73 32.26 -70.71 -11.17
CA CYS A 73 32.41 -70.27 -9.80
C CYS A 73 31.26 -70.66 -8.90
N GLN A 74 30.34 -71.46 -9.44
CA GLN A 74 29.08 -71.82 -8.74
C GLN A 74 28.44 -70.58 -8.12
N ALA A 75 28.27 -69.53 -8.91
CA ALA A 75 27.75 -68.27 -8.42
C ALA A 75 26.43 -67.87 -9.06
N ASN A 76 25.82 -66.86 -8.50
CA ASN A 76 24.62 -66.34 -9.05
C ASN A 76 24.94 -65.43 -10.22
N PHE A 77 23.92 -65.21 -11.03
CA PHE A 77 24.06 -64.50 -12.27
C PHE A 77 22.88 -63.55 -12.45
N ILE A 78 23.16 -62.26 -12.53
CA ILE A 78 22.10 -61.34 -12.87
C ILE A 78 22.41 -60.75 -14.24
N SER A 79 21.39 -60.71 -15.07
CA SER A 79 21.56 -60.15 -16.40
C SER A 79 20.71 -58.92 -16.62
N ILE A 80 21.34 -57.75 -16.72
CA ILE A 80 20.57 -56.59 -17.14
C ILE A 80 20.89 -56.44 -18.61
N LYS A 81 19.85 -56.32 -19.46
CA LYS A 81 20.06 -56.12 -20.92
C LYS A 81 19.78 -54.68 -21.39
N GLY A 82 19.82 -54.48 -22.71
CA GLY A 82 19.71 -53.18 -23.32
C GLY A 82 18.38 -52.53 -23.01
N PRO A 83 17.28 -53.19 -23.33
CA PRO A 83 15.97 -52.59 -23.10
C PRO A 83 15.76 -52.23 -21.64
N GLU A 84 16.31 -53.00 -20.71
CA GLU A 84 16.16 -52.64 -19.32
C GLU A 84 16.85 -51.30 -19.05
N LEU A 85 18.09 -51.15 -19.50
CA LEU A 85 18.80 -49.86 -19.37
C LEU A 85 18.03 -48.74 -20.02
N LEU A 86 17.62 -48.95 -21.26
CA LEU A 86 16.88 -47.96 -21.95
C LEU A 86 15.62 -47.55 -21.24
N THR A 87 14.93 -48.49 -20.55
CA THR A 87 13.72 -48.16 -19.77
C THR A 87 14.06 -47.13 -18.72
N MET A 88 15.14 -47.36 -17.99
CA MET A 88 15.56 -46.40 -16.98
C MET A 88 15.95 -45.11 -17.64
N TRP A 89 16.45 -45.19 -18.88
CA TRP A 89 16.82 -43.97 -19.55
C TRP A 89 15.64 -43.17 -19.97
N PHE A 90 14.73 -43.78 -20.75
CA PHE A 90 13.49 -43.12 -21.14
C PHE A 90 12.68 -42.66 -19.95
N GLY A 91 12.51 -43.51 -18.94
CA GLY A 91 11.72 -43.15 -17.75
C GLY A 91 12.44 -42.30 -16.71
N GLU A 92 13.70 -41.99 -16.95
CA GLU A 92 14.44 -41.18 -15.98
C GLU A 92 14.53 -41.84 -14.59
N SER A 93 14.41 -43.15 -14.55
CA SER A 93 14.40 -43.86 -13.31
C SER A 93 15.71 -44.62 -13.06
N GLU A 94 16.83 -43.93 -13.14
CA GLU A 94 18.12 -44.62 -12.98
C GLU A 94 18.38 -44.99 -11.55
N ALA A 95 17.60 -44.42 -10.63
CA ALA A 95 17.74 -44.80 -9.24
C ALA A 95 17.61 -46.34 -9.05
N ASN A 96 16.91 -47.01 -9.96
CA ASN A 96 16.80 -48.47 -9.90
C ASN A 96 18.11 -49.22 -10.06
N VAL A 97 19.15 -48.53 -10.47
CA VAL A 97 20.38 -49.20 -10.71
C VAL A 97 20.88 -49.60 -9.34
N ARG A 98 20.61 -48.74 -8.35
CA ARG A 98 20.84 -49.01 -6.92
C ARG A 98 20.22 -50.34 -6.51
N GLU A 99 18.95 -50.52 -6.88
CA GLU A 99 18.18 -51.69 -6.54
C GLU A 99 18.83 -52.93 -7.13
N ILE A 100 19.14 -52.87 -8.41
CA ILE A 100 19.85 -53.94 -9.06
C ILE A 100 21.08 -54.27 -8.26
N PHE A 101 21.85 -53.26 -7.85
CA PHE A 101 23.12 -53.52 -7.19
C PHE A 101 22.91 -54.16 -5.84
N ASP A 102 21.91 -53.67 -5.11
CA ASP A 102 21.47 -54.32 -3.87
C ASP A 102 21.21 -55.78 -4.09
N LYS A 103 20.26 -56.09 -4.96
CA LYS A 103 19.93 -57.45 -5.31
C LYS A 103 21.16 -58.32 -5.67
N ALA A 104 22.22 -57.71 -6.19
CA ALA A 104 23.41 -58.49 -6.55
C ALA A 104 24.24 -58.71 -5.33
N ARG A 105 24.33 -57.65 -4.52
CA ARG A 105 25.11 -57.64 -3.32
C ARG A 105 24.55 -58.71 -2.39
N GLN A 106 23.23 -58.72 -2.30
CA GLN A 106 22.48 -59.64 -1.46
C GLN A 106 22.60 -61.09 -1.98
N ALA A 107 22.73 -61.27 -3.29
CA ALA A 107 22.88 -62.62 -3.84
C ALA A 107 24.34 -63.08 -3.97
N ALA A 108 25.29 -62.33 -3.39
CA ALA A 108 26.70 -62.63 -3.54
C ALA A 108 26.99 -64.04 -3.02
N PRO A 109 27.87 -64.81 -3.70
CA PRO A 109 28.73 -64.46 -4.82
C PRO A 109 27.95 -64.43 -6.11
N CYS A 110 28.20 -63.38 -6.89
CA CYS A 110 27.35 -63.03 -8.02
C CYS A 110 28.12 -62.38 -9.14
N VAL A 111 27.89 -62.84 -10.38
CA VAL A 111 28.27 -62.02 -11.52
C VAL A 111 27.09 -61.22 -12.06
N LEU A 112 27.24 -59.92 -11.91
CA LEU A 112 26.30 -58.94 -12.43
C LEU A 112 26.77 -58.65 -13.86
N PHE A 113 25.86 -58.76 -14.82
CA PHE A 113 26.26 -58.73 -16.22
C PHE A 113 25.44 -57.76 -17.05
N PHE A 114 26.08 -56.64 -17.43
CA PHE A 114 25.40 -55.61 -18.21
C PHE A 114 25.72 -55.85 -19.66
N ASP A 115 24.83 -56.58 -20.29
CA ASP A 115 24.89 -56.70 -21.73
C ASP A 115 24.34 -55.44 -22.48
N GLU A 116 24.72 -55.29 -23.76
CA GLU A 116 24.28 -54.17 -24.63
C GLU A 116 24.56 -52.82 -23.99
N LEU A 117 25.71 -52.67 -23.35
CA LEU A 117 26.08 -51.44 -22.64
C LEU A 117 25.92 -50.09 -23.43
N ASP A 118 25.86 -50.19 -24.75
CA ASP A 118 26.02 -49.10 -25.66
C ASP A 118 24.67 -48.61 -26.08
N SER A 119 23.62 -49.21 -25.51
CA SER A 119 22.30 -49.08 -26.13
C SER A 119 21.72 -47.68 -25.89
N ILE A 120 22.03 -47.05 -24.77
CA ILE A 120 21.66 -45.67 -24.62
C ILE A 120 22.36 -44.80 -25.64
N ALA A 121 23.68 -44.98 -25.77
CA ALA A 121 24.49 -44.26 -26.75
C ALA A 121 23.88 -44.34 -28.12
N LYS A 122 23.72 -45.54 -28.64
CA LYS A 122 22.90 -45.74 -29.82
C LYS A 122 21.61 -44.93 -29.76
N ALA A 123 20.84 -45.02 -28.68
CA ALA A 123 19.50 -44.44 -28.60
C ALA A 123 19.56 -42.96 -28.72
N ARG A 124 20.66 -42.36 -28.28
CA ARG A 124 20.75 -40.93 -28.46
C ARG A 124 21.43 -40.42 -29.69
N GLY A 125 21.79 -41.29 -30.60
CA GLY A 125 22.30 -40.86 -31.89
C GLY A 125 23.52 -41.64 -32.26
N GLY A 126 24.20 -42.15 -31.24
CA GLY A 126 25.33 -43.04 -31.41
C GLY A 126 26.52 -42.38 -32.07
N ASN A 127 26.90 -42.97 -33.20
CA ASN A 127 28.05 -42.56 -34.01
C ASN A 127 28.12 -41.01 -34.09
N ILE A 128 27.04 -40.37 -34.57
CA ILE A 128 26.92 -38.88 -34.63
C ILE A 128 26.49 -38.23 -33.30
N GLY A 129 25.33 -38.61 -32.77
CA GLY A 129 24.94 -38.24 -31.41
C GLY A 129 24.07 -37.01 -31.26
N ASP A 130 23.93 -36.56 -30.01
CA ASP A 130 23.23 -35.31 -29.64
C ASP A 130 24.26 -34.25 -29.22
N GLY A 131 23.84 -33.25 -28.46
CA GLY A 131 24.79 -32.23 -27.96
C GLY A 131 25.98 -32.72 -27.09
N GLY A 132 25.69 -33.39 -25.98
CA GLY A 132 26.64 -33.58 -24.90
C GLY A 132 27.64 -34.68 -25.08
N GLY A 133 28.35 -34.98 -24.01
CA GLY A 133 29.37 -36.00 -24.02
C GLY A 133 28.92 -37.41 -23.72
N ALA A 134 29.89 -38.28 -23.48
CA ALA A 134 29.59 -39.70 -23.43
C ALA A 134 28.68 -40.02 -22.25
N ALA A 135 28.83 -39.27 -21.15
CA ALA A 135 28.00 -39.44 -19.99
C ALA A 135 26.48 -39.46 -20.26
N ASP A 136 25.79 -40.38 -19.61
CA ASP A 136 24.33 -40.43 -19.59
C ASP A 136 23.88 -40.89 -18.21
N ARG A 137 22.68 -40.48 -17.80
CA ARG A 137 22.23 -40.62 -16.39
C ARG A 137 22.30 -42.06 -15.84
N VAL A 138 21.99 -43.05 -16.69
CA VAL A 138 21.90 -44.44 -16.29
C VAL A 138 23.28 -45.04 -16.17
N ILE A 139 24.12 -44.89 -17.21
CA ILE A 139 25.43 -45.56 -17.14
C ILE A 139 26.11 -44.90 -15.99
N ASN A 140 25.87 -43.59 -15.85
CA ASN A 140 26.56 -42.89 -14.77
C ASN A 140 26.27 -43.48 -13.40
N GLN A 141 25.03 -43.87 -13.22
CA GLN A 141 24.60 -44.54 -12.03
C GLN A 141 25.34 -45.82 -11.84
N ILE A 142 25.41 -46.62 -12.89
CA ILE A 142 26.17 -47.89 -12.79
C ILE A 142 27.58 -47.63 -12.33
N LEU A 143 28.17 -46.54 -12.78
CA LEU A 143 29.52 -46.20 -12.32
C LEU A 143 29.57 -45.86 -10.85
N THR A 144 28.67 -45.03 -10.33
CA THR A 144 28.66 -44.70 -8.89
C THR A 144 28.45 -45.97 -8.08
N GLU A 145 27.40 -46.70 -8.44
CA GLU A 145 27.09 -47.95 -7.79
C GLU A 145 28.24 -48.88 -7.83
N MET A 146 29.30 -48.51 -8.49
CA MET A 146 30.41 -49.44 -8.70
C MET A 146 31.60 -48.92 -7.95
N ASP A 147 31.64 -47.60 -7.80
CA ASP A 147 32.62 -46.94 -6.99
C ASP A 147 32.28 -47.23 -5.55
N GLY A 148 31.01 -47.00 -5.20
CA GLY A 148 30.50 -47.23 -3.86
C GLY A 148 30.41 -48.68 -3.45
N MET A 149 30.53 -49.60 -4.40
CA MET A 149 30.40 -51.00 -4.11
C MET A 149 31.74 -51.56 -3.69
N SER A 150 31.87 -51.82 -2.39
CA SER A 150 33.10 -52.31 -1.80
C SER A 150 33.71 -53.51 -2.56
N THR A 151 34.97 -53.37 -2.92
CA THR A 151 35.73 -54.44 -3.58
C THR A 151 35.56 -55.80 -2.88
N LYS A 152 35.32 -55.72 -1.57
CA LYS A 152 35.38 -56.88 -0.70
C LYS A 152 34.03 -57.64 -0.56
N LYS A 153 32.96 -57.18 -1.23
CA LYS A 153 31.74 -57.99 -1.38
C LYS A 153 32.09 -59.07 -2.40
N ASN A 154 31.12 -59.84 -2.84
CA ASN A 154 31.51 -60.87 -3.77
C ASN A 154 30.86 -60.75 -5.14
N VAL A 155 30.73 -59.52 -5.60
CA VAL A 155 30.01 -59.24 -6.82
C VAL A 155 30.98 -58.90 -7.92
N PHE A 156 30.92 -59.66 -9.01
CA PHE A 156 31.77 -59.40 -10.16
C PHE A 156 30.98 -58.85 -11.37
N ILE A 157 31.39 -57.66 -11.84
CA ILE A 157 30.65 -56.98 -12.90
C ILE A 157 31.23 -57.21 -14.28
N ILE A 158 30.40 -57.63 -15.22
CA ILE A 158 30.85 -57.83 -16.55
C ILE A 158 29.96 -57.04 -17.50
N GLY A 159 30.59 -56.27 -18.37
CA GLY A 159 29.90 -55.49 -19.39
C GLY A 159 30.15 -56.15 -20.71
N ALA A 160 29.25 -55.91 -21.67
CA ALA A 160 29.43 -56.41 -23.03
C ALA A 160 28.91 -55.39 -23.95
N THR A 161 29.57 -55.25 -25.09
CA THR A 161 29.12 -54.27 -26.08
C THR A 161 29.70 -54.65 -27.41
N ASN A 162 28.95 -54.39 -28.46
CA ASN A 162 29.55 -54.55 -29.76
C ASN A 162 29.72 -53.20 -30.43
N ARG A 163 29.72 -52.13 -29.63
CA ARG A 163 29.97 -50.80 -30.17
C ARG A 163 30.82 -50.09 -29.14
N PRO A 164 32.04 -50.58 -28.92
CA PRO A 164 32.88 -49.99 -27.90
C PRO A 164 33.27 -48.53 -28.28
N ASP A 165 33.42 -48.21 -29.56
CA ASP A 165 33.61 -46.84 -29.93
C ASP A 165 32.64 -45.90 -29.20
N ILE A 166 31.42 -46.32 -28.89
CA ILE A 166 30.47 -45.34 -28.33
C ILE A 166 30.24 -45.44 -26.85
N ILE A 167 30.79 -46.46 -26.22
CA ILE A 167 30.87 -46.62 -24.73
C ILE A 167 31.51 -45.43 -24.02
N ASP A 168 30.95 -44.98 -22.91
CA ASP A 168 31.61 -43.87 -22.17
C ASP A 168 32.98 -44.32 -21.59
N PRO A 169 34.09 -43.61 -21.90
CA PRO A 169 35.45 -43.95 -21.45
C PRO A 169 35.59 -44.16 -19.94
N ALA A 170 34.78 -43.42 -19.17
CA ALA A 170 34.81 -43.55 -17.72
C ALA A 170 34.64 -44.99 -17.24
N ILE A 171 33.96 -45.80 -18.02
CA ILE A 171 33.72 -47.16 -17.64
C ILE A 171 35.02 -47.89 -17.59
N LEU A 172 36.02 -47.42 -18.34
CA LEU A 172 37.31 -48.12 -18.42
C LEU A 172 38.38 -47.72 -17.41
N ARG A 173 38.20 -46.57 -16.75
CA ARG A 173 39.13 -46.16 -15.70
C ARG A 173 39.38 -47.24 -14.67
N PRO A 174 40.59 -47.23 -14.04
CA PRO A 174 40.91 -48.09 -12.87
C PRO A 174 39.81 -48.15 -11.82
N GLY A 175 39.58 -49.35 -11.29
CA GLY A 175 38.56 -49.57 -10.28
C GLY A 175 37.16 -49.76 -10.82
N ARG A 176 37.05 -49.90 -12.16
CA ARG A 176 35.77 -50.18 -12.79
C ARG A 176 35.92 -51.38 -13.73
N LEU A 177 35.57 -51.22 -15.00
CA LEU A 177 35.81 -52.33 -15.92
C LEU A 177 37.18 -52.15 -16.54
N ASP A 178 38.18 -52.61 -15.80
CA ASP A 178 39.56 -52.43 -16.20
C ASP A 178 39.96 -53.38 -17.30
N GLN A 179 39.49 -54.60 -17.26
CA GLN A 179 39.95 -55.57 -18.20
C GLN A 179 39.13 -55.47 -19.44
N LEU A 180 39.67 -54.84 -20.46
CA LEU A 180 39.12 -54.98 -21.78
C LEU A 180 39.41 -56.39 -22.30
N ILE A 181 38.45 -57.05 -22.93
CA ILE A 181 38.73 -58.31 -23.60
C ILE A 181 38.01 -58.36 -24.93
N TYR A 182 38.75 -58.63 -25.98
CA TYR A 182 38.14 -58.71 -27.31
C TYR A 182 37.63 -60.11 -27.63
N ILE A 183 36.34 -60.27 -27.88
CA ILE A 183 35.87 -61.58 -28.31
C ILE A 183 35.60 -61.46 -29.77
N PRO A 184 36.53 -61.99 -30.60
CA PRO A 184 36.64 -61.81 -32.08
C PRO A 184 35.76 -62.85 -32.76
N LEU A 185 35.54 -62.68 -34.06
CA LEU A 185 34.90 -63.77 -34.81
C LEU A 185 35.66 -65.09 -34.65
N PRO A 186 34.93 -66.22 -34.65
CA PRO A 186 35.65 -67.50 -34.49
C PRO A 186 36.51 -67.78 -35.72
N ASP A 187 37.72 -68.28 -35.52
CA ASP A 187 38.56 -68.68 -36.64
C ASP A 187 38.27 -70.10 -37.13
N GLU A 188 39.04 -70.51 -38.13
CA GLU A 188 39.10 -71.87 -38.70
C GLU A 188 38.82 -73.02 -37.68
N LYS A 189 39.70 -73.19 -36.70
CA LYS A 189 39.60 -74.26 -35.68
C LYS A 189 38.40 -74.05 -34.78
N SER A 190 38.23 -72.81 -34.35
CA SER A 190 37.15 -72.44 -33.45
C SER A 190 35.79 -72.83 -33.97
N ARG A 191 35.57 -72.56 -35.25
CA ARG A 191 34.31 -72.92 -35.85
C ARG A 191 33.99 -74.40 -35.63
N VAL A 192 35.01 -75.26 -35.75
CA VAL A 192 34.81 -76.67 -35.49
C VAL A 192 34.31 -76.83 -34.07
N ALA A 193 35.04 -76.25 -33.10
CA ALA A 193 34.69 -76.40 -31.68
C ALA A 193 33.25 -75.97 -31.42
N ILE A 194 32.91 -74.80 -31.96
CA ILE A 194 31.59 -74.22 -31.87
C ILE A 194 30.51 -75.15 -32.39
N LEU A 195 30.79 -75.84 -33.49
CA LEU A 195 29.82 -76.81 -34.01
C LEU A 195 29.66 -78.00 -33.07
N LYS A 196 30.79 -78.52 -32.62
CA LYS A 196 30.80 -79.65 -31.69
C LYS A 196 30.04 -79.27 -30.44
N ALA A 197 30.37 -78.10 -29.87
CA ALA A 197 29.71 -77.62 -28.66
C ALA A 197 28.21 -77.52 -28.86
N ASN A 198 27.83 -76.98 -30.02
CA ASN A 198 26.43 -76.79 -30.36
C ASN A 198 25.70 -78.07 -30.62
N LEU A 199 26.45 -79.15 -30.83
CA LEU A 199 25.82 -80.40 -31.15
C LEU A 199 26.03 -81.45 -30.06
N ARG A 200 26.77 -81.06 -29.02
CA ARG A 200 27.06 -81.92 -27.88
C ARG A 200 25.86 -82.74 -27.43
N LYS A 201 24.69 -82.10 -27.38
CA LYS A 201 23.49 -82.80 -26.90
C LYS A 201 22.58 -83.19 -28.05
N SER A 202 23.18 -83.73 -29.11
CA SER A 202 22.45 -84.06 -30.35
C SER A 202 22.92 -85.36 -31.08
N PRO A 203 21.98 -86.07 -31.74
CA PRO A 203 22.31 -87.29 -32.48
C PRO A 203 22.88 -87.00 -33.85
N VAL A 204 24.14 -86.58 -33.87
CA VAL A 204 24.87 -86.26 -35.11
C VAL A 204 25.24 -87.53 -35.88
N ALA A 205 24.78 -87.64 -37.13
CA ALA A 205 25.14 -88.77 -37.99
C ALA A 205 26.65 -88.85 -38.10
N LYS A 206 27.16 -90.07 -38.13
CA LYS A 206 28.60 -90.32 -38.08
C LYS A 206 29.36 -89.71 -39.25
N ASP A 207 28.81 -89.83 -40.45
CA ASP A 207 29.42 -89.35 -41.68
C ASP A 207 29.65 -87.82 -41.72
N VAL A 208 28.66 -87.05 -41.25
CA VAL A 208 28.66 -85.57 -41.27
C VAL A 208 30.00 -84.94 -40.84
N ASP A 209 30.61 -84.20 -41.77
CA ASP A 209 31.95 -83.65 -41.57
C ASP A 209 31.91 -82.18 -41.17
N LEU A 210 32.18 -81.92 -39.89
CA LEU A 210 32.17 -80.56 -39.36
C LEU A 210 33.43 -79.80 -39.73
N GLU A 211 34.56 -80.49 -39.72
CA GLU A 211 35.87 -79.89 -40.04
C GLU A 211 35.78 -79.21 -41.40
N PHE A 212 34.87 -79.72 -42.22
CA PHE A 212 34.63 -79.20 -43.54
C PHE A 212 33.71 -78.00 -43.50
N LEU A 213 32.58 -78.17 -42.81
CA LEU A 213 31.67 -77.08 -42.53
C LEU A 213 32.41 -75.90 -42.01
N ALA A 214 33.40 -76.17 -41.16
CA ALA A 214 34.25 -75.13 -40.62
C ALA A 214 35.04 -74.38 -41.71
N LYS A 215 35.51 -75.12 -42.72
CA LYS A 215 36.22 -74.51 -43.86
C LYS A 215 35.26 -73.68 -44.71
N MET A 216 33.98 -74.03 -44.69
CA MET A 216 33.00 -73.39 -45.56
C MET A 216 32.53 -72.03 -45.09
N THR A 217 32.88 -71.64 -43.86
CA THR A 217 32.24 -70.54 -43.15
C THR A 217 33.27 -69.50 -42.73
N ASN A 218 32.99 -68.22 -42.95
CA ASN A 218 33.91 -67.22 -42.44
C ASN A 218 33.43 -66.12 -41.52
N GLY A 219 32.97 -65.02 -42.12
CA GLY A 219 32.40 -63.92 -41.33
C GLY A 219 31.28 -64.50 -40.49
N PHE A 220 31.32 -65.83 -40.38
CA PHE A 220 30.44 -66.61 -39.56
C PHE A 220 30.82 -66.47 -38.15
N SER A 221 29.88 -65.95 -37.38
CA SER A 221 29.97 -65.85 -35.95
C SER A 221 29.31 -67.10 -35.33
N GLY A 222 29.65 -67.43 -34.08
CA GLY A 222 29.03 -68.56 -33.38
C GLY A 222 27.51 -68.58 -33.63
N ALA A 223 26.89 -67.40 -33.45
CA ALA A 223 25.48 -67.25 -33.69
C ALA A 223 25.10 -67.81 -35.05
N ASP A 224 25.78 -67.33 -36.09
CA ASP A 224 25.53 -67.80 -37.45
C ASP A 224 25.66 -69.31 -37.60
N LEU A 225 26.55 -69.93 -36.81
CA LEU A 225 26.84 -71.34 -36.95
C LEU A 225 25.75 -72.14 -36.31
N THR A 226 25.43 -71.74 -35.10
CA THR A 226 24.24 -72.18 -34.39
C THR A 226 23.01 -72.18 -35.30
N GLU A 227 22.81 -71.08 -36.00
CA GLU A 227 21.67 -70.94 -36.89
C GLU A 227 21.63 -72.08 -37.90
N ILE A 228 22.78 -72.51 -38.40
CA ILE A 228 22.85 -73.62 -39.34
C ILE A 228 22.35 -74.96 -38.72
N CYS A 229 23.00 -75.39 -37.63
CA CYS A 229 22.55 -76.53 -36.85
C CYS A 229 21.06 -76.54 -36.66
N GLN A 230 20.55 -75.44 -36.15
CA GLN A 230 19.14 -75.34 -35.97
C GLN A 230 18.33 -75.65 -37.22
N ARG A 231 18.69 -75.10 -38.38
CA ARG A 231 17.95 -75.37 -39.62
C ARG A 231 18.09 -76.84 -39.93
N ALA A 232 19.25 -77.41 -39.64
CA ALA A 232 19.49 -78.86 -39.84
C ALA A 232 18.57 -79.69 -38.97
N CYS A 233 18.53 -79.42 -37.67
CA CYS A 233 17.52 -80.00 -36.77
C CYS A 233 16.11 -79.88 -37.27
N LYS A 234 15.65 -78.65 -37.46
CA LYS A 234 14.29 -78.38 -37.92
C LYS A 234 14.01 -79.22 -39.16
N LEU A 235 15.05 -79.51 -39.96
CA LEU A 235 14.88 -80.33 -41.17
C LEU A 235 14.67 -81.79 -40.80
N ALA A 236 15.51 -82.30 -39.90
CA ALA A 236 15.42 -83.66 -39.36
C ALA A 236 14.09 -83.92 -38.60
N ILE A 237 13.69 -83.00 -37.74
CA ILE A 237 12.38 -83.10 -37.10
C ILE A 237 11.24 -83.16 -38.12
N ARG A 238 11.15 -82.17 -39.01
CA ARG A 238 10.15 -82.15 -40.10
C ARG A 238 10.25 -83.41 -40.97
N GLU A 239 11.47 -83.88 -41.15
CA GLU A 239 11.77 -85.08 -41.93
C GLU A 239 11.37 -86.34 -41.14
N SER A 240 11.44 -86.26 -39.81
CA SER A 240 11.02 -87.36 -38.93
C SER A 240 9.48 -87.43 -38.87
N ILE A 241 8.84 -86.41 -38.27
CA ILE A 241 7.39 -86.33 -38.17
C ILE A 241 6.70 -86.63 -39.50
N GLU A 242 7.39 -86.32 -40.59
CA GLU A 242 6.92 -86.64 -41.93
C GLU A 242 6.69 -88.16 -42.13
N SER A 243 7.73 -88.96 -41.90
CA SER A 243 7.71 -90.40 -42.20
C SER A 243 6.60 -91.21 -41.50
N GLU A 244 6.34 -90.91 -40.23
CA GLU A 244 5.29 -91.62 -39.46
C GLU A 244 3.89 -91.40 -40.04
N ILE A 245 3.48 -90.14 -40.06
CA ILE A 245 2.13 -89.73 -40.47
C ILE A 245 1.99 -89.79 -41.99
N VAL A 266 14.19 -93.82 -36.65
CA VAL A 266 14.59 -93.04 -37.84
C VAL A 266 15.23 -91.64 -37.54
N PRO A 267 15.46 -91.27 -36.24
CA PRO A 267 16.00 -89.93 -35.90
C PRO A 267 17.52 -89.80 -35.58
N GLU A 268 18.31 -89.39 -36.58
CA GLU A 268 19.72 -88.99 -36.43
C GLU A 268 19.95 -87.89 -37.44
N ILE A 269 20.36 -86.72 -36.97
CA ILE A 269 20.55 -85.56 -37.84
C ILE A 269 21.73 -85.77 -38.81
N ARG A 270 21.43 -85.90 -40.11
CA ARG A 270 22.42 -86.41 -41.07
C ARG A 270 22.85 -85.48 -42.21
N ARG A 271 23.83 -85.94 -42.97
CA ARG A 271 24.50 -85.19 -44.02
C ARG A 271 23.63 -84.21 -44.81
N ASP A 272 22.65 -84.76 -45.51
CA ASP A 272 21.80 -84.01 -46.44
C ASP A 272 20.96 -82.95 -45.75
N HIS A 273 20.77 -83.11 -44.45
CA HIS A 273 20.12 -82.08 -43.65
C HIS A 273 21.01 -80.88 -43.52
N PHE A 274 22.26 -81.11 -43.11
CA PHE A 274 23.22 -80.03 -43.06
C PHE A 274 23.41 -79.43 -44.41
N GLU A 275 23.51 -80.28 -45.43
CA GLU A 275 23.62 -79.80 -46.80
C GLU A 275 22.49 -78.83 -47.11
N GLU A 276 21.24 -79.27 -46.95
CA GLU A 276 20.12 -78.41 -47.26
C GLU A 276 20.00 -77.21 -46.30
N ALA A 277 20.55 -77.34 -45.08
CA ALA A 277 20.57 -76.24 -44.11
C ALA A 277 21.50 -75.14 -44.56
N MET A 278 22.61 -75.56 -45.17
CA MET A 278 23.60 -74.66 -45.73
C MET A 278 23.07 -73.76 -46.83
N ARG A 279 21.99 -74.17 -47.49
CA ARG A 279 21.40 -73.40 -48.57
C ARG A 279 20.85 -72.08 -48.08
N PHE A 280 20.81 -71.90 -46.76
CA PHE A 280 20.30 -70.66 -46.16
C PHE A 280 21.28 -70.04 -45.15
N ALA A 281 22.57 -70.24 -45.36
CA ALA A 281 23.57 -69.74 -44.41
C ALA A 281 23.82 -68.25 -44.66
N ARG A 282 23.69 -67.43 -43.63
CA ARG A 282 23.96 -66.02 -43.75
C ARG A 282 25.28 -65.76 -43.05
N ARG A 283 25.73 -64.52 -43.09
CA ARG A 283 26.79 -64.08 -42.21
C ARG A 283 26.28 -62.86 -41.48
N SER A 284 26.20 -62.88 -40.16
CA SER A 284 25.69 -61.70 -39.48
C SER A 284 26.65 -60.52 -39.63
N VAL A 285 27.94 -60.77 -39.49
CA VAL A 285 28.91 -59.67 -39.53
C VAL A 285 29.48 -59.49 -40.92
N SER A 286 29.41 -58.26 -41.43
CA SER A 286 30.05 -57.94 -42.69
C SER A 286 31.49 -57.46 -42.48
N ASP A 287 32.28 -57.66 -43.50
CA ASP A 287 33.71 -57.33 -43.50
C ASP A 287 34.04 -55.90 -43.02
N ASN A 288 33.27 -54.88 -43.47
CA ASN A 288 33.43 -53.48 -43.00
C ASN A 288 33.41 -53.45 -41.49
N ASP A 289 32.33 -53.95 -40.89
CA ASP A 289 32.20 -54.09 -39.44
C ASP A 289 33.41 -54.77 -38.84
N ILE A 290 33.76 -55.93 -39.38
CA ILE A 290 34.88 -56.71 -38.84
C ILE A 290 36.12 -55.83 -38.80
N ARG A 291 36.36 -55.15 -39.93
CA ARG A 291 37.44 -54.19 -40.03
C ARG A 291 37.34 -53.19 -38.89
N LYS A 292 36.15 -52.62 -38.73
CA LYS A 292 35.95 -51.67 -37.67
C LYS A 292 36.36 -52.22 -36.33
N TYR A 293 36.09 -53.50 -36.04
CA TYR A 293 36.46 -54.05 -34.71
C TYR A 293 37.96 -54.07 -34.54
N GLU A 294 38.68 -54.42 -35.60
CA GLU A 294 40.15 -54.46 -35.54
C GLU A 294 40.73 -53.07 -35.23
N MET A 295 40.12 -52.03 -35.80
CA MET A 295 40.47 -50.63 -35.47
C MET A 295 40.21 -50.38 -33.97
N PHE A 296 38.98 -50.66 -33.53
CA PHE A 296 38.64 -50.53 -32.11
C PHE A 296 39.68 -51.37 -31.36
N ALA A 297 39.84 -52.64 -31.73
CA ALA A 297 40.74 -53.64 -31.06
C ALA A 297 42.19 -53.21 -31.01
N GLN A 298 42.61 -52.39 -31.96
CA GLN A 298 43.97 -51.89 -32.02
C GLN A 298 44.29 -50.87 -30.92
N THR A 299 43.62 -49.72 -30.94
CA THR A 299 43.81 -48.72 -29.90
C THR A 299 43.39 -49.28 -28.55
N LEU A 300 42.20 -49.89 -28.50
CA LEU A 300 41.62 -50.41 -27.24
C LEU A 300 42.55 -51.45 -26.54
N GLN A 301 43.33 -52.21 -27.33
CA GLN A 301 44.32 -53.14 -26.74
C GLN A 301 45.76 -52.64 -26.93
N ALA B 1 19.02 -38.50 -6.43
CA ALA B 1 19.46 -39.88 -6.09
C ALA B 1 20.86 -39.96 -5.41
N LEU B 2 21.31 -38.93 -4.66
CA LEU B 2 22.75 -38.81 -4.25
C LEU B 2 23.27 -39.92 -3.35
N ARG B 3 24.44 -40.45 -3.71
CA ARG B 3 25.13 -41.53 -3.01
C ARG B 3 25.39 -41.11 -1.55
N GLU B 4 25.77 -42.05 -0.69
CA GLU B 4 26.06 -41.74 0.74
C GLU B 4 27.51 -41.24 1.07
N THR B 5 27.64 -40.07 1.71
CA THR B 5 28.94 -39.42 1.99
C THR B 5 29.72 -40.17 3.05
N VAL B 6 30.84 -40.77 2.68
CA VAL B 6 31.59 -41.67 3.57
C VAL B 6 32.86 -41.01 4.07
N VAL B 7 32.97 -40.77 5.36
CA VAL B 7 34.22 -40.34 5.96
C VAL B 7 35.05 -41.57 6.21
N GLU B 8 36.36 -41.42 6.23
CA GLU B 8 37.23 -42.57 6.31
C GLU B 8 38.60 -42.13 6.75
N VAL B 9 39.43 -43.06 7.20
CA VAL B 9 40.79 -42.67 7.52
C VAL B 9 41.66 -43.18 6.43
N PRO B 10 42.41 -42.27 5.86
CA PRO B 10 43.24 -42.57 4.73
C PRO B 10 44.24 -43.64 5.07
N GLN B 11 44.12 -44.76 4.36
CA GLN B 11 44.97 -45.92 4.45
C GLN B 11 46.42 -45.70 3.95
N VAL B 12 46.64 -44.69 3.10
CA VAL B 12 47.89 -44.51 2.37
C VAL B 12 48.80 -43.38 2.90
N THR B 13 50.11 -43.62 2.88
CA THR B 13 51.07 -42.67 3.45
C THR B 13 52.10 -42.30 2.42
N TRP B 14 52.95 -41.33 2.75
CA TRP B 14 54.01 -40.89 1.81
C TRP B 14 54.87 -41.98 1.17
N GLU B 15 55.10 -43.06 1.90
CA GLU B 15 55.91 -44.18 1.42
C GLU B 15 55.33 -44.79 0.16
N ASP B 16 54.01 -44.73 0.01
CA ASP B 16 53.35 -45.38 -1.12
C ASP B 16 53.39 -44.50 -2.36
N ILE B 17 53.91 -43.29 -2.19
CA ILE B 17 53.99 -42.32 -3.28
C ILE B 17 55.41 -42.18 -3.77
N GLY B 18 55.61 -42.56 -5.02
CA GLY B 18 56.92 -42.46 -5.64
C GLY B 18 57.15 -41.05 -6.14
N GLY B 19 58.29 -40.45 -5.75
CA GLY B 19 58.72 -39.15 -6.25
C GLY B 19 57.87 -38.04 -5.69
N LEU B 20 57.88 -36.91 -6.38
CA LEU B 20 57.09 -35.75 -6.00
C LEU B 20 57.53 -35.19 -4.66
N GLU B 21 58.82 -35.21 -4.38
CA GLU B 21 59.27 -34.81 -3.07
C GLU B 21 58.90 -33.38 -2.78
N ASP B 22 59.18 -32.54 -3.75
CA ASP B 22 58.86 -31.13 -3.74
C ASP B 22 57.41 -30.83 -3.35
N VAL B 23 56.44 -31.52 -3.93
CA VAL B 23 55.05 -31.22 -3.59
C VAL B 23 54.67 -31.76 -2.23
N LYS B 24 55.25 -32.89 -1.84
CA LYS B 24 55.01 -33.48 -0.52
C LYS B 24 55.36 -32.48 0.54
N ARG B 25 56.51 -31.84 0.36
CA ARG B 25 56.98 -30.80 1.25
C ARG B 25 56.03 -29.64 1.24
N GLU B 26 55.74 -29.16 0.04
CA GLU B 26 54.79 -28.07 -0.18
C GLU B 26 53.41 -28.30 0.45
N LEU B 27 52.89 -29.51 0.30
CA LEU B 27 51.62 -29.89 0.88
C LEU B 27 51.67 -29.82 2.39
N GLN B 28 52.73 -30.35 2.99
CA GLN B 28 52.92 -30.24 4.43
C GLN B 28 52.93 -28.79 4.88
N GLU B 29 53.73 -27.96 4.21
CA GLU B 29 53.74 -26.54 4.54
C GLU B 29 52.37 -25.86 4.48
N LEU B 30 51.40 -26.48 3.80
CA LEU B 30 50.08 -25.86 3.63
C LEU B 30 49.07 -26.31 4.65
N VAL B 31 49.28 -27.50 5.22
CA VAL B 31 48.33 -28.09 6.17
C VAL B 31 48.92 -28.36 7.55
N GLN B 32 50.14 -28.91 7.61
CA GLN B 32 50.82 -29.22 8.88
C GLN B 32 51.09 -27.94 9.61
N TYR B 33 51.90 -27.08 8.99
CA TYR B 33 52.41 -25.86 9.61
C TYR B 33 51.33 -24.96 10.19
N PRO B 34 50.25 -24.66 9.44
CA PRO B 34 49.20 -23.84 10.08
C PRO B 34 48.59 -24.44 11.40
N VAL B 35 48.44 -25.77 11.44
CA VAL B 35 47.82 -26.52 12.56
C VAL B 35 48.81 -26.83 13.71
N GLU B 36 50.00 -27.28 13.35
CA GLU B 36 50.99 -27.66 14.36
C GLU B 36 51.95 -26.54 14.72
N HIS B 37 51.82 -25.40 14.05
CA HIS B 37 52.59 -24.22 14.43
C HIS B 37 51.78 -22.95 14.33
N PRO B 38 50.53 -22.95 14.88
CA PRO B 38 49.68 -21.76 14.70
C PRO B 38 50.43 -20.52 15.22
N ASP B 39 51.32 -20.73 16.20
CA ASP B 39 52.18 -19.66 16.77
C ASP B 39 53.00 -18.92 15.70
N LYS B 40 53.66 -19.68 14.81
CA LYS B 40 54.49 -19.10 13.72
C LYS B 40 53.69 -18.36 12.65
N PHE B 41 52.47 -18.82 12.39
CA PHE B 41 51.56 -18.15 11.45
C PHE B 41 51.01 -16.85 12.02
N LEU B 42 50.73 -16.87 13.32
CA LEU B 42 50.31 -15.69 14.05
C LEU B 42 51.48 -14.72 14.21
N LYS B 43 52.69 -15.27 14.41
CA LYS B 43 53.91 -14.47 14.53
C LYS B 43 54.21 -13.63 13.30
N PHE B 44 54.23 -14.29 12.14
CA PHE B 44 54.51 -13.60 10.90
C PHE B 44 53.25 -12.94 10.33
N GLY B 45 52.08 -13.29 10.86
CA GLY B 45 50.84 -12.64 10.47
C GLY B 45 50.03 -13.38 9.43
N MET B 46 50.69 -13.77 8.33
CA MET B 46 50.02 -14.43 7.20
C MET B 46 49.10 -15.58 7.63
N THR B 47 47.90 -15.61 7.07
CA THR B 47 46.91 -16.64 7.35
C THR B 47 46.95 -17.69 6.24
N PRO B 48 46.65 -18.97 6.58
CA PRO B 48 46.87 -20.11 5.67
C PRO B 48 45.87 -20.13 4.50
N SER B 49 45.96 -21.12 3.61
CA SER B 49 45.03 -21.20 2.46
C SER B 49 43.95 -22.28 2.62
N LYS B 50 42.77 -22.01 2.10
CA LYS B 50 41.60 -22.92 2.23
C LYS B 50 41.71 -24.26 1.49
N GLY B 51 42.53 -24.27 0.45
CA GLY B 51 42.57 -25.39 -0.47
C GLY B 51 43.56 -25.31 -1.60
N VAL B 52 43.51 -26.33 -2.44
CA VAL B 52 44.54 -26.62 -3.39
C VAL B 52 43.89 -27.27 -4.60
N LEU B 53 44.41 -26.98 -5.77
CA LEU B 53 43.95 -27.69 -6.96
C LEU B 53 45.17 -28.36 -7.56
N PHE B 54 45.17 -29.69 -7.57
CA PHE B 54 46.08 -30.48 -8.37
C PHE B 54 45.51 -30.63 -9.77
N TYR B 55 46.31 -30.33 -10.78
CA TYR B 55 45.98 -30.65 -12.17
C TYR B 55 47.17 -31.33 -12.79
N GLY B 56 46.96 -32.10 -13.84
CA GLY B 56 48.03 -32.90 -14.44
C GLY B 56 47.40 -34.04 -15.21
N PRO B 57 48.21 -34.82 -15.94
CA PRO B 57 47.69 -36.04 -16.56
C PRO B 57 47.25 -37.09 -15.50
N PRO B 58 46.41 -38.05 -15.93
CA PRO B 58 45.82 -39.11 -15.17
C PRO B 58 46.84 -40.15 -14.79
N GLY B 59 46.71 -40.62 -13.55
CA GLY B 59 47.49 -41.70 -12.99
C GLY B 59 48.85 -41.18 -12.60
N CYS B 60 48.88 -40.05 -11.93
CA CYS B 60 50.13 -39.51 -11.54
C CYS B 60 50.21 -39.27 -10.08
N GLY B 61 49.13 -39.60 -9.35
CA GLY B 61 49.17 -39.55 -7.89
C GLY B 61 48.45 -38.37 -7.25
N LYS B 62 47.61 -37.70 -8.02
CA LYS B 62 46.75 -36.67 -7.48
C LYS B 62 45.88 -37.16 -6.32
N THR B 63 45.32 -38.35 -6.45
CA THR B 63 44.61 -38.97 -5.31
C THR B 63 45.57 -39.42 -4.18
N LEU B 64 46.69 -40.05 -4.51
CA LEU B 64 47.57 -40.49 -3.41
C LEU B 64 47.95 -39.32 -2.59
N LEU B 65 48.32 -38.24 -3.26
CA LEU B 65 48.67 -37.03 -2.52
C LEU B 65 47.55 -36.55 -1.64
N ALA B 66 46.32 -36.57 -2.16
CA ALA B 66 45.23 -36.00 -1.36
C ALA B 66 45.07 -36.87 -0.13
N LYS B 67 45.28 -38.17 -0.28
CA LYS B 67 45.06 -39.08 0.84
C LYS B 67 46.21 -39.03 1.82
N ALA B 68 47.39 -39.37 1.33
CA ALA B 68 48.58 -39.29 2.14
C ALA B 68 48.56 -38.01 2.99
N ILE B 69 48.28 -36.85 2.43
CA ILE B 69 48.33 -35.66 3.26
C ILE B 69 47.30 -35.68 4.37
N ALA B 70 46.12 -36.21 4.09
CA ALA B 70 45.14 -36.34 5.14
C ALA B 70 45.68 -37.28 6.20
N ASN B 71 46.15 -38.46 5.78
CA ASN B 71 46.67 -39.43 6.74
C ASN B 71 47.83 -38.95 7.58
N GLU B 72 48.69 -38.12 6.99
CA GLU B 72 49.83 -37.57 7.68
C GLU B 72 49.29 -36.68 8.75
N CYS B 73 48.36 -35.81 8.41
CA CYS B 73 47.75 -34.96 9.42
C CYS B 73 46.85 -35.71 10.36
N GLN B 74 46.85 -37.04 10.25
CA GLN B 74 45.92 -37.88 11.01
C GLN B 74 44.49 -37.32 10.94
N ALA B 75 44.01 -37.06 9.73
CA ALA B 75 42.70 -36.41 9.60
C ALA B 75 41.76 -37.30 8.84
N ASN B 76 40.50 -36.92 8.87
CA ASN B 76 39.52 -37.56 8.04
C ASN B 76 39.57 -37.13 6.59
N PHE B 77 38.97 -37.95 5.74
CA PHE B 77 39.11 -37.79 4.33
C PHE B 77 37.75 -38.05 3.73
N ILE B 78 37.17 -37.08 3.05
CA ILE B 78 35.99 -37.33 2.25
C ILE B 78 36.37 -37.21 0.79
N SER B 79 35.94 -38.17 -0.04
CA SER B 79 36.23 -38.15 -1.44
C SER B 79 34.97 -38.06 -2.21
N ILE B 80 34.76 -36.94 -2.89
CA ILE B 80 33.64 -36.82 -3.85
C ILE B 80 34.23 -36.98 -5.24
N LYS B 81 33.73 -37.94 -6.01
CA LYS B 81 34.25 -38.16 -7.37
C LYS B 81 33.33 -37.68 -8.46
N GLY B 82 33.72 -37.94 -9.69
CA GLY B 82 33.05 -37.41 -10.88
C GLY B 82 31.59 -37.81 -10.91
N PRO B 83 31.31 -39.12 -10.82
CA PRO B 83 29.93 -39.60 -10.96
C PRO B 83 29.03 -39.02 -9.90
N GLU B 84 29.57 -38.76 -8.72
CA GLU B 84 28.75 -38.16 -7.70
C GLU B 84 28.35 -36.73 -8.04
N LEU B 85 29.34 -35.91 -8.48
CA LEU B 85 29.04 -34.57 -9.05
C LEU B 85 28.06 -34.64 -10.21
N LEU B 86 28.26 -35.60 -11.09
CA LEU B 86 27.38 -35.69 -12.22
C LEU B 86 25.95 -36.02 -11.80
N THR B 87 25.82 -36.88 -10.78
CA THR B 87 24.50 -37.20 -10.25
C THR B 87 23.77 -35.97 -9.79
N MET B 88 24.46 -35.13 -9.06
CA MET B 88 23.83 -33.87 -8.72
C MET B 88 23.52 -32.99 -9.94
N TRP B 89 24.33 -33.12 -10.97
CA TRP B 89 24.06 -32.30 -12.09
C TRP B 89 22.87 -32.81 -12.91
N PHE B 90 22.84 -34.09 -13.20
CA PHE B 90 21.71 -34.62 -13.90
C PHE B 90 20.44 -34.42 -13.08
N GLY B 91 20.50 -34.77 -11.77
CA GLY B 91 19.36 -34.68 -10.88
C GLY B 91 19.00 -33.27 -10.41
N GLU B 92 19.73 -32.26 -10.83
CA GLU B 92 19.49 -30.91 -10.37
C GLU B 92 19.47 -30.84 -8.86
N SER B 93 20.25 -31.67 -8.20
CA SER B 93 20.20 -31.74 -6.76
C SER B 93 21.48 -31.24 -6.16
N GLU B 94 21.90 -30.06 -6.55
CA GLU B 94 23.17 -29.56 -6.05
C GLU B 94 23.08 -29.12 -4.60
N ALA B 95 21.87 -28.91 -4.11
CA ALA B 95 21.70 -28.65 -2.68
C ALA B 95 22.40 -29.71 -1.80
N ASN B 96 22.54 -30.94 -2.26
CA ASN B 96 23.36 -31.87 -1.51
C ASN B 96 24.79 -31.48 -1.24
N VAL B 97 25.29 -30.46 -1.92
CA VAL B 97 26.67 -30.11 -1.77
C VAL B 97 26.79 -29.63 -0.35
N ARG B 98 25.68 -29.08 0.14
CA ARG B 98 25.59 -28.51 1.48
C ARG B 98 25.81 -29.58 2.49
N GLU B 99 25.08 -30.67 2.31
CA GLU B 99 25.19 -31.87 3.09
C GLU B 99 26.64 -32.40 3.16
N ILE B 100 27.27 -32.62 2.00
CA ILE B 100 28.71 -32.94 1.92
C ILE B 100 29.54 -32.01 2.77
N PHE B 101 29.35 -30.70 2.63
CA PHE B 101 30.13 -29.79 3.43
C PHE B 101 29.84 -29.88 4.93
N ASP B 102 28.59 -30.10 5.32
CA ASP B 102 28.24 -30.40 6.71
C ASP B 102 29.02 -31.60 7.18
N LYS B 103 28.82 -32.72 6.52
CA LYS B 103 29.45 -33.92 6.94
C LYS B 103 30.97 -33.70 7.14
N ALA B 104 31.55 -32.77 6.38
CA ALA B 104 32.99 -32.53 6.41
C ALA B 104 33.32 -31.68 7.59
N ARG B 105 32.43 -30.74 7.87
CA ARG B 105 32.62 -29.79 8.92
C ARG B 105 32.56 -30.54 10.23
N GLN B 106 31.55 -31.39 10.32
CA GLN B 106 31.28 -32.22 11.45
C GLN B 106 32.45 -33.24 11.66
N ALA B 107 33.10 -33.73 10.60
CA ALA B 107 34.21 -34.69 10.75
C ALA B 107 35.57 -34.04 10.90
N ALA B 108 35.58 -32.71 11.10
CA ALA B 108 36.82 -31.91 11.19
C ALA B 108 37.71 -32.42 12.32
N PRO B 109 39.05 -32.53 12.10
CA PRO B 109 39.86 -32.12 10.94
C PRO B 109 39.69 -33.07 9.77
N CYS B 110 39.50 -32.50 8.57
CA CYS B 110 39.11 -33.24 7.38
C CYS B 110 39.71 -32.64 6.15
N VAL B 111 40.23 -33.46 5.26
CA VAL B 111 40.40 -33.02 3.87
C VAL B 111 39.24 -33.52 3.08
N LEU B 112 38.57 -32.56 2.50
CA LEU B 112 37.47 -32.81 1.60
C LEU B 112 38.05 -32.79 0.18
N PHE B 113 37.90 -33.86 -0.58
CA PHE B 113 38.62 -33.96 -1.83
C PHE B 113 37.74 -34.20 -3.04
N PHE B 114 37.58 -33.15 -3.88
CA PHE B 114 36.77 -33.26 -5.06
C PHE B 114 37.61 -33.66 -6.24
N ASP B 115 37.63 -34.96 -6.53
CA ASP B 115 38.30 -35.43 -7.71
C ASP B 115 37.42 -35.23 -8.97
N GLU B 116 38.06 -35.32 -10.14
CA GLU B 116 37.35 -35.21 -11.46
C GLU B 116 36.45 -33.96 -11.50
N LEU B 117 36.97 -32.87 -10.95
CA LEU B 117 36.28 -31.59 -10.97
C LEU B 117 35.71 -31.10 -12.28
N ASP B 118 36.23 -31.63 -13.40
CA ASP B 118 35.96 -31.16 -14.77
C ASP B 118 34.84 -31.94 -15.44
N SER B 119 34.24 -32.83 -14.66
CA SER B 119 33.40 -33.84 -15.25
C SER B 119 32.05 -33.32 -15.69
N ILE B 120 31.53 -32.28 -15.06
CA ILE B 120 30.34 -31.69 -15.65
C ILE B 120 30.71 -30.95 -16.94
N ALA B 121 31.86 -30.28 -16.93
CA ALA B 121 32.32 -29.49 -18.07
C ALA B 121 32.27 -30.43 -19.25
N LYS B 122 33.02 -31.53 -19.15
CA LYS B 122 33.04 -32.59 -20.15
C LYS B 122 31.62 -32.98 -20.52
N ALA B 123 30.77 -33.19 -19.54
CA ALA B 123 29.45 -33.69 -19.82
C ALA B 123 28.59 -32.76 -20.63
N ARG B 124 28.80 -31.48 -20.52
CA ARG B 124 28.03 -30.58 -21.36
C ARG B 124 28.70 -30.26 -22.69
N GLY B 125 29.82 -30.86 -23.00
CA GLY B 125 30.42 -30.63 -24.31
C GLY B 125 31.90 -30.36 -24.22
N GLY B 126 32.36 -29.89 -23.06
CA GLY B 126 33.78 -29.72 -22.80
C GLY B 126 34.51 -28.69 -23.64
N ASN B 127 35.51 -29.17 -24.37
CA ASN B 127 36.38 -28.36 -25.24
C ASN B 127 35.59 -27.34 -26.08
N ILE B 128 34.55 -27.81 -26.79
CA ILE B 128 33.56 -26.96 -27.53
C ILE B 128 32.41 -26.41 -26.68
N GLY B 129 31.61 -27.31 -26.08
CA GLY B 129 30.60 -26.94 -25.08
C GLY B 129 29.17 -26.69 -25.55
N ASP B 130 28.36 -26.08 -24.66
CA ASP B 130 27.01 -25.61 -24.98
C ASP B 130 26.99 -24.05 -25.06
N GLY B 131 25.83 -23.42 -24.82
CA GLY B 131 25.72 -21.95 -24.93
C GLY B 131 26.58 -21.16 -23.92
N GLY B 132 26.39 -21.47 -22.64
CA GLY B 132 26.84 -20.62 -21.56
C GLY B 132 28.29 -20.72 -21.24
N GLY B 133 28.68 -20.05 -20.18
CA GLY B 133 30.08 -20.00 -19.71
C GLY B 133 30.50 -21.12 -18.76
N ALA B 134 31.60 -20.91 -18.10
CA ALA B 134 32.15 -22.04 -17.39
C ALA B 134 31.32 -22.47 -16.16
N ALA B 135 30.56 -21.54 -15.59
CA ALA B 135 29.72 -21.87 -14.47
C ALA B 135 28.73 -23.03 -14.71
N ASP B 136 28.51 -23.81 -13.68
CA ASP B 136 27.45 -24.80 -13.69
C ASP B 136 26.90 -24.94 -12.28
N ARG B 137 25.66 -25.39 -12.16
CA ARG B 137 24.95 -25.33 -10.89
C ARG B 137 25.70 -26.05 -9.77
N VAL B 138 26.35 -27.15 -10.09
CA VAL B 138 27.00 -27.95 -9.09
C VAL B 138 28.29 -27.36 -8.61
N ILE B 139 29.21 -27.08 -9.55
CA ILE B 139 30.48 -26.46 -9.11
C ILE B 139 30.21 -25.13 -8.40
N ASN B 140 29.20 -24.40 -8.91
CA ASN B 140 28.89 -23.19 -8.29
C ASN B 140 28.57 -23.39 -6.81
N GLN B 141 27.75 -24.40 -6.55
CA GLN B 141 27.38 -24.74 -5.19
C GLN B 141 28.61 -25.03 -4.34
N ILE B 142 29.49 -25.90 -4.80
CA ILE B 142 30.78 -26.03 -4.13
C ILE B 142 31.41 -24.68 -3.78
N LEU B 143 31.42 -23.75 -4.72
CA LEU B 143 32.05 -22.45 -4.46
C LEU B 143 31.42 -21.65 -3.33
N THR B 144 30.09 -21.56 -3.31
CA THR B 144 29.37 -20.96 -2.20
C THR B 144 29.67 -21.64 -0.91
N GLU B 145 29.44 -22.93 -0.87
CA GLU B 145 29.77 -23.72 0.32
C GLU B 145 31.20 -23.54 0.71
N MET B 146 31.97 -22.77 -0.04
CA MET B 146 33.35 -22.69 0.30
C MET B 146 33.61 -21.29 0.74
N ASP B 147 32.75 -20.39 0.30
CA ASP B 147 32.84 -19.00 0.70
C ASP B 147 32.28 -18.91 2.07
N GLY B 148 31.14 -19.58 2.28
CA GLY B 148 30.46 -19.60 3.56
C GLY B 148 31.13 -20.44 4.63
N MET B 149 32.08 -21.29 4.24
CA MET B 149 32.71 -22.21 5.17
C MET B 149 33.85 -21.49 5.82
N SER B 150 33.65 -21.13 7.08
CA SER B 150 34.64 -20.36 7.85
C SER B 150 36.06 -20.96 7.78
N THR B 151 37.03 -20.11 7.44
CA THR B 151 38.46 -20.48 7.40
C THR B 151 38.92 -21.24 8.66
N LYS B 152 38.23 -20.95 9.76
CA LYS B 152 38.60 -21.37 11.11
C LYS B 152 38.02 -22.70 11.58
N LYS B 153 37.23 -23.38 10.74
CA LYS B 153 36.92 -24.79 10.99
C LYS B 153 38.19 -25.56 10.63
N ASN B 154 38.13 -26.87 10.53
CA ASN B 154 39.36 -27.53 10.18
C ASN B 154 39.29 -28.36 8.92
N VAL B 155 38.60 -27.82 7.92
CA VAL B 155 38.33 -28.56 6.71
C VAL B 155 39.21 -28.00 5.61
N PHE B 156 39.98 -28.88 4.96
CA PHE B 156 40.86 -28.51 3.88
C PHE B 156 40.36 -29.11 2.57
N ILE B 157 40.13 -28.25 1.56
CA ILE B 157 39.53 -28.71 0.31
C ILE B 157 40.57 -28.93 -0.72
N ILE B 158 40.56 -30.07 -1.41
CA ILE B 158 41.51 -30.30 -2.50
C ILE B 158 40.72 -30.70 -3.71
N GLY B 159 40.98 -30.03 -4.83
CA GLY B 159 40.41 -30.41 -6.11
C GLY B 159 41.45 -31.09 -6.96
N ALA B 160 41.01 -31.89 -7.92
CA ALA B 160 41.92 -32.51 -8.89
C ALA B 160 41.19 -32.52 -10.22
N THR B 161 41.97 -32.43 -11.29
CA THR B 161 41.39 -32.44 -12.60
C THR B 161 42.50 -32.71 -13.56
N ASN B 162 42.14 -33.40 -14.63
CA ASN B 162 43.10 -33.50 -15.70
C ASN B 162 42.68 -32.72 -16.93
N ARG B 163 41.74 -31.81 -16.76
CA ARG B 163 41.35 -31.04 -17.88
C ARG B 163 41.19 -29.63 -17.39
N PRO B 164 42.31 -29.00 -16.95
CA PRO B 164 42.21 -27.71 -16.23
C PRO B 164 41.77 -26.64 -17.21
N ASP B 165 42.04 -26.84 -18.49
CA ASP B 165 41.44 -25.96 -19.51
C ASP B 165 39.93 -25.80 -19.43
N ILE B 166 39.22 -26.81 -18.97
CA ILE B 166 37.76 -26.61 -18.87
C ILE B 166 37.15 -26.32 -17.48
N ILE B 167 37.91 -26.40 -16.42
CA ILE B 167 37.55 -25.92 -15.09
C ILE B 167 37.01 -24.48 -15.08
N ASP B 168 36.06 -24.18 -14.20
CA ASP B 168 35.65 -22.76 -14.05
C ASP B 168 36.72 -21.95 -13.32
N PRO B 169 37.26 -20.86 -13.92
CA PRO B 169 38.26 -19.96 -13.33
C PRO B 169 37.92 -19.47 -11.94
N ALA B 170 36.63 -19.32 -11.62
CA ALA B 170 36.24 -18.83 -10.31
C ALA B 170 36.80 -19.71 -9.21
N ILE B 171 37.04 -20.98 -9.50
CA ILE B 171 37.57 -21.93 -8.52
C ILE B 171 38.94 -21.51 -8.12
N LEU B 172 39.61 -20.71 -8.95
CA LEU B 172 40.97 -20.29 -8.66
C LEU B 172 41.13 -18.97 -7.91
N ARG B 173 40.06 -18.18 -7.84
CA ARG B 173 40.13 -16.90 -7.16
C ARG B 173 40.60 -17.03 -5.73
N PRO B 174 41.23 -15.96 -5.16
CA PRO B 174 41.55 -15.89 -3.74
C PRO B 174 40.42 -16.33 -2.81
N GLY B 175 40.77 -17.12 -1.81
CA GLY B 175 39.78 -17.61 -0.85
C GLY B 175 39.16 -18.94 -1.23
N ARG B 176 39.64 -19.50 -2.34
CA ARG B 176 39.12 -20.77 -2.80
C ARG B 176 40.27 -21.72 -3.03
N LEU B 177 40.38 -22.33 -4.19
CA LEU B 177 41.51 -23.17 -4.40
C LEU B 177 42.61 -22.32 -5.00
N ASP B 178 43.37 -21.67 -4.14
CA ASP B 178 44.40 -20.74 -4.53
C ASP B 178 45.65 -21.39 -5.04
N GLN B 179 46.01 -22.52 -4.46
CA GLN B 179 47.28 -23.15 -4.81
C GLN B 179 47.09 -24.08 -5.97
N LEU B 180 47.49 -23.60 -7.14
CA LEU B 180 47.61 -24.47 -8.26
C LEU B 180 48.83 -25.35 -8.02
N ILE B 181 48.71 -26.67 -8.23
CA ILE B 181 49.88 -27.55 -8.24
C ILE B 181 49.86 -28.54 -9.42
N TYR B 182 50.94 -28.55 -10.19
CA TYR B 182 51.01 -29.43 -11.32
C TYR B 182 51.63 -30.74 -10.92
N ILE B 183 50.89 -31.83 -11.08
CA ILE B 183 51.45 -33.17 -10.92
C ILE B 183 51.72 -33.72 -12.30
N PRO B 184 52.98 -33.64 -12.71
CA PRO B 184 53.45 -34.00 -14.07
C PRO B 184 53.64 -35.51 -14.20
N LEU B 185 53.88 -36.00 -15.40
CA LEU B 185 54.32 -37.36 -15.54
C LEU B 185 55.58 -37.62 -14.75
N PRO B 186 55.75 -38.84 -14.27
CA PRO B 186 56.98 -39.12 -13.54
C PRO B 186 58.19 -39.17 -14.47
N ASP B 187 59.28 -38.59 -14.03
CA ASP B 187 60.55 -38.63 -14.75
C ASP B 187 61.38 -39.91 -14.48
N GLU B 188 62.52 -39.97 -15.15
CA GLU B 188 63.56 -40.98 -15.00
C GLU B 188 63.68 -41.55 -13.58
N LYS B 189 64.12 -40.72 -12.63
CA LYS B 189 64.33 -41.11 -11.22
C LYS B 189 63.02 -41.55 -10.58
N SER B 190 61.99 -40.73 -10.75
CA SER B 190 60.68 -40.90 -10.15
C SER B 190 60.13 -42.28 -10.45
N ARG B 191 60.26 -42.69 -11.71
CA ARG B 191 59.75 -43.97 -12.11
C ARG B 191 60.36 -45.07 -11.26
N VAL B 192 61.62 -44.90 -10.88
CA VAL B 192 62.23 -45.86 -9.97
C VAL B 192 61.46 -45.86 -8.65
N ALA B 193 61.35 -44.68 -8.03
CA ALA B 193 60.65 -44.55 -6.74
C ALA B 193 59.28 -45.18 -6.82
N ILE B 194 58.56 -44.85 -7.89
CA ILE B 194 57.22 -45.37 -8.10
C ILE B 194 57.17 -46.89 -8.12
N LEU B 195 58.16 -47.51 -8.74
CA LEU B 195 58.22 -48.97 -8.77
C LEU B 195 58.51 -49.51 -7.37
N LYS B 196 59.47 -48.88 -6.70
CA LYS B 196 59.81 -49.29 -5.36
C LYS B 196 58.58 -49.18 -4.50
N ALA B 197 57.96 -48.02 -4.51
CA ALA B 197 56.76 -47.77 -3.74
C ALA B 197 55.71 -48.86 -3.99
N ASN B 198 55.51 -49.15 -5.24
CA ASN B 198 54.49 -50.10 -5.62
C ASN B 198 54.88 -51.49 -5.28
N LEU B 199 56.13 -51.69 -4.91
CA LEU B 199 56.54 -53.06 -4.61
C LEU B 199 56.94 -53.24 -3.16
N ARG B 200 56.79 -52.16 -2.40
CA ARG B 200 57.15 -52.12 -1.01
C ARG B 200 56.63 -53.32 -0.27
N LYS B 201 55.38 -53.70 -0.56
CA LYS B 201 54.76 -54.80 0.16
C LYS B 201 54.73 -56.05 -0.69
N SER B 202 55.86 -56.34 -1.35
CA SER B 202 56.01 -57.50 -2.27
C SER B 202 57.37 -58.24 -2.28
N PRO B 203 57.34 -59.57 -2.53
CA PRO B 203 58.56 -60.35 -2.57
C PRO B 203 59.26 -60.20 -3.90
N VAL B 204 59.98 -59.08 -4.08
CA VAL B 204 60.74 -58.82 -5.33
C VAL B 204 62.05 -59.62 -5.40
N ALA B 205 62.20 -60.42 -6.45
CA ALA B 205 63.43 -61.16 -6.64
C ALA B 205 64.60 -60.20 -6.69
N LYS B 206 65.71 -60.62 -6.09
CA LYS B 206 66.91 -59.79 -5.88
C LYS B 206 67.51 -59.25 -7.17
N ASP B 207 67.60 -60.11 -8.18
CA ASP B 207 68.17 -59.79 -9.49
C ASP B 207 67.42 -58.69 -10.27
N VAL B 208 66.08 -58.71 -10.21
CA VAL B 208 65.20 -57.76 -10.93
C VAL B 208 65.63 -56.30 -10.82
N ASP B 209 65.95 -55.71 -11.97
CA ASP B 209 66.52 -54.38 -12.04
C ASP B 209 65.48 -53.34 -12.39
N LEU B 210 65.10 -52.53 -11.41
CA LEU B 210 64.06 -51.52 -11.61
C LEU B 210 64.61 -50.26 -12.23
N GLU B 211 65.85 -49.92 -11.88
CA GLU B 211 66.51 -48.71 -12.40
C GLU B 211 66.53 -48.79 -13.91
N PHE B 212 66.49 -50.01 -14.42
CA PHE B 212 66.42 -50.29 -15.85
C PHE B 212 65.00 -50.14 -16.40
N LEU B 213 64.06 -50.85 -15.78
CA LEU B 213 62.65 -50.70 -16.07
C LEU B 213 62.30 -49.25 -16.14
N ALA B 214 62.90 -48.45 -15.26
CA ALA B 214 62.67 -47.01 -15.28
C ALA B 214 63.19 -46.36 -16.56
N LYS B 215 64.35 -46.80 -17.05
CA LYS B 215 64.88 -46.29 -18.31
C LYS B 215 63.96 -46.69 -19.46
N MET B 216 63.28 -47.82 -19.31
CA MET B 216 62.45 -48.40 -20.38
C MET B 216 61.09 -47.72 -20.64
N THR B 217 60.71 -46.80 -19.76
CA THR B 217 59.34 -46.29 -19.70
C THR B 217 59.32 -44.77 -19.82
N ASN B 218 58.45 -44.22 -20.65
CA ASN B 218 58.33 -42.79 -20.66
C ASN B 218 57.01 -42.13 -20.40
N GLY B 219 56.24 -41.92 -21.46
CA GLY B 219 54.88 -41.39 -21.31
C GLY B 219 54.13 -42.24 -20.30
N PHE B 220 54.93 -43.00 -19.55
CA PHE B 220 54.44 -43.81 -18.50
C PHE B 220 54.16 -42.94 -17.32
N SER B 221 52.92 -43.07 -16.87
CA SER B 221 52.46 -42.47 -15.64
C SER B 221 52.49 -43.54 -14.55
N GLY B 222 52.38 -43.08 -13.31
CA GLY B 222 52.39 -43.99 -12.17
C GLY B 222 51.45 -45.16 -12.38
N ALA B 223 50.25 -44.83 -12.87
CA ALA B 223 49.23 -45.82 -13.12
C ALA B 223 49.77 -46.85 -14.08
N ASP B 224 50.36 -46.41 -15.19
CA ASP B 224 50.98 -47.33 -16.17
C ASP B 224 52.07 -48.24 -15.56
N LEU B 225 52.83 -47.68 -14.64
CA LEU B 225 53.87 -48.45 -14.00
C LEU B 225 53.27 -49.53 -13.11
N THR B 226 52.36 -49.09 -12.23
CA THR B 226 51.53 -49.97 -11.45
C THR B 226 50.95 -51.08 -12.28
N GLU B 227 50.48 -50.75 -13.46
CA GLU B 227 49.88 -51.74 -14.29
C GLU B 227 50.85 -52.85 -14.62
N ILE B 228 52.11 -52.49 -14.87
CA ILE B 228 53.14 -53.51 -15.12
C ILE B 228 53.29 -54.48 -13.95
N CYS B 229 53.67 -53.95 -12.79
CA CYS B 229 53.78 -54.74 -11.57
C CYS B 229 52.61 -55.67 -11.45
N GLN B 230 51.41 -55.16 -11.56
CA GLN B 230 50.29 -56.04 -11.49
C GLN B 230 50.33 -57.21 -12.40
N ARG B 231 50.73 -57.00 -13.65
CA ARG B 231 50.77 -58.12 -14.59
C ARG B 231 51.84 -59.09 -14.18
N ALA B 232 52.96 -58.53 -13.72
CA ALA B 232 54.03 -59.35 -13.19
C ALA B 232 53.53 -60.25 -12.07
N CYS B 233 52.81 -59.70 -11.07
CA CYS B 233 52.21 -60.46 -9.97
C CYS B 233 51.34 -61.53 -10.48
N LYS B 234 50.39 -61.12 -11.31
CA LYS B 234 49.40 -62.01 -11.84
C LYS B 234 50.12 -63.14 -12.52
N LEU B 235 51.29 -62.85 -13.09
CA LEU B 235 52.11 -63.90 -13.70
C LEU B 235 52.68 -64.87 -12.68
N ALA B 236 53.36 -64.32 -11.68
CA ALA B 236 53.83 -65.08 -10.56
C ALA B 236 52.74 -65.91 -9.90
N ILE B 237 51.57 -65.32 -9.64
CA ILE B 237 50.51 -66.05 -8.97
C ILE B 237 50.08 -67.25 -9.79
N ARG B 238 49.82 -66.99 -11.05
CA ARG B 238 49.44 -68.02 -11.99
C ARG B 238 50.58 -69.03 -12.14
N GLU B 239 51.80 -68.55 -12.03
CA GLU B 239 52.97 -69.40 -12.15
C GLU B 239 53.13 -70.23 -10.88
N SER B 240 52.70 -69.66 -9.75
CA SER B 240 52.73 -70.35 -8.47
C SER B 240 51.65 -71.41 -8.48
N ILE B 241 50.39 -71.01 -8.39
CA ILE B 241 49.26 -71.97 -8.40
C ILE B 241 49.41 -73.09 -9.44
N GLU B 242 50.13 -72.81 -10.51
CA GLU B 242 50.41 -73.79 -11.53
C GLU B 242 51.20 -74.97 -10.98
N SER B 243 52.36 -74.67 -10.40
CA SER B 243 53.30 -75.70 -9.96
C SER B 243 52.71 -76.75 -9.00
N GLU B 244 51.92 -76.33 -8.02
CA GLU B 244 51.36 -77.24 -7.04
C GLU B 244 50.46 -78.25 -7.71
N ILE B 245 49.42 -77.73 -8.36
CA ILE B 245 48.36 -78.55 -8.95
C ILE B 245 48.81 -79.18 -10.27
N VAL B 266 58.18 -71.57 -3.31
CA VAL B 266 58.40 -71.19 -4.72
C VAL B 266 57.91 -69.75 -5.13
N PRO B 267 57.38 -68.93 -4.15
CA PRO B 267 56.84 -67.60 -4.47
C PRO B 267 57.77 -66.37 -4.23
N GLU B 268 58.45 -65.91 -5.28
CA GLU B 268 59.17 -64.62 -5.28
C GLU B 268 59.03 -64.08 -6.70
N ILE B 269 58.47 -62.87 -6.83
CA ILE B 269 58.18 -62.27 -8.14
C ILE B 269 59.50 -61.90 -8.88
N ARG B 270 59.79 -62.60 -9.97
CA ARG B 270 61.15 -62.59 -10.52
C ARG B 270 61.27 -62.08 -11.94
N ARG B 271 62.51 -61.89 -12.37
CA ARG B 271 62.90 -61.32 -13.66
C ARG B 271 62.00 -61.58 -14.86
N ASP B 272 61.88 -62.85 -15.24
CA ASP B 272 61.11 -63.27 -16.39
C ASP B 272 59.62 -62.98 -16.31
N HIS B 273 59.12 -62.76 -15.09
CA HIS B 273 57.78 -62.28 -14.88
C HIS B 273 57.63 -60.82 -15.27
N PHE B 274 58.54 -59.96 -14.81
CA PHE B 274 58.58 -58.59 -15.31
C PHE B 274 58.80 -58.52 -16.79
N GLU B 275 59.75 -59.31 -17.29
CA GLU B 275 60.02 -59.35 -18.73
C GLU B 275 58.74 -59.63 -19.52
N GLU B 276 58.06 -60.72 -19.21
CA GLU B 276 56.84 -61.06 -19.91
C GLU B 276 55.68 -60.09 -19.58
N ALA B 277 55.75 -59.39 -18.45
CA ALA B 277 54.75 -58.37 -18.11
C ALA B 277 54.90 -57.17 -19.00
N MET B 278 56.15 -56.87 -19.33
CA MET B 278 56.52 -55.78 -20.23
C MET B 278 55.99 -55.93 -21.65
N ARG B 279 55.68 -57.16 -22.07
CA ARG B 279 55.18 -57.42 -23.41
C ARG B 279 53.82 -56.78 -23.64
N PHE B 280 53.22 -56.22 -22.61
CA PHE B 280 51.88 -55.63 -22.69
C PHE B 280 51.88 -54.22 -22.10
N ALA B 281 52.98 -53.50 -22.17
CA ALA B 281 53.05 -52.25 -21.46
C ALA B 281 52.45 -51.23 -22.39
N ARG B 282 51.54 -50.43 -21.87
CA ARG B 282 50.93 -49.35 -22.60
C ARG B 282 51.43 -48.02 -22.05
N ARG B 283 51.05 -46.93 -22.68
CA ARG B 283 51.22 -45.64 -22.11
C ARG B 283 49.85 -45.03 -22.10
N SER B 284 49.33 -44.64 -20.93
CA SER B 284 48.00 -44.01 -20.94
C SER B 284 48.04 -42.62 -21.60
N VAL B 285 49.07 -41.83 -21.34
CA VAL B 285 49.12 -40.47 -21.86
C VAL B 285 49.91 -40.42 -23.14
N SER B 286 49.32 -39.78 -24.13
CA SER B 286 50.03 -39.59 -25.39
C SER B 286 50.68 -38.23 -25.41
N ASP B 287 51.74 -38.15 -26.20
CA ASP B 287 52.58 -36.97 -26.34
C ASP B 287 51.82 -35.66 -26.60
N ASN B 288 50.80 -35.71 -27.46
CA ASN B 288 49.94 -34.54 -27.70
C ASN B 288 49.40 -34.04 -26.36
N ASP B 289 48.75 -34.94 -25.62
CA ASP B 289 48.23 -34.61 -24.31
C ASP B 289 49.32 -34.02 -23.44
N ILE B 290 50.45 -34.69 -23.39
CA ILE B 290 51.48 -34.22 -22.52
C ILE B 290 51.77 -32.81 -22.88
N ARG B 291 51.93 -32.55 -24.18
CA ARG B 291 52.19 -31.21 -24.72
C ARG B 291 51.16 -30.23 -24.25
N LYS B 292 49.90 -30.61 -24.41
CA LYS B 292 48.81 -29.82 -23.89
C LYS B 292 48.97 -29.48 -22.41
N TYR B 293 49.40 -30.41 -21.55
CA TYR B 293 49.56 -30.03 -20.15
C TYR B 293 50.58 -28.95 -19.95
N GLU B 294 51.69 -29.03 -20.68
CA GLU B 294 52.74 -28.04 -20.59
C GLU B 294 52.20 -26.66 -20.94
N MET B 295 51.32 -26.60 -21.94
CA MET B 295 50.67 -25.36 -22.31
C MET B 295 49.83 -24.87 -21.13
N PHE B 296 48.94 -25.75 -20.63
CA PHE B 296 48.12 -25.43 -19.47
C PHE B 296 49.09 -24.98 -18.34
N ALA B 297 50.09 -25.83 -18.07
CA ALA B 297 51.07 -25.60 -17.01
C ALA B 297 51.82 -24.29 -17.14
N GLN B 298 51.97 -23.80 -18.37
CA GLN B 298 52.72 -22.56 -18.63
C GLN B 298 51.94 -21.35 -18.16
N THR B 299 50.77 -21.11 -18.75
CA THR B 299 49.93 -20.01 -18.31
C THR B 299 49.53 -20.21 -16.87
N LEU B 300 49.03 -21.41 -16.55
CA LEU B 300 48.50 -21.71 -15.20
C LEU B 300 49.54 -21.50 -14.06
N GLN B 301 50.84 -21.69 -14.33
CA GLN B 301 51.91 -21.40 -13.33
C GLN B 301 52.72 -20.15 -13.70
N ALA C 1 18.55 -22.79 -2.62
CA ALA C 1 19.62 -23.26 -1.67
C ALA C 1 20.50 -22.14 -1.04
N LEU C 2 19.98 -20.89 -0.92
CA LEU C 2 20.85 -19.72 -0.67
C LEU C 2 21.66 -19.82 0.63
N ARG C 3 22.95 -19.50 0.57
CA ARG C 3 23.87 -19.43 1.71
C ARG C 3 23.39 -18.46 2.80
N GLU C 4 23.96 -18.50 4.01
CA GLU C 4 23.52 -17.61 5.08
C GLU C 4 24.18 -16.21 5.11
N THR C 5 23.37 -15.14 5.16
CA THR C 5 23.88 -13.74 5.07
C THR C 5 24.64 -13.29 6.32
N VAL C 6 25.93 -13.05 6.19
CA VAL C 6 26.75 -12.80 7.37
C VAL C 6 27.16 -11.34 7.54
N VAL C 7 26.57 -10.68 8.54
CA VAL C 7 27.04 -9.35 8.94
C VAL C 7 28.32 -9.47 9.74
N GLU C 8 29.22 -8.51 9.62
CA GLU C 8 30.56 -8.61 10.22
C GLU C 8 31.15 -7.22 10.36
N VAL C 9 32.16 -7.12 11.20
CA VAL C 9 32.85 -5.84 11.28
C VAL C 9 34.15 -5.98 10.54
N PRO C 10 34.32 -5.14 9.53
CA PRO C 10 35.48 -5.20 8.68
C PRO C 10 36.73 -5.06 9.53
N GLN C 11 37.58 -6.08 9.43
CA GLN C 11 38.87 -6.22 10.10
C GLN C 11 39.95 -5.30 9.53
N VAL C 12 39.80 -4.83 8.29
CA VAL C 12 40.86 -4.13 7.54
C VAL C 12 40.71 -2.61 7.46
N THR C 13 41.83 -1.91 7.49
CA THR C 13 41.80 -0.46 7.52
C THR C 13 42.61 0.12 6.38
N TRP C 14 42.60 1.44 6.22
CA TRP C 14 43.38 2.09 5.16
C TRP C 14 44.87 1.75 5.13
N GLU C 15 45.42 1.41 6.29
CA GLU C 15 46.83 1.09 6.43
C GLU C 15 47.19 -0.16 5.64
N ASP C 16 46.24 -1.07 5.51
CA ASP C 16 46.53 -2.32 4.82
C ASP C 16 46.44 -2.16 3.33
N ILE C 17 46.00 -0.99 2.87
CA ILE C 17 45.83 -0.71 1.44
C ILE C 17 46.98 0.18 0.93
N GLY C 18 47.78 -0.38 0.02
CA GLY C 18 48.85 0.36 -0.63
C GLY C 18 48.31 1.25 -1.74
N GLY C 19 48.70 2.52 -1.69
CA GLY C 19 48.36 3.46 -2.73
C GLY C 19 46.88 3.77 -2.74
N LEU C 20 46.42 4.22 -3.90
CA LEU C 20 45.03 4.60 -4.10
C LEU C 20 44.60 5.78 -3.21
N GLU C 21 45.49 6.74 -3.00
CA GLU C 21 45.18 7.79 -2.05
C GLU C 21 43.95 8.56 -2.50
N ASP C 22 43.99 8.96 -3.76
CA ASP C 22 42.91 9.64 -4.43
C ASP C 22 41.54 9.01 -4.17
N VAL C 23 41.42 7.70 -4.31
CA VAL C 23 40.11 7.05 -4.14
C VAL C 23 39.69 6.98 -2.68
N LYS C 24 40.66 6.72 -1.80
CA LYS C 24 40.38 6.64 -0.41
C LYS C 24 39.69 7.93 0.02
N ARG C 25 40.24 9.05 -0.46
CA ARG C 25 39.72 10.38 -0.18
C ARG C 25 38.32 10.47 -0.74
N GLU C 26 38.21 10.18 -2.03
CA GLU C 26 36.93 10.20 -2.71
C GLU C 26 35.86 9.32 -2.02
N LEU C 27 36.27 8.16 -1.52
CA LEU C 27 35.38 7.25 -0.85
C LEU C 27 34.84 7.86 0.41
N GLN C 28 35.77 8.47 1.18
CA GLN C 28 35.39 9.20 2.38
C GLN C 28 34.40 10.31 2.07
N GLU C 29 34.70 11.10 1.06
CA GLU C 29 33.79 12.15 0.65
C GLU C 29 32.42 11.63 0.29
N LEU C 30 32.29 10.33 0.04
CA LEU C 30 31.02 9.76 -0.41
C LEU C 30 30.22 9.07 0.65
N VAL C 31 30.89 8.65 1.72
CA VAL C 31 30.21 8.05 2.90
C VAL C 31 30.41 8.78 4.26
N GLN C 32 31.61 9.28 4.56
CA GLN C 32 31.85 10.04 5.80
C GLN C 32 31.04 11.32 5.79
N TYR C 33 31.40 12.22 4.87
CA TYR C 33 30.83 13.56 4.80
C TYR C 33 29.29 13.60 4.93
N PRO C 34 28.53 12.78 4.20
CA PRO C 34 27.08 12.85 4.38
C PRO C 34 26.57 12.47 5.78
N VAL C 35 27.25 11.54 6.44
CA VAL C 35 26.86 11.10 7.77
C VAL C 35 27.42 12.00 8.89
N GLU C 36 28.68 12.39 8.82
CA GLU C 36 29.31 13.19 9.87
C GLU C 36 29.23 14.69 9.64
N HIS C 37 28.71 15.08 8.47
CA HIS C 37 28.44 16.48 8.19
C HIS C 37 27.10 16.69 7.49
N PRO C 38 26.00 16.06 8.00
CA PRO C 38 24.72 16.24 7.32
C PRO C 38 24.37 17.72 7.18
N ASP C 39 24.80 18.55 8.15
CA ASP C 39 24.67 20.01 8.12
C ASP C 39 25.17 20.66 6.81
N LYS C 40 26.39 20.30 6.38
CA LYS C 40 27.02 20.82 5.15
C LYS C 40 26.32 20.35 3.86
N PHE C 41 25.73 19.17 3.92
CA PHE C 41 25.00 18.68 2.78
C PHE C 41 23.64 19.31 2.68
N LEU C 42 23.04 19.59 3.82
CA LEU C 42 21.79 20.35 3.85
C LEU C 42 22.04 21.83 3.51
N LYS C 43 23.17 22.37 3.94
CA LYS C 43 23.58 23.76 3.63
C LYS C 43 23.67 24.01 2.12
N PHE C 44 24.46 23.19 1.43
CA PHE C 44 24.66 23.35 0.00
C PHE C 44 23.53 22.72 -0.80
N GLY C 45 22.68 21.94 -0.14
CA GLY C 45 21.51 21.37 -0.79
C GLY C 45 21.69 19.96 -1.33
N MET C 46 22.72 19.75 -2.15
CA MET C 46 22.95 18.47 -2.77
C MET C 46 22.81 17.28 -1.82
N THR C 47 22.12 16.24 -2.27
CA THR C 47 21.93 15.01 -1.51
C THR C 47 22.88 13.92 -1.99
N PRO C 48 23.32 13.02 -1.06
CA PRO C 48 24.46 12.11 -1.29
C PRO C 48 24.13 11.02 -2.29
N SER C 49 25.08 10.14 -2.61
CA SER C 49 24.81 9.05 -3.57
C SER C 49 24.61 7.70 -2.90
N LYS C 50 23.78 6.86 -3.51
CA LYS C 50 23.39 5.57 -2.91
C LYS C 50 24.49 4.51 -2.95
N GLY C 51 25.38 4.63 -3.92
CA GLY C 51 26.35 3.58 -4.16
C GLY C 51 27.41 3.86 -5.18
N VAL C 52 28.25 2.88 -5.37
CA VAL C 52 29.48 3.01 -6.11
C VAL C 52 29.82 1.71 -6.87
N LEU C 53 30.45 1.86 -8.03
CA LEU C 53 30.82 0.67 -8.73
C LEU C 53 32.28 0.76 -8.94
N PHE C 54 33.10 -0.07 -8.29
CA PHE C 54 34.49 -0.19 -8.64
C PHE C 54 34.62 -1.16 -9.80
N TYR C 55 35.39 -0.81 -10.82
CA TYR C 55 35.77 -1.79 -11.86
C TYR C 55 37.25 -1.70 -12.01
N GLY C 56 37.85 -2.72 -12.54
CA GLY C 56 39.29 -2.75 -12.56
C GLY C 56 39.78 -4.16 -12.78
N PRO C 57 41.07 -4.33 -13.13
CA PRO C 57 41.59 -5.70 -13.17
C PRO C 57 41.54 -6.24 -11.73
N PRO C 58 41.65 -7.61 -11.62
CA PRO C 58 41.56 -8.42 -10.39
C PRO C 58 42.81 -8.29 -9.57
N GLY C 59 42.62 -8.11 -8.27
CA GLY C 59 43.69 -8.17 -7.28
C GLY C 59 44.29 -6.79 -7.15
N CYS C 60 43.43 -5.81 -7.06
CA CYS C 60 43.95 -4.47 -7.03
C CYS C 60 43.42 -3.75 -5.87
N GLY C 61 42.58 -4.46 -5.10
CA GLY C 61 42.08 -3.93 -3.84
C GLY C 61 40.66 -3.44 -3.89
N LYS C 62 39.89 -3.84 -4.90
CA LYS C 62 38.46 -3.49 -4.90
C LYS C 62 37.76 -3.91 -3.62
N THR C 63 38.10 -5.10 -3.12
CA THR C 63 37.57 -5.58 -1.84
C THR C 63 38.10 -4.82 -0.61
N LEU C 64 39.42 -4.62 -0.56
CA LEU C 64 40.01 -3.91 0.56
C LEU C 64 39.35 -2.56 0.69
N LEU C 65 39.21 -1.86 -0.43
CA LEU C 65 38.53 -0.59 -0.40
C LEU C 65 37.13 -0.72 0.20
N ALA C 66 36.38 -1.74 -0.20
CA ALA C 66 34.96 -1.77 0.22
C ALA C 66 34.97 -2.01 1.74
N LYS C 67 35.93 -2.79 2.21
CA LYS C 67 36.00 -3.09 3.64
C LYS C 67 36.53 -1.93 4.48
N ALA C 68 37.73 -1.48 4.16
CA ALA C 68 38.29 -0.30 4.85
C ALA C 68 37.23 0.79 5.00
N ILE C 69 36.57 1.17 3.92
CA ILE C 69 35.62 2.24 4.05
C ILE C 69 34.58 1.90 5.10
N ALA C 70 34.10 0.66 5.10
CA ALA C 70 33.08 0.29 6.08
C ALA C 70 33.72 0.40 7.43
N ASN C 71 34.91 -0.13 7.60
CA ASN C 71 35.55 -0.08 8.91
C ASN C 71 35.87 1.35 9.39
N GLU C 72 36.28 2.23 8.49
CA GLU C 72 36.52 3.62 8.81
C GLU C 72 35.26 4.21 9.35
N CYS C 73 34.15 4.07 8.66
CA CYS C 73 32.88 4.54 9.17
C CYS C 73 32.38 3.75 10.35
N GLN C 74 33.20 2.83 10.86
CA GLN C 74 32.79 1.94 11.95
C GLN C 74 31.41 1.34 11.68
N ALA C 75 31.25 0.77 10.48
CA ALA C 75 29.96 0.25 10.04
C ALA C 75 30.04 -1.26 9.81
N ASN C 76 28.85 -1.85 9.67
CA ASN C 76 28.76 -3.23 9.31
C ASN C 76 29.00 -3.44 7.85
N PHE C 77 29.40 -4.66 7.52
CA PHE C 77 29.78 -5.02 6.19
C PHE C 77 29.12 -6.30 5.76
N ILE C 78 28.30 -6.27 4.71
CA ILE C 78 27.82 -7.54 4.15
C ILE C 78 28.41 -7.80 2.78
N SER C 79 28.90 -9.00 2.58
CA SER C 79 29.54 -9.31 1.35
C SER C 79 28.80 -10.39 0.57
N ILE C 80 28.13 -10.02 -0.51
CA ILE C 80 27.61 -11.02 -1.42
C ILE C 80 28.57 -11.19 -2.58
N LYS C 81 29.00 -12.44 -2.82
CA LYS C 81 29.96 -12.71 -3.88
C LYS C 81 29.35 -13.37 -5.09
N GLY C 82 30.19 -13.79 -6.02
CA GLY C 82 29.73 -14.31 -7.30
C GLY C 82 28.87 -15.56 -7.15
N PRO C 83 29.44 -16.60 -6.54
CA PRO C 83 28.76 -17.85 -6.42
C PRO C 83 27.42 -17.68 -5.73
N GLU C 84 27.31 -16.81 -4.73
CA GLU C 84 26.00 -16.56 -4.16
C GLU C 84 24.97 -16.00 -5.18
N LEU C 85 25.31 -14.96 -5.94
CA LEU C 85 24.45 -14.47 -7.01
C LEU C 85 24.04 -15.58 -7.98
N LEU C 86 25.05 -16.32 -8.44
CA LEU C 86 24.80 -17.40 -9.33
C LEU C 86 23.85 -18.43 -8.74
N THR C 87 23.94 -18.71 -7.45
CA THR C 87 23.03 -19.67 -6.84
C THR C 87 21.62 -19.21 -7.03
N MET C 88 21.37 -17.95 -6.76
CA MET C 88 20.04 -17.44 -6.99
C MET C 88 19.69 -17.53 -8.46
N TRP C 89 20.70 -17.51 -9.31
CA TRP C 89 20.37 -17.43 -10.71
C TRP C 89 19.94 -18.76 -11.19
N PHE C 90 20.72 -19.78 -10.83
CA PHE C 90 20.51 -21.14 -11.27
C PHE C 90 19.23 -21.63 -10.61
N GLY C 91 19.05 -21.28 -9.33
CA GLY C 91 17.94 -21.78 -8.54
C GLY C 91 16.71 -20.92 -8.70
N GLU C 92 16.77 -19.89 -9.54
CA GLU C 92 15.63 -19.03 -9.75
C GLU C 92 15.11 -18.49 -8.44
N SER C 93 15.96 -18.24 -7.49
CA SER C 93 15.51 -17.77 -6.19
C SER C 93 15.94 -16.35 -5.87
N GLU C 94 15.68 -15.44 -6.81
CA GLU C 94 16.20 -14.07 -6.62
C GLU C 94 15.44 -13.34 -5.55
N ALA C 95 14.31 -13.91 -5.15
CA ALA C 95 13.53 -13.33 -4.07
C ALA C 95 14.42 -13.16 -2.84
N ASN C 96 15.46 -13.96 -2.66
CA ASN C 96 16.34 -13.75 -1.54
C ASN C 96 17.08 -12.47 -1.56
N VAL C 97 17.02 -11.73 -2.64
CA VAL C 97 17.81 -10.53 -2.69
C VAL C 97 17.21 -9.55 -1.71
N ARG C 98 15.90 -9.69 -1.58
CA ARG C 98 15.08 -8.98 -0.61
C ARG C 98 15.64 -9.22 0.77
N GLU C 99 15.82 -10.50 1.09
CA GLU C 99 16.25 -10.91 2.40
C GLU C 99 17.60 -10.26 2.71
N ILE C 100 18.56 -10.41 1.81
CA ILE C 100 19.84 -9.70 1.92
C ILE C 100 19.61 -8.21 2.22
N PHE C 101 18.70 -7.56 1.50
CA PHE C 101 18.59 -6.15 1.69
C PHE C 101 18.02 -5.86 3.04
N ASP C 102 17.02 -6.65 3.45
CA ASP C 102 16.50 -6.59 4.82
C ASP C 102 17.65 -6.65 5.84
N LYS C 103 18.40 -7.75 5.78
CA LYS C 103 19.55 -7.94 6.67
C LYS C 103 20.48 -6.74 6.71
N ALA C 104 20.57 -5.99 5.62
CA ALA C 104 21.49 -4.86 5.54
C ALA C 104 20.83 -3.71 6.20
N ARG C 105 19.55 -3.57 5.91
CA ARG C 105 18.76 -2.47 6.41
C ARG C 105 18.73 -2.55 7.94
N GLN C 106 18.50 -3.77 8.44
CA GLN C 106 18.40 -4.06 9.86
C GLN C 106 19.78 -3.91 10.54
N ALA C 107 20.86 -4.18 9.84
CA ALA C 107 22.19 -3.95 10.39
C ALA C 107 22.74 -2.51 10.14
N ALA C 108 21.92 -1.59 9.61
CA ALA C 108 22.37 -0.21 9.29
C ALA C 108 22.96 0.45 10.52
N PRO C 109 24.09 1.23 10.39
CA PRO C 109 24.79 1.62 9.18
C PRO C 109 25.62 0.46 8.63
N CYS C 110 25.57 0.29 7.31
CA CYS C 110 26.07 -0.91 6.63
C CYS C 110 26.59 -0.61 5.24
N VAL C 111 27.75 -1.12 4.90
CA VAL C 111 28.00 -1.23 3.49
C VAL C 111 27.73 -2.64 2.96
N LEU C 112 26.81 -2.67 2.02
CA LEU C 112 26.43 -3.87 1.32
C LEU C 112 27.27 -3.92 0.01
N PHE C 113 28.03 -5.00 -0.18
CA PHE C 113 29.03 -5.03 -1.21
C PHE C 113 28.88 -6.21 -2.09
N PHE C 114 28.48 -5.97 -3.32
CA PHE C 114 28.28 -7.04 -4.28
C PHE C 114 29.53 -7.21 -5.11
N ASP C 115 30.31 -8.16 -4.72
CA ASP C 115 31.43 -8.44 -5.51
C ASP C 115 31.11 -9.37 -6.68
N GLU C 116 32.01 -9.42 -7.68
CA GLU C 116 31.86 -10.25 -8.90
C GLU C 116 30.51 -10.03 -9.60
N LEU C 117 30.09 -8.76 -9.68
CA LEU C 117 28.80 -8.40 -10.26
C LEU C 117 28.47 -8.98 -11.61
N ASP C 118 29.51 -9.32 -12.36
CA ASP C 118 29.41 -9.71 -13.74
C ASP C 118 29.20 -11.25 -13.91
N SER C 119 29.10 -11.94 -12.79
CA SER C 119 29.28 -13.35 -12.85
C SER C 119 28.10 -14.05 -13.48
N ILE C 120 26.91 -13.51 -13.36
CA ILE C 120 25.80 -14.08 -14.18
C ILE C 120 26.05 -13.87 -15.67
N ALA C 121 26.38 -12.64 -16.04
CA ALA C 121 26.69 -12.27 -17.42
C ALA C 121 27.67 -13.33 -17.99
N LYS C 122 28.87 -13.45 -17.42
CA LYS C 122 29.78 -14.54 -17.76
C LYS C 122 29.08 -15.88 -17.94
N ALA C 123 28.35 -16.32 -16.92
CA ALA C 123 27.68 -17.63 -16.92
C ALA C 123 26.75 -17.82 -18.07
N ARG C 124 26.11 -16.78 -18.52
CA ARG C 124 25.27 -17.00 -19.66
C ARG C 124 25.93 -16.89 -21.02
N GLY C 125 27.21 -16.56 -21.07
CA GLY C 125 27.89 -16.54 -22.34
C GLY C 125 28.81 -15.37 -22.43
N GLY C 126 28.53 -14.34 -21.62
CA GLY C 126 29.42 -13.20 -21.45
C GLY C 126 29.57 -12.32 -22.66
N ASN C 127 30.83 -12.16 -23.08
CA ASN C 127 31.27 -11.42 -24.29
C ASN C 127 30.31 -11.63 -25.49
N ILE C 128 30.09 -12.90 -25.88
CA ILE C 128 29.09 -13.28 -26.92
C ILE C 128 27.64 -13.40 -26.40
N GLY C 129 27.39 -14.27 -25.42
CA GLY C 129 26.10 -14.33 -24.72
C GLY C 129 25.07 -15.30 -25.25
N ASP C 130 23.83 -15.13 -24.78
CA ASP C 130 22.64 -15.89 -25.23
C ASP C 130 21.74 -14.98 -26.09
N GLY C 131 20.45 -15.29 -26.17
CA GLY C 131 19.46 -14.45 -26.91
C GLY C 131 19.31 -12.99 -26.43
N GLY C 132 18.94 -12.83 -25.14
CA GLY C 132 18.47 -11.58 -24.61
C GLY C 132 19.51 -10.53 -24.27
N GLY C 133 19.02 -9.42 -23.75
CA GLY C 133 19.84 -8.29 -23.35
C GLY C 133 20.46 -8.38 -21.97
N ALA C 134 21.02 -7.25 -21.53
CA ALA C 134 21.86 -7.30 -20.35
C ALA C 134 21.10 -7.76 -19.09
N ALA C 135 19.78 -7.56 -19.03
CA ALA C 135 18.99 -7.88 -17.85
C ALA C 135 19.00 -9.35 -17.47
N ASP C 136 19.01 -9.62 -16.21
CA ASP C 136 18.86 -10.97 -15.74
C ASP C 136 18.06 -10.88 -14.43
N ARG C 137 17.41 -11.99 -14.07
CA ARG C 137 16.49 -11.95 -12.94
C ARG C 137 17.09 -11.45 -11.62
N VAL C 138 18.32 -11.86 -11.33
CA VAL C 138 18.96 -11.64 -10.08
C VAL C 138 19.43 -10.24 -10.04
N ILE C 139 20.23 -9.77 -11.01
CA ILE C 139 20.71 -8.38 -10.92
C ILE C 139 19.47 -7.46 -10.89
N ASN C 140 18.48 -7.85 -11.68
CA ASN C 140 17.35 -7.03 -11.73
C ASN C 140 16.76 -6.76 -10.37
N GLN C 141 16.72 -7.83 -9.59
CA GLN C 141 16.14 -7.79 -8.23
C GLN C 141 16.96 -6.84 -7.42
N ILE C 142 18.29 -6.99 -7.45
CA ILE C 142 19.17 -5.99 -6.85
C ILE C 142 18.80 -4.57 -7.24
N LEU C 143 18.41 -4.38 -8.49
CA LEU C 143 18.05 -3.04 -8.92
C LEU C 143 16.76 -2.50 -8.30
N THR C 144 15.70 -3.29 -8.27
CA THR C 144 14.46 -2.94 -7.51
C THR C 144 14.76 -2.69 -6.05
N GLU C 145 15.40 -3.65 -5.40
CA GLU C 145 15.74 -3.54 -3.99
C GLU C 145 16.51 -2.33 -3.74
N MET C 146 16.88 -1.62 -4.77
CA MET C 146 17.73 -0.49 -4.55
C MET C 146 17.00 0.75 -4.88
N ASP C 147 15.97 0.61 -5.68
CA ASP C 147 15.11 1.71 -5.99
C ASP C 147 14.19 1.88 -4.82
N GLY C 148 13.66 0.75 -4.34
CA GLY C 148 12.77 0.74 -3.19
C GLY C 148 13.42 0.99 -1.83
N MET C 149 14.75 0.99 -1.81
CA MET C 149 15.50 1.18 -0.56
C MET C 149 15.72 2.65 -0.35
N SER C 150 14.93 3.19 0.58
CA SER C 150 14.95 4.63 0.90
C SER C 150 16.37 5.17 1.11
N THR C 151 16.68 6.22 0.37
CA THR C 151 17.96 6.89 0.47
C THR C 151 18.34 7.16 1.94
N LYS C 152 17.31 7.30 2.78
CA LYS C 152 17.47 7.80 4.15
C LYS C 152 17.71 6.72 5.22
N LYS C 153 17.78 5.44 4.83
CA LYS C 153 18.33 4.41 5.74
C LYS C 153 19.82 4.64 5.75
N ASN C 154 20.59 3.73 6.32
CA ASN C 154 22.01 3.98 6.34
C ASN C 154 22.84 2.92 5.63
N VAL C 155 22.32 2.44 4.49
CA VAL C 155 22.93 1.33 3.79
C VAL C 155 23.60 1.85 2.55
N PHE C 156 24.90 1.59 2.44
CA PHE C 156 25.67 2.03 1.30
C PHE C 156 26.08 0.81 0.41
N ILE C 157 25.73 0.85 -0.87
CA ILE C 157 25.96 -0.31 -1.70
C ILE C 157 27.19 -0.12 -2.57
N ILE C 158 28.04 -1.14 -2.64
CA ILE C 158 29.21 -1.08 -3.49
C ILE C 158 29.29 -2.36 -4.37
N GLY C 159 29.42 -2.15 -5.68
CA GLY C 159 29.58 -3.26 -6.59
C GLY C 159 31.01 -3.29 -7.07
N ALA C 160 31.46 -4.47 -7.44
CA ALA C 160 32.80 -4.56 -7.99
C ALA C 160 32.76 -5.53 -9.11
N THR C 161 33.60 -5.32 -10.11
CA THR C 161 33.57 -6.16 -11.31
C THR C 161 34.86 -5.98 -12.03
N ASN C 162 35.33 -7.01 -12.67
CA ASN C 162 36.43 -6.77 -13.51
C ASN C 162 36.04 -6.98 -14.96
N ARG C 163 34.76 -6.95 -15.26
CA ARG C 163 34.33 -7.14 -16.64
C ARG C 163 33.19 -6.19 -16.86
N PRO C 164 33.50 -4.90 -16.77
CA PRO C 164 32.43 -3.88 -16.79
C PRO C 164 31.75 -3.86 -18.17
N ASP C 165 32.48 -4.07 -19.26
CA ASP C 165 31.83 -4.30 -20.54
C ASP C 165 30.61 -5.22 -20.46
N ILE C 166 30.56 -6.22 -19.58
CA ILE C 166 29.32 -7.08 -19.56
C ILE C 166 28.24 -6.78 -18.49
N ILE C 167 28.54 -5.90 -17.55
CA ILE C 167 27.56 -5.38 -16.60
C ILE C 167 26.32 -4.78 -17.30
N ASP C 168 25.14 -5.02 -16.75
CA ASP C 168 23.93 -4.33 -17.24
C ASP C 168 24.01 -2.82 -16.97
N PRO C 169 23.96 -1.99 -18.02
CA PRO C 169 24.00 -0.53 -17.94
C PRO C 169 23.06 0.12 -16.92
N ALA C 170 21.86 -0.48 -16.75
CA ALA C 170 20.88 -0.04 -15.74
C ALA C 170 21.47 0.14 -14.37
N ILE C 171 22.50 -0.63 -14.07
CA ILE C 171 23.18 -0.50 -12.79
C ILE C 171 23.78 0.86 -12.61
N LEU C 172 24.05 1.58 -13.71
CA LEU C 172 24.72 2.87 -13.69
C LEU C 172 23.78 4.10 -13.69
N ARG C 173 22.53 3.94 -14.09
CA ARG C 173 21.59 5.05 -14.05
C ARG C 173 21.59 5.77 -12.70
N PRO C 174 21.31 7.10 -12.71
CA PRO C 174 21.09 7.89 -11.49
C PRO C 174 20.23 7.16 -10.46
N GLY C 175 20.63 7.29 -9.19
CA GLY C 175 19.90 6.72 -8.06
C GLY C 175 20.32 5.29 -7.75
N ARG C 176 21.34 4.83 -8.46
CA ARG C 176 21.84 3.45 -8.32
C ARG C 176 23.33 3.50 -8.08
N LEU C 177 24.10 2.75 -8.86
CA LEU C 177 25.54 2.85 -8.71
C LEU C 177 26.04 3.93 -9.66
N ASP C 178 25.92 5.17 -9.21
CA ASP C 178 26.26 6.33 -9.99
C ASP C 178 27.75 6.50 -10.11
N GLN C 179 28.50 6.19 -9.08
CA GLN C 179 29.90 6.55 -9.07
C GLN C 179 30.73 5.41 -9.60
N LEU C 180 31.09 5.53 -10.85
CA LEU C 180 32.04 4.62 -11.41
C LEU C 180 33.40 4.98 -10.86
N ILE C 181 34.20 4.00 -10.47
CA ILE C 181 35.54 4.28 -10.00
C ILE C 181 36.43 3.21 -10.53
N TYR C 182 37.48 3.61 -11.26
CA TYR C 182 38.39 2.65 -11.83
C TYR C 182 39.50 2.35 -10.89
N ILE C 183 39.72 1.08 -10.56
CA ILE C 183 40.86 0.71 -9.68
C ILE C 183 41.85 0.02 -10.52
N PRO C 184 42.90 0.75 -10.92
CA PRO C 184 43.86 0.35 -11.98
C PRO C 184 44.91 -0.53 -11.36
N LEU C 185 45.72 -1.18 -12.18
CA LEU C 185 46.92 -1.80 -11.65
C LEU C 185 47.77 -0.83 -10.90
N PRO C 186 48.53 -1.33 -9.92
CA PRO C 186 49.38 -0.43 -9.17
C PRO C 186 50.58 0.05 -9.98
N ASP C 187 50.86 1.34 -9.88
CA ASP C 187 52.03 1.91 -10.51
C ASP C 187 53.30 1.75 -9.67
N GLU C 188 54.39 2.25 -10.23
CA GLU C 188 55.72 2.37 -9.62
C GLU C 188 55.74 2.61 -8.09
N LYS C 189 55.28 3.78 -7.65
CA LYS C 189 55.24 4.15 -6.23
C LYS C 189 54.33 3.25 -5.44
N SER C 190 53.14 3.02 -5.99
CA SER C 190 52.09 2.23 -5.35
C SER C 190 52.56 0.85 -5.00
N ARG C 191 53.34 0.24 -5.88
CA ARG C 191 53.82 -1.09 -5.62
C ARG C 191 54.63 -1.06 -4.33
N VAL C 192 55.38 0.01 -4.10
CA VAL C 192 56.14 0.12 -2.86
C VAL C 192 55.16 0.11 -1.67
N ALA C 193 54.18 1.01 -1.70
CA ALA C 193 53.17 1.09 -0.65
C ALA C 193 52.55 -0.26 -0.35
N ILE C 194 52.12 -0.94 -1.41
CA ILE C 194 51.49 -2.26 -1.33
C ILE C 194 52.39 -3.26 -0.65
N LEU C 195 53.67 -3.28 -1.00
CA LEU C 195 54.61 -4.13 -0.27
C LEU C 195 54.71 -3.76 1.21
N LYS C 196 54.88 -2.47 1.50
CA LYS C 196 54.93 -2.02 2.87
C LYS C 196 53.67 -2.43 3.61
N ALA C 197 52.51 -2.12 3.04
CA ALA C 197 51.23 -2.48 3.63
C ALA C 197 51.18 -3.97 3.92
N ASN C 198 51.63 -4.76 2.97
CA ASN C 198 51.57 -6.20 3.09
C ASN C 198 52.53 -6.75 4.11
N LEU C 199 53.50 -5.94 4.49
CA LEU C 199 54.49 -6.44 5.42
C LEU C 199 54.47 -5.71 6.78
N ARG C 200 53.52 -4.79 6.91
CA ARG C 200 53.31 -4.01 8.13
C ARG C 200 53.41 -4.85 9.36
N LYS C 201 52.77 -6.02 9.35
CA LYS C 201 52.76 -6.88 10.53
C LYS C 201 53.73 -8.05 10.35
N SER C 202 54.96 -7.73 9.90
CA SER C 202 56.00 -8.73 9.62
C SER C 202 57.43 -8.29 9.95
N PRO C 203 58.28 -9.24 10.36
CA PRO C 203 59.70 -8.96 10.66
C PRO C 203 60.54 -8.87 9.40
N VAL C 204 60.45 -7.73 8.71
CA VAL C 204 61.23 -7.50 7.48
C VAL C 204 62.70 -7.19 7.81
N ALA C 205 63.63 -7.99 7.28
CA ALA C 205 65.05 -7.73 7.45
C ALA C 205 65.37 -6.34 6.92
N LYS C 206 66.26 -5.65 7.62
CA LYS C 206 66.54 -4.25 7.35
C LYS C 206 67.10 -3.98 5.95
N ASP C 207 67.99 -4.83 5.48
CA ASP C 207 68.64 -4.70 4.16
C ASP C 207 67.66 -4.78 2.95
N VAL C 208 66.67 -5.69 3.01
CA VAL C 208 65.66 -5.94 1.95
C VAL C 208 65.09 -4.67 1.32
N ASP C 209 65.34 -4.48 0.03
CA ASP C 209 64.98 -3.25 -0.66
C ASP C 209 63.69 -3.41 -1.46
N LEU C 210 62.63 -2.79 -0.96
CA LEU C 210 61.33 -2.89 -1.60
C LEU C 210 61.21 -1.94 -2.79
N GLU C 211 61.79 -0.76 -2.67
CA GLU C 211 61.75 0.27 -3.71
C GLU C 211 62.27 -0.34 -5.01
N PHE C 212 63.11 -1.35 -4.86
CA PHE C 212 63.69 -2.06 -5.98
C PHE C 212 62.72 -3.09 -6.49
N LEU C 213 62.25 -3.94 -5.59
CA LEU C 213 61.18 -4.89 -5.90
C LEU C 213 60.04 -4.24 -6.67
N ALA C 214 59.69 -3.02 -6.26
CA ALA C 214 58.70 -2.23 -6.96
C ALA C 214 59.12 -1.96 -8.40
N LYS C 215 60.41 -1.66 -8.63
CA LYS C 215 60.93 -1.43 -9.99
C LYS C 215 60.83 -2.73 -10.79
N MET C 216 60.93 -3.87 -10.11
CA MET C 216 61.00 -5.17 -10.77
C MET C 216 59.73 -5.75 -11.32
N THR C 217 58.61 -5.12 -11.01
CA THR C 217 57.27 -5.69 -11.17
C THR C 217 56.38 -4.78 -12.02
N ASN C 218 55.66 -5.32 -12.98
CA ASN C 218 54.73 -4.43 -13.66
C ASN C 218 53.28 -4.79 -13.71
N GLY C 219 52.91 -5.56 -14.74
CA GLY C 219 51.55 -6.07 -14.84
C GLY C 219 51.19 -6.75 -13.54
N PHE C 220 51.98 -6.43 -12.50
CA PHE C 220 51.80 -6.94 -11.16
C PHE C 220 50.76 -6.17 -10.48
N SER C 221 49.79 -6.93 -10.03
CA SER C 221 48.67 -6.40 -9.31
C SER C 221 48.99 -6.56 -7.83
N GLY C 222 48.23 -5.86 -6.98
CA GLY C 222 48.38 -6.03 -5.55
C GLY C 222 48.47 -7.52 -5.22
N ALA C 223 47.50 -8.27 -5.70
CA ALA C 223 47.41 -9.70 -5.47
C ALA C 223 48.71 -10.37 -5.75
N ASP C 224 49.23 -10.16 -6.96
CA ASP C 224 50.52 -10.72 -7.39
C ASP C 224 51.65 -10.38 -6.41
N LEU C 225 51.61 -9.18 -5.84
CA LEU C 225 52.71 -8.71 -4.99
C LEU C 225 52.68 -9.40 -3.67
N THR C 226 51.47 -9.44 -3.10
CA THR C 226 51.14 -10.25 -1.93
C THR C 226 51.64 -11.66 -2.11
N GLU C 227 51.38 -12.24 -3.26
CA GLU C 227 51.79 -13.61 -3.55
C GLU C 227 53.29 -13.78 -3.31
N ILE C 228 54.09 -12.81 -3.75
CA ILE C 228 55.56 -12.82 -3.54
C ILE C 228 55.92 -12.87 -2.04
N CYS C 229 55.51 -11.85 -1.28
CA CYS C 229 55.69 -11.85 0.18
C CYS C 229 55.38 -13.18 0.81
N GLN C 230 54.17 -13.68 0.59
CA GLN C 230 53.81 -14.99 1.06
C GLN C 230 54.83 -16.07 0.74
N ARG C 231 55.32 -16.17 -0.51
CA ARG C 231 56.36 -17.18 -0.84
C ARG C 231 57.60 -16.94 -0.02
N ALA C 232 57.95 -15.67 0.14
CA ALA C 232 59.05 -15.25 0.99
C ALA C 232 58.89 -15.74 2.42
N CYS C 233 57.78 -15.40 3.07
CA CYS C 233 57.43 -15.96 4.37
C CYS C 233 57.55 -17.45 4.42
N LYS C 234 56.76 -18.15 3.58
CA LYS C 234 56.77 -19.61 3.54
C LYS C 234 58.19 -20.11 3.48
N LEU C 235 59.08 -19.33 2.85
CA LEU C 235 60.50 -19.70 2.75
C LEU C 235 61.21 -19.51 4.06
N ALA C 236 60.97 -18.36 4.69
CA ALA C 236 61.50 -18.09 6.03
C ALA C 236 61.01 -19.10 7.08
N ILE C 237 59.70 -19.33 7.16
CA ILE C 237 59.15 -20.35 8.05
C ILE C 237 59.81 -21.72 7.82
N ARG C 238 59.76 -22.24 6.58
CA ARG C 238 60.42 -23.51 6.22
C ARG C 238 61.91 -23.46 6.55
N GLU C 239 62.49 -22.27 6.42
CA GLU C 239 63.91 -22.06 6.68
C GLU C 239 64.16 -22.00 8.18
N SER C 240 63.15 -21.53 8.92
CA SER C 240 63.21 -21.50 10.38
C SER C 240 63.05 -22.91 10.95
N ILE C 241 61.84 -23.48 10.83
CA ILE C 241 61.54 -24.86 11.31
C ILE C 241 62.63 -25.85 10.92
N GLU C 242 63.32 -25.56 9.81
CA GLU C 242 64.43 -26.37 9.35
C GLU C 242 65.56 -26.37 10.37
N SER C 243 66.04 -25.20 10.77
CA SER C 243 67.23 -25.08 11.63
C SER C 243 67.15 -25.79 13.00
N GLU C 244 66.01 -25.68 13.69
CA GLU C 244 65.81 -26.33 15.00
C GLU C 244 65.94 -27.85 14.93
N ILE C 245 65.04 -28.47 14.15
CA ILE C 245 64.93 -29.92 14.01
C ILE C 245 66.07 -30.51 13.15
N VAL C 266 66.24 -16.75 15.42
CA VAL C 266 66.62 -16.86 14.00
C VAL C 266 65.53 -16.40 12.96
N PRO C 267 64.37 -15.85 13.42
CA PRO C 267 63.28 -15.48 12.50
C PRO C 267 63.15 -13.98 12.09
N GLU C 268 63.70 -13.64 10.93
CA GLU C 268 63.49 -12.33 10.28
C GLU C 268 63.49 -12.60 8.79
N ILE C 269 62.41 -12.26 8.11
CA ILE C 269 62.27 -12.55 6.69
C ILE C 269 63.26 -11.69 5.87
N ARG C 270 64.25 -12.33 5.24
CA ARG C 270 65.39 -11.60 4.70
C ARG C 270 65.65 -11.72 3.20
N ARG C 271 66.59 -10.91 2.73
CA ARG C 271 66.91 -10.73 1.33
C ARG C 271 66.75 -11.94 0.45
N ASP C 272 67.54 -12.97 0.71
CA ASP C 272 67.63 -14.16 -0.13
C ASP C 272 66.31 -14.92 -0.20
N HIS C 273 65.47 -14.72 0.80
CA HIS C 273 64.12 -15.26 0.77
C HIS C 273 63.31 -14.58 -0.32
N PHE C 274 63.31 -13.24 -0.32
CA PHE C 274 62.64 -12.49 -1.37
C PHE C 274 63.23 -12.83 -2.71
N GLU C 275 64.55 -12.91 -2.76
CA GLU C 275 65.23 -13.27 -3.98
C GLU C 275 64.68 -14.60 -4.50
N GLU C 276 64.71 -15.65 -3.67
CA GLU C 276 64.22 -16.94 -4.10
C GLU C 276 62.69 -16.98 -4.29
N ALA C 277 61.96 -16.07 -3.66
CA ALA C 277 60.52 -15.95 -3.87
C ALA C 277 60.24 -15.38 -5.24
N MET C 278 61.09 -14.45 -5.68
CA MET C 278 60.98 -13.83 -6.99
C MET C 278 61.09 -14.79 -8.15
N ARG C 279 61.71 -15.94 -7.91
CA ARG C 279 61.92 -16.97 -8.93
C ARG C 279 60.58 -17.59 -9.39
N PHE C 280 59.49 -17.25 -8.71
CA PHE C 280 58.16 -17.75 -9.06
C PHE C 280 57.15 -16.63 -9.19
N ALA C 281 57.59 -15.44 -9.57
CA ALA C 281 56.66 -14.32 -9.66
C ALA C 281 55.87 -14.43 -10.94
N ARG C 282 54.55 -14.33 -10.84
CA ARG C 282 53.69 -14.32 -12.02
C ARG C 282 53.10 -12.93 -12.20
N ARG C 283 52.41 -12.72 -13.31
CA ARG C 283 51.60 -11.55 -13.46
C ARG C 283 50.19 -12.04 -13.72
N SER C 284 49.23 -11.75 -12.85
CA SER C 284 47.87 -12.20 -13.15
C SER C 284 47.29 -11.51 -14.40
N VAL C 285 47.50 -10.22 -14.55
CA VAL C 285 46.93 -9.50 -15.65
C VAL C 285 47.87 -9.41 -16.83
N SER C 286 47.39 -9.82 -17.99
CA SER C 286 48.16 -9.67 -19.23
C SER C 286 47.86 -8.35 -19.92
N ASP C 287 48.84 -7.87 -20.67
CA ASP C 287 48.78 -6.60 -21.37
C ASP C 287 47.53 -6.38 -22.22
N ASN C 288 47.03 -7.44 -22.87
CA ASN C 288 45.80 -7.32 -23.66
C ASN C 288 44.69 -6.86 -22.76
N ASP C 289 44.49 -7.62 -21.69
CA ASP C 289 43.50 -7.29 -20.70
C ASP C 289 43.67 -5.85 -20.24
N ILE C 290 44.87 -5.50 -19.78
CA ILE C 290 45.14 -4.15 -19.27
C ILE C 290 44.62 -3.15 -20.28
N ARG C 291 45.03 -3.35 -21.55
CA ARG C 291 44.58 -2.56 -22.69
C ARG C 291 43.07 -2.47 -22.69
N LYS C 292 42.43 -3.63 -22.61
CA LYS C 292 40.99 -3.66 -22.54
C LYS C 292 40.44 -2.76 -21.44
N TYR C 293 41.04 -2.75 -20.24
CA TYR C 293 40.50 -1.87 -19.17
C TYR C 293 40.57 -0.40 -19.54
N GLU C 294 41.63 0.01 -20.24
CA GLU C 294 41.78 1.39 -20.61
C GLU C 294 40.69 1.79 -21.59
N MET C 295 40.34 0.87 -22.48
CA MET C 295 39.21 1.09 -23.39
C MET C 295 37.93 1.31 -22.56
N PHE C 296 37.64 0.35 -21.67
CA PHE C 296 36.47 0.41 -20.79
C PHE C 296 36.59 1.73 -20.04
N ALA C 297 37.75 1.97 -19.43
CA ALA C 297 38.04 3.19 -18.63
C ALA C 297 37.88 4.52 -19.38
N GLN C 298 38.05 4.47 -20.69
CA GLN C 298 37.92 5.66 -21.53
C GLN C 298 36.47 6.08 -21.67
N THR C 299 35.66 5.25 -22.33
CA THR C 299 34.23 5.53 -22.44
C THR C 299 33.58 5.67 -21.06
N LEU C 300 33.81 4.68 -20.19
CA LEU C 300 33.16 4.61 -18.86
C LEU C 300 33.45 5.88 -17.99
N GLN C 301 34.63 6.50 -18.17
CA GLN C 301 34.96 7.78 -17.48
C GLN C 301 34.92 8.97 -18.44
N ALA D 1 -8.59 48.07 15.47
CA ALA D 1 -9.40 49.19 14.90
C ALA D 1 -9.32 50.56 15.63
N LEU D 2 -8.20 50.86 16.31
CA LEU D 2 -8.12 52.00 17.26
C LEU D 2 -8.39 53.37 16.62
N ARG D 3 -9.26 54.15 17.28
CA ARG D 3 -9.60 55.54 16.91
C ARG D 3 -8.36 56.45 16.86
N GLU D 4 -8.48 57.63 16.25
CA GLU D 4 -7.33 58.53 16.11
C GLU D 4 -7.09 59.46 17.32
N THR D 5 -5.86 59.45 17.85
CA THR D 5 -5.51 60.23 19.06
C THR D 5 -5.46 61.74 18.78
N VAL D 6 -6.37 62.48 19.40
CA VAL D 6 -6.57 63.90 19.13
C VAL D 6 -6.01 64.81 20.22
N VAL D 7 -4.94 65.54 19.90
CA VAL D 7 -4.46 66.57 20.81
C VAL D 7 -5.33 67.81 20.59
N GLU D 8 -5.51 68.61 21.63
CA GLU D 8 -6.41 69.74 21.61
C GLU D 8 -6.05 70.71 22.73
N VAL D 9 -6.53 71.94 22.62
CA VAL D 9 -6.32 72.85 23.73
C VAL D 9 -7.62 72.92 24.47
N PRO D 10 -7.57 72.61 25.75
CA PRO D 10 -8.76 72.60 26.57
C PRO D 10 -9.44 73.96 26.54
N GLN D 11 -10.69 73.93 26.11
CA GLN D 11 -11.58 75.07 25.99
C GLN D 11 -12.09 75.64 27.33
N VAL D 12 -12.04 74.83 28.38
CA VAL D 12 -12.70 75.12 29.68
C VAL D 12 -11.74 75.59 30.78
N THR D 13 -12.18 76.56 31.59
CA THR D 13 -11.35 77.13 32.65
C THR D 13 -12.01 76.97 34.00
N TRP D 14 -11.29 77.34 35.06
CA TRP D 14 -11.85 77.25 36.41
C TRP D 14 -13.22 77.90 36.61
N GLU D 15 -13.47 78.96 35.86
CA GLU D 15 -14.73 79.66 35.97
C GLU D 15 -15.92 78.77 35.67
N ASP D 16 -15.74 77.77 34.79
CA ASP D 16 -16.85 76.92 34.35
C ASP D 16 -17.11 75.82 35.34
N ILE D 17 -16.24 75.72 36.34
CA ILE D 17 -16.38 74.73 37.38
C ILE D 17 -16.90 75.35 38.68
N GLY D 18 -18.10 74.91 39.05
CA GLY D 18 -18.71 75.32 40.32
C GLY D 18 -18.15 74.51 41.49
N GLY D 19 -17.73 75.22 42.52
CA GLY D 19 -17.25 74.59 43.73
C GLY D 19 -15.92 73.89 43.53
N LEU D 20 -15.62 72.99 44.45
CA LEU D 20 -14.38 72.22 44.42
C LEU D 20 -13.14 73.09 44.63
N GLU D 21 -13.25 74.15 45.42
CA GLU D 21 -12.15 75.11 45.56
C GLU D 21 -10.90 74.43 46.05
N ASP D 22 -11.06 73.67 47.12
CA ASP D 22 -10.04 72.83 47.70
C ASP D 22 -9.23 72.02 46.66
N VAL D 23 -9.91 71.33 45.76
CA VAL D 23 -9.20 70.48 44.79
C VAL D 23 -8.52 71.30 43.72
N LYS D 24 -9.17 72.37 43.27
CA LYS D 24 -8.56 73.28 42.29
C LYS D 24 -7.18 73.75 42.77
N ARG D 25 -7.14 74.17 44.03
CA ARG D 25 -5.92 74.56 44.68
C ARG D 25 -4.95 73.38 44.66
N GLU D 26 -5.40 72.24 45.18
CA GLU D 26 -4.59 71.04 45.26
C GLU D 26 -4.02 70.65 43.91
N LEU D 27 -4.86 70.75 42.88
CA LEU D 27 -4.45 70.41 41.52
C LEU D 27 -3.34 71.30 41.04
N GLN D 28 -3.49 72.60 41.26
CA GLN D 28 -2.45 73.56 40.92
C GLN D 28 -1.17 73.19 41.61
N GLU D 29 -1.25 72.94 42.91
CA GLU D 29 -0.06 72.55 43.68
C GLU D 29 0.64 71.33 43.12
N LEU D 30 -0.05 70.54 42.30
CA LEU D 30 0.50 69.30 41.77
C LEU D 30 1.11 69.42 40.39
N VAL D 31 0.67 70.43 39.64
CA VAL D 31 1.17 70.66 38.27
C VAL D 31 1.82 72.03 38.06
N GLN D 32 1.20 73.11 38.58
CA GLN D 32 1.74 74.47 38.45
C GLN D 32 3.08 74.57 39.13
N TYR D 33 3.06 74.39 40.44
CA TYR D 33 4.23 74.55 41.31
C TYR D 33 5.48 73.81 40.84
N PRO D 34 5.38 72.50 40.49
CA PRO D 34 6.61 71.86 39.96
C PRO D 34 7.23 72.50 38.69
N VAL D 35 6.38 73.02 37.79
CA VAL D 35 6.83 73.63 36.52
C VAL D 35 7.21 75.12 36.63
N GLU D 36 6.40 75.89 37.35
CA GLU D 36 6.62 77.33 37.50
C GLU D 36 7.44 77.70 38.71
N HIS D 37 7.83 76.72 39.53
CA HIS D 37 8.74 76.99 40.64
C HIS D 37 9.73 75.86 40.84
N PRO D 38 10.36 75.39 39.75
CA PRO D 38 11.21 74.21 39.89
C PRO D 38 12.25 74.45 40.98
N ASP D 39 12.61 75.72 41.15
CA ASP D 39 13.54 76.16 42.19
C ASP D 39 13.12 75.72 43.61
N LYS D 40 11.85 75.93 43.96
CA LYS D 40 11.32 75.56 45.28
C LYS D 40 11.25 74.05 45.54
N PHE D 41 11.02 73.28 44.49
CA PHE D 41 11.00 71.84 44.59
C PHE D 41 12.39 71.28 44.74
N LEU D 42 13.34 71.89 44.03
CA LEU D 42 14.76 71.58 44.16
C LEU D 42 15.31 72.06 45.51
N LYS D 43 14.82 73.19 46.00
CA LYS D 43 15.19 73.72 47.32
C LYS D 43 14.81 72.79 48.46
N PHE D 44 13.54 72.37 48.51
CA PHE D 44 13.05 71.46 49.55
C PHE D 44 13.34 69.99 49.25
N GLY D 45 13.73 69.69 48.01
CA GLY D 45 14.19 68.36 47.64
C GLY D 45 13.13 67.52 46.99
N MET D 46 11.97 67.43 47.64
CA MET D 46 10.89 66.59 47.17
C MET D 46 10.63 66.76 45.68
N THR D 47 10.48 65.63 44.99
CA THR D 47 10.17 65.59 43.56
C THR D 47 8.66 65.37 43.34
N PRO D 48 8.09 65.94 42.25
CA PRO D 48 6.63 66.00 42.06
C PRO D 48 6.00 64.63 41.75
N SER D 49 4.67 64.56 41.61
CA SER D 49 3.98 63.28 41.32
C SER D 49 3.59 63.14 39.84
N LYS D 50 3.61 61.90 39.35
CA LYS D 50 3.35 61.61 37.92
C LYS D 50 1.89 61.76 37.48
N GLY D 51 0.96 61.63 38.43
CA GLY D 51 -0.43 61.57 38.08
C GLY D 51 -1.37 61.55 39.23
N VAL D 52 -2.63 61.47 38.87
CA VAL D 52 -3.73 61.64 39.78
C VAL D 52 -4.90 60.73 39.39
N LEU D 53 -5.62 60.22 40.39
CA LEU D 53 -6.84 59.52 40.11
C LEU D 53 -8.01 60.24 40.75
N PHE D 54 -8.87 60.86 39.97
CA PHE D 54 -10.15 61.28 40.47
C PHE D 54 -11.12 60.12 40.56
N TYR D 55 -11.86 59.98 41.64
CA TYR D 55 -12.97 59.02 41.70
C TYR D 55 -14.11 59.72 42.33
N GLY D 56 -15.31 59.28 42.07
CA GLY D 56 -16.48 60.02 42.51
C GLY D 56 -17.70 59.55 41.75
N PRO D 57 -18.90 59.90 42.20
CA PRO D 57 -20.08 59.64 41.39
C PRO D 57 -19.96 60.43 40.11
N PRO D 58 -20.72 60.00 39.06
CA PRO D 58 -20.76 60.57 37.68
C PRO D 58 -21.42 61.90 37.67
N GLY D 59 -20.80 62.82 36.94
CA GLY D 59 -21.36 64.10 36.59
C GLY D 59 -21.04 65.04 37.70
N CYS D 60 -19.80 65.01 38.14
CA CYS D 60 -19.42 65.89 39.24
C CYS D 60 -18.29 66.86 38.93
N GLY D 61 -17.79 66.75 37.69
CA GLY D 61 -16.70 67.57 37.21
C GLY D 61 -15.32 66.92 37.11
N LYS D 62 -15.24 65.58 37.13
CA LYS D 62 -13.97 64.89 36.98
C LYS D 62 -13.29 65.29 35.65
N THR D 63 -14.06 65.36 34.57
CA THR D 63 -13.54 65.84 33.29
C THR D 63 -13.27 67.35 33.27
N LEU D 64 -14.20 68.15 33.78
CA LEU D 64 -13.91 69.59 33.84
C LEU D 64 -12.58 69.84 34.52
N LEU D 65 -12.38 69.27 35.70
CA LEU D 65 -11.12 69.43 36.39
C LEU D 65 -9.95 69.01 35.52
N ALA D 66 -10.07 67.91 34.80
CA ALA D 66 -8.91 67.43 34.07
C ALA D 66 -8.57 68.40 32.94
N LYS D 67 -9.59 69.01 32.40
CA LYS D 67 -9.38 69.98 31.32
C LYS D 67 -8.93 71.34 31.83
N ALA D 68 -9.73 71.94 32.72
CA ALA D 68 -9.39 73.23 33.33
C ALA D 68 -7.92 73.23 33.74
N ILE D 69 -7.46 72.18 34.43
CA ILE D 69 -6.07 72.14 34.86
C ILE D 69 -5.13 72.18 33.69
N ALA D 70 -5.46 71.48 32.60
CA ALA D 70 -4.62 71.51 31.43
C ALA D 70 -4.63 72.90 30.82
N ASN D 71 -5.80 73.50 30.77
CA ASN D 71 -5.92 74.83 30.22
C ASN D 71 -5.18 75.90 31.02
N GLU D 72 -5.26 75.80 32.35
CA GLU D 72 -4.59 76.72 33.24
C GLU D 72 -3.12 76.66 32.96
N CYS D 73 -2.56 75.46 32.95
CA CYS D 73 -1.16 75.28 32.63
C CYS D 73 -0.85 75.61 31.19
N GLN D 74 -1.83 76.12 30.46
CA GLN D 74 -1.68 76.35 29.00
C GLN D 74 -1.06 75.13 28.30
N ALA D 75 -1.60 73.95 28.57
CA ALA D 75 -1.02 72.70 28.07
C ALA D 75 -1.97 71.95 27.14
N ASN D 76 -1.44 70.94 26.49
CA ASN D 76 -2.23 70.14 25.61
C ASN D 76 -2.92 69.10 26.38
N PHE D 77 -3.97 68.55 25.79
CA PHE D 77 -4.89 67.65 26.49
C PHE D 77 -5.27 66.49 25.61
N ILE D 78 -4.94 65.28 26.04
CA ILE D 78 -5.41 64.14 25.30
C ILE D 78 -6.39 63.35 26.16
N SER D 79 -7.52 62.99 25.55
CA SER D 79 -8.57 62.30 26.28
C SER D 79 -8.82 60.90 25.74
N ILE D 80 -8.41 59.88 26.47
CA ILE D 80 -8.78 58.54 26.07
C ILE D 80 -9.97 58.18 26.94
N LYS D 81 -11.10 57.82 26.33
CA LYS D 81 -12.30 57.37 27.06
C LYS D 81 -12.52 55.83 27.10
N GLY D 82 -13.65 55.42 27.68
CA GLY D 82 -13.95 54.01 27.96
C GLY D 82 -13.96 53.14 26.71
N PRO D 83 -14.78 53.52 25.73
CA PRO D 83 -14.89 52.72 24.52
C PRO D 83 -13.55 52.59 23.80
N GLU D 84 -12.69 53.60 23.86
CA GLU D 84 -11.38 53.47 23.26
C GLU D 84 -10.62 52.37 23.96
N LEU D 85 -10.62 52.38 25.29
CA LEU D 85 -9.96 51.30 26.10
C LEU D 85 -10.54 49.95 25.78
N LEU D 86 -11.84 49.91 25.79
CA LEU D 86 -12.47 48.67 25.43
C LEU D 86 -12.24 48.15 24.02
N THR D 87 -12.14 49.03 23.01
CA THR D 87 -11.66 48.62 21.68
C THR D 87 -10.35 47.86 21.75
N MET D 88 -9.36 48.39 22.46
CA MET D 88 -8.09 47.75 22.58
C MET D 88 -8.24 46.50 23.35
N TRP D 89 -9.19 46.45 24.25
CA TRP D 89 -9.38 45.22 24.97
C TRP D 89 -9.98 44.10 24.13
N PHE D 90 -11.05 44.41 23.41
CA PHE D 90 -11.69 43.46 22.57
C PHE D 90 -10.82 43.07 21.44
N GLY D 91 -10.20 44.03 20.75
CA GLY D 91 -9.29 43.72 19.64
C GLY D 91 -7.86 43.28 20.03
N GLU D 92 -7.59 43.12 21.32
CA GLU D 92 -6.29 42.69 21.78
C GLU D 92 -5.17 43.58 21.27
N SER D 93 -5.48 44.83 21.04
CA SER D 93 -4.52 45.74 20.48
C SER D 93 -3.99 46.75 21.49
N GLU D 94 -3.45 46.28 22.61
CA GLU D 94 -3.05 47.20 23.66
C GLU D 94 -1.73 47.86 23.37
N ALA D 95 -1.01 47.30 22.40
CA ALA D 95 0.16 47.96 21.87
C ALA D 95 -0.12 49.43 21.51
N ASN D 96 -1.34 49.76 21.12
CA ASN D 96 -1.65 51.14 20.84
C ASN D 96 -1.44 52.08 22.01
N VAL D 97 -1.36 51.54 23.21
CA VAL D 97 -1.24 52.40 24.36
C VAL D 97 0.07 53.19 24.20
N ARG D 98 1.04 52.48 23.62
CA ARG D 98 2.37 53.01 23.33
C ARG D 98 2.19 54.24 22.47
N GLU D 99 1.46 54.08 21.37
CA GLU D 99 1.23 55.15 20.44
C GLU D 99 0.61 56.37 21.14
N ILE D 100 -0.43 56.17 21.91
CA ILE D 100 -1.03 57.22 22.70
C ILE D 100 0.02 57.92 23.55
N PHE D 101 0.88 57.16 24.18
CA PHE D 101 1.86 57.76 25.05
C PHE D 101 2.88 58.58 24.27
N ASP D 102 3.31 58.05 23.12
CA ASP D 102 4.15 58.80 22.17
C ASP D 102 3.51 60.13 21.85
N LYS D 103 2.29 60.08 21.33
CA LYS D 103 1.57 61.28 21.00
C LYS D 103 1.44 62.28 22.15
N ALA D 104 1.46 61.82 23.37
CA ALA D 104 1.40 62.73 24.50
C ALA D 104 2.76 63.32 24.78
N ARG D 105 3.78 62.46 24.68
CA ARG D 105 5.17 62.80 24.95
C ARG D 105 5.56 63.87 23.97
N GLN D 106 5.14 63.65 22.73
CA GLN D 106 5.44 64.53 21.62
C GLN D 106 4.66 65.85 21.71
N ALA D 107 3.47 65.83 22.27
CA ALA D 107 2.74 67.08 22.48
C ALA D 107 2.98 67.73 23.86
N ALA D 108 4.06 67.34 24.56
CA ALA D 108 4.41 67.89 25.90
C ALA D 108 4.65 69.39 25.83
N PRO D 109 4.14 70.18 26.78
CA PRO D 109 3.44 69.83 28.03
C PRO D 109 2.00 69.38 27.79
N CYS D 110 1.63 68.29 28.43
CA CYS D 110 0.38 67.60 28.12
C CYS D 110 -0.24 66.95 29.33
N VAL D 111 -1.54 67.15 29.48
CA VAL D 111 -2.27 66.24 30.35
C VAL D 111 -2.98 65.16 29.55
N LEU D 112 -2.58 63.93 29.82
CA LEU D 112 -3.15 62.73 29.24
C LEU D 112 -4.16 62.19 30.21
N PHE D 113 -5.38 62.05 29.76
CA PHE D 113 -6.50 61.83 30.65
C PHE D 113 -7.33 60.59 30.32
N PHE D 114 -7.21 59.55 31.13
CA PHE D 114 -7.92 58.32 30.95
C PHE D 114 -9.16 58.37 31.78
N ASP D 115 -10.22 58.74 31.15
CA ASP D 115 -11.50 58.65 31.77
C ASP D 115 -12.08 57.20 31.67
N GLU D 116 -13.08 56.92 32.52
CA GLU D 116 -13.78 55.62 32.56
C GLU D 116 -12.82 54.44 32.73
N LEU D 117 -11.79 54.68 33.52
CA LEU D 117 -10.77 53.72 33.77
C LEU D 117 -11.22 52.30 34.10
N ASP D 118 -12.46 52.16 34.53
CA ASP D 118 -12.98 50.92 35.14
C ASP D 118 -13.76 50.08 34.10
N SER D 119 -13.81 50.62 32.89
CA SER D 119 -14.73 50.12 31.91
C SER D 119 -14.39 48.73 31.46
N ILE D 120 -13.12 48.35 31.48
CA ILE D 120 -12.81 46.94 31.17
C ILE D 120 -13.29 46.01 32.27
N ALA D 121 -13.02 46.42 33.51
CA ALA D 121 -13.41 45.68 34.75
C ALA D 121 -14.91 45.35 34.67
N LYS D 122 -15.76 46.37 34.51
CA LYS D 122 -17.16 46.21 34.21
C LYS D 122 -17.32 45.24 33.11
N ALA D 123 -16.65 45.45 31.99
CA ALA D 123 -16.91 44.61 30.81
C ALA D 123 -16.66 43.17 31.09
N ARG D 124 -15.74 42.87 31.98
CA ARG D 124 -15.49 41.47 32.22
C ARG D 124 -16.26 40.90 33.37
N GLY D 125 -17.15 41.69 33.94
CA GLY D 125 -18.07 41.16 34.94
C GLY D 125 -18.17 42.03 36.15
N GLY D 126 -17.15 42.87 36.32
CA GLY D 126 -17.12 43.95 37.31
C GLY D 126 -17.11 43.46 38.75
N ASN D 127 -18.12 43.90 39.49
CA ASN D 127 -18.39 43.54 40.89
C ASN D 127 -18.13 42.02 41.22
N ILE D 128 -18.75 41.11 40.45
CA ILE D 128 -18.49 39.64 40.52
C ILE D 128 -17.28 39.15 39.69
N GLY D 129 -17.31 39.40 38.38
CA GLY D 129 -16.13 39.20 37.49
C GLY D 129 -16.00 37.88 36.76
N ASP D 130 -14.79 37.63 36.24
CA ASP D 130 -14.38 36.36 35.61
C ASP D 130 -13.38 35.63 36.53
N GLY D 131 -12.57 34.71 35.98
CA GLY D 131 -11.61 33.94 36.77
C GLY D 131 -10.54 34.77 37.51
N GLY D 132 -9.81 35.59 36.74
CA GLY D 132 -8.58 36.22 37.21
C GLY D 132 -8.68 37.41 38.13
N GLY D 133 -7.54 37.99 38.44
CA GLY D 133 -7.47 39.17 39.29
C GLY D 133 -7.70 40.47 38.55
N ALA D 134 -7.30 41.55 39.20
CA ALA D 134 -7.63 42.88 38.69
C ALA D 134 -6.94 43.24 37.38
N ALA D 135 -5.76 42.67 37.14
CA ALA D 135 -5.06 42.93 35.92
C ALA D 135 -5.84 42.61 34.65
N ASP D 136 -5.59 43.41 33.65
CA ASP D 136 -6.08 43.18 32.31
C ASP D 136 -5.04 43.79 31.35
N ARG D 137 -4.99 43.24 30.13
CA ARG D 137 -3.93 43.56 29.20
C ARG D 137 -3.79 45.06 28.90
N VAL D 138 -4.92 45.75 28.80
CA VAL D 138 -4.91 47.17 28.45
C VAL D 138 -4.46 48.08 29.57
N ILE D 139 -5.05 47.94 30.75
CA ILE D 139 -4.62 48.78 31.86
C ILE D 139 -3.19 48.45 32.10
N ASN D 140 -2.89 47.18 31.98
CA ASN D 140 -1.53 46.81 32.28
C ASN D 140 -0.54 47.57 31.44
N GLN D 141 -0.90 47.70 30.17
CA GLN D 141 -0.09 48.46 29.25
C GLN D 141 0.03 49.89 29.70
N ILE D 142 -1.07 50.50 30.07
CA ILE D 142 -0.99 51.86 30.59
C ILE D 142 0.06 51.94 31.69
N LEU D 143 0.12 50.91 32.51
CA LEU D 143 1.01 50.94 33.63
C LEU D 143 2.45 50.89 33.19
N THR D 144 2.78 50.03 32.24
CA THR D 144 4.15 49.97 31.74
C THR D 144 4.52 51.30 31.13
N GLU D 145 3.71 51.74 30.20
CA GLU D 145 3.89 53.01 29.56
C GLU D 145 4.00 54.13 30.55
N MET D 146 3.88 53.86 31.82
CA MET D 146 3.89 54.91 32.76
C MET D 146 5.12 54.73 33.63
N ASP D 147 5.62 53.51 33.66
CA ASP D 147 6.79 53.19 34.41
C ASP D 147 7.97 53.62 33.59
N GLY D 148 7.91 53.31 32.29
CA GLY D 148 8.94 53.69 31.33
C GLY D 148 8.92 55.14 30.87
N MET D 149 7.86 55.87 31.19
CA MET D 149 7.76 57.26 30.80
C MET D 149 8.47 58.13 31.81
N SER D 150 9.61 58.67 31.41
CA SER D 150 10.46 59.46 32.30
C SER D 150 9.72 60.60 33.01
N THR D 151 9.85 60.65 34.34
CA THR D 151 9.27 61.69 35.18
C THR D 151 9.55 63.09 34.62
N LYS D 152 10.67 63.20 33.90
CA LYS D 152 11.25 64.47 33.46
C LYS D 152 10.78 64.95 32.08
N LYS D 153 9.88 64.20 31.43
CA LYS D 153 9.13 64.74 30.26
C LYS D 153 8.08 65.67 30.84
N ASN D 154 7.15 66.15 30.02
CA ASN D 154 6.18 67.06 30.61
C ASN D 154 4.75 66.57 30.50
N VAL D 155 4.56 65.28 30.70
CA VAL D 155 3.27 64.62 30.55
C VAL D 155 2.65 64.33 31.92
N PHE D 156 1.48 64.90 32.19
CA PHE D 156 0.80 64.62 33.42
C PHE D 156 -0.42 63.72 33.21
N ILE D 157 -0.46 62.56 33.86
CA ILE D 157 -1.54 61.63 33.62
C ILE D 157 -2.66 61.78 34.64
N ILE D 158 -3.89 61.80 34.16
CA ILE D 158 -5.06 61.83 35.03
C ILE D 158 -6.04 60.67 34.73
N GLY D 159 -6.37 59.85 35.73
CA GLY D 159 -7.36 58.80 35.59
C GLY D 159 -8.66 59.22 36.28
N ALA D 160 -9.78 58.64 35.88
CA ALA D 160 -11.08 58.97 36.47
C ALA D 160 -11.92 57.75 36.43
N THR D 161 -12.70 57.56 37.47
CA THR D 161 -13.50 56.38 37.56
C THR D 161 -14.61 56.70 38.52
N ASN D 162 -15.76 56.15 38.29
CA ASN D 162 -16.74 56.17 39.33
C ASN D 162 -16.96 54.78 39.88
N ARG D 163 -16.03 53.85 39.67
CA ARG D 163 -16.17 52.53 40.30
C ARG D 163 -14.81 52.13 40.76
N PRO D 164 -14.28 52.90 41.74
CA PRO D 164 -12.92 52.69 42.21
C PRO D 164 -12.83 51.30 42.89
N ASP D 165 -13.88 50.79 43.51
CA ASP D 165 -13.82 49.38 43.95
C ASP D 165 -13.23 48.38 42.93
N ILE D 166 -13.44 48.60 41.62
CA ILE D 166 -13.04 47.57 40.64
C ILE D 166 -11.76 47.88 39.87
N ILE D 167 -11.30 49.13 39.96
CA ILE D 167 -9.96 49.55 39.55
C ILE D 167 -8.83 48.58 40.01
N ASP D 168 -7.87 48.22 39.14
CA ASP D 168 -6.65 47.51 39.60
C ASP D 168 -5.79 48.38 40.59
N PRO D 169 -5.60 47.88 41.84
CA PRO D 169 -4.79 48.51 42.88
C PRO D 169 -3.42 48.96 42.40
N ALA D 170 -2.83 48.21 41.44
CA ALA D 170 -1.53 48.55 40.91
C ALA D 170 -1.51 49.97 40.38
N ILE D 171 -2.65 50.51 39.98
CA ILE D 171 -2.66 51.86 39.47
C ILE D 171 -2.37 52.88 40.55
N LEU D 172 -2.49 52.48 41.81
CA LEU D 172 -2.29 53.39 42.93
C LEU D 172 -0.93 53.34 43.60
N ARG D 173 -0.12 52.32 43.32
CA ARG D 173 1.26 52.27 43.84
C ARG D 173 2.11 53.52 43.54
N PRO D 174 3.12 53.80 44.41
CA PRO D 174 4.06 54.90 44.17
C PRO D 174 4.61 54.91 42.75
N GLY D 175 4.70 56.11 42.18
CA GLY D 175 5.25 56.29 40.84
C GLY D 175 4.21 56.15 39.74
N ARG D 176 2.94 56.09 40.14
CA ARG D 176 1.83 55.98 39.19
C ARG D 176 0.77 57.01 39.52
N LEU D 177 -0.48 56.60 39.71
CA LEU D 177 -1.47 57.57 40.12
C LEU D 177 -1.55 57.54 41.62
N ASP D 178 -0.67 58.32 42.23
CA ASP D 178 -0.48 58.33 43.66
C ASP D 178 -1.55 59.13 44.32
N GLN D 179 -1.96 60.21 43.69
CA GLN D 179 -2.88 61.10 44.37
C GLN D 179 -4.26 60.67 44.11
N LEU D 180 -4.87 59.97 45.05
CA LEU D 180 -6.29 59.73 45.01
C LEU D 180 -7.01 61.02 45.33
N ILE D 181 -8.04 61.37 44.59
CA ILE D 181 -8.85 62.53 44.93
C ILE D 181 -10.33 62.24 44.72
N TYR D 182 -11.14 62.43 45.77
CA TYR D 182 -12.56 62.18 45.73
C TYR D 182 -13.27 63.43 45.26
N ILE D 183 -13.97 63.33 44.13
CA ILE D 183 -14.89 64.39 43.70
C ILE D 183 -16.32 63.98 44.06
N PRO D 184 -16.83 64.54 45.17
CA PRO D 184 -18.10 64.16 45.78
C PRO D 184 -19.24 64.87 45.10
N LEU D 185 -20.48 64.50 45.42
CA LEU D 185 -21.63 65.23 44.95
C LEU D 185 -21.49 66.62 45.43
N PRO D 186 -22.03 67.60 44.67
CA PRO D 186 -21.95 69.00 45.11
C PRO D 186 -22.86 69.26 46.28
N ASP D 187 -22.37 70.00 47.27
CA ASP D 187 -23.18 70.36 48.44
C ASP D 187 -24.07 71.59 48.20
N GLU D 188 -24.83 71.93 49.23
CA GLU D 188 -25.59 73.16 49.38
C GLU D 188 -25.05 74.41 48.63
N LYS D 189 -23.88 74.91 49.06
CA LYS D 189 -23.20 76.08 48.46
C LYS D 189 -22.75 75.82 47.05
N SER D 190 -22.12 74.66 46.85
CA SER D 190 -21.57 74.23 45.58
C SER D 190 -22.62 74.29 44.52
N ARG D 191 -23.80 73.75 44.80
CA ARG D 191 -24.85 73.74 43.81
C ARG D 191 -25.10 75.16 43.27
N VAL D 192 -25.07 76.16 44.14
CA VAL D 192 -25.24 77.53 43.69
C VAL D 192 -24.17 77.84 42.67
N ALA D 193 -22.90 77.69 43.06
CA ALA D 193 -21.74 77.93 42.17
C ALA D 193 -21.90 77.26 40.81
N ILE D 194 -22.28 76.01 40.82
CA ILE D 194 -22.46 75.21 39.61
C ILE D 194 -23.52 75.85 38.76
N LEU D 195 -24.58 76.35 39.37
CA LEU D 195 -25.63 76.98 38.59
C LEU D 195 -25.09 78.25 37.94
N LYS D 196 -24.41 79.06 38.74
CA LYS D 196 -23.80 80.29 38.26
C LYS D 196 -22.82 80.00 37.14
N ALA D 197 -21.92 79.05 37.35
CA ALA D 197 -20.96 78.68 36.33
C ALA D 197 -21.64 78.26 35.04
N ASN D 198 -22.69 77.47 35.18
CA ASN D 198 -23.40 76.94 34.04
C ASN D 198 -24.17 78.03 33.33
N LEU D 199 -24.35 79.16 33.98
CA LEU D 199 -25.17 80.20 33.38
C LEU D 199 -24.36 81.46 33.08
N ARG D 200 -23.07 81.39 33.40
CA ARG D 200 -22.13 82.48 33.13
C ARG D 200 -22.34 83.11 31.77
N LYS D 201 -22.52 82.30 30.75
CA LYS D 201 -22.64 82.82 29.39
C LYS D 201 -24.09 82.80 28.91
N SER D 202 -25.00 83.26 29.79
CA SER D 202 -26.46 83.20 29.55
C SER D 202 -27.25 84.40 30.09
N PRO D 203 -28.32 84.78 29.39
CA PRO D 203 -29.18 85.88 29.83
C PRO D 203 -30.16 85.44 30.92
N VAL D 204 -29.66 85.34 32.15
CA VAL D 204 -30.46 84.96 33.31
C VAL D 204 -31.34 86.12 33.77
N ALA D 205 -32.65 85.91 33.79
CA ALA D 205 -33.57 86.92 34.32
C ALA D 205 -33.21 87.29 35.78
N LYS D 206 -33.30 88.58 36.10
CA LYS D 206 -32.85 89.11 37.39
C LYS D 206 -33.52 88.49 38.61
N ASP D 207 -34.83 88.28 38.53
CA ASP D 207 -35.61 87.69 39.61
C ASP D 207 -35.24 86.24 39.99
N VAL D 208 -34.97 85.39 38.99
CA VAL D 208 -34.65 83.96 39.18
C VAL D 208 -33.68 83.68 40.33
N ASP D 209 -34.13 82.89 41.30
CA ASP D 209 -33.36 82.67 42.51
C ASP D 209 -32.68 81.32 42.47
N LEU D 210 -31.36 81.35 42.31
CA LEU D 210 -30.56 80.13 42.27
C LEU D 210 -30.26 79.55 43.65
N GLU D 211 -30.01 80.43 44.62
CA GLU D 211 -29.73 80.03 46.01
C GLU D 211 -30.84 79.10 46.50
N PHE D 212 -32.02 79.29 45.93
CA PHE D 212 -33.20 78.52 46.26
C PHE D 212 -33.19 77.20 45.51
N LEU D 213 -33.01 77.29 44.20
CA LEU D 213 -32.80 76.11 43.39
C LEU D 213 -31.79 75.14 43.98
N ALA D 214 -30.72 75.72 44.53
CA ALA D 214 -29.70 74.98 45.24
C ALA D 214 -30.26 74.26 46.46
N LYS D 215 -31.14 74.94 47.23
CA LYS D 215 -31.85 74.30 48.36
C LYS D 215 -32.75 73.16 47.86
N MET D 216 -33.22 73.26 46.62
CA MET D 216 -34.19 72.31 46.08
C MET D 216 -33.67 71.00 45.55
N THR D 217 -32.36 70.87 45.55
CA THR D 217 -31.70 69.77 44.86
C THR D 217 -30.73 69.04 45.78
N ASN D 218 -30.73 67.72 45.77
CA ASN D 218 -29.70 67.06 46.56
C ASN D 218 -28.77 66.07 45.91
N GLY D 219 -29.20 64.81 45.83
CA GLY D 219 -28.45 63.75 45.15
C GLY D 219 -28.21 64.22 43.75
N PHE D 220 -28.38 65.54 43.59
CA PHE D 220 -28.11 66.25 42.37
C PHE D 220 -26.66 66.46 42.22
N SER D 221 -26.19 65.94 41.11
CA SER D 221 -24.83 66.11 40.66
C SER D 221 -24.80 67.29 39.68
N GLY D 222 -23.60 67.84 39.47
CA GLY D 222 -23.36 68.89 38.49
C GLY D 222 -24.14 68.60 37.24
N ALA D 223 -23.95 67.41 36.66
CA ALA D 223 -24.65 66.98 35.46
C ALA D 223 -26.14 67.17 35.55
N ASP D 224 -26.72 66.70 36.64
CA ASP D 224 -28.14 66.84 36.88
C ASP D 224 -28.58 68.31 36.86
N LEU D 225 -27.73 69.19 37.36
CA LEU D 225 -28.07 70.58 37.48
C LEU D 225 -28.03 71.21 36.10
N THR D 226 -26.95 70.93 35.40
CA THR D 226 -26.80 71.34 34.03
C THR D 226 -28.01 70.97 33.24
N GLU D 227 -28.46 69.73 33.39
CA GLU D 227 -29.68 69.23 32.74
C GLU D 227 -30.88 70.18 32.95
N ILE D 228 -31.09 70.68 34.16
CA ILE D 228 -32.15 71.64 34.46
C ILE D 228 -32.01 72.94 33.64
N CYS D 229 -30.88 73.63 33.76
CA CYS D 229 -30.62 74.80 32.94
C CYS D 229 -30.94 74.55 31.50
N GLN D 230 -30.37 73.50 30.93
CA GLN D 230 -30.69 73.18 29.56
C GLN D 230 -32.18 73.10 29.27
N ARG D 231 -32.97 72.41 30.09
CA ARG D 231 -34.41 72.34 29.82
C ARG D 231 -34.95 73.75 29.90
N ALA D 232 -34.47 74.54 30.84
CA ALA D 232 -34.89 75.93 30.97
C ALA D 232 -34.59 76.69 29.67
N CYS D 233 -33.37 76.59 29.15
CA CYS D 233 -33.04 77.20 27.87
C CYS D 233 -33.96 76.78 26.79
N LYS D 234 -34.04 75.46 26.58
CA LYS D 234 -34.87 74.88 25.53
C LYS D 234 -36.28 75.41 25.64
N LEU D 235 -36.74 75.75 26.85
CA LEU D 235 -38.09 76.31 27.04
C LEU D 235 -38.14 77.74 26.57
N ALA D 236 -37.14 78.51 26.95
CA ALA D 236 -36.96 79.88 26.50
C ALA D 236 -36.83 79.97 24.97
N ILE D 237 -35.95 79.19 24.37
CA ILE D 237 -35.82 79.18 22.91
C ILE D 237 -37.15 78.86 22.23
N ARG D 238 -37.77 77.73 22.62
CA ARG D 238 -39.10 77.34 22.11
C ARG D 238 -40.13 78.43 22.39
N GLU D 239 -40.00 79.09 23.54
CA GLU D 239 -40.89 80.14 23.93
C GLU D 239 -40.62 81.41 23.11
N SER D 240 -39.38 81.60 22.70
CA SER D 240 -38.97 82.73 21.86
C SER D 240 -39.46 82.50 20.43
N ILE D 241 -38.88 81.53 19.72
CA ILE D 241 -39.26 81.19 18.34
C ILE D 241 -40.78 81.11 18.18
N GLU D 242 -41.46 80.76 19.26
CA GLU D 242 -42.91 80.74 19.29
C GLU D 242 -43.51 82.12 18.99
N SER D 243 -43.13 83.13 19.77
CA SER D 243 -43.76 84.47 19.69
C SER D 243 -43.67 85.15 18.30
N GLU D 244 -42.54 85.04 17.61
CA GLU D 244 -42.37 85.67 16.29
C GLU D 244 -43.33 85.09 15.26
N ILE D 245 -43.20 83.79 15.03
CA ILE D 245 -43.95 83.07 14.01
C ILE D 245 -45.39 82.84 14.46
N VAL D 266 -37.29 90.00 23.21
CA VAL D 266 -38.04 89.10 24.11
C VAL D 266 -37.23 87.91 24.76
N PRO D 267 -35.88 87.81 24.53
CA PRO D 267 -35.08 86.67 25.03
C PRO D 267 -34.25 86.88 26.32
N GLU D 268 -34.79 86.44 27.46
CA GLU D 268 -34.08 86.38 28.74
C GLU D 268 -34.66 85.18 29.44
N ILE D 269 -33.81 84.23 29.77
CA ILE D 269 -34.29 83.00 30.41
C ILE D 269 -34.83 83.29 31.84
N ARG D 270 -36.13 83.08 32.04
CA ARG D 270 -36.79 83.62 33.25
C ARG D 270 -37.47 82.61 34.16
N ARG D 271 -37.91 83.11 35.32
CA ARG D 271 -38.45 82.33 36.40
C ARG D 271 -39.23 81.09 35.99
N ASP D 272 -40.34 81.30 35.30
CA ASP D 272 -41.31 80.27 34.96
C ASP D 272 -40.74 79.20 34.05
N HIS D 273 -39.65 79.55 33.37
CA HIS D 273 -38.92 78.58 32.59
C HIS D 273 -38.23 77.61 33.50
N PHE D 274 -37.47 78.14 34.46
CA PHE D 274 -36.87 77.27 35.44
C PHE D 274 -37.93 76.49 36.16
N GLU D 275 -39.02 77.14 36.51
CA GLU D 275 -40.09 76.45 37.23
C GLU D 275 -40.56 75.26 36.44
N GLU D 276 -40.89 75.47 35.19
CA GLU D 276 -41.36 74.38 34.37
C GLU D 276 -40.22 73.40 33.99
N ALA D 277 -38.97 73.83 34.03
CA ALA D 277 -37.86 72.92 33.81
C ALA D 277 -37.74 71.95 34.96
N MET D 278 -38.04 72.47 36.15
CA MET D 278 -37.95 71.72 37.40
C MET D 278 -38.90 70.57 37.44
N ARG D 279 -39.96 70.65 36.65
CA ARG D 279 -40.97 69.58 36.61
C ARG D 279 -40.40 68.25 36.09
N PHE D 280 -39.18 68.31 35.54
CA PHE D 280 -38.51 67.11 35.02
C PHE D 280 -37.11 66.91 35.61
N ALA D 281 -36.91 67.27 36.87
CA ALA D 281 -35.58 67.12 37.46
C ALA D 281 -35.41 65.70 37.92
N ARG D 282 -34.31 65.08 37.52
CA ARG D 282 -33.98 63.76 38.01
C ARG D 282 -32.83 63.86 38.98
N ARG D 283 -32.43 62.74 39.57
CA ARG D 283 -31.19 62.67 40.28
C ARG D 283 -30.47 61.52 39.64
N SER D 284 -29.30 61.74 39.06
CA SER D 284 -28.58 60.60 38.48
C SER D 284 -28.09 59.62 39.59
N VAL D 285 -27.63 60.16 40.71
CA VAL D 285 -27.05 59.30 41.72
C VAL D 285 -28.07 58.97 42.77
N SER D 286 -28.28 57.69 43.02
CA SER D 286 -29.12 57.26 44.12
C SER D 286 -28.34 57.10 45.44
N ASP D 287 -29.04 57.30 46.54
CA ASP D 287 -28.50 57.21 47.91
C ASP D 287 -27.61 55.99 48.18
N ASN D 288 -28.03 54.81 47.72
CA ASN D 288 -27.24 53.59 47.87
C ASN D 288 -25.87 53.82 47.29
N ASP D 289 -25.85 54.21 46.02
CA ASP D 289 -24.60 54.53 45.38
C ASP D 289 -23.79 55.51 46.21
N ILE D 290 -24.42 56.64 46.57
CA ILE D 290 -23.74 57.68 47.34
C ILE D 290 -23.07 57.04 48.57
N ARG D 291 -23.87 56.32 49.34
CA ARG D 291 -23.35 55.54 50.45
C ARG D 291 -22.12 54.76 50.03
N LYS D 292 -22.24 54.03 48.92
CA LYS D 292 -21.14 53.24 48.43
C LYS D 292 -19.91 54.08 48.24
N TYR D 293 -20.04 55.32 47.76
CA TYR D 293 -18.83 56.16 47.57
C TYR D 293 -18.13 56.50 48.86
N GLU D 294 -18.91 56.79 49.88
CA GLU D 294 -18.35 57.08 51.20
C GLU D 294 -17.55 55.90 51.73
N MET D 295 -18.05 54.69 51.49
CA MET D 295 -17.33 53.46 51.87
C MET D 295 -16.01 53.44 51.12
N PHE D 296 -16.08 53.59 49.80
CA PHE D 296 -14.89 53.64 48.96
C PHE D 296 -14.03 54.76 49.54
N ALA D 297 -14.63 55.94 49.71
CA ALA D 297 -13.94 57.15 50.21
C ALA D 297 -13.28 57.00 51.56
N GLN D 298 -13.82 56.15 52.41
CA GLN D 298 -13.28 55.94 53.72
C GLN D 298 -11.95 55.20 53.66
N THR D 299 -11.95 53.97 53.16
CA THR D 299 -10.71 53.20 53.05
C THR D 299 -9.74 53.88 52.11
N LEU D 300 -10.22 54.26 50.95
CA LEU D 300 -9.38 54.87 49.91
C LEU D 300 -8.68 56.17 50.38
N GLN D 301 -9.30 56.93 51.30
CA GLN D 301 -8.64 58.12 51.89
C GLN D 301 -8.24 57.88 53.34
N ALA E 1 4.64 42.66 22.90
CA ALA E 1 4.80 44.15 22.91
C ALA E 1 5.83 44.62 23.98
N LEU E 2 6.89 43.82 24.29
CA LEU E 2 7.75 44.09 25.49
C LEU E 2 8.48 45.45 25.51
N ARG E 3 8.35 46.18 26.62
CA ARG E 3 9.02 47.47 26.86
C ARG E 3 10.55 47.35 26.66
N GLU E 4 11.26 48.48 26.62
CA GLU E 4 12.73 48.45 26.38
C GLU E 4 13.56 48.30 27.68
N THR E 5 14.47 47.32 27.72
CA THR E 5 15.30 47.08 28.92
C THR E 5 16.31 48.19 29.17
N VAL E 6 16.18 48.89 30.30
CA VAL E 6 16.97 50.09 30.57
C VAL E 6 18.03 49.84 31.64
N VAL E 7 19.31 49.90 31.27
CA VAL E 7 20.33 49.80 32.29
C VAL E 7 20.47 51.19 32.81
N GLU E 8 20.92 51.33 34.04
CA GLU E 8 21.07 52.63 34.67
C GLU E 8 22.03 52.57 35.85
N VAL E 9 22.50 53.72 36.29
CA VAL E 9 23.31 53.73 37.50
C VAL E 9 22.43 54.20 38.64
N PRO E 10 22.32 53.37 39.67
CA PRO E 10 21.47 53.65 40.77
C PRO E 10 21.93 54.94 41.42
N GLN E 11 21.01 55.90 41.41
CA GLN E 11 21.09 57.24 42.01
C GLN E 11 21.13 57.20 43.56
N VAL E 12 20.56 56.16 44.18
CA VAL E 12 20.33 56.07 45.64
C VAL E 12 21.35 55.27 46.46
N THR E 13 21.69 55.80 47.64
CA THR E 13 22.74 55.25 48.51
C THR E 13 22.20 54.89 49.87
N TRP E 14 22.99 54.19 50.68
CA TRP E 14 22.54 53.81 52.00
C TRP E 14 22.04 54.96 52.85
N GLU E 15 22.55 56.15 52.65
CA GLU E 15 22.09 57.32 53.40
C GLU E 15 20.59 57.59 53.21
N ASP E 16 20.04 57.24 52.05
CA ASP E 16 18.66 57.54 51.76
C ASP E 16 17.74 56.49 52.35
N ILE E 17 18.33 55.45 52.92
CA ILE E 17 17.58 54.37 53.56
C ILE E 17 17.60 54.48 55.10
N GLY E 18 16.42 54.76 55.68
CA GLY E 18 16.27 54.80 57.12
C GLY E 18 16.24 53.39 57.69
N GLY E 19 17.09 53.12 58.67
CA GLY E 19 17.03 51.88 59.43
C GLY E 19 17.55 50.73 58.62
N LEU E 20 17.17 49.51 59.02
CA LEU E 20 17.57 48.29 58.30
C LEU E 20 19.09 48.04 58.32
N GLU E 21 19.75 48.37 59.43
CA GLU E 21 21.19 48.29 59.49
C GLU E 21 21.67 46.87 59.28
N ASP E 22 21.09 45.96 60.04
CA ASP E 22 21.27 44.54 59.90
C ASP E 22 21.26 44.01 58.46
N VAL E 23 20.27 44.39 57.64
CA VAL E 23 20.18 43.88 56.26
C VAL E 23 21.20 44.52 55.34
N LYS E 24 21.43 45.82 55.50
CA LYS E 24 22.49 46.53 54.76
C LYS E 24 23.78 45.79 54.89
N ARG E 25 24.11 45.42 56.12
CA ARG E 25 25.31 44.67 56.44
C ARG E 25 25.25 43.34 55.75
N GLU E 26 24.16 42.61 55.95
CA GLU E 26 23.92 41.31 55.32
C GLU E 26 24.01 41.34 53.81
N LEU E 27 23.46 42.38 53.19
CA LEU E 27 23.55 42.58 51.74
C LEU E 27 24.97 42.80 51.23
N GLN E 28 25.73 43.66 51.90
CA GLN E 28 27.16 43.78 51.60
C GLN E 28 27.89 42.45 51.68
N GLU E 29 27.66 41.70 52.74
CA GLU E 29 28.28 40.41 52.87
C GLU E 29 27.95 39.48 51.72
N LEU E 30 26.92 39.77 50.95
CA LEU E 30 26.49 38.85 49.91
C LEU E 30 26.95 39.21 48.54
N VAL E 31 27.20 40.50 48.34
CA VAL E 31 27.70 41.02 47.06
C VAL E 31 29.10 41.66 47.12
N GLN E 32 29.43 42.44 48.17
CA GLN E 32 30.76 43.07 48.30
C GLN E 32 31.77 41.99 48.51
N TYR E 33 31.67 41.30 49.64
CA TYR E 33 32.67 40.34 50.03
C TYR E 33 33.10 39.34 48.95
N PRO E 34 32.16 38.70 48.23
CA PRO E 34 32.61 37.81 47.17
C PRO E 34 33.45 38.48 46.06
N VAL E 35 33.17 39.75 45.73
CA VAL E 35 33.88 40.48 44.66
C VAL E 35 35.17 41.16 45.13
N GLU E 36 35.12 41.79 46.28
CA GLU E 36 36.23 42.51 46.80
C GLU E 36 37.08 41.69 47.71
N HIS E 37 36.74 40.43 47.92
CA HIS E 37 37.59 39.55 48.69
C HIS E 37 37.55 38.15 48.16
N PRO E 38 37.68 37.99 46.84
CA PRO E 38 37.55 36.65 46.30
C PRO E 38 38.50 35.72 47.01
N ASP E 39 39.64 36.25 47.45
CA ASP E 39 40.63 35.49 48.20
C ASP E 39 40.07 34.79 49.44
N LYS E 40 39.27 35.50 50.23
CA LYS E 40 38.73 34.94 51.45
C LYS E 40 37.66 33.85 51.20
N PHE E 41 36.94 33.99 50.11
CA PHE E 41 35.94 33.01 49.76
C PHE E 41 36.63 31.77 49.26
N LEU E 42 37.70 31.93 48.49
CA LEU E 42 38.49 30.79 48.02
C LEU E 42 39.22 30.11 49.19
N LYS E 43 39.71 30.93 50.13
CA LYS E 43 40.38 30.43 51.33
C LYS E 43 39.50 29.50 52.14
N PHE E 44 38.30 29.96 52.48
CA PHE E 44 37.35 29.16 53.27
C PHE E 44 36.57 28.16 52.43
N GLY E 45 36.66 28.29 51.10
CA GLY E 45 36.04 27.33 50.21
C GLY E 45 34.64 27.72 49.72
N MET E 46 33.73 28.01 50.64
CA MET E 46 32.35 28.36 50.30
C MET E 46 32.21 29.35 49.13
N THR E 47 31.32 29.03 48.20
CA THR E 47 31.05 29.85 47.02
C THR E 47 29.78 30.67 47.22
N PRO E 48 29.72 31.91 46.65
CA PRO E 48 28.71 32.92 47.00
C PRO E 48 27.31 32.55 46.49
N SER E 49 26.30 33.37 46.79
CA SER E 49 24.94 33.07 46.33
C SER E 49 24.53 33.94 45.13
N LYS E 50 23.68 33.38 44.27
CA LYS E 50 23.29 34.01 42.99
C LYS E 50 22.32 35.16 43.19
N GLY E 51 21.57 35.13 44.29
CA GLY E 51 20.46 36.03 44.42
C GLY E 51 19.77 36.00 45.76
N VAL E 52 18.71 36.81 45.89
CA VAL E 52 18.11 37.16 47.12
C VAL E 52 16.68 37.49 46.86
N LEU E 53 15.78 37.08 47.74
CA LEU E 53 14.43 37.47 47.66
C LEU E 53 14.13 38.35 48.86
N PHE E 54 13.79 39.64 48.67
CA PHE E 54 13.16 40.44 49.72
C PHE E 54 11.65 40.25 49.70
N TYR E 55 11.05 40.04 50.88
CA TYR E 55 9.59 40.00 51.00
C TYR E 55 9.24 40.78 52.21
N GLY E 56 8.01 41.26 52.26
CA GLY E 56 7.57 42.14 53.32
C GLY E 56 6.41 42.97 52.84
N PRO E 57 5.81 43.76 53.76
CA PRO E 57 4.82 44.75 53.32
C PRO E 57 5.40 45.83 52.35
N PRO E 58 4.51 46.44 51.57
CA PRO E 58 4.79 47.47 50.58
C PRO E 58 5.23 48.78 51.23
N GLY E 59 6.36 49.34 50.76
CA GLY E 59 6.72 50.72 51.04
C GLY E 59 7.64 50.67 52.19
N CYS E 60 8.53 49.69 52.19
CA CYS E 60 9.42 49.53 53.34
C CYS E 60 10.86 49.51 52.95
N GLY E 61 11.09 49.72 51.64
CA GLY E 61 12.43 49.93 51.09
C GLY E 61 13.04 48.78 50.35
N LYS E 62 12.22 47.79 49.96
CA LYS E 62 12.69 46.66 49.11
C LYS E 62 13.44 47.13 47.82
N THR E 63 12.85 48.13 47.16
CA THR E 63 13.54 48.80 46.10
C THR E 63 14.79 49.57 46.52
N LEU E 64 14.70 50.39 47.58
CA LEU E 64 15.89 51.19 47.93
C LEU E 64 17.07 50.28 48.13
N LEU E 65 16.82 49.24 48.90
CA LEU E 65 17.85 48.26 49.15
C LEU E 65 18.40 47.74 47.86
N ALA E 66 17.54 47.25 46.97
CA ALA E 66 18.07 46.68 45.70
C ALA E 66 18.96 47.72 44.94
N LYS E 67 18.57 48.98 44.98
CA LYS E 67 19.30 49.99 44.26
C LYS E 67 20.54 50.48 44.97
N ALA E 68 20.42 50.78 46.27
CA ALA E 68 21.57 51.19 47.04
C ALA E 68 22.67 50.12 46.96
N ILE E 69 22.32 48.86 47.13
CA ILE E 69 23.34 47.84 47.01
C ILE E 69 24.06 47.88 45.66
N ALA E 70 23.34 47.95 44.57
CA ALA E 70 23.97 48.13 43.27
C ALA E 70 24.81 49.33 43.21
N ASN E 71 24.35 50.44 43.73
CA ASN E 71 25.15 51.65 43.71
C ASN E 71 26.42 51.60 44.55
N GLU E 72 26.35 50.92 45.70
CA GLU E 72 27.50 50.72 46.59
C GLU E 72 28.54 49.92 45.86
N CYS E 73 28.14 48.83 45.23
CA CYS E 73 29.06 48.07 44.45
C CYS E 73 29.46 48.76 43.20
N GLN E 74 29.05 50.02 43.03
CA GLN E 74 29.29 50.75 41.77
C GLN E 74 28.91 49.90 40.52
N ALA E 75 27.69 49.32 40.54
CA ALA E 75 27.23 48.41 39.48
C ALA E 75 26.02 48.95 38.77
N ASN E 76 25.71 48.27 37.70
CA ASN E 76 24.55 48.58 36.91
C ASN E 76 23.32 47.96 37.50
N PHE E 77 22.19 48.55 37.17
CA PHE E 77 20.96 48.18 37.76
C PHE E 77 19.87 48.02 36.69
N ILE E 78 19.31 46.84 36.56
CA ILE E 78 18.16 46.72 35.70
C ILE E 78 16.91 46.37 36.53
N SER E 79 15.83 47.08 36.29
CA SER E 79 14.65 46.87 37.05
C SER E 79 13.55 46.39 36.17
N ILE E 80 13.10 45.16 36.36
CA ILE E 80 11.94 44.67 35.66
C ILE E 80 10.86 44.72 36.72
N LYS E 81 9.76 45.38 36.43
CA LYS E 81 8.64 45.44 37.39
C LYS E 81 7.43 44.58 36.98
N GLY E 82 6.32 44.71 37.73
CA GLY E 82 5.13 43.85 37.60
C GLY E 82 4.54 43.85 36.21
N PRO E 83 4.14 45.03 35.75
CA PRO E 83 3.51 45.18 34.43
C PRO E 83 4.37 44.65 33.27
N GLU E 84 5.69 44.70 33.39
CA GLU E 84 6.51 44.18 32.33
C GLU E 84 6.37 42.68 32.34
N LEU E 85 6.47 42.06 33.54
CA LEU E 85 6.24 40.60 33.68
C LEU E 85 4.88 40.23 33.12
N LEU E 86 3.85 40.96 33.53
CA LEU E 86 2.52 40.71 33.05
C LEU E 86 2.34 40.80 31.56
N THR E 87 2.98 41.79 30.94
CA THR E 87 3.00 41.89 29.45
C THR E 87 3.45 40.58 28.85
N MET E 88 4.53 40.03 29.39
CA MET E 88 5.03 38.77 28.84
C MET E 88 4.06 37.62 29.11
N TRP E 89 3.31 37.78 30.18
CA TRP E 89 2.41 36.74 30.48
C TRP E 89 1.19 36.82 29.53
N PHE E 90 0.54 37.99 29.46
CA PHE E 90 -0.57 38.16 28.55
C PHE E 90 -0.16 37.86 27.10
N GLY E 91 0.96 38.46 26.65
CA GLY E 91 1.39 38.28 25.26
C GLY E 91 2.03 36.94 24.96
N GLU E 92 2.22 36.09 25.96
CA GLU E 92 2.90 34.81 25.73
C GLU E 92 4.34 34.96 25.21
N SER E 93 4.97 36.06 25.51
CA SER E 93 6.26 36.34 24.96
C SER E 93 7.31 36.25 26.06
N GLU E 94 7.41 35.08 26.70
CA GLU E 94 8.31 34.97 27.82
C GLU E 94 9.69 34.75 27.30
N ALA E 95 9.84 34.54 25.98
CA ALA E 95 11.18 34.42 25.40
C ALA E 95 11.97 35.71 25.63
N ASN E 96 11.31 36.84 25.76
CA ASN E 96 12.01 38.04 26.14
C ASN E 96 12.81 38.02 27.41
N VAL E 97 12.59 37.03 28.25
CA VAL E 97 13.25 36.95 29.55
C VAL E 97 14.72 36.77 29.23
N ARG E 98 14.95 35.99 28.17
CA ARG E 98 16.26 35.71 27.65
C ARG E 98 16.96 36.99 27.30
N GLU E 99 16.26 37.87 26.57
CA GLU E 99 16.75 39.19 26.20
C GLU E 99 17.16 40.05 27.43
N ILE E 100 16.29 40.14 28.42
CA ILE E 100 16.62 40.77 29.68
C ILE E 100 17.88 40.20 30.27
N PHE E 101 18.02 38.89 30.28
CA PHE E 101 19.18 38.35 30.94
C PHE E 101 20.44 38.68 30.18
N ASP E 102 20.39 38.60 28.84
CA ASP E 102 21.51 39.03 27.95
C ASP E 102 21.93 40.45 28.29
N LYS E 103 20.97 41.37 28.26
CA LYS E 103 21.25 42.76 28.61
C LYS E 103 21.87 42.92 29.99
N ALA E 104 21.60 42.00 30.91
CA ALA E 104 22.19 42.14 32.21
C ALA E 104 23.57 41.58 32.18
N ARG E 105 23.74 40.49 31.44
CA ARG E 105 25.01 39.79 31.32
C ARG E 105 26.01 40.72 30.69
N GLN E 106 25.54 41.44 29.68
CA GLN E 106 26.35 42.34 28.91
C GLN E 106 26.63 43.61 29.68
N ALA E 107 25.77 43.97 30.60
CA ALA E 107 26.05 45.12 31.43
C ALA E 107 26.75 44.78 32.78
N ALA E 108 27.25 43.54 32.90
CA ALA E 108 27.89 43.09 34.13
C ALA E 108 29.11 44.01 34.49
N PRO E 109 29.30 44.36 35.81
CA PRO E 109 28.59 43.92 37.01
C PRO E 109 27.24 44.59 37.10
N CYS E 110 26.22 43.78 37.36
CA CYS E 110 24.84 44.22 37.31
C CYS E 110 23.99 43.59 38.36
N VAL E 111 23.18 44.38 39.07
CA VAL E 111 22.06 43.78 39.78
C VAL E 111 20.84 43.86 38.93
N LEU E 112 20.33 42.67 38.62
CA LEU E 112 19.05 42.49 37.94
C LEU E 112 17.94 42.35 38.99
N PHE E 113 16.96 43.22 38.92
CA PHE E 113 16.00 43.29 39.99
C PHE E 113 14.52 43.09 39.54
N PHE E 114 13.96 41.93 39.92
CA PHE E 114 12.55 41.64 39.59
C PHE E 114 11.69 42.06 40.76
N ASP E 115 11.12 43.24 40.64
CA ASP E 115 10.15 43.65 41.60
C ASP E 115 8.72 43.08 41.28
N GLU E 116 7.82 43.08 42.27
CA GLU E 116 6.44 42.59 42.06
C GLU E 116 6.40 41.19 41.48
N LEU E 117 7.28 40.33 41.93
CA LEU E 117 7.39 38.96 41.46
C LEU E 117 6.11 38.12 41.49
N ASP E 118 5.15 38.59 42.26
CA ASP E 118 3.90 37.82 42.54
C ASP E 118 2.77 38.20 41.57
N SER E 119 3.09 39.13 40.67
CA SER E 119 2.03 39.81 39.93
C SER E 119 1.27 38.89 38.97
N ILE E 120 1.94 37.85 38.45
CA ILE E 120 1.24 36.92 37.61
C ILE E 120 0.34 36.05 38.47
N ALA E 121 0.86 35.62 39.62
CA ALA E 121 0.08 34.79 40.55
C ALA E 121 -1.23 35.51 40.89
N LYS E 122 -1.14 36.76 41.34
CA LYS E 122 -2.30 37.64 41.49
C LYS E 122 -3.15 37.64 40.25
N ALA E 123 -2.55 37.89 39.10
CA ALA E 123 -3.34 38.04 37.89
C ALA E 123 -4.09 36.82 37.55
N ARG E 124 -3.57 35.65 37.89
CA ARG E 124 -4.39 34.46 37.66
C ARG E 124 -5.34 34.03 38.75
N GLY E 125 -5.50 34.81 39.79
CA GLY E 125 -6.48 34.47 40.82
C GLY E 125 -5.87 34.57 42.21
N GLY E 126 -4.56 34.41 42.30
CA GLY E 126 -3.85 34.64 43.53
C GLY E 126 -4.13 33.65 44.62
N ASN E 127 -4.54 34.21 45.76
CA ASN E 127 -4.91 33.46 46.97
C ASN E 127 -5.72 32.15 46.64
N ILE E 128 -6.83 32.28 45.89
CA ILE E 128 -7.64 31.13 45.37
C ILE E 128 -7.11 30.50 44.07
N GLY E 129 -6.97 31.29 42.99
CA GLY E 129 -6.23 30.87 41.78
C GLY E 129 -7.03 30.28 40.64
N ASP E 130 -6.34 29.65 39.69
CA ASP E 130 -6.96 28.89 38.59
C ASP E 130 -6.70 27.38 38.82
N GLY E 131 -6.76 26.56 37.76
CA GLY E 131 -6.56 25.09 37.91
C GLY E 131 -5.17 24.69 38.47
N GLY E 132 -4.11 25.17 37.82
CA GLY E 132 -2.77 24.61 37.98
C GLY E 132 -2.03 25.02 39.21
N GLY E 133 -0.78 24.63 39.29
CA GLY E 133 0.07 24.95 40.41
C GLY E 133 0.86 26.23 40.23
N ALA E 134 1.91 26.41 41.03
CA ALA E 134 2.50 27.76 41.20
C ALA E 134 3.24 28.24 39.95
N ALA E 135 3.73 27.29 39.16
CA ALA E 135 4.43 27.59 37.93
C ALA E 135 3.61 28.42 36.94
N ASP E 136 4.29 29.29 36.22
CA ASP E 136 3.72 30.04 35.16
C ASP E 136 4.81 30.28 34.15
N ARG E 137 4.45 30.41 32.89
CA ARG E 137 5.42 30.43 31.83
C ARG E 137 6.55 31.48 32.02
N VAL E 138 6.19 32.67 32.53
CA VAL E 138 7.13 33.75 32.63
C VAL E 138 8.10 33.55 33.77
N ILE E 139 7.58 33.34 35.00
CA ILE E 139 8.53 33.05 36.11
C ILE E 139 9.40 31.87 35.76
N ASN E 140 8.80 30.86 35.13
CA ASN E 140 9.55 29.68 34.87
C ASN E 140 10.79 29.96 34.04
N GLN E 141 10.57 30.81 33.03
CA GLN E 141 11.63 31.32 32.15
C GLN E 141 12.72 31.99 32.98
N ILE E 142 12.35 32.89 33.90
CA ILE E 142 13.33 33.52 34.79
C ILE E 142 14.20 32.47 35.47
N LEU E 143 13.55 31.38 35.85
CA LEU E 143 14.25 30.34 36.56
C LEU E 143 15.22 29.61 35.64
N THR E 144 14.82 29.28 34.41
CA THR E 144 15.78 28.69 33.45
C THR E 144 16.93 29.65 33.14
N GLU E 145 16.60 30.85 32.68
CA GLU E 145 17.59 31.92 32.59
C GLU E 145 18.44 32.10 33.79
N MET E 146 18.17 31.42 34.88
CA MET E 146 18.96 31.66 36.03
C MET E 146 19.77 30.44 36.27
N ASP E 147 19.23 29.33 35.87
CA ASP E 147 19.94 28.10 36.03
C ASP E 147 21.08 28.11 35.05
N GLY E 148 20.80 28.54 33.83
CA GLY E 148 21.81 28.59 32.79
C GLY E 148 22.77 29.76 32.90
N MET E 149 22.45 30.71 33.76
CA MET E 149 23.29 31.87 33.89
C MET E 149 24.46 31.52 34.79
N SER E 150 25.65 31.34 34.20
CA SER E 150 26.85 30.95 34.95
C SER E 150 27.12 31.82 36.19
N THR E 151 27.28 31.15 37.33
CA THR E 151 27.58 31.79 38.62
C THR E 151 28.73 32.79 38.52
N LYS E 152 29.58 32.55 37.52
CA LYS E 152 30.85 33.26 37.32
C LYS E 152 30.80 34.53 36.42
N LYS E 153 29.63 34.89 35.89
CA LYS E 153 29.42 36.24 35.30
C LYS E 153 29.30 37.19 36.47
N ASN E 154 28.91 38.44 36.25
CA ASN E 154 28.82 39.29 37.41
C ASN E 154 27.42 39.85 37.65
N VAL E 155 26.42 38.99 37.51
CA VAL E 155 25.04 39.42 37.58
C VAL E 155 24.42 38.91 38.85
N PHE E 156 23.88 39.83 39.64
CA PHE E 156 23.27 39.50 40.89
C PHE E 156 21.77 39.74 40.79
N ILE E 157 20.98 38.67 40.98
CA ILE E 157 19.54 38.80 40.88
C ILE E 157 18.82 39.10 42.22
N ILE E 158 17.90 40.04 42.26
CA ILE E 158 17.15 40.28 43.44
C ILE E 158 15.63 40.28 43.09
N GLY E 159 14.83 39.51 43.84
CA GLY E 159 13.42 39.53 43.68
C GLY E 159 12.80 40.24 44.84
N ALA E 160 11.58 40.70 44.67
CA ALA E 160 10.86 41.38 45.75
C ALA E 160 9.39 41.07 45.57
N THR E 161 8.71 40.85 46.67
CA THR E 161 7.32 40.51 46.61
C THR E 161 6.71 40.90 47.92
N ASN E 162 5.46 41.34 47.88
CA ASN E 162 4.78 41.47 49.13
C ASN E 162 3.72 40.46 49.33
N ARG E 163 3.77 39.38 48.55
CA ARG E 163 2.79 38.29 48.67
C ARG E 163 3.52 37.02 48.47
N PRO E 164 4.46 36.75 49.38
CA PRO E 164 5.35 35.59 49.26
C PRO E 164 4.57 34.28 49.41
N ASP E 165 3.46 34.28 50.14
CA ASP E 165 2.53 33.15 50.03
C ASP E 165 2.18 32.69 48.59
N ILE E 166 2.18 33.59 47.59
CA ILE E 166 1.77 33.08 46.29
C ILE E 166 2.90 32.82 45.32
N ILE E 167 4.08 33.36 45.66
CA ILE E 167 5.38 33.04 44.97
C ILE E 167 5.57 31.51 44.64
N ASP E 168 6.07 31.17 43.46
CA ASP E 168 6.42 29.77 43.21
C ASP E 168 7.62 29.35 44.00
N PRO E 169 7.47 28.35 44.88
CA PRO E 169 8.52 27.80 45.73
C PRO E 169 9.85 27.50 45.03
N ALA E 170 9.81 26.99 43.79
CA ALA E 170 11.03 26.70 43.03
C ALA E 170 11.94 27.93 43.04
N ILE E 171 11.39 29.12 43.23
CA ILE E 171 12.24 30.30 43.17
C ILE E 171 13.23 30.23 44.31
N LEU E 172 12.84 29.48 45.36
CA LEU E 172 13.62 29.47 46.61
C LEU E 172 14.64 28.35 46.69
N ARG E 173 14.53 27.33 45.82
CA ARG E 173 15.51 26.23 45.81
C ARG E 173 16.95 26.75 45.70
N PRO E 174 17.93 25.96 46.23
CA PRO E 174 19.36 26.21 46.06
C PRO E 174 19.77 26.52 44.63
N GLY E 175 20.67 27.50 44.49
CA GLY E 175 21.12 27.89 43.19
C GLY E 175 20.27 28.99 42.58
N ARG E 176 19.27 29.48 43.30
CA ARG E 176 18.39 30.54 42.78
C ARG E 176 18.30 31.71 43.75
N LEU E 177 17.12 32.07 44.22
CA LEU E 177 17.06 33.11 45.25
C LEU E 177 17.03 32.41 46.59
N ASP E 178 18.23 32.13 47.10
CA ASP E 178 18.41 31.31 48.27
C ASP E 178 18.21 32.14 49.49
N GLN E 179 18.55 33.41 49.40
CA GLN E 179 18.47 34.20 50.60
C GLN E 179 17.11 34.85 50.75
N LEU E 180 16.25 34.30 51.57
CA LEU E 180 15.03 35.04 51.92
C LEU E 180 15.46 36.18 52.84
N ILE E 181 14.91 37.37 52.67
CA ILE E 181 15.12 38.43 53.62
C ILE E 181 13.83 39.19 53.85
N TYR E 182 13.45 39.32 55.12
CA TYR E 182 12.20 39.99 55.45
C TYR E 182 12.40 41.47 55.68
N ILE E 183 11.74 42.31 54.91
CA ILE E 183 11.85 43.73 55.20
C ILE E 183 10.54 44.15 55.84
N PRO E 184 10.59 44.32 57.15
CA PRO E 184 9.38 44.44 58.00
C PRO E 184 8.98 45.88 57.96
N LEU E 185 7.81 46.23 58.53
CA LEU E 185 7.50 47.64 58.84
C LEU E 185 8.53 48.27 59.75
N PRO E 186 8.84 49.54 59.54
CA PRO E 186 9.87 50.15 60.33
C PRO E 186 9.42 50.31 61.78
N ASP E 187 10.28 50.05 62.74
CA ASP E 187 9.94 50.26 64.14
C ASP E 187 10.10 51.73 64.62
N GLU E 188 9.83 51.91 65.91
CA GLU E 188 10.11 53.12 66.70
C GLU E 188 11.31 53.94 66.23
N LYS E 189 12.51 53.37 66.39
CA LYS E 189 13.79 54.03 66.05
C LYS E 189 13.89 54.29 64.57
N SER E 190 13.55 53.26 63.81
CA SER E 190 13.66 53.28 62.36
C SER E 190 12.86 54.40 61.74
N ARG E 191 11.66 54.61 62.26
CA ARG E 191 10.84 55.68 61.74
C ARG E 191 11.56 57.00 61.87
N VAL E 192 12.29 57.19 62.96
CA VAL E 192 13.13 58.39 63.04
C VAL E 192 14.12 58.44 61.85
N ALA E 193 14.89 57.36 61.70
CA ALA E 193 15.89 57.29 60.65
C ALA E 193 15.28 57.62 59.30
N ILE E 194 14.14 57.01 59.06
CA ILE E 194 13.46 57.20 57.81
C ILE E 194 13.08 58.64 57.60
N LEU E 195 12.65 59.31 58.64
CA LEU E 195 12.34 60.75 58.48
C LEU E 195 13.59 61.60 58.18
N LYS E 196 14.65 61.36 58.94
CA LYS E 196 15.90 62.01 58.70
C LYS E 196 16.37 61.76 57.27
N ALA E 197 16.35 60.49 56.82
CA ALA E 197 16.83 60.14 55.51
C ALA E 197 16.04 60.90 54.48
N ASN E 198 14.74 60.93 54.68
CA ASN E 198 13.84 61.57 53.72
C ASN E 198 13.96 63.05 53.73
N LEU E 199 14.60 63.60 54.74
CA LEU E 199 14.71 65.04 54.84
C LEU E 199 16.15 65.55 54.67
N ARG E 200 17.07 64.60 54.50
CA ARG E 200 18.49 64.89 54.32
C ARG E 200 18.73 66.04 53.40
N LYS E 201 18.00 66.09 52.30
CA LYS E 201 18.22 67.14 51.31
C LYS E 201 17.12 68.20 51.41
N SER E 202 16.80 68.60 52.64
CA SER E 202 15.71 69.56 52.91
C SER E 202 15.99 70.57 54.04
N PRO E 203 15.44 71.80 53.93
CA PRO E 203 15.59 72.82 54.97
C PRO E 203 14.59 72.61 56.12
N VAL E 204 14.89 71.64 56.98
CA VAL E 204 14.06 71.32 58.15
C VAL E 204 14.23 72.36 59.24
N ALA E 205 13.14 73.02 59.62
CA ALA E 205 13.19 73.99 60.71
C ALA E 205 13.71 73.29 61.95
N LYS E 206 14.46 74.05 62.74
CA LYS E 206 15.19 73.53 63.89
C LYS E 206 14.28 72.90 64.96
N ASP E 207 13.18 73.58 65.28
CA ASP E 207 12.24 73.15 66.31
C ASP E 207 11.54 71.80 66.07
N VAL E 208 11.16 71.53 64.81
CA VAL E 208 10.45 70.33 64.36
C VAL E 208 11.02 69.04 64.94
N ASP E 209 10.18 68.35 65.70
CA ASP E 209 10.59 67.15 66.44
C ASP E 209 10.16 65.86 65.74
N LEU E 210 11.15 65.17 65.17
CA LEU E 210 10.91 63.93 64.45
C LEU E 210 10.78 62.74 65.40
N GLU E 211 11.60 62.73 66.47
CA GLU E 211 11.60 61.64 67.44
C GLU E 211 10.20 61.46 67.96
N PHE E 212 9.42 62.53 67.87
CA PHE E 212 8.04 62.54 68.30
C PHE E 212 7.08 62.04 67.24
N LEU E 213 7.24 62.56 66.03
CA LEU E 213 6.54 62.07 64.84
C LEU E 213 6.67 60.57 64.73
N ALA E 214 7.85 60.08 65.04
CA ALA E 214 8.11 58.66 65.04
C ALA E 214 7.22 57.93 66.04
N LYS E 215 7.05 58.51 67.24
CA LYS E 215 6.17 57.91 68.29
C LYS E 215 4.76 57.93 67.75
N MET E 216 4.45 58.89 66.89
CA MET E 216 3.06 59.13 66.46
C MET E 216 2.50 58.18 65.41
N THR E 217 3.38 57.33 64.90
CA THR E 217 3.13 56.59 63.67
C THR E 217 3.38 55.10 63.90
N ASN E 218 2.49 54.25 63.43
CA ASN E 218 2.81 52.85 63.57
C ASN E 218 2.83 51.95 62.35
N GLY E 219 1.67 51.36 62.06
CA GLY E 219 1.53 50.55 60.83
C GLY E 219 2.02 51.41 59.69
N PHE E 220 2.81 52.42 60.05
CA PHE E 220 3.35 53.33 59.14
C PHE E 220 4.55 52.67 58.57
N SER E 221 4.53 52.57 57.24
CA SER E 221 5.62 52.10 56.45
C SER E 221 6.40 53.32 55.99
N GLY E 222 7.63 53.07 55.54
CA GLY E 222 8.47 54.12 54.95
C GLY E 222 7.66 54.97 53.96
N ALA E 223 6.94 54.30 53.10
CA ALA E 223 6.20 55.01 52.13
C ALA E 223 5.23 56.00 52.77
N ASP E 224 4.51 55.54 53.79
CA ASP E 224 3.56 56.37 54.52
C ASP E 224 4.21 57.56 55.17
N LEU E 225 5.45 57.38 55.65
CA LEU E 225 6.21 58.44 56.26
C LEU E 225 6.65 59.48 55.25
N THR E 226 7.23 59.02 54.14
CA THR E 226 7.54 59.86 53.01
C THR E 226 6.34 60.71 52.67
N GLU E 227 5.19 60.08 52.63
CA GLU E 227 3.98 60.77 52.23
C GLU E 227 3.74 62.00 53.11
N ILE E 228 4.00 61.88 54.41
CA ILE E 228 3.86 63.00 55.34
C ILE E 228 4.78 64.17 54.96
N CYS E 229 6.08 63.91 54.93
CA CYS E 229 7.04 64.91 54.50
C CYS E 229 6.62 65.62 53.25
N GLN E 230 6.35 64.84 52.22
CA GLN E 230 5.86 65.48 51.04
C GLN E 230 4.69 66.46 51.30
N ARG E 231 3.66 66.09 52.04
CA ARG E 231 2.53 67.02 52.24
C ARG E 231 3.04 68.23 52.99
N ALA E 232 3.96 68.01 53.91
CA ALA E 232 4.57 69.13 54.61
C ALA E 232 5.25 70.09 53.65
N CYS E 233 6.16 69.60 52.80
CA CYS E 233 6.77 70.39 51.72
C CYS E 233 5.77 71.10 50.86
N LYS E 234 4.80 70.36 50.32
CA LYS E 234 3.79 70.93 49.46
C LYS E 234 3.14 72.08 50.21
N LEU E 235 3.09 71.96 51.54
CA LEU E 235 2.50 73.03 52.34
C LEU E 235 3.38 74.24 52.39
N ALA E 236 4.65 74.02 52.72
CA ALA E 236 5.67 75.03 52.67
C ALA E 236 5.77 75.72 51.30
N ILE E 237 5.88 74.96 50.22
CA ILE E 237 5.94 75.58 48.92
C ILE E 237 4.71 76.47 48.68
N ARG E 238 3.52 75.92 48.85
CA ARG E 238 2.27 76.69 48.67
C ARG E 238 2.23 77.88 49.62
N GLU E 239 2.83 77.69 50.78
CA GLU E 239 2.90 78.72 51.78
C GLU E 239 3.94 79.79 51.38
N SER E 240 4.99 79.35 50.68
CA SER E 240 6.03 80.25 50.17
C SER E 240 5.48 81.08 49.00
N ILE E 241 5.23 80.43 47.86
CA ILE E 241 4.65 81.09 46.67
C ILE E 241 3.46 82.00 47.00
N GLU E 242 2.76 81.67 48.08
CA GLU E 242 1.68 82.50 48.58
C GLU E 242 2.15 83.89 48.98
N SER E 243 3.15 83.96 49.88
CA SER E 243 3.60 85.25 50.45
C SER E 243 4.07 86.31 49.43
N GLU E 244 4.84 85.90 48.42
CA GLU E 244 5.34 86.82 47.39
C GLU E 244 4.20 87.48 46.61
N ILE E 245 3.42 86.65 45.93
CA ILE E 245 2.34 87.11 45.04
C ILE E 245 1.13 87.60 45.82
N VAL E 266 12.19 83.41 53.16
CA VAL E 266 11.07 82.85 53.92
C VAL E 266 10.88 81.29 53.83
N PRO E 267 11.81 80.54 53.13
CA PRO E 267 11.62 79.08 52.94
C PRO E 267 12.41 78.11 53.87
N GLU E 268 11.76 77.63 54.95
CA GLU E 268 12.27 76.55 55.81
C GLU E 268 11.05 75.77 56.26
N ILE E 269 11.02 74.48 55.95
CA ILE E 269 9.85 73.64 56.24
C ILE E 269 9.66 73.45 57.77
N ARG E 270 8.59 74.03 58.31
CA ARG E 270 8.49 74.19 59.77
C ARG E 270 7.34 73.46 60.47
N ARG E 271 7.38 73.49 61.79
CA ARG E 271 6.46 72.80 62.68
C ARG E 271 5.03 72.66 62.22
N ASP E 272 4.35 73.78 62.06
CA ASP E 272 2.94 73.84 61.72
C ASP E 272 2.60 73.22 60.37
N HIS E 273 3.60 73.15 59.49
CA HIS E 273 3.47 72.43 58.24
C HIS E 273 3.37 70.93 58.46
N PHE E 274 4.29 70.37 59.23
CA PHE E 274 4.18 68.98 59.62
C PHE E 274 2.92 68.74 60.37
N GLU E 275 2.57 69.65 61.26
CA GLU E 275 1.34 69.49 62.02
C GLU E 275 0.14 69.34 61.10
N GLU E 276 -0.02 70.28 60.18
CA GLU E 276 -1.14 70.22 59.26
C GLU E 276 -1.00 69.09 58.24
N ALA E 277 0.21 68.62 57.98
CA ALA E 277 0.41 67.50 57.07
C ALA E 277 -0.08 66.23 57.72
N MET E 278 0.08 66.16 59.03
CA MET E 278 -0.31 65.02 59.83
C MET E 278 -1.79 64.82 59.83
N ARG E 279 -2.55 65.88 59.52
CA ARG E 279 -4.01 65.82 59.48
C ARG E 279 -4.50 64.88 58.37
N PHE E 280 -3.61 64.43 57.50
CA PHE E 280 -3.95 63.51 56.41
C PHE E 280 -3.04 62.28 56.38
N ALA E 281 -2.62 61.80 57.54
CA ALA E 281 -1.68 60.69 57.59
C ALA E 281 -2.47 59.40 57.45
N ARG E 282 -2.11 58.54 56.52
CA ARG E 282 -2.78 57.25 56.39
C ARG E 282 -1.86 56.15 56.87
N ARG E 283 -2.33 54.93 56.88
CA ARG E 283 -1.47 53.80 57.08
C ARG E 283 -1.70 52.88 55.92
N SER E 284 -0.67 52.60 55.10
CA SER E 284 -0.89 51.75 53.94
C SER E 284 -1.17 50.34 54.41
N VAL E 285 -0.46 49.87 55.41
CA VAL E 285 -0.62 48.49 55.80
C VAL E 285 -1.57 48.39 56.98
N SER E 286 -2.54 47.48 56.87
CA SER E 286 -3.44 47.22 57.99
C SER E 286 -2.95 46.03 58.83
N ASP E 287 -3.32 46.05 60.11
CA ASP E 287 -2.87 45.06 61.12
C ASP E 287 -3.08 43.61 60.69
N ASN E 288 -4.19 43.29 60.02
CA ASN E 288 -4.44 41.95 59.48
C ASN E 288 -3.28 41.54 58.60
N ASP E 289 -3.04 42.35 57.56
CA ASP E 289 -1.89 42.15 56.66
C ASP E 289 -0.61 41.93 57.45
N ILE E 290 -0.32 42.85 58.37
CA ILE E 290 0.94 42.80 59.10
C ILE E 290 1.03 41.44 59.72
N ARG E 291 -0.06 41.04 60.40
CA ARG E 291 -0.15 39.73 61.02
C ARG E 291 0.22 38.68 60.00
N LYS E 292 -0.43 38.75 58.84
CA LYS E 292 -0.16 37.79 57.80
C LYS E 292 1.34 37.73 57.51
N TYR E 293 2.05 38.85 57.51
CA TYR E 293 3.44 38.75 57.12
C TYR E 293 4.24 37.99 58.15
N GLU E 294 3.84 38.12 59.41
CA GLU E 294 4.54 37.44 60.50
C GLU E 294 4.36 35.94 60.33
N MET E 295 3.16 35.52 59.90
CA MET E 295 2.90 34.11 59.62
C MET E 295 3.84 33.68 58.52
N PHE E 296 3.83 34.44 57.42
CA PHE E 296 4.69 34.16 56.27
C PHE E 296 6.10 34.11 56.86
N ALA E 297 6.49 35.17 57.56
CA ALA E 297 7.85 35.33 58.12
C ALA E 297 8.27 34.22 59.07
N GLN E 298 7.30 33.57 59.70
CA GLN E 298 7.58 32.50 60.64
C GLN E 298 8.08 31.24 59.93
N THR E 299 7.21 30.63 59.10
CA THR E 299 7.60 29.46 58.34
C THR E 299 8.74 29.79 57.39
N LEU E 300 8.60 30.88 56.65
CA LEU E 300 9.61 31.29 55.64
C LEU E 300 11.04 31.50 56.24
N GLN E 301 11.14 31.93 57.51
CA GLN E 301 12.44 32.07 58.20
C GLN E 301 12.60 30.98 59.26
N ALA F 1 11.13 27.82 23.18
CA ALA F 1 12.24 28.69 23.68
C ALA F 1 13.33 27.89 24.44
N LEU F 2 13.59 26.62 24.07
CA LEU F 2 14.40 25.70 24.92
C LEU F 2 15.86 26.14 25.14
N ARG F 3 16.28 26.15 26.41
CA ARG F 3 17.65 26.42 26.84
C ARG F 3 18.70 25.54 26.11
N GLU F 4 19.99 25.90 26.19
CA GLU F 4 21.05 25.14 25.49
C GLU F 4 21.66 23.94 26.26
N THR F 5 21.67 22.77 25.62
CA THR F 5 22.05 21.51 26.31
C THR F 5 23.53 21.48 26.56
N VAL F 6 23.93 21.44 27.83
CA VAL F 6 25.35 21.58 28.23
C VAL F 6 25.96 20.27 28.75
N VAL F 7 26.85 19.70 27.96
CA VAL F 7 27.65 18.56 28.41
C VAL F 7 28.78 19.11 29.27
N GLU F 8 29.22 18.32 30.24
CA GLU F 8 30.17 18.80 31.24
C GLU F 8 30.82 17.62 31.90
N VAL F 9 31.94 17.85 32.57
CA VAL F 9 32.52 16.77 33.34
C VAL F 9 32.25 17.07 34.77
N PRO F 10 31.60 16.12 35.43
CA PRO F 10 31.21 16.26 36.80
C PRO F 10 32.41 16.52 37.69
N GLN F 11 32.38 17.70 38.30
CA GLN F 11 33.38 18.20 39.23
C GLN F 11 33.46 17.41 40.56
N VAL F 12 32.37 16.77 40.97
CA VAL F 12 32.23 16.18 42.32
C VAL F 12 32.45 14.67 42.36
N THR F 13 33.05 14.21 43.45
CA THR F 13 33.39 12.79 43.62
C THR F 13 32.73 12.22 44.87
N TRP F 14 32.86 10.91 45.08
CA TRP F 14 32.31 10.30 46.31
C TRP F 14 32.72 10.95 47.64
N GLU F 15 33.89 11.57 47.68
CA GLU F 15 34.42 12.20 48.90
C GLU F 15 33.53 13.33 49.37
N ASP F 16 32.87 14.00 48.43
CA ASP F 16 32.04 15.15 48.75
C ASP F 16 30.69 14.74 49.25
N ILE F 17 30.40 13.44 49.16
CA ILE F 17 29.11 12.89 49.55
C ILE F 17 29.24 12.22 50.89
N GLY F 18 28.54 12.78 51.88
CA GLY F 18 28.49 12.16 53.20
C GLY F 18 27.50 11.03 53.31
N GLY F 19 27.98 9.87 53.73
CA GLY F 19 27.11 8.72 54.00
C GLY F 19 26.65 8.06 52.72
N LEU F 20 25.55 7.31 52.82
CA LEU F 20 24.96 6.64 51.68
C LEU F 20 25.91 5.62 51.11
N GLU F 21 26.63 4.88 51.95
CA GLU F 21 27.64 3.95 51.45
C GLU F 21 27.02 2.84 50.61
N ASP F 22 25.94 2.31 51.12
CA ASP F 22 25.15 1.32 50.47
C ASP F 22 24.77 1.69 49.05
N VAL F 23 24.28 2.90 48.82
CA VAL F 23 23.86 3.28 47.47
C VAL F 23 25.02 3.55 46.53
N LYS F 24 26.12 4.07 47.08
CA LYS F 24 27.33 4.32 46.30
C LYS F 24 27.80 3.02 45.69
N ARG F 25 27.79 1.97 46.51
CA ARG F 25 28.18 0.64 46.09
C ARG F 25 27.21 0.15 45.04
N GLU F 26 25.91 0.23 45.35
CA GLU F 26 24.85 -0.16 44.45
C GLU F 26 24.90 0.54 43.09
N LEU F 27 25.17 1.85 43.10
CA LEU F 27 25.33 2.65 41.90
C LEU F 27 26.48 2.20 41.03
N GLN F 28 27.64 1.96 41.65
CA GLN F 28 28.75 1.36 40.95
C GLN F 28 28.36 0.04 40.31
N GLU F 29 27.72 -0.83 41.07
CA GLU F 29 27.29 -2.12 40.53
C GLU F 29 26.38 -2.00 39.31
N LEU F 30 25.79 -0.83 39.11
CA LEU F 30 24.86 -0.62 38.01
C LEU F 30 25.45 0.00 36.77
N VAL F 31 26.55 0.73 36.96
CA VAL F 31 27.24 1.40 35.85
C VAL F 31 28.70 0.94 35.61
N GLN F 32 29.50 0.77 36.67
CA GLN F 32 30.90 0.31 36.55
C GLN F 32 30.91 -1.07 35.98
N TYR F 33 30.36 -2.00 36.75
CA TYR F 33 30.43 -3.42 36.46
C TYR F 33 30.04 -3.76 35.03
N PRO F 34 28.89 -3.25 34.53
CA PRO F 34 28.59 -3.59 33.13
C PRO F 34 29.65 -3.13 32.09
N VAL F 35 30.29 -1.99 32.33
CA VAL F 35 31.27 -1.41 31.39
C VAL F 35 32.69 -1.97 31.59
N GLU F 36 33.11 -2.10 32.84
CA GLU F 36 34.47 -2.54 33.17
C GLU F 36 34.57 -4.04 33.39
N HIS F 37 33.45 -4.73 33.33
CA HIS F 37 33.45 -6.18 33.38
C HIS F 37 32.43 -6.81 32.43
N PRO F 38 32.40 -6.37 31.16
CA PRO F 38 31.36 -6.88 30.28
C PRO F 38 31.44 -8.39 30.21
N ASP F 39 32.64 -8.93 30.41
CA ASP F 39 32.87 -10.37 30.45
C ASP F 39 32.02 -11.09 31.50
N LYS F 40 31.94 -10.56 32.72
CA LYS F 40 31.15 -11.15 33.80
C LYS F 40 29.64 -11.10 33.58
N PHE F 41 29.18 -10.04 32.90
CA PHE F 41 27.76 -9.90 32.58
C PHE F 41 27.36 -10.85 31.47
N LEU F 42 28.26 -11.03 30.51
CA LEU F 42 28.08 -12.00 29.45
C LEU F 42 28.18 -13.43 29.99
N LYS F 43 29.09 -13.64 30.95
CA LYS F 43 29.29 -14.94 31.60
C LYS F 43 28.01 -15.42 32.29
N PHE F 44 27.44 -14.57 33.16
CA PHE F 44 26.24 -14.93 33.90
C PHE F 44 24.99 -14.69 33.07
N GLY F 45 25.12 -13.98 31.97
CA GLY F 45 24.00 -13.80 31.05
C GLY F 45 23.22 -12.51 31.21
N MET F 46 22.78 -12.22 32.44
CA MET F 46 21.97 -11.02 32.72
C MET F 46 22.52 -9.75 32.10
N THR F 47 21.63 -8.97 31.48
CA THR F 47 22.01 -7.70 30.84
C THR F 47 21.65 -6.55 31.77
N PRO F 48 22.43 -5.45 31.70
CA PRO F 48 22.36 -4.37 32.69
C PRO F 48 21.07 -3.55 32.60
N SER F 49 20.89 -2.57 33.48
CA SER F 49 19.69 -1.72 33.46
C SER F 49 19.92 -0.32 32.86
N LYS F 50 18.90 0.22 32.18
CA LYS F 50 19.02 1.48 31.42
C LYS F 50 19.13 2.73 32.27
N GLY F 51 18.60 2.64 33.49
CA GLY F 51 18.47 3.80 34.32
C GLY F 51 17.99 3.54 35.74
N VAL F 52 17.83 4.66 36.45
CA VAL F 52 17.61 4.66 37.88
C VAL F 52 16.77 5.85 38.27
N LEU F 53 15.87 5.65 39.23
CA LEU F 53 15.12 6.75 39.78
C LEU F 53 15.44 6.90 41.24
N PHE F 54 16.06 8.01 41.57
CA PHE F 54 16.23 8.39 42.96
C PHE F 54 15.01 9.19 43.42
N TYR F 55 14.40 8.81 44.53
CA TYR F 55 13.35 9.61 45.13
C TYR F 55 13.69 9.76 46.58
N GLY F 56 13.18 10.79 47.23
CA GLY F 56 13.59 11.09 48.58
C GLY F 56 13.22 12.52 48.88
N PRO F 57 13.31 12.96 50.15
CA PRO F 57 13.19 14.39 50.47
C PRO F 57 14.35 15.17 49.82
N PRO F 58 14.15 16.49 49.69
CA PRO F 58 15.05 17.45 49.10
C PRO F 58 16.30 17.73 49.96
N GLY F 59 17.48 17.72 49.32
CA GLY F 59 18.69 18.19 49.99
C GLY F 59 19.32 17.00 50.66
N CYS F 60 19.30 15.86 49.98
CA CYS F 60 19.83 14.66 50.56
C CYS F 60 20.89 14.00 49.71
N GLY F 61 21.22 14.62 48.56
CA GLY F 61 22.32 14.18 47.72
C GLY F 61 21.91 13.49 46.44
N LYS F 62 20.65 13.61 46.05
CA LYS F 62 20.24 12.99 44.81
C LYS F 62 21.07 13.50 43.60
N THR F 63 21.33 14.80 43.55
CA THR F 63 22.20 15.33 42.55
C THR F 63 23.66 14.91 42.74
N LEU F 64 24.18 15.00 43.95
CA LEU F 64 25.57 14.61 44.14
C LEU F 64 25.77 13.20 43.61
N LEU F 65 24.88 12.30 43.98
CA LEU F 65 25.03 10.93 43.54
C LEU F 65 25.01 10.87 42.04
N ALA F 66 24.12 11.62 41.39
CA ALA F 66 24.03 11.48 39.95
C ALA F 66 25.34 11.94 39.33
N LYS F 67 25.99 12.90 39.99
CA LYS F 67 27.21 13.47 39.44
C LYS F 67 28.41 12.68 39.80
N ALA F 68 28.57 12.37 41.08
CA ALA F 68 29.71 11.55 41.48
C ALA F 68 29.81 10.29 40.61
N ILE F 69 28.67 9.61 40.40
CA ILE F 69 28.71 8.36 39.61
C ILE F 69 29.26 8.62 38.22
N ALA F 70 28.79 9.68 37.58
CA ALA F 70 29.30 10.06 36.27
C ALA F 70 30.80 10.30 36.35
N ASN F 71 31.20 11.04 37.37
CA ASN F 71 32.58 11.38 37.49
C ASN F 71 33.45 10.17 37.76
N GLU F 72 32.98 9.25 38.60
CA GLU F 72 33.67 8.02 38.86
C GLU F 72 33.88 7.29 37.55
N CYS F 73 32.83 7.10 36.78
CA CYS F 73 32.96 6.44 35.49
C CYS F 73 33.72 7.27 34.48
N GLN F 74 34.27 8.39 34.91
CA GLN F 74 34.90 9.35 34.00
C GLN F 74 34.02 9.58 32.77
N ALA F 75 32.77 9.92 33.02
CA ALA F 75 31.83 10.10 31.93
C ALA F 75 31.25 11.51 31.90
N ASN F 76 30.55 11.80 30.82
CA ASN F 76 29.92 13.09 30.63
C ASN F 76 28.63 13.11 31.37
N PHE F 77 28.17 14.31 31.66
CA PHE F 77 27.01 14.50 32.49
C PHE F 77 26.11 15.54 31.89
N ILE F 78 24.88 15.16 31.57
CA ILE F 78 23.94 16.18 31.13
C ILE F 78 22.86 16.31 32.16
N SER F 79 22.55 17.54 32.53
CA SER F 79 21.58 17.73 33.56
C SER F 79 20.41 18.51 33.02
N ILE F 80 19.24 17.87 32.89
CA ILE F 80 18.05 18.61 32.55
C ILE F 80 17.34 18.82 33.85
N LYS F 81 17.00 20.06 34.15
CA LYS F 81 16.21 20.32 35.38
C LYS F 81 14.70 20.61 35.16
N GLY F 82 14.03 21.02 36.23
CA GLY F 82 12.60 21.22 36.23
C GLY F 82 12.16 22.26 35.22
N PRO F 83 12.69 23.49 35.36
CA PRO F 83 12.23 24.62 34.53
C PRO F 83 12.46 24.36 33.06
N GLU F 84 13.47 23.55 32.73
CA GLU F 84 13.69 23.17 31.34
C GLU F 84 12.54 22.29 30.86
N LEU F 85 12.20 21.21 31.60
CA LEU F 85 11.02 20.37 31.30
C LEU F 85 9.75 21.22 31.22
N LEU F 86 9.56 22.12 32.18
CA LEU F 86 8.38 22.97 32.10
C LEU F 86 8.36 23.83 30.88
N THR F 87 9.51 24.36 30.46
CA THR F 87 9.57 25.17 29.24
C THR F 87 8.99 24.41 28.05
N MET F 88 9.39 23.14 27.89
CA MET F 88 8.85 22.30 26.83
C MET F 88 7.40 22.04 27.06
N TRP F 89 6.99 22.06 28.32
CA TRP F 89 5.61 21.80 28.56
C TRP F 89 4.79 22.97 28.17
N PHE F 90 5.10 24.13 28.71
CA PHE F 90 4.38 25.33 28.38
C PHE F 90 4.45 25.63 26.91
N GLY F 91 5.61 25.53 26.28
CA GLY F 91 5.72 25.86 24.88
C GLY F 91 5.40 24.71 23.92
N GLU F 92 4.88 23.61 24.44
CA GLU F 92 4.50 22.51 23.60
C GLU F 92 5.64 22.03 22.73
N SER F 93 6.86 22.23 23.16
CA SER F 93 7.99 21.85 22.37
C SER F 93 8.74 20.61 22.85
N GLU F 94 8.02 19.52 23.05
CA GLU F 94 8.64 18.36 23.66
C GLU F 94 9.53 17.63 22.68
N ALA F 95 9.45 18.03 21.41
CA ALA F 95 10.32 17.47 20.38
C ALA F 95 11.78 17.70 20.70
N ASN F 96 12.07 18.75 21.44
CA ASN F 96 13.41 18.96 21.92
C ASN F 96 13.97 17.88 22.81
N VAL F 97 13.13 17.02 23.35
CA VAL F 97 13.64 15.90 24.15
C VAL F 97 14.58 15.00 23.31
N ARG F 98 14.20 14.84 22.03
CA ARG F 98 14.97 14.21 20.98
C ARG F 98 16.37 14.80 20.95
N GLU F 99 16.41 16.11 20.78
CA GLU F 99 17.64 16.81 20.70
C GLU F 99 18.48 16.47 21.92
N ILE F 100 17.93 16.64 23.12
CA ILE F 100 18.64 16.28 24.36
C ILE F 100 19.22 14.87 24.26
N PHE F 101 18.42 13.91 23.77
CA PHE F 101 18.87 12.53 23.71
C PHE F 101 19.99 12.34 22.70
N ASP F 102 19.86 12.97 21.53
CA ASP F 102 20.98 13.04 20.59
C ASP F 102 22.27 13.49 21.28
N LYS F 103 22.26 14.71 21.81
CA LYS F 103 23.42 15.28 22.48
C LYS F 103 24.06 14.34 23.53
N ALA F 104 23.25 13.47 24.12
CA ALA F 104 23.76 12.56 25.14
C ALA F 104 24.39 11.39 24.46
N ARG F 105 23.74 10.95 23.38
CA ARG F 105 24.15 9.78 22.63
C ARG F 105 25.50 10.11 22.05
N GLN F 106 25.57 11.31 21.51
CA GLN F 106 26.77 11.85 20.88
C GLN F 106 27.88 12.05 21.92
N ALA F 107 27.53 12.41 23.15
CA ALA F 107 28.57 12.59 24.19
C ALA F 107 28.87 11.31 24.99
N ALA F 108 28.40 10.17 24.48
CA ALA F 108 28.56 8.89 25.19
C ALA F 108 30.06 8.63 25.40
N PRO F 109 30.48 8.12 26.58
CA PRO F 109 29.69 7.66 27.74
C PRO F 109 29.16 8.84 28.55
N CYS F 110 27.88 8.74 28.92
CA CYS F 110 27.18 9.86 29.48
C CYS F 110 26.10 9.43 30.45
N VAL F 111 26.03 10.12 31.59
CA VAL F 111 24.81 10.04 32.40
C VAL F 111 23.94 11.24 32.16
N LEU F 112 22.77 10.95 31.65
CA LEU F 112 21.77 11.94 31.39
C LEU F 112 20.88 11.99 32.62
N PHE F 113 20.75 13.18 33.20
CA PHE F 113 20.10 13.26 34.50
C PHE F 113 18.88 14.22 34.63
N PHE F 114 17.68 13.65 34.71
CA PHE F 114 16.47 14.44 34.73
C PHE F 114 16.15 14.65 36.15
N ASP F 115 16.56 15.79 36.64
CA ASP F 115 16.14 16.21 37.95
C ASP F 115 14.74 16.87 37.94
N GLU F 116 14.08 16.92 39.10
CA GLU F 116 12.72 17.49 39.29
C GLU F 116 11.71 16.92 38.33
N LEU F 117 11.86 15.63 38.02
CA LEU F 117 10.90 14.89 37.18
C LEU F 117 9.41 15.05 37.42
N ASP F 118 9.04 15.58 38.55
CA ASP F 118 7.65 15.69 38.98
C ASP F 118 7.08 17.10 38.68
N SER F 119 7.95 17.94 38.14
CA SER F 119 7.61 19.34 37.99
C SER F 119 6.42 19.65 37.08
N ILE F 120 6.24 18.91 36.03
CA ILE F 120 5.02 19.10 35.27
C ILE F 120 3.82 18.67 36.08
N ALA F 121 3.89 17.49 36.69
CA ALA F 121 2.80 16.95 37.50
C ALA F 121 2.32 18.07 38.43
N LYS F 122 3.28 18.63 39.19
CA LYS F 122 3.04 19.76 40.07
C LYS F 122 2.37 20.90 39.30
N ALA F 123 2.90 21.22 38.11
CA ALA F 123 2.44 22.40 37.40
C ALA F 123 1.00 22.28 37.02
N ARG F 124 0.53 21.07 36.83
CA ARG F 124 -0.87 20.91 36.40
C ARG F 124 -1.80 20.63 37.55
N GLY F 125 -1.31 20.66 38.78
CA GLY F 125 -2.21 20.56 39.92
C GLY F 125 -1.73 19.56 40.94
N GLY F 126 -0.88 18.66 40.50
CA GLY F 126 -0.19 17.72 41.39
C GLY F 126 -1.10 16.77 42.12
N ASN F 127 -1.00 16.81 43.45
CA ASN F 127 -1.74 15.97 44.39
C ASN F 127 -3.22 15.76 43.91
N ILE F 128 -3.94 16.86 43.66
CA ILE F 128 -5.32 16.84 43.12
C ILE F 128 -5.39 16.73 41.60
N GLY F 129 -4.80 17.70 40.89
CA GLY F 129 -4.59 17.61 39.44
C GLY F 129 -5.62 18.26 38.54
N ASP F 130 -5.55 17.93 37.23
CA ASP F 130 -6.55 18.31 36.22
C ASP F 130 -7.37 17.08 35.83
N GLY F 131 -7.95 17.06 34.64
CA GLY F 131 -8.78 15.92 34.17
C GLY F 131 -8.05 14.56 34.00
N GLY F 132 -7.00 14.58 33.18
CA GLY F 132 -6.38 13.37 32.68
C GLY F 132 -5.50 12.63 33.63
N GLY F 133 -4.80 11.62 33.12
CA GLY F 133 -3.99 10.77 33.96
C GLY F 133 -2.56 11.21 34.05
N ALA F 134 -1.70 10.31 34.48
CA ALA F 134 -0.39 10.72 34.84
C ALA F 134 0.40 11.17 33.62
N ALA F 135 0.02 10.72 32.44
CA ALA F 135 0.74 11.09 31.24
C ALA F 135 0.73 12.58 30.93
N ASP F 136 1.83 13.04 30.36
CA ASP F 136 1.96 14.40 29.89
C ASP F 136 2.96 14.42 28.76
N ARG F 137 2.83 15.38 27.86
CA ARG F 137 3.52 15.30 26.57
C ARG F 137 5.04 15.22 26.66
N VAL F 138 5.59 15.91 27.63
CA VAL F 138 7.03 15.97 27.80
C VAL F 138 7.57 14.68 28.40
N ILE F 139 7.11 14.26 29.59
CA ILE F 139 7.64 13.02 30.15
C ILE F 139 7.44 11.89 29.14
N ASN F 140 6.29 11.93 28.46
CA ASN F 140 6.02 10.91 27.47
C ASN F 140 7.13 10.77 26.42
N GLN F 141 7.55 11.94 25.97
CA GLN F 141 8.63 12.02 25.04
C GLN F 141 9.87 11.42 25.64
N ILE F 142 10.26 11.82 26.84
CA ILE F 142 11.38 11.16 27.47
C ILE F 142 11.25 9.62 27.38
N LEU F 143 10.04 9.10 27.59
CA LEU F 143 9.82 7.65 27.61
C LEU F 143 10.10 7.01 26.26
N THR F 144 9.59 7.61 25.20
CA THR F 144 9.89 7.13 23.84
C THR F 144 11.41 7.18 23.59
N GLU F 145 11.96 8.37 23.73
CA GLU F 145 13.38 8.55 23.55
C GLU F 145 14.16 7.60 24.39
N MET F 146 13.51 6.73 25.13
CA MET F 146 14.25 5.89 26.02
C MET F 146 13.99 4.49 25.59
N ASP F 147 12.86 4.31 24.95
CA ASP F 147 12.49 3.03 24.40
C ASP F 147 13.31 2.83 23.15
N GLY F 148 13.32 3.89 22.33
CA GLY F 148 14.06 3.89 21.08
C GLY F 148 15.57 3.99 21.24
N MET F 149 16.04 4.31 22.44
CA MET F 149 17.47 4.49 22.70
C MET F 149 18.10 3.15 23.00
N SER F 150 18.87 2.64 22.04
CA SER F 150 19.46 1.31 22.13
C SER F 150 20.26 1.12 23.42
N THR F 151 19.95 0.02 24.11
CA THR F 151 20.63 -0.36 25.34
C THR F 151 22.16 -0.29 25.18
N LYS F 152 22.61 -0.50 23.95
CA LYS F 152 24.02 -0.72 23.62
C LYS F 152 24.82 0.55 23.29
N LYS F 153 24.19 1.72 23.36
CA LYS F 153 24.96 2.99 23.36
C LYS F 153 25.55 3.11 24.75
N ASN F 154 26.10 4.25 25.09
CA ASN F 154 26.66 4.32 26.43
C ASN F 154 26.06 5.40 27.32
N VAL F 155 24.75 5.57 27.21
CA VAL F 155 24.01 6.63 27.93
C VAL F 155 23.22 6.04 29.10
N PHE F 156 23.52 6.53 30.29
CA PHE F 156 22.82 6.10 31.50
C PHE F 156 21.85 7.18 32.06
N ILE F 157 20.58 6.85 32.19
CA ILE F 157 19.59 7.84 32.59
C ILE F 157 19.27 7.78 34.08
N ILE F 158 19.34 8.91 34.72
CA ILE F 158 18.94 8.94 36.10
C ILE F 158 17.85 10.01 36.32
N GLY F 159 16.73 9.62 36.91
CA GLY F 159 15.71 10.55 37.31
C GLY F 159 15.78 10.84 38.80
N ALA F 160 15.28 12.01 39.21
CA ALA F 160 15.19 12.37 40.64
C ALA F 160 13.92 13.16 40.90
N THR F 161 13.35 12.89 42.04
CA THR F 161 12.05 13.47 42.35
C THR F 161 11.86 13.39 43.82
N ASN F 162 11.28 14.43 44.37
CA ASN F 162 10.86 14.32 45.76
C ASN F 162 9.33 14.25 45.89
N ARG F 163 8.63 13.86 44.81
CA ARG F 163 7.25 13.72 44.88
C ARG F 163 6.97 12.55 44.02
N PRO F 164 7.41 11.35 44.46
CA PRO F 164 7.25 10.13 43.63
C PRO F 164 5.79 9.73 43.53
N ASP F 165 4.98 10.02 44.56
CA ASP F 165 3.50 9.90 44.41
C ASP F 165 2.90 10.47 43.11
N ILE F 166 3.46 11.56 42.54
CA ILE F 166 2.85 12.14 41.33
C ILE F 166 3.55 11.91 40.00
N ILE F 167 4.76 11.33 40.01
CA ILE F 167 5.43 10.65 38.87
C ILE F 167 4.53 9.67 38.11
N ASP F 168 4.50 9.78 36.79
CA ASP F 168 3.86 8.75 35.97
C ASP F 168 4.50 7.35 36.14
N PRO F 169 3.72 6.37 36.61
CA PRO F 169 4.15 5.01 36.77
C PRO F 169 4.90 4.42 35.56
N ALA F 170 4.49 4.78 34.34
CA ALA F 170 5.12 4.22 33.16
C ALA F 170 6.63 4.36 33.20
N ILE F 171 7.14 5.36 33.94
CA ILE F 171 8.59 5.59 34.08
C ILE F 171 9.26 4.42 34.77
N LEU F 172 8.49 3.63 35.53
CA LEU F 172 9.07 2.57 36.33
C LEU F 172 8.99 1.19 35.69
N ARG F 173 8.23 1.02 34.63
CA ARG F 173 8.19 -0.25 33.90
C ARG F 173 9.59 -0.76 33.51
N PRO F 174 9.76 -2.10 33.37
CA PRO F 174 10.97 -2.68 32.80
C PRO F 174 11.48 -1.97 31.53
N GLY F 175 12.78 -1.77 31.46
CA GLY F 175 13.38 -1.17 30.28
C GLY F 175 13.42 0.34 30.36
N ARG F 176 13.03 0.89 31.51
CA ARG F 176 13.11 2.34 31.72
C ARG F 176 13.83 2.66 33.02
N LEU F 177 13.23 3.39 33.93
CA LEU F 177 13.93 3.56 35.19
C LEU F 177 13.50 2.47 36.14
N ASP F 178 14.14 1.32 36.03
CA ASP F 178 13.76 0.14 36.80
C ASP F 178 14.16 0.26 38.25
N GLN F 179 15.31 0.86 38.50
CA GLN F 179 15.85 0.86 39.82
C GLN F 179 15.30 2.04 40.60
N LEU F 180 14.33 1.78 41.43
CA LEU F 180 13.93 2.76 42.42
C LEU F 180 15.00 2.84 43.49
N ILE F 181 15.43 4.01 43.86
CA ILE F 181 16.33 4.09 45.01
C ILE F 181 15.88 5.22 45.92
N TYR F 182 15.71 4.90 47.19
CA TYR F 182 15.33 5.89 48.17
C TYR F 182 16.57 6.58 48.81
N ILE F 183 16.69 7.88 48.63
CA ILE F 183 17.69 8.63 49.36
C ILE F 183 16.95 9.33 50.48
N PRO F 184 17.09 8.75 51.69
CA PRO F 184 16.39 9.16 52.93
C PRO F 184 17.11 10.33 53.59
N LEU F 185 16.50 10.92 54.62
CA LEU F 185 17.21 11.86 55.45
C LEU F 185 18.48 11.26 56.01
N PRO F 186 19.54 12.08 56.19
CA PRO F 186 20.76 11.48 56.77
C PRO F 186 20.53 11.16 58.25
N ASP F 187 21.01 10.00 58.68
CA ASP F 187 20.92 9.62 60.08
C ASP F 187 22.06 10.21 60.93
N GLU F 188 22.03 9.85 62.22
CA GLU F 188 23.07 10.11 63.23
C GLU F 188 24.51 10.14 62.68
N LYS F 189 25.00 8.99 62.20
CA LYS F 189 26.37 8.85 61.70
C LYS F 189 26.58 9.66 60.45
N SER F 190 25.60 9.57 59.56
CA SER F 190 25.65 10.20 58.26
C SER F 190 25.87 11.69 58.40
N ARG F 191 25.15 12.28 59.33
CA ARG F 191 25.29 13.70 59.53
C ARG F 191 26.76 14.07 59.75
N VAL F 192 27.45 13.27 60.56
CA VAL F 192 28.88 13.51 60.76
C VAL F 192 29.62 13.52 59.40
N ALA F 193 29.42 12.45 58.63
CA ALA F 193 30.08 12.33 57.34
C ALA F 193 29.83 13.57 56.51
N ILE F 194 28.56 13.96 56.44
CA ILE F 194 28.15 15.06 55.60
C ILE F 194 28.82 16.36 56.03
N LEU F 195 29.00 16.53 57.34
CA LEU F 195 29.73 17.70 57.82
C LEU F 195 31.21 17.65 57.43
N LYS F 196 31.82 16.47 57.59
CA LYS F 196 33.22 16.29 57.21
C LYS F 196 33.40 16.52 55.71
N ALA F 197 32.52 15.94 54.90
CA ALA F 197 32.55 16.11 53.46
C ALA F 197 32.41 17.57 53.06
N ASN F 198 31.49 18.25 53.71
CA ASN F 198 31.29 19.63 53.44
C ASN F 198 32.41 20.51 53.89
N LEU F 199 33.24 20.02 54.80
CA LEU F 199 34.34 20.86 55.29
C LEU F 199 35.73 20.38 54.84
N ARG F 200 35.75 19.27 54.09
CA ARG F 200 36.95 18.74 53.48
C ARG F 200 37.94 19.79 52.99
N LYS F 201 37.45 20.79 52.27
CA LYS F 201 38.31 21.82 51.72
C LYS F 201 38.25 23.11 52.54
N SER F 202 38.30 22.98 53.87
CA SER F 202 38.17 24.11 54.80
C SER F 202 39.03 24.05 56.06
N PRO F 203 39.48 25.21 56.54
CA PRO F 203 40.30 25.26 57.75
C PRO F 203 39.44 25.15 59.01
N VAL F 204 39.02 23.93 59.33
CA VAL F 204 38.24 23.65 60.55
C VAL F 204 39.10 23.71 61.82
N ALA F 205 38.74 24.60 62.76
CA ALA F 205 39.44 24.65 64.05
C ALA F 205 39.41 23.28 64.71
N LYS F 206 40.51 22.93 65.38
CA LYS F 206 40.71 21.60 65.93
C LYS F 206 39.67 21.21 66.99
N ASP F 207 39.36 22.16 67.87
CA ASP F 207 38.39 21.95 68.96
C ASP F 207 36.94 21.60 68.49
N VAL F 208 36.46 22.27 67.44
CA VAL F 208 35.12 22.11 66.88
C VAL F 208 34.68 20.64 66.75
N ASP F 209 33.65 20.28 67.51
CA ASP F 209 33.16 18.91 67.60
C ASP F 209 31.93 18.68 66.71
N LEU F 210 32.15 17.93 65.63
CA LEU F 210 31.08 17.68 64.67
C LEU F 210 30.17 16.55 65.11
N GLU F 211 30.77 15.56 65.76
CA GLU F 211 30.03 14.40 66.24
C GLU F 211 28.87 14.87 67.11
N PHE F 212 29.06 16.05 67.71
CA PHE F 212 28.08 16.66 68.56
C PHE F 212 27.04 17.40 67.74
N LEU F 213 27.52 18.23 66.82
CA LEU F 213 26.68 18.89 65.85
C LEU F 213 25.74 17.91 65.20
N ALA F 214 26.26 16.70 64.97
CA ALA F 214 25.47 15.64 64.40
C ALA F 214 24.35 15.19 65.35
N LYS F 215 24.66 15.10 66.64
CA LYS F 215 23.62 14.78 67.62
C LYS F 215 22.56 15.90 67.68
N MET F 216 22.95 17.12 67.36
CA MET F 216 22.08 18.28 67.52
C MET F 216 21.04 18.47 66.45
N THR F 217 21.14 17.67 65.38
CA THR F 217 20.38 17.90 64.15
C THR F 217 19.52 16.68 63.76
N ASN F 218 18.29 16.89 63.37
CA ASN F 218 17.55 15.75 62.88
C ASN F 218 16.93 15.79 61.52
N GLY F 219 15.67 16.25 61.45
CA GLY F 219 14.99 16.46 60.17
C GLY F 219 15.89 17.32 59.31
N PHE F 220 17.16 17.33 59.73
CA PHE F 220 18.20 17.96 59.01
C PHE F 220 18.61 17.10 57.84
N SER F 221 18.52 17.71 56.66
CA SER F 221 18.93 17.11 55.44
C SER F 221 20.36 17.61 55.19
N GLY F 222 21.09 16.93 54.30
CA GLY F 222 22.42 17.39 53.87
C GLY F 222 22.43 18.88 53.61
N ALA F 223 21.48 19.32 52.78
CA ALA F 223 21.27 20.74 52.46
C ALA F 223 21.24 21.58 53.72
N ASP F 224 20.35 21.27 54.65
CA ASP F 224 20.32 21.97 55.93
C ASP F 224 21.62 21.99 56.71
N LEU F 225 22.44 20.97 56.57
CA LEU F 225 23.72 20.92 57.27
C LEU F 225 24.74 21.80 56.60
N THR F 226 24.83 21.66 55.27
CA THR F 226 25.55 22.57 54.43
C THR F 226 25.26 24.01 54.80
N GLU F 227 23.98 24.33 54.94
CA GLU F 227 23.56 25.69 55.23
C GLU F 227 24.25 26.19 56.50
N ILE F 228 24.36 25.32 57.50
CA ILE F 228 25.06 25.68 58.75
C ILE F 228 26.52 26.05 58.48
N CYS F 229 27.30 25.12 57.96
CA CYS F 229 28.69 25.42 57.60
C CYS F 229 28.88 26.74 56.87
N GLN F 230 28.04 26.97 55.88
CA GLN F 230 28.06 28.24 55.19
C GLN F 230 27.87 29.45 56.09
N ARG F 231 26.90 29.39 57.00
CA ARG F 231 26.78 30.51 57.93
C ARG F 231 28.03 30.62 58.77
N ALA F 232 28.57 29.52 59.21
CA ALA F 232 29.78 29.53 60.00
C ALA F 232 30.91 30.22 59.23
N CYS F 233 31.13 29.81 57.96
CA CYS F 233 32.11 30.46 57.06
C CYS F 233 31.89 31.93 56.96
N LYS F 234 30.69 32.31 56.52
CA LYS F 234 30.32 33.69 56.34
C LYS F 234 30.67 34.48 57.59
N LEU F 235 30.57 33.82 58.76
CA LEU F 235 30.88 34.48 60.04
C LEU F 235 32.34 34.67 60.17
N ALA F 236 33.12 33.61 59.93
CA ALA F 236 34.58 33.64 59.90
C ALA F 236 35.13 34.68 58.92
N ILE F 237 34.66 34.68 57.68
CA ILE F 237 35.04 35.70 56.70
C ILE F 237 34.77 37.14 57.19
N ARG F 238 33.52 37.42 57.56
CA ARG F 238 33.14 38.72 58.09
C ARG F 238 34.01 39.01 59.31
N GLU F 239 34.36 37.96 60.06
CA GLU F 239 35.11 38.10 61.31
C GLU F 239 36.54 38.38 60.99
N SER F 240 37.00 37.87 59.85
CA SER F 240 38.36 38.05 59.39
C SER F 240 38.48 39.46 58.82
N ILE F 241 37.84 39.72 57.69
CA ILE F 241 37.86 41.05 57.08
C ILE F 241 37.68 42.19 58.09
N GLU F 242 36.95 41.88 59.16
CA GLU F 242 36.73 42.83 60.26
C GLU F 242 38.07 43.24 60.88
N SER F 243 38.84 42.26 61.34
CA SER F 243 40.05 42.52 62.14
C SER F 243 41.08 43.41 61.43
N GLU F 244 41.32 43.19 60.14
CA GLU F 244 42.30 44.00 59.40
C GLU F 244 41.94 45.47 59.35
N ILE F 245 40.77 45.72 58.75
CA ILE F 245 40.31 47.07 58.50
C ILE F 245 39.78 47.71 59.78
N VAL F 266 45.10 34.94 61.01
CA VAL F 266 43.88 34.89 61.85
C VAL F 266 42.66 34.05 61.29
N PRO F 267 42.83 33.35 60.13
CA PRO F 267 41.70 32.59 59.52
C PRO F 267 41.65 31.05 59.75
N GLU F 268 40.87 30.62 60.74
CA GLU F 268 40.49 29.22 60.93
C GLU F 268 39.06 29.22 61.46
N ILE F 269 38.14 28.55 60.77
CA ILE F 269 36.72 28.56 61.13
C ILE F 269 36.50 27.81 62.45
N ARG F 270 36.13 28.54 63.50
CA ARG F 270 36.21 27.98 64.85
C ARG F 270 34.92 27.88 65.63
N ARG F 271 34.99 27.23 66.79
CA ARG F 271 33.86 26.92 67.65
C ARG F 271 32.67 27.91 67.68
N ASP F 272 32.95 29.10 68.16
CA ASP F 272 31.94 30.14 68.38
C ASP F 272 31.29 30.59 67.09
N HIS F 273 31.94 30.35 65.95
CA HIS F 273 31.34 30.58 64.65
C HIS F 273 30.24 29.59 64.40
N PHE F 274 30.55 28.31 64.60
CA PHE F 274 29.52 27.28 64.50
C PHE F 274 28.43 27.50 65.48
N GLU F 275 28.81 27.88 66.68
CA GLU F 275 27.82 28.17 67.71
C GLU F 275 26.85 29.24 67.24
N GLU F 276 27.37 30.37 66.82
CA GLU F 276 26.53 31.45 66.39
C GLU F 276 25.81 31.11 65.06
N ALA F 277 26.39 30.19 64.29
CA ALA F 277 25.73 29.74 63.05
C ALA F 277 24.52 28.89 63.34
N MET F 278 24.62 28.13 64.44
CA MET F 278 23.54 27.28 64.93
C MET F 278 22.30 28.05 65.37
N ARG F 279 22.48 29.32 65.75
CA ARG F 279 21.37 30.20 66.11
C ARG F 279 20.34 30.42 64.98
N PHE F 280 20.68 30.00 63.76
CA PHE F 280 19.82 30.11 62.59
C PHE F 280 19.59 28.77 61.84
N ALA F 281 19.61 27.64 62.56
CA ALA F 281 19.51 26.36 61.88
C ALA F 281 18.07 26.04 61.64
N ARG F 282 17.70 25.78 60.40
CA ARG F 282 16.34 25.40 60.05
C ARG F 282 16.27 23.90 59.79
N ARG F 283 15.08 23.38 59.54
CA ARG F 283 14.96 22.04 59.02
C ARG F 283 14.13 22.12 57.77
N SER F 284 14.67 21.76 56.62
CA SER F 284 13.87 21.93 55.40
C SER F 284 12.72 20.95 55.44
N VAL F 285 12.95 19.74 55.92
CA VAL F 285 11.91 18.71 55.87
C VAL F 285 11.16 18.61 57.19
N SER F 286 9.84 18.70 57.11
CA SER F 286 9.00 18.54 58.28
C SER F 286 8.54 17.10 58.41
N ASP F 287 8.35 16.70 59.66
CA ASP F 287 7.97 15.33 60.03
C ASP F 287 6.84 14.72 59.22
N ASN F 288 5.80 15.52 58.93
CA ASN F 288 4.69 15.06 58.08
C ASN F 288 5.25 14.58 56.76
N ASP F 289 6.01 15.45 56.08
CA ASP F 289 6.63 15.08 54.82
C ASP F 289 7.47 13.83 54.98
N ILE F 290 8.28 13.79 56.02
CA ILE F 290 9.14 12.63 56.28
C ILE F 290 8.29 11.39 56.27
N ARG F 291 7.26 11.43 57.11
CA ARG F 291 6.26 10.36 57.20
C ARG F 291 5.78 9.95 55.83
N LYS F 292 5.36 10.95 55.05
CA LYS F 292 4.92 10.68 53.71
C LYS F 292 5.95 9.91 52.91
N TYR F 293 7.25 10.22 53.05
CA TYR F 293 8.20 9.47 52.22
C TYR F 293 8.27 8.02 52.58
N GLU F 294 8.12 7.72 53.87
CA GLU F 294 8.12 6.34 54.36
C GLU F 294 6.97 5.57 53.77
N MET F 295 5.81 6.22 53.65
CA MET F 295 4.65 5.64 52.99
C MET F 295 4.99 5.32 51.53
N PHE F 296 5.47 6.34 50.82
CA PHE F 296 5.91 6.20 49.44
C PHE F 296 6.92 5.05 49.47
N ALA F 297 7.94 5.16 50.34
CA ALA F 297 9.05 4.20 50.43
C ALA F 297 8.62 2.77 50.74
N GLN F 298 7.48 2.63 51.40
CA GLN F 298 6.97 1.32 51.76
C GLN F 298 6.45 0.56 50.53
N THR F 299 5.43 1.11 49.89
CA THR F 299 4.90 0.50 48.68
C THR F 299 5.95 0.46 47.57
N LEU F 300 6.57 1.61 47.31
CA LEU F 300 7.55 1.76 46.22
C LEU F 300 8.75 0.76 46.33
N GLN F 301 9.13 0.35 47.56
CA GLN F 301 10.17 -0.69 47.76
C GLN F 301 9.57 -1.99 48.26
N ALA G 1 7.57 -12.52 -7.54
CA ALA G 1 8.26 -11.84 -6.43
C ALA G 1 7.97 -10.30 -6.38
N LEU G 2 6.77 -9.85 -6.81
CA LEU G 2 6.54 -8.38 -7.11
C LEU G 2 6.69 -7.42 -5.94
N ARG G 3 7.50 -6.36 -6.15
CA ARG G 3 7.75 -5.30 -5.18
C ARG G 3 6.42 -4.69 -4.72
N GLU G 4 6.45 -3.88 -3.66
CA GLU G 4 5.21 -3.26 -3.09
C GLU G 4 4.81 -1.91 -3.67
N THR G 5 3.56 -1.78 -4.14
CA THR G 5 3.09 -0.57 -4.87
C THR G 5 2.97 0.65 -3.95
N VAL G 6 3.75 1.69 -4.21
CA VAL G 6 3.84 2.84 -3.30
C VAL G 6 3.20 4.09 -3.88
N VAL G 7 2.01 4.45 -3.39
CA VAL G 7 1.39 5.73 -3.76
C VAL G 7 2.10 6.79 -2.97
N GLU G 8 2.14 8.01 -3.47
CA GLU G 8 2.97 9.04 -2.84
C GLU G 8 2.49 10.37 -3.35
N VAL G 9 2.89 11.45 -2.70
CA VAL G 9 2.56 12.77 -3.24
C VAL G 9 3.81 13.37 -3.82
N PRO G 10 3.75 13.72 -5.10
CA PRO G 10 4.89 14.20 -5.84
C PRO G 10 5.43 15.46 -5.20
N GLN G 11 6.70 15.35 -4.82
CA GLN G 11 7.48 16.38 -4.15
C GLN G 11 7.85 17.55 -5.07
N VAL G 12 7.90 17.28 -6.38
CA VAL G 12 8.45 18.20 -7.38
C VAL G 12 7.38 18.99 -8.16
N THR G 13 7.70 20.24 -8.44
CA THR G 13 6.79 21.16 -9.10
C THR G 13 7.40 21.70 -10.39
N TRP G 14 6.63 22.41 -11.21
CA TRP G 14 7.16 23.06 -12.43
C TRP G 14 8.45 23.90 -12.27
N GLU G 15 8.66 24.49 -11.11
CA GLU G 15 9.83 25.32 -10.85
C GLU G 15 11.11 24.53 -10.96
N ASP G 16 11.04 23.24 -10.64
CA ASP G 16 12.21 22.38 -10.65
C ASP G 16 12.55 21.89 -12.06
N ILE G 17 11.66 22.17 -13.00
CA ILE G 17 11.85 21.74 -14.37
C ILE G 17 12.25 22.96 -15.20
N GLY G 18 13.45 22.88 -15.76
CA GLY G 18 13.95 23.89 -16.65
C GLY G 18 13.40 23.69 -18.04
N GLY G 19 12.88 24.77 -18.63
CA GLY G 19 12.44 24.77 -20.03
C GLY G 19 11.19 23.94 -20.24
N LEU G 20 10.98 23.46 -21.45
CA LEU G 20 9.80 22.67 -21.78
C LEU G 20 8.46 23.40 -21.57
N GLU G 21 8.41 24.71 -21.81
CA GLU G 21 7.23 25.49 -21.49
C GLU G 21 6.00 25.01 -22.22
N ASP G 22 6.19 24.80 -23.51
CA ASP G 22 5.22 24.23 -24.42
C ASP G 22 4.57 22.95 -23.89
N VAL G 23 5.36 22.00 -23.42
CA VAL G 23 4.77 20.73 -22.96
C VAL G 23 4.09 20.89 -21.64
N LYS G 24 4.61 21.76 -20.79
CA LYS G 24 4.01 22.03 -19.50
C LYS G 24 2.60 22.52 -19.71
N ARG G 25 2.45 23.43 -20.65
CA ARG G 25 1.16 23.93 -21.01
C ARG G 25 0.28 22.81 -21.52
N GLU G 26 0.82 22.09 -22.49
CA GLU G 26 0.12 20.98 -23.13
C GLU G 26 -0.34 19.91 -22.14
N LEU G 27 0.50 19.60 -21.15
CA LEU G 27 0.19 18.66 -20.10
C LEU G 27 -0.97 19.13 -19.24
N GLN G 28 -0.92 20.39 -18.84
CA GLN G 28 -2.04 21.00 -18.15
C GLN G 28 -3.29 20.90 -18.96
N GLU G 29 -3.23 21.24 -20.24
CA GLU G 29 -4.40 21.11 -21.06
C GLU G 29 -4.98 19.71 -21.12
N LEU G 30 -4.20 18.71 -20.74
CA LEU G 30 -4.62 17.32 -20.85
C LEU G 30 -5.18 16.72 -19.58
N VAL G 31 -4.81 17.30 -18.44
CA VAL G 31 -5.25 16.78 -17.15
C VAL G 31 -6.02 17.80 -16.32
N GLN G 32 -5.54 19.05 -16.23
CA GLN G 32 -6.23 20.17 -15.52
C GLN G 32 -7.59 20.46 -16.11
N TYR G 33 -7.59 20.88 -17.37
CA TYR G 33 -8.80 21.33 -18.05
C TYR G 33 -9.97 20.33 -17.97
N PRO G 34 -9.73 19.02 -18.27
CA PRO G 34 -10.89 18.11 -18.14
C PRO G 34 -11.53 18.05 -16.72
N VAL G 35 -10.69 18.11 -15.67
CA VAL G 35 -11.12 18.01 -14.27
C VAL G 35 -11.66 19.36 -13.71
N GLU G 36 -10.94 20.45 -13.98
CA GLU G 36 -11.29 21.76 -13.44
C GLU G 36 -12.19 22.58 -14.35
N HIS G 37 -12.46 22.06 -15.55
CA HIS G 37 -13.46 22.68 -16.43
C HIS G 37 -14.35 21.67 -17.11
N PRO G 38 -14.90 20.68 -16.36
CA PRO G 38 -15.63 19.61 -17.05
C PRO G 38 -16.73 20.23 -17.86
N ASP G 39 -17.20 21.41 -17.42
CA ASP G 39 -18.24 22.19 -18.13
C ASP G 39 -17.85 22.52 -19.58
N LYS G 40 -16.61 23.00 -19.80
CA LYS G 40 -16.11 23.33 -21.14
C LYS G 40 -15.88 22.13 -22.07
N PHE G 41 -15.57 20.98 -21.48
CA PHE G 41 -15.42 19.77 -22.26
C PHE G 41 -16.77 19.20 -22.66
N LEU G 42 -17.74 19.32 -21.78
CA LEU G 42 -19.13 18.94 -22.05
C LEU G 42 -19.77 19.92 -23.04
N LYS G 43 -19.42 21.20 -22.92
CA LYS G 43 -19.91 22.23 -23.84
C LYS G 43 -19.49 21.96 -25.27
N PHE G 44 -18.18 21.78 -25.49
CA PHE G 44 -17.66 21.50 -26.84
C PHE G 44 -17.77 20.03 -27.25
N GLY G 45 -18.10 19.17 -26.30
CA GLY G 45 -18.40 17.78 -26.62
C GLY G 45 -17.23 16.84 -26.45
N MET G 46 -16.10 17.17 -27.07
CA MET G 46 -14.92 16.31 -27.04
C MET G 46 -14.59 15.80 -25.64
N THR G 47 -14.31 14.50 -25.55
CA THR G 47 -13.96 13.86 -24.29
C THR G 47 -12.44 13.74 -24.20
N PRO G 48 -11.86 13.81 -22.97
CA PRO G 48 -10.40 13.92 -22.74
C PRO G 48 -9.64 12.64 -23.06
N SER G 49 -8.31 12.65 -22.96
CA SER G 49 -7.51 11.42 -23.27
C SER G 49 -7.02 10.64 -22.04
N LYS G 50 -6.90 9.33 -22.20
CA LYS G 50 -6.57 8.43 -21.09
C LYS G 50 -5.15 8.59 -20.58
N GLY G 51 -4.27 9.06 -21.46
CA GLY G 51 -2.83 9.02 -21.19
C GLY G 51 -1.94 9.54 -22.29
N VAL G 52 -0.65 9.41 -22.05
CA VAL G 52 0.32 10.15 -22.77
C VAL G 52 1.57 9.34 -22.79
N LEU G 53 2.32 9.43 -23.89
CA LEU G 53 3.61 8.78 -23.95
C LEU G 53 4.67 9.82 -24.17
N PHE G 54 5.51 10.09 -23.19
CA PHE G 54 6.77 10.77 -23.43
C PHE G 54 7.84 9.84 -24.02
N TYR G 55 8.49 10.25 -25.12
CA TYR G 55 9.74 9.60 -25.59
C TYR G 55 10.78 10.65 -25.85
N GLY G 56 12.04 10.27 -25.95
CA GLY G 56 13.12 11.22 -25.99
C GLY G 56 14.41 10.63 -25.40
N PRO G 57 15.58 11.27 -25.58
CA PRO G 57 16.79 10.79 -24.93
C PRO G 57 16.63 10.84 -23.42
N PRO G 58 17.51 10.10 -22.68
CA PRO G 58 17.49 9.94 -21.21
C PRO G 58 17.96 11.21 -20.50
N GLY G 59 17.33 11.59 -19.41
CA GLY G 59 17.87 12.65 -18.59
C GLY G 59 17.41 14.02 -19.10
N CYS G 60 16.14 14.09 -19.52
CA CYS G 60 15.63 15.29 -20.11
C CYS G 60 14.35 15.69 -19.42
N GLY G 61 13.98 14.93 -18.37
CA GLY G 61 12.87 15.34 -17.52
C GLY G 61 11.52 14.68 -17.78
N LYS G 62 11.55 13.52 -18.45
CA LYS G 62 10.32 12.73 -18.63
C LYS G 62 9.73 12.30 -17.29
N THR G 63 10.55 11.97 -16.29
CA THR G 63 10.02 11.79 -14.96
C THR G 63 9.57 13.13 -14.30
N LEU G 64 10.40 14.17 -14.38
CA LEU G 64 10.04 15.37 -13.71
C LEU G 64 8.68 15.73 -14.17
N LEU G 65 8.49 15.73 -15.47
CA LEU G 65 7.18 16.08 -16.01
C LEU G 65 6.05 15.22 -15.43
N ALA G 66 6.28 13.91 -15.36
CA ALA G 66 5.17 13.07 -14.94
C ALA G 66 4.81 13.41 -13.46
N LYS G 67 5.81 13.75 -12.68
CA LYS G 67 5.55 14.06 -11.32
C LYS G 67 4.95 15.45 -11.17
N ALA G 68 5.63 16.45 -11.72
CA ALA G 68 5.15 17.80 -11.55
C ALA G 68 3.68 17.86 -11.97
N ILE G 69 3.33 17.30 -13.12
CA ILE G 69 1.92 17.33 -13.45
C ILE G 69 1.04 16.75 -12.32
N ALA G 70 1.40 15.61 -11.74
CA ALA G 70 0.61 15.00 -10.66
C ALA G 70 0.53 15.95 -9.49
N ASN G 71 1.65 16.57 -9.17
CA ASN G 71 1.69 17.50 -8.06
C ASN G 71 0.84 18.73 -8.31
N GLU G 72 0.87 19.28 -9.50
CA GLU G 72 0.08 20.43 -9.87
C GLU G 72 -1.36 20.09 -9.66
N CYS G 73 -1.81 19.00 -10.24
CA CYS G 73 -3.17 18.55 -10.00
C CYS G 73 -3.45 18.12 -8.56
N GLN G 74 -2.49 18.34 -7.67
CA GLN G 74 -2.59 17.81 -6.31
C GLN G 74 -3.09 16.35 -6.29
N ALA G 75 -2.46 15.49 -7.09
CA ALA G 75 -2.92 14.10 -7.21
C ALA G 75 -1.89 13.11 -6.72
N ASN G 76 -2.32 11.88 -6.54
CA ASN G 76 -1.40 10.83 -6.23
C ASN G 76 -0.56 10.36 -7.42
N PHE G 77 0.56 9.72 -7.12
CA PHE G 77 1.51 9.39 -8.13
C PHE G 77 2.00 8.00 -7.85
N ILE G 78 1.79 7.07 -8.76
CA ILE G 78 2.42 5.77 -8.65
C ILE G 78 3.42 5.64 -9.74
N SER G 79 4.62 5.20 -9.41
CA SER G 79 5.68 4.98 -10.40
C SER G 79 6.01 3.48 -10.53
N ILE G 80 5.75 2.92 -11.70
CA ILE G 80 6.24 1.59 -11.96
C ILE G 80 7.44 1.79 -12.85
N LYS G 81 8.61 1.32 -12.42
CA LYS G 81 9.80 1.36 -13.29
C LYS G 81 10.18 0.07 -14.08
N GLY G 82 11.37 0.07 -14.68
CA GLY G 82 11.79 -0.99 -15.57
C GLY G 82 11.84 -2.29 -14.81
N PRO G 83 12.63 -2.29 -13.74
CA PRO G 83 12.87 -3.50 -12.98
C PRO G 83 11.60 -4.11 -12.45
N GLU G 84 10.62 -3.27 -12.15
CA GLU G 84 9.37 -3.81 -11.75
C GLU G 84 8.65 -4.57 -12.87
N LEU G 85 8.55 -3.97 -14.06
CA LEU G 85 8.04 -4.68 -15.26
C LEU G 85 8.84 -5.90 -15.52
N LEU G 86 10.15 -5.81 -15.42
CA LEU G 86 10.96 -6.99 -15.72
C LEU G 86 10.71 -8.14 -14.78
N THR G 87 10.49 -7.81 -13.51
CA THR G 87 10.13 -8.83 -12.51
C THR G 87 8.90 -9.64 -12.87
N MET G 88 7.86 -8.95 -13.28
CA MET G 88 6.68 -9.61 -13.77
C MET G 88 6.99 -10.37 -15.05
N TRP G 89 8.01 -9.95 -15.77
CA TRP G 89 8.19 -10.57 -17.01
C TRP G 89 8.87 -11.86 -16.72
N PHE G 90 9.90 -11.80 -15.87
CA PHE G 90 10.74 -12.95 -15.57
C PHE G 90 9.95 -13.92 -14.74
N GLY G 91 9.21 -13.42 -13.76
CA GLY G 91 8.39 -14.31 -12.99
C GLY G 91 7.05 -14.71 -13.58
N GLU G 92 6.74 -14.30 -14.80
CA GLU G 92 5.49 -14.66 -15.45
C GLU G 92 4.34 -14.25 -14.57
N SER G 93 4.50 -13.20 -13.80
CA SER G 93 3.44 -12.77 -12.91
C SER G 93 2.75 -11.46 -13.33
N GLU G 94 2.20 -11.47 -14.54
CA GLU G 94 1.71 -10.20 -15.08
C GLU G 94 0.33 -9.90 -14.58
N ALA G 95 -0.28 -10.91 -13.96
CA ALA G 95 -1.50 -10.70 -13.20
C ALA G 95 -1.37 -9.53 -12.18
N ASN G 96 -0.19 -9.29 -11.63
CA ASN G 96 0.01 -8.16 -10.76
C ASN G 96 -0.27 -6.81 -11.36
N VAL G 97 -0.42 -6.70 -12.65
CA VAL G 97 -0.60 -5.42 -13.27
C VAL G 97 -1.95 -4.93 -12.81
N ARG G 98 -2.85 -5.89 -12.70
CA ARG G 98 -4.21 -5.73 -12.14
C ARG G 98 -4.13 -5.06 -10.81
N GLU G 99 -3.35 -5.62 -9.90
CA GLU G 99 -3.17 -5.09 -8.56
C GLU G 99 -2.69 -3.62 -8.60
N ILE G 100 -1.68 -3.34 -9.41
CA ILE G 100 -1.21 -1.97 -9.65
C ILE G 100 -2.35 -1.05 -10.08
N PHE G 101 -3.15 -1.53 -11.02
CA PHE G 101 -4.25 -0.71 -11.51
C PHE G 101 -5.35 -0.45 -10.48
N ASP G 102 -5.67 -1.47 -9.67
CA ASP G 102 -6.49 -1.36 -8.45
C ASP G 102 -5.93 -0.29 -7.55
N LYS G 103 -4.68 -0.44 -7.13
CA LYS G 103 -4.07 0.53 -6.26
C LYS G 103 -4.14 1.96 -6.80
N ALA G 104 -4.14 2.11 -8.10
CA ALA G 104 -4.21 3.42 -8.70
C ALA G 104 -5.60 3.95 -8.65
N ARG G 105 -6.54 3.06 -8.96
CA ARG G 105 -7.96 3.37 -9.05
C ARG G 105 -8.47 3.79 -7.68
N GLN G 106 -8.06 3.00 -6.69
CA GLN G 106 -8.35 3.22 -5.30
C GLN G 106 -7.68 4.54 -4.85
N ALA G 107 -6.49 4.92 -5.32
CA ALA G 107 -5.90 6.22 -4.89
C ALA G 107 -6.27 7.44 -5.75
N ALA G 108 -7.31 7.28 -6.59
CA ALA G 108 -7.74 8.30 -7.56
C ALA G 108 -8.13 9.56 -6.82
N PRO G 109 -7.77 10.75 -7.32
CA PRO G 109 -7.08 11.08 -8.56
C PRO G 109 -5.58 10.78 -8.47
N CYS G 110 -5.07 10.16 -9.53
CA CYS G 110 -3.77 9.52 -9.57
C CYS G 110 -3.18 9.55 -10.96
N VAL G 111 -1.91 9.95 -11.08
CA VAL G 111 -1.16 9.63 -12.29
C VAL G 111 -0.32 8.40 -12.06
N LEU G 112 -0.67 7.34 -12.78
CA LEU G 112 0.05 6.10 -12.82
C LEU G 112 1.07 6.28 -13.93
N PHE G 113 2.33 6.13 -13.61
CA PHE G 113 3.42 6.41 -14.54
C PHE G 113 4.39 5.23 -14.78
N PHE G 114 4.29 4.65 -16.00
CA PHE G 114 5.13 3.53 -16.41
C PHE G 114 6.34 4.06 -17.09
N ASP G 115 7.38 4.30 -16.32
CA ASP G 115 8.68 4.58 -16.88
C ASP G 115 9.42 3.33 -17.44
N GLU G 116 10.41 3.58 -18.30
CA GLU G 116 11.21 2.52 -18.96
C GLU G 116 10.34 1.49 -19.67
N LEU G 117 9.29 1.96 -20.34
CA LEU G 117 8.36 1.10 -21.05
C LEU G 117 8.95 0.01 -21.95
N ASP G 118 10.18 0.21 -22.40
CA ASP G 118 10.79 -0.56 -23.47
C ASP G 118 11.65 -1.68 -22.89
N SER G 119 11.61 -1.79 -21.58
CA SER G 119 12.58 -2.57 -20.94
C SER G 119 12.41 -4.07 -21.19
N ILE G 120 11.21 -4.54 -21.37
CA ILE G 120 11.08 -5.93 -21.73
C ILE G 120 11.57 -6.14 -23.10
N ALA G 121 11.33 -5.15 -23.98
CA ALA G 121 11.73 -5.24 -25.37
C ALA G 121 13.26 -5.44 -25.43
N LYS G 122 13.99 -4.51 -24.83
CA LYS G 122 15.42 -4.68 -24.65
C LYS G 122 15.77 -6.07 -24.15
N ALA G 123 15.12 -6.52 -23.09
CA ALA G 123 15.45 -7.80 -22.44
C ALA G 123 15.30 -8.98 -23.34
N ARG G 124 14.41 -8.90 -24.32
CA ARG G 124 14.32 -10.02 -25.23
C ARG G 124 15.15 -9.92 -26.50
N GLY G 125 15.97 -8.88 -26.63
CA GLY G 125 16.83 -8.79 -27.82
C GLY G 125 16.77 -7.40 -28.43
N GLY G 126 15.70 -6.66 -28.16
CA GLY G 126 15.56 -5.26 -28.56
C GLY G 126 15.50 -5.04 -30.07
N ASN G 127 16.41 -4.16 -30.53
CA ASN G 127 16.63 -3.81 -31.95
C ASN G 127 16.50 -5.03 -32.91
N ILE G 128 17.22 -6.13 -32.61
CA ILE G 128 17.11 -7.42 -33.35
C ILE G 128 16.00 -8.37 -32.85
N GLY G 129 16.06 -8.76 -31.57
CA GLY G 129 14.96 -9.46 -30.89
C GLY G 129 14.98 -10.98 -30.92
N ASP G 130 13.83 -11.58 -30.56
CA ASP G 130 13.57 -13.03 -30.65
C ASP G 130 12.60 -13.37 -31.82
N GLY G 131 11.93 -14.53 -31.76
CA GLY G 131 10.95 -14.92 -32.81
C GLY G 131 9.77 -13.91 -33.01
N GLY G 132 8.99 -13.69 -31.96
CA GLY G 132 7.70 -13.02 -32.06
C GLY G 132 7.65 -11.54 -32.29
N GLY G 133 6.43 -11.00 -32.31
CA GLY G 133 6.21 -9.61 -32.54
C GLY G 133 6.34 -8.73 -31.31
N ALA G 134 5.88 -7.48 -31.41
CA ALA G 134 6.18 -6.52 -30.35
C ALA G 134 5.47 -6.86 -28.99
N ALA G 135 4.32 -7.58 -29.07
CA ALA G 135 3.56 -7.97 -27.87
C ALA G 135 4.40 -8.78 -26.88
N ASP G 136 4.17 -8.57 -25.61
CA ASP G 136 4.76 -9.38 -24.56
C ASP G 136 3.76 -9.44 -23.44
N ARG G 137 3.83 -10.47 -22.62
CA ARG G 137 2.77 -10.72 -21.70
C ARG G 137 2.51 -9.56 -20.76
N VAL G 138 3.56 -8.90 -20.33
CA VAL G 138 3.42 -7.82 -19.36
C VAL G 138 2.85 -6.56 -19.92
N ILE G 139 3.39 -6.04 -21.03
CA ILE G 139 2.80 -4.81 -21.59
C ILE G 139 1.37 -5.08 -21.99
N ASN G 140 1.16 -6.29 -22.52
CA ASN G 140 -0.16 -6.55 -22.98
C ASN G 140 -1.13 -6.41 -21.86
N GLN G 141 -0.66 -6.79 -20.68
CA GLN G 141 -1.52 -6.75 -19.52
C GLN G 141 -1.89 -5.33 -19.24
N ILE G 142 -0.89 -4.46 -19.28
CA ILE G 142 -1.11 -3.01 -19.12
C ILE G 142 -2.17 -2.52 -20.10
N LEU G 143 -2.14 -3.07 -21.29
CA LEU G 143 -3.10 -2.58 -22.24
C LEU G 143 -4.49 -3.04 -21.95
N THR G 144 -4.68 -4.26 -21.47
CA THR G 144 -6.03 -4.70 -21.07
C THR G 144 -6.49 -3.88 -19.88
N GLU G 145 -5.69 -3.88 -18.83
CA GLU G 145 -6.00 -3.06 -17.69
C GLU G 145 -6.36 -1.63 -18.06
N MET G 146 -6.23 -1.25 -19.30
CA MET G 146 -6.34 0.14 -19.56
C MET G 146 -7.54 0.27 -20.41
N ASP G 147 -7.87 -0.81 -21.09
CA ASP G 147 -9.06 -0.88 -21.92
C ASP G 147 -10.21 -1.00 -20.97
N GLY G 148 -10.07 -1.91 -20.01
CA GLY G 148 -11.06 -2.15 -18.96
C GLY G 148 -11.21 -1.05 -17.93
N MET G 149 -10.23 -0.12 -17.87
CA MET G 149 -10.25 0.93 -16.88
C MET G 149 -11.07 2.07 -17.39
N SER G 150 -12.28 2.21 -16.84
CA SER G 150 -13.24 3.23 -17.26
C SER G 150 -12.64 4.64 -17.32
N THR G 151 -12.79 5.28 -18.46
CA THR G 151 -12.34 6.64 -18.65
C THR G 151 -12.72 7.58 -17.50
N LYS G 152 -13.80 7.22 -16.82
CA LYS G 152 -14.50 8.08 -15.84
C LYS G 152 -14.03 7.90 -14.40
N LYS G 153 -13.03 7.03 -14.14
CA LYS G 153 -12.31 7.05 -12.85
C LYS G 153 -11.36 8.23 -12.93
N ASN G 154 -10.44 8.38 -12.01
CA ASN G 154 -9.64 9.57 -12.16
C ASN G 154 -8.17 9.31 -12.31
N VAL G 155 -7.86 8.25 -13.06
CA VAL G 155 -6.50 7.74 -13.19
C VAL G 155 -5.94 8.15 -14.53
N PHE G 156 -4.84 8.88 -14.52
CA PHE G 156 -4.18 9.28 -15.76
C PHE G 156 -2.87 8.52 -16.01
N ILE G 157 -2.75 7.82 -17.13
CA ILE G 157 -1.58 6.98 -17.34
C ILE G 157 -0.55 7.71 -18.16
N ILE G 158 0.74 7.58 -17.80
CA ILE G 158 1.81 8.18 -18.55
C ILE G 158 2.93 7.18 -18.72
N GLY G 159 3.35 6.97 -19.97
CA GLY G 159 4.46 6.11 -20.27
C GLY G 159 5.65 6.94 -20.66
N ALA G 160 6.85 6.39 -20.53
CA ALA G 160 8.06 7.10 -20.88
C ALA G 160 8.94 6.03 -21.43
N THR G 161 9.74 6.41 -22.42
CA THR G 161 10.66 5.43 -23.05
C THR G 161 11.70 6.23 -23.77
N ASN G 162 12.91 5.73 -23.84
CA ASN G 162 13.83 6.38 -24.72
C ASN G 162 14.17 5.44 -25.83
N ARG G 163 13.35 4.43 -26.07
CA ARG G 163 13.60 3.56 -27.20
C ARG G 163 12.26 3.29 -27.86
N PRO G 164 11.69 4.35 -28.44
CA PRO G 164 10.32 4.26 -28.90
C PRO G 164 10.26 3.42 -30.11
N ASP G 165 11.36 3.29 -30.82
CA ASP G 165 11.42 2.22 -31.85
C ASP G 165 11.09 0.78 -31.38
N ILE G 166 11.30 0.44 -30.13
CA ILE G 166 10.98 -0.90 -29.76
C ILE G 166 9.72 -1.12 -28.95
N ILE G 167 9.07 -0.03 -28.57
CA ILE G 167 7.71 -0.01 -27.99
C ILE G 167 6.65 -0.73 -28.87
N ASP G 168 5.76 -1.54 -28.26
CA ASP G 168 4.66 -2.14 -29.03
C ASP G 168 3.70 -1.05 -29.50
N PRO G 169 3.52 -0.92 -30.82
CA PRO G 169 2.61 0.07 -31.41
C PRO G 169 1.20 0.10 -30.80
N ALA G 170 0.68 -1.04 -30.33
CA ALA G 170 -0.65 -1.10 -29.76
C ALA G 170 -0.79 -0.04 -28.68
N ILE G 171 0.34 0.37 -28.11
CA ILE G 171 0.34 1.29 -27.00
C ILE G 171 -0.14 2.62 -27.45
N LEU G 172 -0.03 2.86 -28.73
CA LEU G 172 -0.39 4.15 -29.29
C LEU G 172 -1.80 4.28 -29.91
N ARG G 173 -2.50 3.16 -30.16
CA ARG G 173 -3.90 3.18 -30.63
C ARG G 173 -4.82 4.06 -29.79
N PRO G 174 -5.88 4.61 -30.42
CA PRO G 174 -6.88 5.39 -29.69
C PRO G 174 -7.40 4.69 -28.44
N GLY G 175 -7.62 5.47 -27.39
CA GLY G 175 -8.13 4.94 -26.16
C GLY G 175 -7.02 4.44 -25.28
N ARG G 176 -5.76 4.65 -25.70
CA ARG G 176 -4.59 4.26 -24.91
C ARG G 176 -3.64 5.43 -24.70
N LEU G 177 -2.37 5.28 -24.99
CA LEU G 177 -1.49 6.42 -24.86
C LEU G 177 -1.47 7.10 -26.19
N ASP G 178 -2.48 7.93 -26.40
CA ASP G 178 -2.72 8.59 -27.67
C ASP G 178 -1.74 9.70 -27.91
N GLN G 179 -1.41 10.45 -26.87
CA GLN G 179 -0.59 11.63 -27.03
C GLN G 179 0.87 11.26 -26.96
N LEU G 180 1.48 11.13 -28.11
CA LEU G 180 2.92 11.07 -28.19
C LEU G 180 3.46 12.46 -27.87
N ILE G 181 4.49 12.56 -27.06
CA ILE G 181 5.15 13.84 -26.82
C ILE G 181 6.66 13.60 -26.78
N TYR G 182 7.36 14.38 -27.59
CA TYR G 182 8.80 14.29 -27.65
C TYR G 182 9.45 15.24 -26.63
N ILE G 183 10.25 14.70 -25.73
CA ILE G 183 11.03 15.52 -24.83
C ILE G 183 12.45 15.42 -25.32
N PRO G 184 12.90 16.46 -26.03
CA PRO G 184 14.17 16.55 -26.75
C PRO G 184 15.28 17.00 -25.78
N LEU G 185 16.52 16.98 -26.25
CA LEU G 185 17.62 17.52 -25.46
C LEU G 185 17.36 18.95 -25.18
N PRO G 186 17.83 19.47 -24.07
CA PRO G 186 17.60 20.89 -23.86
C PRO G 186 18.42 21.71 -24.83
N ASP G 187 17.79 22.74 -25.39
CA ASP G 187 18.50 23.75 -26.17
C ASP G 187 19.24 24.86 -25.34
N GLU G 188 19.92 25.72 -26.09
CA GLU G 188 20.60 26.94 -25.63
C GLU G 188 19.99 27.64 -24.39
N LYS G 189 18.76 28.15 -24.54
CA LYS G 189 18.05 28.85 -23.49
C LYS G 189 17.68 27.92 -22.38
N SER G 190 17.16 26.75 -22.76
CA SER G 190 16.71 25.71 -21.83
C SER G 190 17.79 25.34 -20.86
N ARG G 191 19.01 25.17 -21.36
CA ARG G 191 20.12 24.84 -20.47
C ARG G 191 20.25 25.85 -19.30
N VAL G 192 20.12 27.12 -19.61
CA VAL G 192 20.13 28.10 -18.56
C VAL G 192 19.05 27.81 -17.50
N ALA G 193 17.78 27.67 -17.94
CA ALA G 193 16.61 27.38 -17.05
C ALA G 193 16.89 26.18 -16.18
N ILE G 194 17.42 25.12 -16.81
CA ILE G 194 17.77 23.87 -16.12
C ILE G 194 18.84 24.06 -15.07
N LEU G 195 19.85 24.87 -15.35
CA LEU G 195 20.81 25.22 -14.29
C LEU G 195 20.16 26.03 -13.18
N LYS G 196 19.38 27.06 -13.54
CA LYS G 196 18.66 27.84 -12.55
C LYS G 196 17.79 26.95 -11.66
N ALA G 197 16.97 26.12 -12.31
CA ALA G 197 16.06 25.22 -11.60
C ALA G 197 16.82 24.32 -10.62
N ASN G 198 17.96 23.82 -11.08
CA ASN G 198 18.75 22.92 -10.28
C ASN G 198 19.45 23.61 -9.17
N LEU G 199 19.52 24.92 -9.25
CA LEU G 199 20.23 25.64 -8.21
C LEU G 199 19.30 26.53 -7.36
N ARG G 200 18.02 26.51 -7.68
CA ARG G 200 17.00 27.23 -6.96
C ARG G 200 17.17 27.17 -5.45
N LYS G 201 17.53 25.99 -4.94
CA LYS G 201 17.65 25.81 -3.50
C LYS G 201 19.12 25.72 -3.09
N SER G 202 19.93 26.63 -3.61
CA SER G 202 21.40 26.61 -3.42
C SER G 202 22.06 27.99 -3.34
N PRO G 203 23.14 28.11 -2.54
CA PRO G 203 23.87 29.36 -2.42
C PRO G 203 24.83 29.61 -3.58
N VAL G 204 24.29 30.04 -4.70
CA VAL G 204 25.08 30.36 -5.88
C VAL G 204 25.81 31.69 -5.74
N ALA G 205 27.13 31.67 -5.81
CA ALA G 205 27.91 32.90 -5.84
C ALA G 205 27.43 33.83 -6.96
N LYS G 206 27.41 35.12 -6.67
CA LYS G 206 26.84 36.13 -7.57
C LYS G 206 27.52 36.19 -8.93
N ASP G 207 28.85 36.12 -8.95
CA ASP G 207 29.64 36.22 -10.17
C ASP G 207 29.37 35.10 -11.19
N VAL G 208 29.23 33.86 -10.72
CA VAL G 208 29.03 32.62 -11.53
C VAL G 208 28.04 32.78 -12.68
N ASP G 209 28.53 32.60 -13.90
CA ASP G 209 27.74 32.90 -15.10
C ASP G 209 27.19 31.64 -15.73
N LEU G 210 25.88 31.45 -15.56
CA LEU G 210 25.20 30.27 -16.09
C LEU G 210 24.90 30.39 -17.59
N GLU G 211 24.55 31.59 -18.03
CA GLU G 211 24.22 31.86 -19.43
C GLU G 211 25.38 31.42 -20.29
N PHE G 212 26.56 31.43 -19.68
CA PHE G 212 27.80 31.01 -20.31
C PHE G 212 27.94 29.49 -20.28
N LEU G 213 27.80 28.92 -19.07
CA LEU G 213 27.77 27.48 -18.91
C LEU G 213 26.83 26.81 -19.94
N ALA G 214 25.72 27.52 -20.19
CA ALA G 214 24.72 27.08 -21.15
C ALA G 214 25.32 27.02 -22.57
N LYS G 215 26.09 28.06 -22.93
CA LYS G 215 26.79 28.09 -24.21
C LYS G 215 27.82 26.94 -24.29
N MET G 216 28.32 26.50 -23.13
CA MET G 216 29.41 25.51 -23.10
C MET G 216 29.01 24.07 -23.30
N THR G 217 27.71 23.85 -23.32
CA THR G 217 27.18 22.52 -23.20
C THR G 217 26.29 22.23 -24.39
N ASN G 218 26.42 21.05 -24.99
CA ASN G 218 25.44 20.68 -25.98
C ASN G 218 24.62 19.42 -25.87
N GLY G 219 25.14 18.31 -26.40
CA GLY G 219 24.50 17.00 -26.25
C GLY G 219 24.27 16.75 -24.76
N PHE G 220 24.31 17.86 -24.02
CA PHE G 220 24.10 17.88 -22.61
C PHE G 220 22.67 17.81 -22.36
N SER G 221 22.28 16.78 -21.64
CA SER G 221 20.93 16.60 -21.21
C SER G 221 20.79 17.26 -19.84
N GLY G 222 19.55 17.50 -19.43
CA GLY G 222 19.28 17.95 -18.07
C GLY G 222 20.12 17.14 -17.08
N ALA G 223 20.15 15.81 -17.23
CA ALA G 223 20.88 14.92 -16.31
C ALA G 223 22.33 15.31 -16.25
N ASP G 224 22.93 15.49 -17.42
CA ASP G 224 24.31 15.90 -17.54
C ASP G 224 24.56 17.22 -16.86
N LEU G 225 23.59 18.12 -16.92
CA LEU G 225 23.77 19.45 -16.34
C LEU G 225 23.76 19.40 -14.84
N THR G 226 22.74 18.73 -14.29
CA THR G 226 22.67 18.35 -12.88
C THR G 226 23.96 17.74 -12.38
N GLU G 227 24.54 16.86 -13.17
CA GLU G 227 25.77 16.24 -12.76
C GLU G 227 26.85 17.26 -12.48
N ILE G 228 26.94 18.29 -13.31
CA ILE G 228 27.89 19.38 -13.11
C ILE G 228 27.67 20.07 -11.79
N CYS G 229 26.49 20.65 -11.60
CA CYS G 229 26.15 21.26 -10.34
C CYS G 229 26.59 20.42 -9.20
N GLN G 230 26.20 19.15 -9.20
CA GLN G 230 26.56 18.28 -8.12
C GLN G 230 28.05 18.20 -7.86
N ARG G 231 28.86 18.07 -8.90
CA ARG G 231 30.32 18.04 -8.69
C ARG G 231 30.75 19.37 -8.08
N ALA G 232 30.12 20.48 -8.54
CA ALA G 232 30.41 21.82 -8.02
C ALA G 232 30.13 21.83 -6.53
N CYS G 233 28.92 21.43 -6.11
CA CYS G 233 28.58 21.29 -4.69
C CYS G 233 29.58 20.46 -3.94
N LYS G 234 29.77 19.23 -4.39
CA LYS G 234 30.68 18.32 -3.74
C LYS G 234 32.00 19.01 -3.53
N LEU G 235 32.36 19.90 -4.46
CA LEU G 235 33.63 20.65 -4.37
C LEU G 235 33.61 21.72 -3.30
N ALA G 236 32.55 22.51 -3.28
CA ALA G 236 32.26 23.45 -2.23
C ALA G 236 32.19 22.77 -0.87
N ILE G 237 31.43 21.69 -0.70
CA ILE G 237 31.38 20.98 0.59
C ILE G 237 32.73 20.47 1.07
N ARG G 238 33.45 19.78 0.20
CA ARG G 238 34.80 19.33 0.50
C ARG G 238 35.70 20.53 0.77
N GLU G 239 35.43 21.63 0.09
CA GLU G 239 36.23 22.85 0.22
C GLU G 239 35.88 23.56 1.53
N SER G 240 34.64 23.37 1.97
CA SER G 240 34.16 23.91 3.22
C SER G 240 34.73 23.07 4.35
N ILE G 241 34.25 21.85 4.55
CA ILE G 241 34.76 20.97 5.62
C ILE G 241 36.28 21.00 5.75
N GLU G 242 36.96 21.28 4.65
CA GLU G 242 38.41 21.42 4.64
C GLU G 242 38.91 22.56 5.56
N SER G 243 38.41 23.78 5.33
CA SER G 243 38.89 24.99 6.02
C SER G 243 38.82 24.92 7.57
N GLU G 244 37.73 24.38 8.11
CA GLU G 244 37.54 24.30 9.57
C GLU G 244 38.59 23.40 10.22
N ILE G 245 38.59 22.15 9.79
CA ILE G 245 39.43 21.13 10.38
C ILE G 245 40.88 21.29 9.87
N VAL G 266 31.77 30.79 5.46
CA VAL G 266 32.57 30.49 4.24
C VAL G 266 31.85 29.67 3.10
N PRO G 267 30.53 29.36 3.25
CA PRO G 267 29.82 28.51 2.27
C PRO G 267 28.93 29.22 1.20
N GLU G 268 29.48 29.45 0.01
CA GLU G 268 28.70 29.87 -1.15
C GLU G 268 29.36 29.21 -2.34
N ILE G 269 28.59 28.43 -3.09
CA ILE G 269 29.16 27.68 -4.20
C ILE G 269 29.61 28.65 -5.31
N ARG G 270 30.91 28.71 -5.57
CA ARG G 270 31.46 29.81 -6.40
C ARG G 270 32.18 29.42 -7.69
N ARG G 271 32.52 30.43 -8.48
CA ARG G 271 33.12 30.30 -9.81
C ARG G 271 34.06 29.12 -10.04
N ASP G 272 35.20 29.13 -9.33
CA ASP G 272 36.25 28.12 -9.49
C ASP G 272 35.80 26.68 -9.19
N HIS G 273 34.73 26.54 -8.41
CA HIS G 273 34.10 25.25 -8.17
C HIS G 273 33.39 24.78 -9.39
N PHE G 274 32.62 25.64 -10.02
CA PHE G 274 32.05 25.28 -11.30
C PHE G 274 33.12 25.02 -12.31
N GLU G 275 34.14 25.87 -12.33
CA GLU G 275 35.23 25.71 -13.27
C GLU G 275 35.84 24.33 -13.12
N GLU G 276 36.22 23.98 -11.91
CA GLU G 276 36.81 22.69 -11.68
C GLU G 276 35.82 21.53 -11.88
N ALA G 277 34.53 21.81 -11.72
CA ALA G 277 33.51 20.77 -11.93
C ALA G 277 33.39 20.44 -13.40
N MET G 278 33.60 21.46 -14.23
CA MET G 278 33.57 21.37 -15.68
C MET G 278 34.64 20.48 -16.24
N ARG G 279 35.73 20.31 -15.49
CA ARG G 279 36.81 19.43 -15.91
C ARG G 279 36.38 17.96 -16.10
N PHE G 280 35.19 17.61 -15.64
CA PHE G 280 34.70 16.23 -15.72
C PHE G 280 33.31 16.13 -16.36
N ALA G 281 33.00 17.05 -17.26
CA ALA G 281 31.66 17.11 -17.82
C ALA G 281 31.61 16.10 -18.92
N ARG G 282 30.62 15.21 -18.88
CA ARG G 282 30.38 14.23 -19.93
C ARG G 282 29.18 14.66 -20.75
N ARG G 283 28.91 13.89 -21.80
CA ARG G 283 27.62 14.00 -22.46
C ARG G 283 27.00 12.62 -22.45
N SER G 284 25.86 12.42 -21.81
CA SER G 284 25.25 11.09 -21.83
C SER G 284 24.79 10.73 -23.24
N VAL G 285 24.22 11.66 -23.99
CA VAL G 285 23.71 11.35 -25.31
C VAL G 285 24.71 11.66 -26.41
N SER G 286 24.99 10.66 -27.25
CA SER G 286 25.85 10.89 -28.40
C SER G 286 25.04 11.27 -29.63
N ASP G 287 25.66 12.05 -30.50
CA ASP G 287 25.08 12.52 -31.76
C ASP G 287 24.34 11.48 -32.62
N ASN G 288 24.89 10.27 -32.76
CA ASN G 288 24.18 9.18 -33.45
C ASN G 288 22.81 8.97 -32.84
N ASP G 289 22.79 8.71 -31.53
CA ASP G 289 21.56 8.58 -30.80
C ASP G 289 20.68 9.75 -31.11
N ILE G 290 21.20 10.95 -30.95
CA ILE G 290 20.37 12.13 -31.09
C ILE G 290 19.69 12.06 -32.44
N ARG G 291 20.50 11.80 -33.47
CA ARG G 291 20.01 11.62 -34.82
C ARG G 291 18.89 10.60 -34.88
N LYS G 292 19.14 9.44 -34.30
CA LYS G 292 18.10 8.44 -34.16
C LYS G 292 16.78 9.00 -33.58
N TYR G 293 16.82 9.86 -32.56
CA TYR G 293 15.56 10.36 -32.01
C TYR G 293 14.80 11.18 -33.03
N GLU G 294 15.51 12.01 -33.78
CA GLU G 294 14.89 12.83 -34.80
C GLU G 294 14.18 11.95 -35.82
N MET G 295 14.79 10.82 -36.17
CA MET G 295 14.17 9.86 -37.07
C MET G 295 12.88 9.37 -36.44
N PHE G 296 12.99 8.87 -35.20
CA PHE G 296 11.83 8.39 -34.44
C PHE G 296 10.83 9.56 -34.45
N ALA G 297 11.32 10.74 -34.04
CA ALA G 297 10.51 11.97 -33.87
C ALA G 297 9.82 12.43 -35.15
N GLN G 298 10.40 12.09 -36.30
CA GLN G 298 9.82 12.46 -37.58
C GLN G 298 8.56 11.65 -37.90
N THR G 299 8.71 10.33 -38.01
CA THR G 299 7.55 9.48 -38.28
C THR G 299 6.55 9.56 -37.14
N LEU G 300 7.05 9.38 -35.92
CA LEU G 300 6.19 9.36 -34.73
C LEU G 300 5.34 10.66 -34.55
N GLN G 301 5.83 11.82 -35.00
CA GLN G 301 5.05 13.09 -34.97
C GLN G 301 4.64 13.52 -36.39
N ALA H 1 -5.85 -14.68 -16.42
CA ALA H 1 -6.06 -13.35 -15.80
C ALA H 1 -7.15 -12.53 -16.53
N LEU H 2 -8.12 -13.20 -17.19
CA LEU H 2 -9.05 -12.51 -18.14
C LEU H 2 -9.86 -11.31 -17.55
N ARG H 3 -9.82 -10.18 -18.25
CA ARG H 3 -10.59 -8.97 -17.93
C ARG H 3 -12.10 -9.26 -17.81
N GLU H 4 -12.89 -8.33 -17.26
CA GLU H 4 -14.33 -8.55 -17.08
C GLU H 4 -15.20 -8.17 -18.29
N THR H 5 -16.05 -9.09 -18.77
CA THR H 5 -16.84 -8.89 -20.02
C THR H 5 -17.96 -7.89 -19.81
N VAL H 6 -17.91 -6.76 -20.52
CA VAL H 6 -18.83 -5.63 -20.24
C VAL H 6 -19.88 -5.46 -21.33
N VAL H 7 -21.14 -5.77 -21.02
CA VAL H 7 -22.24 -5.44 -21.93
C VAL H 7 -22.59 -3.98 -21.80
N GLU H 8 -23.11 -3.36 -22.83
CA GLU H 8 -23.27 -1.92 -22.83
C GLU H 8 -24.24 -1.57 -23.93
N VAL H 9 -24.79 -0.36 -23.87
CA VAL H 9 -25.61 0.10 -24.98
C VAL H 9 -24.85 1.13 -25.77
N PRO H 10 -24.70 0.85 -27.07
CA PRO H 10 -23.90 1.66 -27.94
C PRO H 10 -24.45 3.07 -27.98
N GLN H 11 -23.60 3.97 -27.55
CA GLN H 11 -23.79 5.40 -27.48
C GLN H 11 -23.89 6.05 -28.88
N VAL H 12 -23.28 5.44 -29.88
CA VAL H 12 -23.06 6.07 -31.20
C VAL H 12 -24.05 5.61 -32.28
N THR H 13 -24.43 6.52 -33.16
CA THR H 13 -25.45 6.25 -34.17
C THR H 13 -24.89 6.56 -35.55
N TRP H 14 -25.66 6.25 -36.59
CA TRP H 14 -25.20 6.54 -37.96
C TRP H 14 -24.75 7.98 -38.24
N GLU H 15 -25.34 8.95 -37.56
CA GLU H 15 -24.99 10.37 -37.74
C GLU H 15 -23.53 10.65 -37.42
N ASP H 16 -22.96 9.91 -36.49
CA ASP H 16 -21.57 10.13 -36.10
C ASP H 16 -20.60 9.49 -37.08
N ILE H 17 -21.15 8.77 -38.05
CA ILE H 17 -20.35 8.10 -39.07
C ILE H 17 -20.45 8.85 -40.41
N GLY H 18 -19.31 9.40 -40.84
CA GLY H 18 -19.18 10.09 -42.12
C GLY H 18 -19.06 9.10 -43.26
N GLY H 19 -19.94 9.22 -44.23
CA GLY H 19 -19.83 8.44 -45.44
C GLY H 19 -20.21 6.99 -45.21
N LEU H 20 -19.69 6.12 -46.07
CA LEU H 20 -19.97 4.68 -45.98
C LEU H 20 -21.46 4.37 -46.11
N GLU H 21 -22.17 5.09 -46.98
CA GLU H 21 -23.61 4.93 -47.10
C GLU H 21 -23.99 3.53 -47.50
N ASP H 22 -23.32 3.06 -48.54
CA ASP H 22 -23.43 1.71 -49.06
C ASP H 22 -23.37 0.61 -47.99
N VAL H 23 -22.35 0.66 -47.13
CA VAL H 23 -22.21 -0.36 -46.10
C VAL H 23 -23.27 -0.23 -45.03
N LYS H 24 -23.56 0.99 -44.61
CA LYS H 24 -24.62 1.21 -43.64
C LYS H 24 -25.88 0.48 -44.10
N ARG H 25 -26.19 0.63 -45.38
CA ARG H 25 -27.37 0.02 -45.94
C ARG H 25 -27.22 -1.48 -45.89
N GLU H 26 -26.07 -1.94 -46.35
CA GLU H 26 -25.75 -3.35 -46.36
C GLU H 26 -25.83 -4.01 -44.97
N LEU H 27 -25.38 -3.27 -43.97
CA LEU H 27 -25.38 -3.74 -42.61
C LEU H 27 -26.78 -3.93 -42.07
N GLN H 28 -27.60 -2.91 -42.28
CA GLN H 28 -29.00 -2.99 -41.98
C GLN H 28 -29.60 -4.22 -42.63
N GLU H 29 -29.37 -4.39 -43.92
CA GLU H 29 -29.92 -5.53 -44.61
C GLU H 29 -29.49 -6.86 -43.98
N LEU H 30 -28.46 -6.83 -43.16
CA LEU H 30 -27.95 -8.07 -42.61
C LEU H 30 -28.45 -8.36 -41.21
N VAL H 31 -28.85 -7.32 -40.51
CA VAL H 31 -29.31 -7.46 -39.13
C VAL H 31 -30.76 -7.02 -38.93
N GLN H 32 -31.16 -5.86 -39.49
CA GLN H 32 -32.54 -5.33 -39.33
C GLN H 32 -33.53 -6.27 -39.97
N TYR H 33 -33.39 -6.43 -41.27
CA TYR H 33 -34.31 -7.21 -42.09
C TYR H 33 -34.62 -8.61 -41.55
N PRO H 34 -33.60 -9.42 -41.20
CA PRO H 34 -33.97 -10.72 -40.63
C PRO H 34 -34.83 -10.64 -39.34
N VAL H 35 -34.60 -9.65 -38.47
CA VAL H 35 -35.32 -9.50 -37.18
C VAL H 35 -36.68 -8.78 -37.32
N GLU H 36 -36.70 -7.69 -38.10
CA GLU H 36 -37.90 -6.88 -38.26
C GLU H 36 -38.77 -7.29 -39.43
N HIS H 37 -38.30 -8.26 -40.22
CA HIS H 37 -39.11 -8.81 -41.28
C HIS H 37 -38.96 -10.31 -41.40
N PRO H 38 -39.03 -11.04 -40.26
CA PRO H 38 -38.78 -12.49 -40.37
C PRO H 38 -39.70 -13.12 -41.40
N ASP H 39 -40.87 -12.52 -41.60
CA ASP H 39 -41.85 -12.96 -42.61
C ASP H 39 -41.29 -13.00 -44.04
N LYS H 40 -40.57 -11.96 -44.46
CA LYS H 40 -39.95 -11.89 -45.81
C LYS H 40 -38.80 -12.87 -46.02
N PHE H 41 -38.07 -13.17 -44.96
CA PHE H 41 -36.98 -14.15 -45.02
C PHE H 41 -37.53 -15.57 -45.10
N LEU H 42 -38.61 -15.83 -44.37
CA LEU H 42 -39.33 -17.10 -44.43
C LEU H 42 -40.07 -17.23 -45.76
N LYS H 43 -40.59 -16.11 -46.28
CA LYS H 43 -41.26 -16.07 -47.58
C LYS H 43 -40.34 -16.47 -48.72
N PHE H 44 -39.19 -15.81 -48.84
CA PHE H 44 -38.22 -16.15 -49.88
C PHE H 44 -37.34 -17.34 -49.53
N GLY H 45 -37.38 -17.77 -48.26
CA GLY H 45 -36.68 -18.98 -47.84
C GLY H 45 -35.32 -18.75 -47.21
N MET H 46 -34.47 -18.00 -47.93
CA MET H 46 -33.09 -17.77 -47.49
C MET H 46 -33.00 -17.39 -46.02
N THR H 47 -32.07 -18.03 -45.32
CA THR H 47 -31.83 -17.78 -43.90
C THR H 47 -30.65 -16.82 -43.77
N PRO H 48 -30.63 -15.96 -42.72
CA PRO H 48 -29.69 -14.83 -42.59
C PRO H 48 -28.25 -15.30 -42.29
N SER H 49 -27.30 -14.38 -42.19
CA SER H 49 -25.90 -14.73 -41.88
C SER H 49 -25.48 -14.47 -40.42
N LYS H 50 -24.59 -15.31 -39.90
CA LYS H 50 -24.19 -15.24 -38.48
C LYS H 50 -23.30 -14.05 -38.13
N GLY H 51 -22.62 -13.51 -39.14
CA GLY H 51 -21.58 -12.54 -38.86
C GLY H 51 -20.92 -11.92 -40.07
N VAL H 52 -19.97 -11.06 -39.76
CA VAL H 52 -19.39 -10.17 -40.73
C VAL H 52 -17.96 -9.89 -40.39
N LEU H 53 -17.12 -9.75 -41.39
CA LEU H 53 -15.77 -9.35 -41.16
C LEU H 53 -15.48 -8.05 -41.85
N PHE H 54 -15.33 -6.96 -41.11
CA PHE H 54 -14.78 -5.74 -41.68
C PHE H 54 -13.25 -5.80 -41.71
N TYR H 55 -12.67 -5.55 -42.87
CA TYR H 55 -11.23 -5.31 -42.95
C TYR H 55 -10.99 -4.00 -43.66
N GLY H 56 -9.85 -3.39 -43.41
CA GLY H 56 -9.53 -2.10 -43.93
C GLY H 56 -8.35 -1.50 -43.19
N PRO H 57 -7.80 -0.39 -43.68
CA PRO H 57 -6.83 0.33 -42.89
C PRO H 57 -7.50 0.80 -41.60
N PRO H 58 -6.65 1.16 -40.61
CA PRO H 58 -7.02 1.64 -39.26
C PRO H 58 -7.59 3.08 -39.27
N GLY H 59 -8.67 3.28 -38.52
CA GLY H 59 -9.18 4.62 -38.25
C GLY H 59 -10.16 5.05 -39.32
N CYS H 60 -11.00 4.12 -39.75
CA CYS H 60 -11.86 4.36 -40.85
C CYS H 60 -13.27 4.07 -40.49
N GLY H 61 -13.46 3.65 -39.24
CA GLY H 61 -14.82 3.50 -38.73
C GLY H 61 -15.29 2.07 -38.56
N LYS H 62 -14.35 1.13 -38.51
CA LYS H 62 -14.72 -0.29 -38.32
C LYS H 62 -15.47 -0.52 -36.97
N THR H 63 -15.00 0.17 -35.94
CA THR H 63 -15.69 0.20 -34.68
C THR H 63 -17.02 1.00 -34.76
N LEU H 64 -17.01 2.13 -35.43
CA LEU H 64 -18.24 2.95 -35.40
C LEU H 64 -19.31 2.15 -36.02
N LEU H 65 -18.97 1.44 -37.08
CA LEU H 65 -19.97 0.67 -37.76
C LEU H 65 -20.49 -0.45 -36.87
N ALA H 66 -19.61 -1.10 -36.11
CA ALA H 66 -20.05 -2.22 -35.29
C ALA H 66 -20.96 -1.70 -34.16
N LYS H 67 -20.65 -0.51 -33.66
CA LYS H 67 -21.53 0.05 -32.63
C LYS H 67 -22.84 0.65 -33.15
N ALA H 68 -22.76 1.54 -34.13
CA ALA H 68 -23.95 2.13 -34.75
C ALA H 68 -24.96 1.08 -35.10
N ILE H 69 -24.52 0.04 -35.77
CA ILE H 69 -25.47 -1.03 -36.12
C ILE H 69 -26.13 -1.63 -34.87
N ALA H 70 -25.36 -1.93 -33.82
CA ALA H 70 -25.95 -2.43 -32.58
C ALA H 70 -26.94 -1.41 -32.03
N ASN H 71 -26.58 -0.16 -32.06
CA ASN H 71 -27.45 0.86 -31.52
C ASN H 71 -28.72 1.07 -32.31
N GLU H 72 -28.60 0.97 -33.63
CA GLU H 72 -29.72 1.05 -34.50
C GLU H 72 -30.69 -0.05 -34.12
N CYS H 73 -30.21 -1.28 -34.08
CA CYS H 73 -31.07 -2.39 -33.69
C CYS H 73 -31.51 -2.35 -32.23
N GLN H 74 -31.20 -1.26 -31.55
CA GLN H 74 -31.42 -1.17 -30.10
C GLN H 74 -30.95 -2.45 -29.36
N ALA H 75 -29.71 -2.86 -29.62
CA ALA H 75 -29.19 -4.10 -29.06
C ALA H 75 -27.98 -3.85 -28.17
N ASN H 76 -27.60 -4.88 -27.47
CA ASN H 76 -26.44 -4.82 -26.62
C ASN H 76 -25.21 -5.01 -27.43
N PHE H 77 -24.09 -4.58 -26.87
CA PHE H 77 -22.84 -4.57 -27.60
C PHE H 77 -21.71 -5.08 -26.71
N ILE H 78 -21.07 -6.17 -27.09
CA ILE H 78 -19.89 -6.57 -26.33
C ILE H 78 -18.66 -6.38 -27.20
N SER H 79 -17.58 -5.88 -26.63
CA SER H 79 -16.41 -5.60 -27.42
C SER H 79 -15.25 -6.34 -26.85
N ILE H 80 -14.70 -7.28 -27.56
CA ILE H 80 -13.46 -7.91 -27.13
C ILE H 80 -12.39 -7.36 -28.04
N LYS H 81 -11.33 -6.84 -27.46
CA LYS H 81 -10.25 -6.22 -28.24
C LYS H 81 -8.98 -7.06 -28.22
N GLY H 82 -7.93 -6.54 -28.86
CA GLY H 82 -6.70 -7.29 -29.15
C GLY H 82 -6.07 -7.82 -27.89
N PRO H 83 -5.75 -6.91 -26.97
CA PRO H 83 -5.11 -7.32 -25.74
C PRO H 83 -5.90 -8.39 -24.95
N GLU H 84 -7.23 -8.35 -25.01
CA GLU H 84 -7.98 -9.37 -24.35
C GLU H 84 -7.75 -10.77 -24.98
N LEU H 85 -7.80 -10.84 -26.31
CA LEU H 85 -7.43 -12.05 -27.02
C LEU H 85 -6.01 -12.45 -26.65
N LEU H 86 -5.08 -11.52 -26.73
CA LEU H 86 -3.73 -11.85 -26.37
C LEU H 86 -3.56 -12.38 -24.97
N THR H 87 -4.22 -11.77 -24.00
CA THR H 87 -4.24 -12.36 -22.65
C THR H 87 -4.55 -13.84 -22.69
N MET H 88 -5.60 -14.24 -23.40
CA MET H 88 -5.99 -15.63 -23.37
C MET H 88 -4.94 -16.43 -24.11
N TRP H 89 -4.30 -15.80 -25.06
CA TRP H 89 -3.29 -16.51 -25.78
C TRP H 89 -2.06 -16.74 -24.94
N PHE H 90 -1.52 -15.72 -24.31
CA PHE H 90 -0.41 -15.85 -23.41
C PHE H 90 -0.70 -16.76 -22.23
N GLY H 91 -1.85 -16.57 -21.58
CA GLY H 91 -2.23 -17.38 -20.43
C GLY H 91 -2.85 -18.72 -20.77
N GLU H 92 -2.97 -19.04 -22.04
CA GLU H 92 -3.52 -20.33 -22.40
C GLU H 92 -4.92 -20.54 -21.83
N SER H 93 -5.62 -19.45 -21.64
CA SER H 93 -6.93 -19.53 -21.09
C SER H 93 -8.03 -19.27 -22.14
N GLU H 94 -8.07 -20.05 -23.20
CA GLU H 94 -9.02 -19.72 -24.24
C GLU H 94 -10.40 -20.23 -23.90
N ALA H 95 -10.46 -21.05 -22.84
CA ALA H 95 -11.74 -21.51 -22.32
C ALA H 95 -12.66 -20.30 -22.01
N ASN H 96 -12.08 -19.16 -21.66
CA ASN H 96 -12.87 -17.96 -21.45
C ASN H 96 -13.67 -17.48 -22.64
N VAL H 97 -13.37 -17.97 -23.82
CA VAL H 97 -14.14 -17.53 -24.96
C VAL H 97 -15.58 -18.04 -24.82
N ARG H 98 -15.73 -19.22 -24.23
CA ARG H 98 -16.99 -19.79 -23.84
C ARG H 98 -17.75 -18.79 -22.98
N GLU H 99 -17.11 -18.29 -21.92
CA GLU H 99 -17.71 -17.31 -21.02
C GLU H 99 -18.22 -16.06 -21.77
N ILE H 100 -17.36 -15.47 -22.60
CA ILE H 100 -17.74 -14.36 -23.46
C ILE H 100 -18.97 -14.68 -24.30
N PHE H 101 -19.00 -15.83 -24.92
CA PHE H 101 -20.14 -16.18 -25.69
C PHE H 101 -21.42 -16.34 -24.85
N ASP H 102 -21.32 -16.95 -23.67
CA ASP H 102 -22.42 -17.04 -22.71
C ASP H 102 -22.94 -15.65 -22.46
N LYS H 103 -22.04 -14.78 -22.04
CA LYS H 103 -22.41 -13.40 -21.74
C LYS H 103 -23.12 -12.68 -22.91
N ALA H 104 -22.84 -13.09 -24.12
CA ALA H 104 -23.47 -12.47 -25.26
C ALA H 104 -24.82 -13.09 -25.52
N ARG H 105 -24.89 -14.40 -25.31
CA ARG H 105 -26.09 -15.17 -25.51
C ARG H 105 -27.14 -14.69 -24.52
N GLN H 106 -26.67 -14.47 -23.29
CA GLN H 106 -27.50 -14.08 -22.17
C GLN H 106 -27.91 -12.61 -22.32
N ALA H 107 -27.11 -11.82 -23.02
CA ALA H 107 -27.48 -10.43 -23.26
C ALA H 107 -28.15 -10.20 -24.61
N ALA H 108 -28.58 -11.28 -25.27
CA ALA H 108 -29.26 -11.22 -26.58
C ALA H 108 -30.55 -10.37 -26.52
N PRO H 109 -30.82 -9.51 -27.53
CA PRO H 109 -30.10 -9.28 -28.79
C PRO H 109 -28.80 -8.48 -28.60
N CYS H 110 -27.75 -8.99 -29.21
CA CYS H 110 -26.40 -8.54 -28.94
C CYS H 110 -25.51 -8.59 -30.19
N VAL H 111 -24.80 -7.50 -30.49
CA VAL H 111 -23.61 -7.67 -31.36
C VAL H 111 -22.31 -7.87 -30.58
N LEU H 112 -21.76 -9.06 -30.76
CA LEU H 112 -20.48 -9.43 -30.16
C LEU H 112 -19.37 -9.08 -31.15
N PHE H 113 -18.46 -8.21 -30.76
CA PHE H 113 -17.56 -7.58 -31.73
C PHE H 113 -16.07 -7.81 -31.42
N PHE H 114 -15.43 -8.63 -32.25
CA PHE H 114 -14.02 -9.00 -32.03
C PHE H 114 -13.16 -8.09 -32.86
N ASP H 115 -12.73 -7.00 -32.25
CA ASP H 115 -11.80 -6.13 -32.90
C ASP H 115 -10.37 -6.70 -32.81
N GLU H 116 -9.47 -6.19 -33.68
CA GLU H 116 -8.05 -6.59 -33.73
C GLU H 116 -7.86 -8.08 -33.82
N LEU H 117 -8.71 -8.71 -34.61
CA LEU H 117 -8.71 -10.17 -34.83
C LEU H 117 -7.41 -10.84 -35.18
N ASP H 118 -6.43 -10.05 -35.58
CA ASP H 118 -5.17 -10.47 -36.19
C ASP H 118 -4.02 -10.33 -35.18
N SER H 119 -4.36 -9.92 -33.99
CA SER H 119 -3.34 -9.59 -33.05
C SER H 119 -2.58 -10.80 -32.52
N ILE H 120 -3.18 -11.99 -32.43
CA ILE H 120 -2.34 -13.14 -32.08
C ILE H 120 -1.39 -13.45 -33.20
N ALA H 121 -1.91 -13.42 -34.44
CA ALA H 121 -1.11 -13.65 -35.66
C ALA H 121 0.16 -12.80 -35.61
N LYS H 122 0.02 -11.47 -35.56
CA LYS H 122 1.14 -10.55 -35.33
C LYS H 122 1.98 -11.00 -34.18
N ALA H 123 1.38 -11.30 -33.04
CA ALA H 123 2.19 -11.65 -31.90
C ALA H 123 3.08 -12.84 -32.14
N ARG H 124 2.68 -13.78 -32.97
CA ARG H 124 3.53 -14.91 -33.16
C ARG H 124 4.44 -14.77 -34.37
N GLY H 125 4.51 -13.57 -34.93
CA GLY H 125 5.47 -13.35 -36.01
C GLY H 125 4.82 -12.72 -37.23
N GLY H 126 3.53 -12.96 -37.40
CA GLY H 126 2.75 -12.32 -38.44
C GLY H 126 3.13 -12.73 -39.85
N ASN H 127 3.47 -11.71 -40.64
CA ASN H 127 3.82 -11.80 -42.06
C ASN H 127 4.71 -13.02 -42.31
N ILE H 128 5.80 -13.15 -41.54
CA ILE H 128 6.70 -14.34 -41.57
C ILE H 128 6.26 -15.51 -40.67
N GLY H 129 6.11 -15.27 -39.36
CA GLY H 129 5.48 -16.24 -38.44
C GLY H 129 6.38 -17.22 -37.68
N ASP H 130 5.75 -18.25 -37.10
CA ASP H 130 6.42 -19.40 -36.46
C ASP H 130 6.28 -20.67 -37.33
N GLY H 131 6.38 -21.86 -36.72
CA GLY H 131 6.28 -23.14 -37.48
C GLY H 131 4.91 -23.38 -38.15
N GLY H 132 3.85 -23.35 -37.35
CA GLY H 132 2.54 -23.82 -37.78
C GLY H 132 1.72 -22.92 -38.67
N GLY H 133 0.50 -23.36 -38.93
CA GLY H 133 -0.43 -22.66 -39.84
C GLY H 133 -1.21 -21.54 -39.18
N ALA H 134 -2.27 -21.09 -39.84
CA ALA H 134 -2.95 -19.92 -39.35
C ALA H 134 -3.65 -20.14 -38.02
N ALA H 135 -4.04 -21.39 -37.73
CA ALA H 135 -4.76 -21.71 -36.51
C ALA H 135 -4.01 -21.32 -35.23
N ASP H 136 -4.72 -20.84 -34.23
CA ASP H 136 -4.15 -20.61 -32.90
C ASP H 136 -5.23 -20.93 -31.90
N ARG H 137 -4.85 -21.27 -30.70
CA ARG H 137 -5.82 -21.80 -29.78
C ARG H 137 -7.02 -20.88 -29.51
N VAL H 138 -6.78 -19.57 -29.40
CA VAL H 138 -7.83 -18.58 -29.09
C VAL H 138 -8.83 -18.33 -30.23
N ILE H 139 -8.36 -18.01 -31.43
CA ILE H 139 -9.30 -17.83 -32.49
C ILE H 139 -10.05 -19.13 -32.70
N ASN H 140 -9.35 -20.24 -32.51
CA ASN H 140 -9.99 -21.51 -32.78
C ASN H 140 -11.19 -21.70 -31.90
N GLN H 141 -11.00 -21.39 -30.63
CA GLN H 141 -12.10 -21.35 -29.69
C GLN H 141 -13.25 -20.49 -30.23
N ILE H 142 -12.98 -19.22 -30.56
CA ILE H 142 -14.04 -18.37 -31.16
C ILE H 142 -14.83 -19.14 -32.22
N LEU H 143 -14.12 -19.88 -33.05
CA LEU H 143 -14.74 -20.58 -34.13
C LEU H 143 -15.64 -21.70 -33.67
N THR H 144 -15.24 -22.48 -32.67
CA THR H 144 -16.12 -23.48 -32.10
C THR H 144 -17.31 -22.80 -31.47
N GLU H 145 -17.05 -21.86 -30.59
CA GLU H 145 -18.10 -21.14 -29.97
C GLU H 145 -19.02 -20.52 -30.99
N MET H 146 -18.75 -20.67 -32.26
CA MET H 146 -19.55 -19.98 -33.21
C MET H 146 -20.27 -21.02 -34.02
N ASP H 147 -19.70 -22.21 -34.02
CA ASP H 147 -20.32 -23.33 -34.68
C ASP H 147 -21.44 -23.82 -33.81
N GLY H 148 -21.13 -23.93 -32.51
CA GLY H 148 -22.07 -24.39 -31.50
C GLY H 148 -23.13 -23.38 -31.11
N MET H 149 -22.96 -22.13 -31.52
CA MET H 149 -23.90 -21.07 -31.18
C MET H 149 -25.05 -21.06 -32.19
N SER H 150 -26.20 -21.55 -31.74
CA SER H 150 -27.36 -21.69 -32.60
C SER H 150 -27.66 -20.39 -33.34
N THR H 151 -27.81 -20.51 -34.65
CA THR H 151 -28.21 -19.39 -35.50
C THR H 151 -29.41 -18.62 -34.95
N LYS H 152 -30.25 -19.33 -34.20
CA LYS H 152 -31.56 -18.86 -33.73
C LYS H 152 -31.55 -18.12 -32.38
N LYS H 153 -30.39 -17.95 -31.75
CA LYS H 153 -30.28 -16.99 -30.63
C LYS H 153 -30.26 -15.64 -31.29
N ASN H 154 -29.95 -14.60 -30.57
CA ASN H 154 -29.99 -13.33 -31.25
C ASN H 154 -28.65 -12.59 -31.21
N VAL H 155 -27.57 -13.36 -31.33
CA VAL H 155 -26.21 -12.82 -31.20
C VAL H 155 -25.57 -12.67 -32.56
N PHE H 156 -25.18 -11.44 -32.89
CA PHE H 156 -24.53 -11.15 -34.17
C PHE H 156 -23.03 -10.85 -34.01
N ILE H 157 -22.20 -11.61 -34.72
CA ILE H 157 -20.76 -11.50 -34.57
C ILE H 157 -20.13 -10.64 -35.64
N ILE H 158 -19.32 -9.69 -35.22
CA ILE H 158 -18.58 -8.88 -36.14
C ILE H 158 -17.07 -8.86 -35.79
N GLY H 159 -16.25 -9.26 -36.78
CA GLY H 159 -14.80 -9.20 -36.67
C GLY H 159 -14.28 -7.95 -37.35
N ALA H 160 -13.12 -7.50 -36.93
CA ALA H 160 -12.48 -6.37 -37.58
C ALA H 160 -10.99 -6.66 -37.60
N THR H 161 -10.34 -6.27 -38.66
CA THR H 161 -8.91 -6.48 -38.78
C THR H 161 -8.35 -5.48 -39.77
N ASN H 162 -7.11 -5.12 -39.60
CA ASN H 162 -6.50 -4.39 -40.65
C ASN H 162 -5.35 -5.17 -41.21
N ARG H 163 -5.29 -6.45 -40.96
CA ARG H 163 -4.25 -7.21 -41.52
C ARG H 163 -4.90 -8.50 -41.92
N PRO H 164 -5.75 -8.41 -42.94
CA PRO H 164 -6.58 -9.58 -43.30
C PRO H 164 -5.72 -10.67 -43.86
N ASP H 165 -4.64 -10.31 -44.54
CA ASP H 165 -3.62 -11.32 -44.94
C ASP H 165 -3.21 -12.32 -43.89
N ILE H 166 -3.30 -11.98 -42.62
CA ILE H 166 -2.83 -12.92 -41.61
C ILE H 166 -3.91 -13.60 -40.79
N ILE H 167 -5.14 -13.19 -40.99
CA ILE H 167 -6.32 -13.85 -40.45
C ILE H 167 -6.38 -15.33 -40.85
N ASP H 168 -6.76 -16.23 -39.94
CA ASP H 168 -7.03 -17.63 -40.33
C ASP H 168 -8.21 -17.71 -41.30
N PRO H 169 -8.01 -18.28 -42.50
CA PRO H 169 -9.08 -18.49 -43.50
C PRO H 169 -10.39 -19.14 -42.99
N ALA H 170 -10.25 -20.14 -42.10
CA ALA H 170 -11.40 -20.78 -41.46
C ALA H 170 -12.45 -19.78 -40.96
N ILE H 171 -12.05 -18.55 -40.62
CA ILE H 171 -12.97 -17.55 -40.13
C ILE H 171 -13.94 -17.20 -41.20
N LEU H 172 -13.59 -17.47 -42.46
CA LEU H 172 -14.40 -16.99 -43.57
C LEU H 172 -15.32 -18.03 -44.20
N ARG H 173 -15.10 -19.31 -43.88
CA ARG H 173 -16.01 -20.37 -44.33
C ARG H 173 -17.49 -20.09 -44.02
N PRO H 174 -18.40 -20.65 -44.83
CA PRO H 174 -19.82 -20.56 -44.57
C PRO H 174 -20.21 -20.87 -43.12
N GLY H 175 -21.13 -20.09 -42.58
CA GLY H 175 -21.63 -20.34 -41.25
C GLY H 175 -20.78 -19.63 -40.21
N ARG H 176 -19.85 -18.82 -40.68
CA ARG H 176 -19.02 -18.05 -39.76
C ARG H 176 -19.07 -16.60 -40.17
N LEU H 177 -17.92 -15.95 -40.35
CA LEU H 177 -17.94 -14.58 -40.83
C LEU H 177 -17.92 -14.63 -42.35
N ASP H 178 -19.10 -14.80 -42.92
CA ASP H 178 -19.24 -14.97 -44.33
C ASP H 178 -19.10 -13.65 -45.04
N GLN H 179 -19.56 -12.59 -44.45
CA GLN H 179 -19.62 -11.37 -45.20
C GLN H 179 -18.35 -10.63 -44.99
N LEU H 180 -17.46 -10.70 -45.96
CA LEU H 180 -16.30 -9.80 -46.00
C LEU H 180 -16.76 -8.41 -46.35
N ILE H 181 -16.33 -7.38 -45.65
CA ILE H 181 -16.65 -6.04 -46.09
C ILE H 181 -15.42 -5.19 -45.94
N TYR H 182 -15.08 -4.44 -46.98
CA TYR H 182 -13.90 -3.59 -46.97
C TYR H 182 -14.27 -2.18 -46.54
N ILE H 183 -13.69 -1.69 -45.46
CA ILE H 183 -13.88 -0.30 -45.11
C ILE H 183 -12.62 0.40 -45.52
N PRO H 184 -12.70 1.13 -46.63
CA PRO H 184 -11.56 1.75 -47.31
C PRO H 184 -11.27 3.08 -46.65
N LEU H 185 -10.14 3.71 -47.00
CA LEU H 185 -9.94 5.12 -46.63
C LEU H 185 -11.05 6.00 -47.16
N PRO H 186 -11.38 7.06 -46.45
CA PRO H 186 -12.44 7.92 -46.92
C PRO H 186 -11.99 8.71 -48.16
N ASP H 187 -12.90 8.84 -49.13
CA ASP H 187 -12.67 9.63 -50.34
C ASP H 187 -12.99 11.13 -50.17
N GLU H 188 -12.68 11.88 -51.21
CA GLU H 188 -13.07 13.27 -51.39
C GLU H 188 -14.32 13.68 -50.60
N LYS H 189 -15.50 13.17 -50.99
CA LYS H 189 -16.81 13.52 -50.42
C LYS H 189 -16.90 13.09 -48.99
N SER H 190 -16.49 11.86 -48.76
CA SER H 190 -16.57 11.23 -47.47
C SER H 190 -15.88 12.03 -46.41
N ARG H 191 -14.68 12.53 -46.72
CA ARG H 191 -13.92 13.36 -45.79
C ARG H 191 -14.77 14.57 -45.32
N VAL H 192 -15.53 15.19 -46.21
CA VAL H 192 -16.44 16.21 -45.78
C VAL H 192 -17.37 15.64 -44.73
N ALA H 193 -18.09 14.57 -45.05
CA ALA H 193 -19.08 14.00 -44.13
C ALA H 193 -18.48 13.73 -42.79
N ILE H 194 -17.30 13.11 -42.79
CA ILE H 194 -16.59 12.77 -41.58
C ILE H 194 -16.32 14.00 -40.73
N LEU H 195 -15.92 15.10 -41.35
CA LEU H 195 -15.68 16.32 -40.62
C LEU H 195 -16.96 16.87 -40.04
N LYS H 196 -18.02 16.86 -40.82
CA LYS H 196 -19.33 17.31 -40.34
C LYS H 196 -19.76 16.44 -39.16
N ALA H 197 -19.67 15.12 -39.31
CA ALA H 197 -20.06 14.17 -38.27
C ALA H 197 -19.28 14.43 -37.01
N ASN H 198 -17.98 14.62 -37.17
CA ASN H 198 -17.12 14.91 -36.06
C ASN H 198 -17.37 16.27 -35.41
N LEU H 199 -18.05 17.16 -36.09
CA LEU H 199 -18.25 18.48 -35.52
C LEU H 199 -19.72 18.78 -35.20
N ARG H 200 -20.59 17.78 -35.47
CA ARG H 200 -22.02 17.83 -35.19
C ARG H 200 -22.37 18.47 -33.85
N LYS H 201 -21.61 18.13 -32.81
CA LYS H 201 -21.86 18.61 -31.45
C LYS H 201 -20.86 19.68 -31.05
N SER H 202 -20.58 20.60 -31.98
CA SER H 202 -19.57 21.66 -31.82
C SER H 202 -19.93 23.02 -32.43
N PRO H 203 -19.45 24.10 -31.79
CA PRO H 203 -19.66 25.44 -32.28
C PRO H 203 -18.70 25.80 -33.42
N VAL H 204 -19.00 25.29 -34.62
CA VAL H 204 -18.18 25.58 -35.82
C VAL H 204 -18.43 26.98 -36.35
N ALA H 205 -17.39 27.80 -36.42
CA ALA H 205 -17.49 29.13 -37.02
C ALA H 205 -18.01 29.03 -38.43
N LYS H 206 -18.86 29.97 -38.79
CA LYS H 206 -19.59 29.93 -40.04
C LYS H 206 -18.67 29.94 -41.25
N ASP H 207 -17.62 30.76 -41.21
CA ASP H 207 -16.71 30.92 -42.34
C ASP H 207 -15.93 29.64 -42.69
N VAL H 208 -15.47 28.91 -41.68
CA VAL H 208 -14.67 27.68 -41.81
C VAL H 208 -15.14 26.70 -42.89
N ASP H 209 -14.27 26.45 -43.87
CA ASP H 209 -14.66 25.72 -45.07
C ASP H 209 -14.16 24.28 -45.01
N LEU H 210 -15.07 23.37 -44.77
CA LEU H 210 -14.73 21.96 -44.67
C LEU H 210 -14.52 21.30 -46.02
N GLU H 211 -15.34 21.68 -46.97
CA GLU H 211 -15.26 21.13 -48.32
C GLU H 211 -13.84 21.29 -48.83
N PHE H 212 -13.14 22.29 -48.28
CA PHE H 212 -11.78 22.63 -48.67
C PHE H 212 -10.78 21.75 -47.93
N LEU H 213 -10.93 21.72 -46.62
CA LEU H 213 -10.18 20.81 -45.78
C LEU H 213 -10.21 19.38 -46.31
N ALA H 214 -11.35 18.97 -46.85
CA ALA H 214 -11.48 17.65 -47.45
C ALA H 214 -10.58 17.52 -48.67
N LYS H 215 -10.48 18.58 -49.51
CA LYS H 215 -9.61 18.59 -50.69
C LYS H 215 -8.16 18.51 -50.21
N MET H 216 -7.89 18.96 -48.99
CA MET H 216 -6.52 19.11 -48.48
C MET H 216 -5.91 17.84 -47.95
N THR H 217 -6.73 16.80 -47.83
CA THR H 217 -6.35 15.59 -47.08
C THR H 217 -6.47 14.35 -47.96
N ASN H 218 -5.50 13.46 -47.92
CA ASN H 218 -5.73 12.23 -48.65
C ASN H 218 -5.67 10.92 -47.95
N GLY H 219 -4.45 10.39 -47.88
CA GLY H 219 -4.18 9.14 -47.13
C GLY H 219 -4.68 9.35 -45.72
N PHE H 220 -5.55 10.36 -45.58
CA PHE H 220 -6.18 10.70 -44.34
C PHE H 220 -7.31 9.81 -44.13
N SER H 221 -7.24 9.15 -43.00
CA SER H 221 -8.28 8.26 -42.54
C SER H 221 -9.17 9.04 -41.60
N GLY H 222 -10.37 8.54 -41.35
CA GLY H 222 -11.25 9.18 -40.34
C GLY H 222 -10.58 9.57 -39.02
N ALA H 223 -9.86 8.62 -38.43
CA ALA H 223 -9.01 8.94 -37.29
C ALA H 223 -8.17 10.19 -37.51
N ASP H 224 -7.37 10.22 -38.59
CA ASP H 224 -6.55 11.39 -38.92
C ASP H 224 -7.38 12.69 -38.99
N LEU H 225 -8.62 12.62 -39.45
CA LEU H 225 -9.37 13.83 -39.61
C LEU H 225 -9.86 14.35 -38.28
N THR H 226 -10.48 13.46 -37.54
CA THR H 226 -10.78 13.66 -36.12
C THR H 226 -9.61 14.30 -35.42
N GLU H 227 -8.41 13.77 -35.58
CA GLU H 227 -7.26 14.32 -34.91
C GLU H 227 -7.16 15.82 -35.20
N ILE H 228 -7.46 16.25 -36.42
CA ILE H 228 -7.31 17.64 -36.77
C ILE H 228 -8.32 18.46 -35.94
N CYS H 229 -9.61 18.13 -36.05
CA CYS H 229 -10.62 18.80 -35.21
C CYS H 229 -10.19 18.95 -33.77
N GLN H 230 -9.87 17.86 -33.14
CA GLN H 230 -9.38 17.94 -31.79
C GLN H 230 -8.29 18.94 -31.57
N ARG H 231 -7.29 19.03 -32.45
CA ARG H 231 -6.24 20.03 -32.25
C ARG H 231 -6.88 21.41 -32.36
N ALA H 232 -7.82 21.54 -33.30
CA ALA H 232 -8.56 22.80 -33.49
C ALA H 232 -9.30 23.19 -32.22
N CYS H 233 -10.07 22.30 -31.64
CA CYS H 233 -10.67 22.51 -30.32
C CYS H 233 -9.67 22.90 -29.29
N LYS H 234 -8.68 22.05 -29.04
CA LYS H 234 -7.70 22.27 -27.99
C LYS H 234 -7.17 23.66 -28.18
N LEU H 235 -7.12 24.12 -29.43
CA LEU H 235 -6.59 25.45 -29.69
C LEU H 235 -7.57 26.49 -29.25
N ALA H 236 -8.84 26.30 -29.60
CA ALA H 236 -9.94 27.19 -29.18
C ALA H 236 -10.12 27.24 -27.66
N ILE H 237 -10.13 26.09 -26.99
CA ILE H 237 -10.16 26.07 -25.53
C ILE H 237 -8.97 26.86 -24.92
N ARG H 238 -7.74 26.51 -25.31
CA ARG H 238 -6.53 27.20 -24.84
C ARG H 238 -6.60 28.67 -25.19
N GLU H 239 -7.23 28.98 -26.32
CA GLU H 239 -7.41 30.35 -26.80
C GLU H 239 -8.54 31.07 -26.03
N SER H 240 -9.50 30.29 -25.54
CA SER H 240 -10.58 30.80 -24.71
C SER H 240 -10.07 31.06 -23.29
N ILE H 241 -9.77 30.00 -22.53
CA ILE H 241 -9.20 30.12 -21.16
C ILE H 241 -8.10 31.18 -21.05
N GLU H 242 -7.36 31.38 -22.15
CA GLU H 242 -6.35 32.43 -22.24
C GLU H 242 -6.95 33.82 -22.03
N SER H 243 -7.98 34.18 -22.80
CA SER H 243 -8.53 35.55 -22.77
C SER H 243 -9.05 36.02 -21.40
N GLU H 244 -9.76 35.15 -20.67
CA GLU H 244 -10.30 35.51 -19.35
C GLU H 244 -9.21 35.86 -18.35
N ILE H 245 -8.35 34.89 -18.07
CA ILE H 245 -7.30 35.00 -17.06
C ILE H 245 -6.14 35.87 -17.56
N VAL H 266 -17.01 34.43 -26.08
CA VAL H 266 -15.88 34.34 -27.01
C VAL H 266 -15.56 32.90 -27.59
N PRO H 267 -16.40 31.87 -27.30
CA PRO H 267 -16.14 30.49 -27.77
C PRO H 267 -16.88 29.97 -29.02
N GLU H 268 -16.23 30.03 -30.18
CA GLU H 268 -16.68 29.38 -31.44
C GLU H 268 -15.40 28.95 -32.16
N ILE H 269 -15.27 27.67 -32.43
CA ILE H 269 -14.06 27.14 -33.02
C ILE H 269 -13.90 27.65 -34.47
N ARG H 270 -12.91 28.49 -34.73
CA ARG H 270 -12.86 29.27 -35.98
C ARG H 270 -11.68 29.04 -36.92
N ARG H 271 -11.78 29.64 -38.09
CA ARG H 271 -10.83 29.49 -39.19
C ARG H 271 -9.40 29.26 -38.80
N ASP H 272 -8.80 30.24 -38.14
CA ASP H 272 -7.37 30.24 -37.81
C ASP H 272 -6.95 29.12 -36.84
N HIS H 273 -7.93 28.58 -36.13
CA HIS H 273 -7.71 27.41 -35.31
C HIS H 273 -7.49 26.18 -36.16
N PHE H 274 -8.40 25.89 -37.06
CA PHE H 274 -8.16 24.86 -38.02
C PHE H 274 -6.91 25.07 -38.78
N GLU H 275 -6.64 26.30 -39.20
CA GLU H 275 -5.45 26.58 -39.97
C GLU H 275 -4.24 26.15 -39.17
N GLU H 276 -4.16 26.58 -37.92
CA GLU H 276 -3.00 26.25 -37.11
C GLU H 276 -3.03 24.78 -36.67
N ALA H 277 -4.20 24.17 -36.68
CA ALA H 277 -4.31 22.75 -36.38
C ALA H 277 -3.72 21.92 -37.50
N MET H 278 -3.94 22.39 -38.74
CA MET H 278 -3.42 21.77 -39.95
C MET H 278 -1.91 21.68 -40.02
N ARG H 279 -1.22 22.58 -39.32
CA ARG H 279 0.24 22.61 -39.28
C ARG H 279 0.82 21.33 -38.68
N PHE H 280 -0.03 20.48 -38.13
CA PHE H 280 0.40 19.21 -37.55
C PHE H 280 -0.42 18.02 -38.06
N ALA H 281 -0.86 18.07 -39.30
CA ALA H 281 -1.67 16.99 -39.81
C ALA H 281 -0.78 15.87 -40.28
N ARG H 282 -1.07 14.66 -39.82
CA ARG H 282 -0.33 13.47 -40.24
C ARG H 282 -1.21 12.63 -41.11
N ARG H 283 -0.63 11.59 -41.69
CA ARG H 283 -1.44 10.61 -42.35
C ARG H 283 -1.10 9.28 -41.69
N SER H 284 -2.07 8.59 -41.08
CA SER H 284 -1.72 7.36 -40.42
C SER H 284 -1.37 6.30 -41.45
N VAL H 285 -2.05 6.26 -42.57
CA VAL H 285 -1.80 5.19 -43.54
C VAL H 285 -0.87 5.68 -44.63
N SER H 286 0.20 4.94 -44.87
CA SER H 286 1.05 5.26 -46.01
C SER H 286 0.58 4.52 -47.27
N ASP H 287 0.89 5.11 -48.41
CA ASP H 287 0.53 4.60 -49.74
C ASP H 287 0.85 3.11 -49.97
N ASN H 288 2.00 2.65 -49.48
CA ASN H 288 2.35 1.22 -49.59
C ASN H 288 1.23 0.39 -48.99
N ASP H 289 0.94 0.69 -47.73
CA ASP H 289 -0.13 0.03 -47.01
C ASP H 289 -1.42 0.08 -47.77
N ILE H 290 -1.77 1.27 -48.20
CA ILE H 290 -2.99 1.45 -48.97
C ILE H 290 -3.02 0.45 -50.12
N ARG H 291 -1.93 0.47 -50.91
CA ARG H 291 -1.73 -0.47 -52.02
C ARG H 291 -1.96 -1.90 -51.56
N LYS H 292 -1.30 -2.29 -50.49
CA LYS H 292 -1.54 -3.59 -49.93
C LYS H 292 -3.02 -3.89 -49.67
N TYR H 293 -3.81 -2.93 -49.19
CA TYR H 293 -5.20 -3.27 -48.97
C TYR H 293 -5.94 -3.56 -50.24
N GLU H 294 -5.64 -2.81 -51.29
CA GLU H 294 -6.26 -3.05 -52.60
C GLU H 294 -5.96 -4.47 -53.08
N MET H 295 -4.75 -4.96 -52.79
CA MET H 295 -4.35 -6.32 -53.14
C MET H 295 -5.22 -7.29 -52.36
N PHE H 296 -5.24 -7.08 -51.04
CA PHE H 296 -6.07 -7.88 -50.17
C PHE H 296 -7.50 -7.76 -50.73
N ALA H 297 -7.96 -6.53 -50.97
CA ALA H 297 -9.33 -6.23 -51.42
C ALA H 297 -9.71 -6.85 -52.75
N GLN H 298 -8.72 -7.09 -53.59
CA GLN H 298 -8.96 -7.68 -54.89
C GLN H 298 -9.33 -9.14 -54.77
N THR H 299 -8.40 -9.96 -54.27
CA THR H 299 -8.68 -11.38 -54.06
C THR H 299 -9.84 -11.57 -53.11
N LEU H 300 -9.78 -10.91 -51.94
CA LEU H 300 -10.77 -11.09 -50.87
C LEU H 300 -12.22 -10.73 -51.34
N GLN H 301 -12.37 -9.83 -52.31
CA GLN H 301 -13.69 -9.51 -52.88
C GLN H 301 -13.80 -10.02 -54.31
N ALA I 1 5.47 14.91 16.16
CA ALA I 1 6.87 14.57 16.53
C ALA I 1 7.14 13.06 16.51
N LEU I 2 6.43 12.30 15.65
CA LEU I 2 6.43 10.79 15.74
C LEU I 2 7.80 10.11 15.59
N ARG I 3 8.11 9.22 16.53
CA ARG I 3 9.31 8.37 16.54
C ARG I 3 9.42 7.52 15.25
N GLU I 4 10.62 7.00 14.98
CA GLU I 4 10.88 6.22 13.74
C GLU I 4 10.48 4.74 13.80
N THR I 5 9.63 4.30 12.87
CA THR I 5 9.11 2.90 12.87
C THR I 5 10.21 1.89 12.54
N VAL I 6 10.46 0.97 13.45
CA VAL I 6 11.61 0.08 13.35
C VAL I 6 11.17 -1.34 13.13
N VAL I 7 11.38 -1.85 11.93
CA VAL I 7 11.18 -3.28 11.69
C VAL I 7 12.33 -4.04 12.27
N GLU I 8 12.12 -5.27 12.67
CA GLU I 8 13.19 -6.05 13.33
C GLU I 8 12.89 -7.54 13.25
N VAL I 9 13.87 -8.37 13.50
CA VAL I 9 13.55 -9.78 13.58
C VAL I 9 13.57 -10.14 15.06
N PRO I 10 12.47 -10.72 15.53
CA PRO I 10 12.27 -11.07 16.89
C PRO I 10 13.32 -12.06 17.33
N GLN I 11 14.06 -11.63 18.33
CA GLN I 11 15.17 -12.36 18.92
C GLN I 11 14.72 -13.58 19.74
N VAL I 12 13.49 -13.56 20.24
CA VAL I 12 12.98 -14.48 21.25
C VAL I 12 12.10 -15.60 20.71
N THR I 13 12.22 -16.77 21.30
CA THR I 13 11.54 -17.95 20.81
C THR I 13 10.70 -18.57 21.89
N TRP I 14 9.92 -19.60 21.55
CA TRP I 14 9.08 -20.26 22.53
C TRP I 14 9.80 -20.76 23.78
N GLU I 15 11.08 -21.14 23.64
CA GLU I 15 11.88 -21.61 24.77
C GLU I 15 12.01 -20.57 25.87
N ASP I 16 11.99 -19.29 25.52
CA ASP I 16 12.19 -18.23 26.50
C ASP I 16 10.93 -17.95 27.25
N ILE I 17 9.84 -18.60 26.87
CA ILE I 17 8.51 -18.35 27.44
C ILE I 17 8.10 -19.51 28.33
N GLY I 18 7.97 -19.23 29.62
CA GLY I 18 7.59 -20.27 30.54
C GLY I 18 6.09 -20.47 30.47
N GLY I 19 5.65 -21.72 30.29
CA GLY I 19 4.24 -22.09 30.41
C GLY I 19 3.45 -21.57 29.25
N LEU I 20 2.15 -21.33 29.47
CA LEU I 20 1.23 -20.86 28.42
C LEU I 20 1.14 -21.79 27.23
N GLU I 21 1.17 -23.11 27.45
CA GLU I 21 1.30 -24.08 26.33
C GLU I 21 0.13 -24.05 25.37
N ASP I 22 -1.05 -24.07 25.98
CA ASP I 22 -2.33 -23.81 25.36
C ASP I 22 -2.37 -22.63 24.37
N VAL I 23 -1.91 -21.44 24.80
CA VAL I 23 -1.90 -20.26 23.93
C VAL I 23 -0.84 -20.34 22.83
N LYS I 24 0.32 -20.89 23.13
CA LYS I 24 1.36 -21.10 22.12
C LYS I 24 0.78 -21.86 20.95
N ARG I 25 0.05 -22.92 21.29
CA ARG I 25 -0.58 -23.78 20.32
C ARG I 25 -1.64 -22.99 19.56
N GLU I 26 -2.52 -22.38 20.31
CA GLU I 26 -3.55 -21.55 19.74
C GLU I 26 -3.00 -20.46 18.79
N LEU I 27 -1.89 -19.85 19.16
CA LEU I 27 -1.28 -18.80 18.36
C LEU I 27 -0.76 -19.37 17.06
N GLN I 28 -0.10 -20.50 17.14
CA GLN I 28 0.30 -21.18 15.94
C GLN I 28 -0.89 -21.46 15.04
N GLU I 29 -1.93 -22.04 15.60
CA GLU I 29 -3.09 -22.30 14.79
C GLU I 29 -3.64 -21.04 14.10
N LEU I 30 -3.32 -19.88 14.60
CA LEU I 30 -3.88 -18.66 14.03
C LEU I 30 -3.02 -18.05 12.94
N VAL I 31 -1.71 -18.30 12.99
CA VAL I 31 -0.78 -17.67 12.06
C VAL I 31 -0.06 -18.67 11.16
N GLN I 32 0.46 -19.77 11.73
CA GLN I 32 1.16 -20.86 10.99
C GLN I 32 0.23 -21.52 9.98
N TYR I 33 -0.82 -22.15 10.50
CA TYR I 33 -1.72 -22.94 9.70
C TYR I 33 -2.26 -22.18 8.48
N PRO I 34 -2.74 -20.94 8.64
CA PRO I 34 -3.21 -20.28 7.40
C PRO I 34 -2.15 -20.11 6.28
N VAL I 35 -0.90 -19.83 6.68
CA VAL I 35 0.22 -19.59 5.76
C VAL I 35 0.88 -20.88 5.28
N GLU I 36 1.07 -21.86 6.17
CA GLU I 36 1.76 -23.08 5.81
C GLU I 36 0.86 -24.23 5.42
N HIS I 37 -0.44 -24.00 5.53
CA HIS I 37 -1.42 -24.96 5.02
C HIS I 37 -2.60 -24.30 4.30
N PRO I 38 -2.31 -23.34 3.37
CA PRO I 38 -3.44 -22.56 2.80
C PRO I 38 -4.44 -23.52 2.19
N ASP I 39 -3.93 -24.68 1.76
CA ASP I 39 -4.73 -25.77 1.22
C ASP I 39 -5.84 -26.25 2.16
N LYS I 40 -5.53 -26.46 3.44
CA LYS I 40 -6.52 -26.89 4.46
C LYS I 40 -7.58 -25.82 4.80
N PHE I 41 -7.19 -24.56 4.74
CA PHE I 41 -8.11 -23.48 4.96
C PHE I 41 -9.06 -23.30 3.80
N LEU I 42 -8.54 -23.50 2.59
CA LEU I 42 -9.35 -23.48 1.35
C LEU I 42 -10.24 -24.72 1.27
N LYS I 43 -9.73 -25.86 1.74
CA LYS I 43 -10.48 -27.12 1.78
C LYS I 43 -11.73 -27.02 2.65
N PHE I 44 -11.57 -26.59 3.89
CA PHE I 44 -12.71 -26.45 4.79
C PHE I 44 -13.45 -25.13 4.62
N GLY I 45 -12.88 -24.21 3.86
CA GLY I 45 -13.57 -22.97 3.52
C GLY I 45 -13.24 -21.80 4.39
N MET I 46 -13.34 -21.98 5.71
CA MET I 46 -13.10 -20.91 6.65
C MET I 46 -11.83 -20.13 6.35
N THR I 47 -11.95 -18.81 6.39
CA THR I 47 -10.83 -17.90 6.17
C THR I 47 -10.28 -17.43 7.53
N PRO I 48 -8.96 -17.15 7.62
CA PRO I 48 -8.26 -16.90 8.92
C PRO I 48 -8.61 -15.55 9.59
N SER I 49 -8.04 -15.27 10.77
CA SER I 49 -8.38 -14.01 11.47
C SER I 49 -7.30 -12.92 11.33
N LYS I 50 -7.72 -11.64 11.35
CA LYS I 50 -6.81 -10.51 11.10
C LYS I 50 -5.87 -10.26 12.26
N GLY I 51 -6.29 -10.68 13.45
CA GLY I 51 -5.60 -10.24 14.64
C GLY I 51 -6.10 -10.76 15.95
N VAL I 52 -5.44 -10.35 17.02
CA VAL I 52 -5.65 -10.96 18.28
C VAL I 52 -5.45 -9.89 19.32
N LEU I 53 -6.21 -9.91 20.38
CA LEU I 53 -5.96 -9.06 21.52
C LEU I 53 -5.60 -9.91 22.74
N PHE I 54 -4.37 -9.75 23.23
CA PHE I 54 -4.02 -10.28 24.51
C PHE I 54 -4.36 -9.28 25.56
N TYR I 55 -5.07 -9.72 26.60
CA TYR I 55 -5.25 -8.92 27.82
C TYR I 55 -4.94 -9.72 29.05
N GLY I 56 -4.57 -9.05 30.14
CA GLY I 56 -3.99 -9.76 31.26
C GLY I 56 -3.24 -8.78 32.17
N PRO I 57 -2.93 -9.20 33.43
CA PRO I 57 -2.06 -8.34 34.25
C PRO I 57 -0.73 -8.22 33.56
N PRO I 58 0.05 -7.26 34.01
CA PRO I 58 1.37 -6.90 33.48
C PRO I 58 2.41 -7.91 33.86
N GLY I 59 3.22 -8.31 32.89
CA GLY I 59 4.45 -9.00 33.22
C GLY I 59 4.16 -10.47 33.14
N CYS I 60 3.36 -10.82 32.15
CA CYS I 60 2.93 -12.15 32.05
C CYS I 60 3.25 -12.75 30.72
N GLY I 61 3.94 -11.95 29.89
CA GLY I 61 4.50 -12.45 28.63
C GLY I 61 3.68 -12.13 27.40
N LYS I 62 2.85 -11.10 27.50
CA LYS I 62 2.06 -10.67 26.34
C LYS I 62 3.01 -10.25 25.19
N THR I 63 4.13 -9.62 25.54
CA THR I 63 5.10 -9.22 24.56
C THR I 63 5.88 -10.44 24.07
N LEU I 64 6.27 -11.30 25.00
CA LEU I 64 7.00 -12.50 24.59
C LEU I 64 6.21 -13.28 23.56
N LEU I 65 4.96 -13.56 23.86
CA LEU I 65 4.10 -14.20 22.88
C LEU I 65 4.06 -13.45 21.56
N ALA I 66 4.01 -12.13 21.58
CA ALA I 66 3.81 -11.45 20.30
C ALA I 66 5.09 -11.66 19.48
N LYS I 67 6.24 -11.70 20.17
CA LYS I 67 7.49 -11.79 19.44
C LYS I 67 7.79 -13.22 19.05
N ALA I 68 7.72 -14.14 20.01
CA ALA I 68 7.96 -15.56 19.71
C ALA I 68 7.13 -16.00 18.50
N ILE I 69 5.83 -15.70 18.49
CA ILE I 69 5.05 -16.03 17.31
C ILE I 69 5.61 -15.42 15.99
N ALA I 70 5.95 -14.14 15.97
CA ALA I 70 6.60 -13.60 14.78
C ALA I 70 7.86 -14.34 14.45
N ASN I 71 8.68 -14.66 15.44
CA ASN I 71 9.94 -15.34 15.17
C ASN I 71 9.77 -16.76 14.68
N GLU I 72 8.78 -17.45 15.21
CA GLU I 72 8.49 -18.79 14.79
C GLU I 72 8.13 -18.72 13.35
N CYS I 73 7.22 -17.84 12.98
CA CYS I 73 6.86 -17.68 11.57
C CYS I 73 7.98 -17.09 10.74
N GLN I 74 9.16 -16.96 11.31
CA GLN I 74 10.25 -16.25 10.66
C GLN I 74 9.77 -14.96 9.97
N ALA I 75 9.07 -14.10 10.72
CA ALA I 75 8.46 -12.90 10.18
C ALA I 75 9.04 -11.69 10.82
N ASN I 76 8.82 -10.55 10.20
CA ASN I 76 9.21 -9.28 10.81
C ASN I 76 8.27 -8.85 11.92
N PHE I 77 8.77 -7.99 12.77
CA PHE I 77 8.03 -7.58 13.93
C PHE I 77 8.10 -6.09 14.10
N ILE I 78 6.94 -5.43 14.08
CA ILE I 78 6.89 -3.99 14.43
C ILE I 78 6.25 -3.81 15.80
N SER I 79 6.85 -3.01 16.66
CA SER I 79 6.23 -2.81 17.95
C SER I 79 5.87 -1.36 18.15
N ILE I 80 4.58 -1.03 18.22
CA ILE I 80 4.20 0.35 18.61
C ILE I 80 3.82 0.30 20.07
N LYS I 81 4.45 1.14 20.88
CA LYS I 81 4.14 1.13 22.32
C LYS I 81 3.26 2.31 22.77
N GLY I 82 3.08 2.42 24.09
CA GLY I 82 2.13 3.35 24.69
C GLY I 82 2.51 4.74 24.31
N PRO I 83 3.76 5.11 24.61
CA PRO I 83 4.26 6.45 24.41
C PRO I 83 4.18 6.95 22.98
N GLU I 84 4.40 6.01 22.05
CA GLU I 84 4.17 6.30 20.64
C GLU I 84 2.71 6.67 20.28
N LEU I 85 1.76 5.80 20.64
CA LEU I 85 0.34 6.18 20.56
C LEU I 85 0.05 7.53 21.24
N LEU I 86 0.61 7.73 22.43
CA LEU I 86 0.33 8.93 23.11
C LEU I 86 0.85 10.19 22.41
N THR I 87 1.99 10.01 21.75
CA THR I 87 2.57 11.10 20.94
C THR I 87 1.63 11.52 19.85
N MET I 88 1.07 10.52 19.14
CA MET I 88 0.11 10.89 18.12
C MET I 88 -1.13 11.55 18.71
N TRP I 89 -1.44 11.15 19.95
CA TRP I 89 -2.62 11.66 20.61
C TRP I 89 -2.41 13.08 20.97
N PHE I 90 -1.34 13.33 21.71
CA PHE I 90 -1.02 14.68 22.08
C PHE I 90 -0.80 15.62 20.90
N GLY I 91 -0.09 15.15 19.89
CA GLY I 91 0.26 15.98 18.76
C GLY I 91 -0.79 15.99 17.67
N GLU I 92 -1.88 15.29 17.87
CA GLU I 92 -2.96 15.25 16.88
C GLU I 92 -2.48 14.73 15.54
N SER I 93 -1.46 13.90 15.56
CA SER I 93 -0.88 13.39 14.36
C SER I 93 -1.21 11.92 14.14
N GLU I 94 -2.48 11.58 14.10
CA GLU I 94 -2.82 10.19 14.01
C GLU I 94 -2.62 9.71 12.61
N ALA I 95 -2.48 10.66 11.68
CA ALA I 95 -2.21 10.33 10.29
C ALA I 95 -0.97 9.41 10.17
N ASN I 96 -0.03 9.53 11.09
CA ASN I 96 1.06 8.60 11.08
C ASN I 96 0.73 7.14 11.22
N VAL I 97 -0.51 6.82 11.54
CA VAL I 97 -0.85 5.43 11.79
C VAL I 97 -0.80 4.76 10.45
N ARG I 98 -1.20 5.54 9.44
CA ARG I 98 -1.08 5.19 8.02
C ARG I 98 0.32 4.74 7.64
N GLU I 99 1.29 5.58 7.96
CA GLU I 99 2.69 5.28 7.76
C GLU I 99 3.14 3.96 8.42
N ILE I 100 2.82 3.75 9.68
CA ILE I 100 3.14 2.53 10.37
C ILE I 100 2.56 1.39 9.60
N PHE I 101 1.32 1.50 9.17
CA PHE I 101 0.69 0.37 8.46
C PHE I 101 1.38 0.07 7.13
N ASP I 102 1.70 1.13 6.37
CA ASP I 102 2.56 1.05 5.19
C ASP I 102 3.83 0.27 5.48
N LYS I 103 4.61 0.73 6.46
CA LYS I 103 5.85 0.10 6.82
C LYS I 103 5.70 -1.38 7.19
N ALA I 104 4.53 -1.75 7.69
CA ALA I 104 4.25 -3.15 8.02
C ALA I 104 3.92 -3.95 6.75
N ARG I 105 3.10 -3.33 5.90
CA ARG I 105 2.64 -3.90 4.67
C ARG I 105 3.85 -4.20 3.79
N GLN I 106 4.71 -3.19 3.70
CA GLN I 106 5.94 -3.28 2.96
C GLN I 106 6.93 -4.30 3.60
N ALA I 107 6.90 -4.51 4.91
CA ALA I 107 7.78 -5.51 5.51
C ALA I 107 7.16 -6.87 5.65
N ALA I 108 6.02 -7.09 5.00
CA ALA I 108 5.27 -8.34 5.07
C ALA I 108 6.13 -9.53 4.63
N PRO I 109 6.03 -10.69 5.32
CA PRO I 109 5.18 -11.09 6.42
C PRO I 109 5.62 -10.44 7.69
N CYS I 110 4.66 -9.87 8.40
CA CYS I 110 4.90 -9.00 9.56
C CYS I 110 3.87 -9.19 10.65
N VAL I 111 4.30 -9.37 11.90
CA VAL I 111 3.37 -9.05 13.00
C VAL I 111 3.60 -7.62 13.46
N LEU I 112 2.52 -6.86 13.32
CA LEU I 112 2.38 -5.50 13.83
C LEU I 112 1.78 -5.59 15.23
N PHE I 113 2.48 -5.11 16.23
CA PHE I 113 2.03 -5.32 17.59
C PHE I 113 1.85 -4.01 18.38
N PHE I 114 0.59 -3.71 18.70
CA PHE I 114 0.25 -2.51 19.46
C PHE I 114 0.17 -2.88 20.90
N ASP I 115 1.25 -2.62 21.62
CA ASP I 115 1.23 -2.82 23.02
C ASP I 115 0.64 -1.57 23.73
N GLU I 116 0.17 -1.76 24.96
CA GLU I 116 -0.35 -0.69 25.81
C GLU I 116 -1.48 0.03 25.08
N LEU I 117 -2.30 -0.73 24.37
CA LEU I 117 -3.46 -0.22 23.70
C LEU I 117 -4.39 0.78 24.45
N ASP I 118 -4.36 0.75 25.78
CA ASP I 118 -5.30 1.45 26.64
C ASP I 118 -4.72 2.79 27.11
N SER I 119 -3.56 3.13 26.57
CA SER I 119 -2.84 4.21 27.16
C SER I 119 -3.48 5.58 26.87
N ILE I 120 -4.10 5.77 25.72
CA ILE I 120 -4.87 7.01 25.61
C ILE I 120 -6.08 7.07 26.57
N ALA I 121 -6.79 5.96 26.72
CA ALA I 121 -7.96 5.85 27.59
C ALA I 121 -7.54 6.31 28.97
N LYS I 122 -6.52 5.65 29.53
CA LYS I 122 -5.86 6.14 30.74
C LYS I 122 -5.55 7.63 30.71
N ALA I 123 -4.90 8.09 29.65
CA ALA I 123 -4.50 9.47 29.56
C ALA I 123 -5.63 10.42 29.63
N ARG I 124 -6.80 10.06 29.13
CA ARG I 124 -7.90 10.98 29.23
C ARG I 124 -8.75 10.82 30.48
N GLY I 125 -8.37 9.97 31.39
CA GLY I 125 -9.12 9.86 32.63
C GLY I 125 -9.39 8.41 32.99
N GLY I 126 -9.51 7.57 31.97
CA GLY I 126 -9.62 6.13 32.19
C GLY I 126 -10.93 5.69 32.80
N ASN I 127 -10.82 4.96 33.92
CA ASN I 127 -11.95 4.40 34.70
C ASN I 127 -13.17 5.37 34.76
N ILE I 128 -12.93 6.63 35.19
CA ILE I 128 -13.93 7.72 35.16
C ILE I 128 -14.08 8.48 33.81
N GLY I 129 -12.99 9.07 33.32
CA GLY I 129 -12.92 9.61 31.95
C GLY I 129 -13.24 11.07 31.76
N ASP I 130 -13.38 11.47 30.50
CA ASP I 130 -13.85 12.83 30.11
C ASP I 130 -15.31 12.76 29.61
N GLY I 131 -15.76 13.72 28.81
CA GLY I 131 -17.14 13.70 28.25
C GLY I 131 -17.51 12.46 27.36
N GLY I 132 -16.75 12.23 26.30
CA GLY I 132 -17.16 11.32 25.25
C GLY I 132 -16.98 9.87 25.50
N GLY I 133 -17.26 9.08 24.47
CA GLY I 133 -17.19 7.63 24.52
C GLY I 133 -15.81 7.05 24.34
N ALA I 134 -15.74 5.75 24.10
CA ALA I 134 -14.47 5.05 24.14
C ALA I 134 -13.60 5.42 22.90
N ALA I 135 -14.23 5.96 21.85
CA ALA I 135 -13.50 6.38 20.67
C ALA I 135 -12.46 7.48 20.94
N ASP I 136 -11.34 7.39 20.24
CA ASP I 136 -10.32 8.42 20.29
C ASP I 136 -9.59 8.40 18.95
N ARG I 137 -9.04 9.56 18.59
CA ARG I 137 -8.62 9.77 17.21
C ARG I 137 -7.58 8.71 16.77
N VAL I 138 -6.69 8.42 17.67
CA VAL I 138 -5.61 7.53 17.34
C VAL I 138 -6.00 6.06 17.19
N ILE I 139 -6.72 5.50 18.18
CA ILE I 139 -7.15 4.08 18.04
C ILE I 139 -8.11 3.98 16.89
N ASN I 140 -8.93 5.05 16.75
CA ASN I 140 -9.85 5.03 15.65
C ASN I 140 -9.09 4.85 14.35
N GLN I 141 -7.96 5.53 14.25
CA GLN I 141 -7.18 5.48 13.04
C GLN I 141 -6.74 4.04 12.82
N ILE I 142 -6.15 3.40 13.85
CA ILE I 142 -5.70 2.04 13.78
C ILE I 142 -6.81 1.20 13.28
N LEU I 143 -8.06 1.45 13.72
CA LEU I 143 -9.20 0.67 13.22
C LEU I 143 -9.44 0.84 11.72
N THR I 144 -9.35 2.06 11.21
CA THR I 144 -9.54 2.27 9.80
C THR I 144 -8.47 1.56 9.01
N GLU I 145 -7.24 1.85 9.39
CA GLU I 145 -6.12 1.23 8.75
C GLU I 145 -6.18 -0.26 8.80
N MET I 146 -7.18 -0.82 9.43
CA MET I 146 -7.20 -2.24 9.64
C MET I 146 -8.36 -2.79 8.82
N ASP I 147 -9.31 -1.91 8.60
CA ASP I 147 -10.47 -2.22 7.80
C ASP I 147 -10.02 -2.22 6.37
N GLY I 148 -9.25 -1.17 6.04
CA GLY I 148 -8.74 -0.96 4.69
C GLY I 148 -7.57 -1.84 4.35
N MET I 149 -7.03 -2.54 5.34
CA MET I 149 -5.88 -3.36 5.10
C MET I 149 -6.38 -4.71 4.70
N SER I 150 -6.18 -5.02 3.42
CA SER I 150 -6.63 -6.27 2.83
C SER I 150 -6.14 -7.49 3.60
N THR I 151 -7.09 -8.36 3.93
CA THR I 151 -6.83 -9.62 4.63
C THR I 151 -5.69 -10.43 3.97
N LYS I 152 -5.51 -10.21 2.67
CA LYS I 152 -4.63 -11.01 1.81
C LYS I 152 -3.19 -10.50 1.70
N LYS I 153 -2.85 -9.40 2.38
CA LYS I 153 -1.45 -9.06 2.60
C LYS I 153 -0.94 -10.03 3.65
N ASN I 154 0.21 -9.81 4.21
CA ASN I 154 0.64 -10.79 5.18
C ASN I 154 0.99 -10.15 6.52
N VAL I 155 0.15 -9.23 6.94
CA VAL I 155 0.35 -8.50 8.16
C VAL I 155 -0.64 -9.00 9.21
N PHE I 156 -0.10 -9.53 10.31
CA PHE I 156 -0.89 -9.98 11.45
C PHE I 156 -0.82 -9.01 12.67
N ILE I 157 -1.98 -8.50 13.09
CA ILE I 157 -2.00 -7.46 14.12
C ILE I 157 -2.23 -8.04 15.53
N ILE I 158 -1.43 -7.64 16.51
CA ILE I 158 -1.74 -8.08 17.83
C ILE I 158 -1.76 -6.84 18.72
N GLY I 159 -2.88 -6.65 19.46
CA GLY I 159 -3.00 -5.70 20.58
C GLY I 159 -2.71 -6.39 21.91
N ALA I 160 -2.35 -5.61 22.90
CA ALA I 160 -2.21 -6.10 24.26
C ALA I 160 -2.61 -4.92 25.12
N THR I 161 -3.15 -5.25 26.29
CA THR I 161 -3.61 -4.23 27.23
C THR I 161 -3.71 -4.93 28.53
N ASN I 162 -3.43 -4.20 29.61
CA ASN I 162 -3.84 -4.74 30.88
C ASN I 162 -4.99 -4.01 31.50
N ARG I 163 -5.72 -3.24 30.69
CA ARG I 163 -6.86 -2.55 31.18
C ARG I 163 -7.91 -2.70 30.11
N PRO I 164 -8.34 -3.96 29.89
CA PRO I 164 -9.33 -4.22 28.83
C PRO I 164 -10.65 -3.54 29.16
N ASP I 165 -11.04 -3.39 30.42
CA ASP I 165 -12.22 -2.51 30.70
C ASP I 165 -12.22 -1.17 29.94
N ILE I 166 -11.06 -0.57 29.69
CA ILE I 166 -11.13 0.76 29.08
C ILE I 166 -10.87 0.84 27.60
N ILE I 167 -10.50 -0.28 27.00
CA ILE I 167 -10.34 -0.47 25.52
C ILE I 167 -11.62 -0.08 24.80
N ASP I 168 -11.54 0.57 23.64
CA ASP I 168 -12.78 0.74 22.81
C ASP I 168 -13.26 -0.60 22.28
N PRO I 169 -14.51 -0.99 22.61
CA PRO I 169 -15.14 -2.18 22.13
C PRO I 169 -15.02 -2.44 20.59
N ALA I 170 -15.04 -1.35 19.80
CA ALA I 170 -14.97 -1.53 18.37
C ALA I 170 -13.76 -2.37 17.98
N ILE I 171 -12.78 -2.44 18.84
CA ILE I 171 -11.54 -3.13 18.50
C ILE I 171 -11.84 -4.58 18.41
N LEU I 172 -12.93 -5.01 19.03
CA LEU I 172 -13.21 -6.42 19.14
C LEU I 172 -14.18 -6.93 18.07
N ARG I 173 -14.89 -6.04 17.36
CA ARG I 173 -15.83 -6.47 16.33
C ARG I 173 -15.17 -7.37 15.32
N PRO I 174 -15.96 -8.24 14.66
CA PRO I 174 -15.48 -9.05 13.55
C PRO I 174 -14.63 -8.29 12.52
N GLY I 175 -13.54 -8.93 12.08
CA GLY I 175 -12.67 -8.37 11.07
C GLY I 175 -11.63 -7.45 11.65
N ARG I 176 -11.52 -7.42 12.98
CA ARG I 176 -10.51 -6.65 13.70
C ARG I 176 -9.76 -7.51 14.67
N LEU I 177 -9.66 -7.16 15.93
CA LEU I 177 -9.01 -8.09 16.81
C LEU I 177 -10.08 -8.99 17.39
N ASP I 178 -10.34 -10.11 16.72
CA ASP I 178 -11.46 -10.96 17.05
C ASP I 178 -11.10 -11.86 18.16
N GLN I 179 -9.87 -12.29 18.21
CA GLN I 179 -9.51 -13.30 19.18
C GLN I 179 -9.07 -12.68 20.46
N LEU I 180 -9.96 -12.61 21.43
CA LEU I 180 -9.53 -12.28 22.76
C LEU I 180 -8.70 -13.44 23.31
N ILE I 181 -7.57 -13.16 23.92
CA ILE I 181 -6.85 -14.18 24.68
C ILE I 181 -6.37 -13.64 26.06
N TYR I 182 -6.71 -14.37 27.11
CA TYR I 182 -6.33 -13.95 28.44
C TYR I 182 -4.93 -14.53 28.81
N ILE I 183 -3.98 -13.67 29.15
CA ILE I 183 -2.74 -14.17 29.65
C ILE I 183 -2.70 -13.86 31.08
N PRO I 184 -3.01 -14.88 31.91
CA PRO I 184 -3.22 -14.86 33.36
C PRO I 184 -1.89 -14.86 34.07
N LEU I 185 -1.90 -14.61 35.38
CA LEU I 185 -0.71 -14.84 36.21
C LEU I 185 -0.29 -16.26 36.11
N PRO I 186 1.02 -16.50 36.16
CA PRO I 186 1.48 -17.85 36.02
C PRO I 186 1.12 -18.67 37.25
N ASP I 187 0.65 -19.89 37.05
CA ASP I 187 0.37 -20.79 38.16
C ASP I 187 1.60 -21.52 38.72
N GLU I 188 1.35 -22.35 39.73
CA GLU I 188 2.30 -23.29 40.35
C GLU I 188 3.37 -23.87 39.40
N LYS I 189 2.92 -24.65 38.42
CA LYS I 189 3.80 -25.29 37.45
C LYS I 189 4.50 -24.23 36.63
N SER I 190 3.71 -23.32 36.09
CA SER I 190 4.18 -22.30 35.19
C SER I 190 5.36 -21.52 35.72
N ARG I 191 5.27 -21.16 37.00
CA ARG I 191 6.36 -20.42 37.60
C ARG I 191 7.68 -21.23 37.51
N VAL I 192 7.61 -22.57 37.65
CA VAL I 192 8.82 -23.37 37.47
C VAL I 192 9.36 -23.15 36.06
N ALA I 193 8.53 -23.40 35.05
CA ALA I 193 8.92 -23.16 33.65
C ALA I 193 9.53 -21.77 33.41
N ILE I 194 8.84 -20.73 33.89
CA ILE I 194 9.32 -19.38 33.74
C ILE I 194 10.71 -19.23 34.35
N LEU I 195 10.95 -19.85 35.51
CA LEU I 195 12.28 -19.79 36.10
C LEU I 195 13.34 -20.51 35.21
N LYS I 196 12.98 -21.70 34.73
CA LYS I 196 13.84 -22.45 33.84
C LYS I 196 14.13 -21.66 32.60
N ALA I 197 13.09 -21.11 31.98
CA ALA I 197 13.25 -20.28 30.80
C ALA I 197 14.16 -19.11 31.04
N ASN I 198 13.92 -18.42 32.14
CA ASN I 198 14.73 -17.28 32.49
C ASN I 198 16.20 -17.61 32.78
N LEU I 199 16.49 -18.86 33.09
CA LEU I 199 17.83 -19.26 33.47
C LEU I 199 18.52 -20.19 32.44
N ARG I 200 17.80 -20.51 31.38
CA ARG I 200 18.32 -21.25 30.23
C ARG I 200 19.73 -20.89 29.86
N LYS I 201 20.04 -19.61 29.79
CA LYS I 201 21.36 -19.22 29.36
C LYS I 201 22.18 -18.77 30.55
N SER I 202 22.14 -19.57 31.62
CA SER I 202 22.82 -19.21 32.87
C SER I 202 23.40 -20.38 33.66
N PRO I 203 24.52 -20.13 34.36
CA PRO I 203 25.14 -21.14 35.17
C PRO I 203 24.43 -21.32 36.52
N VAL I 204 23.30 -22.03 36.50
CA VAL I 204 22.54 -22.35 37.73
C VAL I 204 23.21 -23.47 38.54
N ALA I 205 23.57 -23.18 39.80
CA ALA I 205 24.13 -24.21 40.69
C ALA I 205 23.19 -25.40 40.81
N LYS I 206 23.76 -26.59 40.91
CA LYS I 206 23.00 -27.83 40.81
C LYS I 206 22.01 -27.96 41.93
N ASP I 207 22.41 -27.58 43.13
CA ASP I 207 21.59 -27.74 44.32
C ASP I 207 20.31 -26.90 44.29
N VAL I 208 20.40 -25.65 43.79
CA VAL I 208 19.29 -24.65 43.73
C VAL I 208 17.93 -25.21 43.26
N ASP I 209 16.94 -25.15 44.14
CA ASP I 209 15.65 -25.78 43.91
C ASP I 209 14.59 -24.78 43.46
N LEU I 210 14.23 -24.85 42.17
CA LEU I 210 13.28 -23.93 41.58
C LEU I 210 11.87 -24.36 41.86
N GLU I 211 11.66 -25.67 41.88
CA GLU I 211 10.33 -26.24 42.12
C GLU I 211 9.83 -25.73 43.45
N PHE I 212 10.77 -25.35 44.29
CA PHE I 212 10.49 -24.80 45.60
C PHE I 212 10.21 -23.31 45.52
N LEU I 213 11.14 -22.57 44.90
CA LEU I 213 10.90 -21.17 44.56
C LEU I 213 9.53 -20.94 43.96
N ALA I 214 9.09 -21.88 43.12
CA ALA I 214 7.78 -21.82 42.51
C ALA I 214 6.64 -21.89 43.53
N LYS I 215 6.81 -22.74 44.56
CA LYS I 215 5.86 -22.85 45.68
C LYS I 215 5.82 -21.52 46.49
N MET I 216 6.94 -20.80 46.51
CA MET I 216 7.10 -19.64 47.39
C MET I 216 6.46 -18.38 46.89
N THR I 217 6.00 -18.41 45.64
CA THR I 217 5.67 -17.19 44.89
C THR I 217 4.23 -17.26 44.40
N ASN I 218 3.43 -16.24 44.58
CA ASN I 218 2.10 -16.31 44.01
C ASN I 218 1.67 -15.25 43.05
N GLY I 219 1.11 -14.18 43.59
CA GLY I 219 0.69 -13.05 42.77
C GLY I 219 1.90 -12.61 41.99
N PHE I 220 2.85 -13.52 41.88
CA PHE I 220 4.06 -13.30 41.18
C PHE I 220 3.76 -13.54 39.76
N SER I 221 4.12 -12.52 39.01
CA SER I 221 4.04 -12.53 37.58
C SER I 221 5.43 -12.90 37.03
N GLY I 222 5.47 -13.30 35.77
CA GLY I 222 6.73 -13.66 35.13
C GLY I 222 7.75 -12.59 35.37
N ALA I 223 7.31 -11.33 35.15
CA ALA I 223 8.14 -10.16 35.41
C ALA I 223 8.73 -10.18 36.85
N ASP I 224 7.88 -10.33 37.87
CA ASP I 224 8.36 -10.51 39.23
C ASP I 224 9.39 -11.65 39.41
N LEU I 225 9.22 -12.75 38.68
CA LEU I 225 10.08 -13.88 38.85
C LEU I 225 11.41 -13.55 38.26
N THR I 226 11.39 -13.01 37.05
CA THR I 226 12.58 -12.51 36.40
C THR I 226 13.32 -11.57 37.31
N GLU I 227 12.59 -10.70 37.99
CA GLU I 227 13.22 -9.76 38.88
C GLU I 227 14.11 -10.47 39.93
N ILE I 228 13.63 -11.61 40.45
CA ILE I 228 14.35 -12.39 41.44
C ILE I 228 15.67 -12.84 40.84
N CYS I 229 15.63 -13.61 39.74
CA CYS I 229 16.82 -14.13 39.05
C CYS I 229 17.84 -13.03 38.87
N GLN I 230 17.42 -11.89 38.34
CA GLN I 230 18.33 -10.78 38.18
C GLN I 230 18.98 -10.32 39.44
N ARG I 231 18.28 -10.23 40.57
CA ARG I 231 18.95 -9.89 41.85
C ARG I 231 19.96 -10.94 42.22
N ALA I 232 19.59 -12.22 41.98
CA ALA I 232 20.48 -13.36 42.21
C ALA I 232 21.77 -13.22 41.39
N CYS I 233 21.65 -13.02 40.08
CA CYS I 233 22.83 -12.70 39.28
C CYS I 233 23.63 -11.58 39.82
N LYS I 234 22.99 -10.43 40.02
CA LYS I 234 23.67 -9.22 40.43
C LYS I 234 24.42 -9.54 41.66
N LEU I 235 23.90 -10.49 42.44
CA LEU I 235 24.58 -10.90 43.67
C LEU I 235 25.83 -11.72 43.38
N ALA I 236 25.67 -12.70 42.49
CA ALA I 236 26.75 -13.53 42.02
C ALA I 236 27.86 -12.70 41.37
N ILE I 237 27.54 -11.88 40.38
CA ILE I 237 28.52 -10.97 39.81
C ILE I 237 29.27 -10.14 40.87
N ARG I 238 28.54 -9.44 41.73
CA ARG I 238 29.15 -8.65 42.82
C ARG I 238 29.97 -9.55 43.71
N GLU I 239 29.51 -10.78 43.88
CA GLU I 239 30.18 -11.77 44.72
C GLU I 239 31.42 -12.33 44.01
N SER I 240 31.39 -12.37 42.69
CA SER I 240 32.53 -12.79 41.90
C SER I 240 33.59 -11.68 41.87
N ILE I 241 33.29 -10.57 41.21
CA ILE I 241 34.21 -9.43 41.12
C ILE I 241 34.83 -9.09 42.48
N GLU I 242 34.09 -9.38 43.53
CA GLU I 242 34.58 -9.20 44.89
C GLU I 242 35.84 -10.04 45.16
N SER I 243 35.76 -11.35 44.92
CA SER I 243 36.81 -12.30 45.31
C SER I 243 38.18 -12.02 44.68
N GLU I 244 38.20 -11.66 43.39
CA GLU I 244 39.46 -11.35 42.69
C GLU I 244 40.19 -10.15 43.31
N ILE I 245 39.53 -9.00 43.27
CA ILE I 245 40.11 -7.73 43.71
C ILE I 245 40.17 -7.63 45.24
N VAL I 266 35.28 -19.47 39.80
CA VAL I 266 34.36 -19.23 40.94
C VAL I 266 32.89 -18.77 40.57
N PRO I 267 32.53 -18.72 39.27
CA PRO I 267 31.21 -18.23 38.86
C PRO I 267 30.13 -19.28 38.52
N GLU I 268 29.27 -19.59 39.50
CA GLU I 268 28.04 -20.36 39.28
C GLU I 268 27.00 -19.79 40.24
N ILE I 269 25.88 -19.32 39.70
CA ILE I 269 24.83 -18.65 40.51
C ILE I 269 24.16 -19.65 41.48
N ARG I 270 24.39 -19.49 42.78
CA ARG I 270 24.08 -20.57 43.71
C ARG I 270 23.07 -20.26 44.80
N ARG I 271 22.68 -21.30 45.50
CA ARG I 271 21.65 -21.28 46.54
C ARG I 271 21.47 -19.98 47.31
N ASP I 272 22.49 -19.61 48.06
CA ASP I 272 22.46 -18.45 48.97
C ASP I 272 22.24 -17.12 48.26
N HIS I 273 22.55 -17.09 46.97
CA HIS I 273 22.29 -15.93 46.15
C HIS I 273 20.81 -15.78 45.91
N PHE I 274 20.15 -16.85 45.49
CA PHE I 274 18.70 -16.81 45.39
C PHE I 274 18.05 -16.55 46.72
N GLU I 275 18.61 -17.14 47.78
CA GLU I 275 18.06 -16.94 49.11
C GLU I 275 18.09 -15.47 49.43
N GLU I 276 19.25 -14.84 49.28
CA GLU I 276 19.35 -13.43 49.59
C GLU I 276 18.61 -12.53 48.57
N ALA I 277 18.42 -13.04 47.37
CA ALA I 277 17.60 -12.34 46.37
C ALA I 277 16.12 -12.31 46.75
N MET I 278 15.63 -13.42 47.26
CA MET I 278 14.29 -13.52 47.81
C MET I 278 13.97 -12.57 48.93
N ARG I 279 14.97 -12.05 49.63
CA ARG I 279 14.72 -11.06 50.69
C ARG I 279 14.12 -9.75 50.15
N PHE I 280 14.11 -9.59 48.83
CA PHE I 280 13.55 -8.40 48.17
C PHE I 280 12.50 -8.76 47.12
N ALA I 281 11.76 -9.84 47.32
CA ALA I 281 10.76 -10.24 46.33
C ALA I 281 9.50 -9.39 46.49
N ARG I 282 9.02 -8.80 45.42
CA ARG I 282 7.77 -8.05 45.48
C ARG I 282 6.70 -8.85 44.73
N ARG I 283 5.47 -8.35 44.73
CA ARG I 283 4.46 -8.85 43.82
C ARG I 283 3.94 -7.66 43.09
N SER I 284 4.03 -7.63 41.77
CA SER I 284 3.58 -6.46 41.03
C SER I 284 2.05 -6.41 41.06
N VAL I 285 1.41 -7.55 40.94
CA VAL I 285 -0.04 -7.55 40.90
C VAL I 285 -0.61 -7.85 42.27
N SER I 286 -1.51 -6.98 42.71
CA SER I 286 -2.23 -7.19 43.95
C SER I 286 -3.54 -7.94 43.69
N ASP I 287 -3.98 -8.68 44.70
CA ASP I 287 -5.18 -9.50 44.66
C ASP I 287 -6.45 -8.80 44.16
N ASN I 288 -6.62 -7.53 44.49
CA ASN I 288 -7.77 -6.77 43.97
C ASN I 288 -7.75 -6.76 42.45
N ASP I 289 -6.61 -6.34 41.91
CA ASP I 289 -6.38 -6.29 40.49
C ASP I 289 -6.64 -7.63 39.89
N ILE I 290 -6.00 -8.67 40.44
CA ILE I 290 -6.20 -10.04 39.95
C ILE I 290 -7.68 -10.34 39.85
N ARG I 291 -8.41 -10.10 40.95
CA ARG I 291 -9.86 -10.25 41.01
C ARG I 291 -10.48 -9.51 39.84
N LYS I 292 -10.15 -8.23 39.72
CA LYS I 292 -10.57 -7.48 38.58
C LYS I 292 -10.34 -8.15 37.24
N TYR I 293 -9.20 -8.82 37.02
CA TYR I 293 -9.02 -9.49 35.70
C TYR I 293 -10.05 -10.60 35.50
N GLU I 294 -10.35 -11.33 36.57
CA GLU I 294 -11.26 -12.45 36.50
C GLU I 294 -12.63 -11.97 36.08
N MET I 295 -13.01 -10.79 36.60
CA MET I 295 -14.28 -10.17 36.20
C MET I 295 -14.26 -9.84 34.72
N PHE I 296 -13.18 -9.16 34.30
CA PHE I 296 -12.98 -8.78 32.89
C PHE I 296 -13.03 -10.10 32.12
N ALA I 297 -12.26 -11.09 32.61
CA ALA I 297 -12.08 -12.41 31.95
C ALA I 297 -13.35 -13.26 31.87
N GLN I 298 -14.28 -13.02 32.79
CA GLN I 298 -15.57 -13.70 32.79
C GLN I 298 -16.48 -13.23 31.65
N THR I 299 -16.87 -11.96 31.65
CA THR I 299 -17.67 -11.41 30.53
C THR I 299 -16.92 -11.51 29.20
N LEU I 300 -15.68 -11.02 29.18
CA LEU I 300 -14.86 -10.98 27.95
C LEU I 300 -14.67 -12.39 27.27
N GLN I 301 -14.66 -13.48 28.05
CA GLN I 301 -14.59 -14.86 27.50
C GLN I 301 -15.92 -15.59 27.68
N ALA J 1 -7.31 12.70 7.05
CA ALA J 1 -6.58 11.43 6.77
C ALA J 1 -7.48 10.33 6.13
N LEU J 2 -8.52 10.69 5.36
CA LEU J 2 -9.56 9.72 4.97
C LEU J 2 -9.04 8.54 4.15
N ARG J 3 -9.39 7.31 4.57
CA ARG J 3 -9.10 6.06 3.87
C ARG J 3 -9.57 6.07 2.41
N GLU J 4 -9.13 5.11 1.60
CA GLU J 4 -9.48 5.10 0.19
C GLU J 4 -10.81 4.37 -0.12
N THR J 5 -11.74 5.03 -0.82
CA THR J 5 -13.05 4.46 -1.14
C THR J 5 -12.95 3.33 -2.16
N VAL J 6 -13.37 2.12 -1.75
CA VAL J 6 -13.18 0.89 -2.56
C VAL J 6 -14.47 0.34 -3.12
N VAL J 7 -14.69 0.49 -4.42
CA VAL J 7 -15.81 -0.16 -5.09
C VAL J 7 -15.47 -1.63 -5.25
N GLU J 8 -16.47 -2.51 -5.22
CA GLU J 8 -16.21 -3.93 -5.26
C GLU J 8 -17.47 -4.66 -5.73
N VAL J 9 -17.36 -5.92 -6.10
CA VAL J 9 -18.55 -6.66 -6.44
C VAL J 9 -18.79 -7.60 -5.30
N PRO J 10 -19.96 -7.51 -4.72
CA PRO J 10 -20.30 -8.27 -3.58
C PRO J 10 -20.20 -9.74 -3.93
N GLN J 11 -19.34 -10.39 -3.19
CA GLN J 11 -19.06 -11.81 -3.26
C GLN J 11 -20.23 -12.70 -2.77
N VAL J 12 -21.11 -12.19 -1.90
CA VAL J 12 -22.10 -13.00 -1.17
C VAL J 12 -23.52 -12.92 -1.73
N THR J 13 -24.26 -14.01 -1.66
CA THR J 13 -25.59 -14.10 -2.25
C THR J 13 -26.61 -14.52 -1.20
N TRP J 14 -27.89 -14.51 -1.54
CA TRP J 14 -28.92 -14.97 -0.64
C TRP J 14 -28.71 -16.35 0.00
N GLU J 15 -28.01 -17.24 -0.67
CA GLU J 15 -27.80 -18.58 -0.13
C GLU J 15 -27.00 -18.56 1.15
N ASP J 16 -26.11 -17.60 1.28
CA ASP J 16 -25.23 -17.50 2.45
C ASP J 16 -25.92 -16.91 3.64
N ILE J 17 -27.13 -16.42 3.44
CA ILE J 17 -27.92 -15.79 4.50
C ILE J 17 -29.00 -16.79 4.97
N GLY J 18 -28.92 -17.17 6.23
CA GLY J 18 -29.90 -18.02 6.84
C GLY J 18 -31.11 -17.21 7.31
N GLY J 19 -32.30 -17.61 6.84
CA GLY J 19 -33.56 -17.01 7.26
C GLY J 19 -33.80 -15.64 6.69
N LEU J 20 -34.65 -14.88 7.34
CA LEU J 20 -34.94 -13.51 6.91
C LEU J 20 -35.64 -13.51 5.55
N GLU J 21 -36.50 -14.49 5.30
CA GLU J 21 -37.09 -14.60 3.97
C GLU J 21 -37.92 -13.37 3.61
N ASP J 22 -38.77 -12.98 4.55
CA ASP J 22 -39.57 -11.78 4.49
C ASP J 22 -38.80 -10.54 4.03
N VAL J 23 -37.64 -10.27 4.63
CA VAL J 23 -36.88 -9.07 4.30
C VAL J 23 -36.21 -9.17 2.96
N LYS J 24 -35.70 -10.36 2.62
CA LYS J 24 -35.05 -10.60 1.32
C LYS J 24 -36.03 -10.22 0.23
N ARG J 25 -37.28 -10.66 0.40
CA ARG J 25 -38.36 -10.36 -0.53
C ARG J 25 -38.58 -8.86 -0.56
N GLU J 26 -38.76 -8.30 0.63
CA GLU J 26 -38.95 -6.87 0.80
C GLU J 26 -37.83 -6.05 0.14
N LEU J 27 -36.59 -6.49 0.32
CA LEU J 27 -35.44 -5.83 -0.27
C LEU J 27 -35.49 -5.84 -1.78
N GLN J 28 -35.82 -6.98 -2.35
CA GLN J 28 -35.97 -7.07 -3.78
C GLN J 28 -37.02 -6.12 -4.27
N GLU J 29 -38.16 -6.12 -3.61
CA GLU J 29 -39.23 -5.23 -4.00
C GLU J 29 -38.81 -3.77 -4.00
N LEU J 30 -37.73 -3.43 -3.29
CA LEU J 30 -37.29 -2.03 -3.15
C LEU J 30 -36.26 -1.61 -4.17
N VAL J 31 -35.49 -2.57 -4.66
CA VAL J 31 -34.40 -2.28 -5.58
C VAL J 31 -34.58 -2.95 -6.95
N GLN J 32 -34.99 -4.23 -6.97
CA GLN J 32 -35.20 -4.97 -8.23
C GLN J 32 -36.32 -4.32 -9.01
N TYR J 33 -37.52 -4.37 -8.43
CA TYR J 33 -38.75 -3.95 -9.09
C TYR J 33 -38.65 -2.56 -9.73
N PRO J 34 -38.14 -1.54 -9.02
CA PRO J 34 -38.03 -0.24 -9.71
C PRO J 34 -37.15 -0.23 -10.97
N VAL J 35 -36.09 -1.05 -10.97
CA VAL J 35 -35.11 -1.09 -12.08
C VAL J 35 -35.53 -2.04 -13.21
N GLU J 36 -36.00 -3.23 -12.85
CA GLU J 36 -36.37 -4.27 -13.82
C GLU J 36 -37.84 -4.23 -14.22
N HIS J 37 -38.61 -3.33 -13.61
CA HIS J 37 -40.00 -3.12 -13.99
C HIS J 37 -40.39 -1.64 -13.97
N PRO J 38 -39.55 -0.77 -14.55
CA PRO J 38 -39.84 0.66 -14.42
C PRO J 38 -41.22 0.94 -14.95
N ASP J 39 -41.65 0.13 -15.94
CA ASP J 39 -43.00 0.17 -16.52
C ASP J 39 -44.12 0.07 -15.47
N LYS J 40 -44.01 -0.88 -14.53
CA LYS J 40 -45.02 -1.08 -13.47
C LYS J 40 -45.08 0.05 -12.44
N PHE J 41 -43.94 0.67 -12.19
CA PHE J 41 -43.86 1.81 -11.28
C PHE J 41 -44.43 3.07 -11.91
N LEU J 42 -44.17 3.23 -13.20
CA LEU J 42 -44.75 4.31 -13.98
C LEU J 42 -46.25 4.10 -14.19
N LYS J 43 -46.67 2.83 -14.37
CA LYS J 43 -48.09 2.46 -14.51
C LYS J 43 -48.92 2.85 -13.29
N PHE J 44 -48.47 2.41 -12.12
CA PHE J 44 -49.17 2.72 -10.87
C PHE J 44 -48.81 4.09 -10.32
N GLY J 45 -47.76 4.71 -10.86
CA GLY J 45 -47.42 6.07 -10.51
C GLY J 45 -46.35 6.17 -9.43
N MET J 46 -46.55 5.50 -8.31
CA MET J 46 -45.64 5.57 -7.18
C MET J 46 -44.16 5.46 -7.59
N THR J 47 -43.35 6.38 -7.08
CA THR J 47 -41.92 6.40 -7.36
C THR J 47 -41.18 5.74 -6.18
N PRO J 48 -40.02 5.10 -6.45
CA PRO J 48 -39.31 4.21 -5.49
C PRO J 48 -38.63 4.96 -4.35
N SER J 49 -38.03 4.24 -3.41
CA SER J 49 -37.41 4.89 -2.26
C SER J 49 -35.89 4.96 -2.40
N LYS J 50 -35.29 6.03 -1.86
CA LYS J 50 -33.85 6.28 -1.98
C LYS J 50 -32.97 5.35 -1.16
N GLY J 51 -33.51 4.80 -0.09
CA GLY J 51 -32.71 4.01 0.83
C GLY J 51 -33.42 3.32 1.95
N VAL J 52 -32.64 2.64 2.78
CA VAL J 52 -33.16 1.78 3.78
C VAL J 52 -32.31 1.87 5.02
N LEU J 53 -32.91 1.78 6.19
CA LEU J 53 -32.12 1.65 7.40
C LEU J 53 -32.40 0.32 8.11
N PHE J 54 -31.42 -0.59 8.12
CA PHE J 54 -31.49 -1.80 8.95
C PHE J 54 -30.99 -1.47 10.34
N TYR J 55 -31.80 -1.84 11.33
CA TYR J 55 -31.38 -1.80 12.74
C TYR J 55 -31.65 -3.14 13.31
N GLY J 56 -30.92 -3.45 14.36
CA GLY J 56 -31.09 -4.71 15.03
C GLY J 56 -29.88 -4.97 15.88
N PRO J 57 -29.88 -6.08 16.64
CA PRO J 57 -28.66 -6.49 17.37
C PRO J 57 -27.60 -6.87 16.37
N PRO J 58 -26.31 -6.83 16.83
CA PRO J 58 -25.05 -7.11 16.07
C PRO J 58 -24.97 -8.60 15.72
N GLY J 59 -24.57 -8.87 14.47
CA GLY J 59 -24.29 -10.23 14.04
C GLY J 59 -25.55 -10.99 13.61
N CYS J 60 -26.39 -10.29 12.85
CA CYS J 60 -27.67 -10.82 12.48
C CYS J 60 -27.85 -10.70 11.00
N GLY J 61 -26.80 -10.24 10.34
CA GLY J 61 -26.78 -10.24 8.87
C GLY J 61 -27.12 -8.92 8.18
N LYS J 62 -27.04 -7.81 8.93
CA LYS J 62 -27.30 -6.51 8.37
C LYS J 62 -26.31 -6.22 7.22
N THR J 63 -25.06 -6.66 7.35
CA THR J 63 -24.14 -6.53 6.24
C THR J 63 -24.40 -7.56 5.09
N LEU J 64 -24.72 -8.81 5.44
CA LEU J 64 -24.95 -9.81 4.41
C LEU J 64 -26.06 -9.32 3.56
N LEU J 65 -27.10 -8.78 4.20
CA LEU J 65 -28.21 -8.29 3.45
C LEU J 65 -27.77 -7.20 2.52
N ALA J 66 -26.93 -6.30 3.00
CA ALA J 66 -26.64 -5.13 2.15
C ALA J 66 -25.84 -5.55 0.99
N LYS J 67 -25.03 -6.56 1.18
CA LYS J 67 -24.21 -7.08 0.11
C LYS J 67 -24.95 -8.03 -0.86
N ALA J 68 -25.56 -9.08 -0.33
CA ALA J 68 -26.41 -9.92 -1.14
C ALA J 68 -27.34 -9.07 -2.06
N ILE J 69 -28.03 -8.08 -1.52
CA ILE J 69 -28.90 -7.33 -2.39
C ILE J 69 -28.12 -6.68 -3.52
N ALA J 70 -26.97 -6.11 -3.22
CA ALA J 70 -26.16 -5.53 -4.28
C ALA J 70 -25.72 -6.56 -5.32
N ASN J 71 -25.26 -7.70 -4.85
CA ASN J 71 -24.91 -8.78 -5.77
C ASN J 71 -26.07 -9.32 -6.61
N GLU J 72 -27.25 -9.46 -6.01
CA GLU J 72 -28.42 -9.89 -6.72
C GLU J 72 -28.65 -8.93 -7.86
N CYS J 73 -28.70 -7.65 -7.56
CA CYS J 73 -28.87 -6.65 -8.58
C CYS J 73 -27.68 -6.57 -9.53
N GLN J 74 -26.70 -7.45 -9.35
CA GLN J 74 -25.44 -7.37 -10.06
C GLN J 74 -24.90 -5.93 -10.06
N ALA J 75 -24.80 -5.35 -8.86
CA ALA J 75 -24.41 -3.95 -8.73
C ALA J 75 -23.15 -3.84 -7.91
N ASN J 76 -22.58 -2.65 -7.94
CA ASN J 76 -21.40 -2.32 -7.19
C ASN J 76 -21.77 -2.03 -5.76
N PHE J 77 -20.79 -2.13 -4.89
CA PHE J 77 -21.03 -2.08 -3.48
C PHE J 77 -19.95 -1.24 -2.82
N ILE J 78 -20.28 -0.16 -2.16
CA ILE J 78 -19.28 0.57 -1.43
C ILE J 78 -19.66 0.48 0.03
N SER J 79 -18.69 0.17 0.86
CA SER J 79 -18.92 0.09 2.29
C SER J 79 -18.12 1.14 3.06
N ILE J 80 -18.80 2.08 3.69
CA ILE J 80 -18.18 3.01 4.65
C ILE J 80 -18.56 2.51 6.03
N LYS J 81 -17.58 2.26 6.88
CA LYS J 81 -17.85 1.74 8.22
C LYS J 81 -17.52 2.77 9.30
N GLY J 82 -17.63 2.34 10.56
CA GLY J 82 -17.66 3.27 11.70
C GLY J 82 -16.40 4.13 11.82
N PRO J 83 -15.26 3.46 11.89
CA PRO J 83 -14.00 4.18 11.97
C PRO J 83 -13.84 5.19 10.84
N GLU J 84 -14.32 4.89 9.62
CA GLU J 84 -14.14 5.85 8.52
C GLU J 84 -14.94 7.11 8.86
N LEU J 85 -16.21 6.95 9.27
CA LEU J 85 -17.04 8.11 9.72
C LEU J 85 -16.36 8.87 10.88
N LEU J 86 -15.82 8.12 11.80
CA LEU J 86 -15.18 8.72 12.92
C LEU J 86 -13.94 9.49 12.55
N THR J 87 -13.21 9.02 11.55
CA THR J 87 -12.07 9.76 11.01
C THR J 87 -12.54 11.12 10.55
N MET J 88 -13.66 11.14 9.82
CA MET J 88 -14.10 12.40 9.29
C MET J 88 -14.57 13.29 10.40
N TRP J 89 -15.02 12.68 11.47
CA TRP J 89 -15.46 13.47 12.57
C TRP J 89 -14.34 14.05 13.35
N PHE J 90 -13.37 13.23 13.76
CA PHE J 90 -12.20 13.72 14.51
C PHE J 90 -11.38 14.75 13.72
N GLY J 91 -11.14 14.44 12.44
CA GLY J 91 -10.42 15.34 11.54
C GLY J 91 -11.24 16.48 10.95
N GLU J 92 -12.52 16.57 11.24
CA GLU J 92 -13.35 17.64 10.70
C GLU J 92 -13.31 17.66 9.20
N SER J 93 -13.23 16.50 8.59
CA SER J 93 -13.10 16.42 7.16
C SER J 93 -14.32 15.80 6.54
N GLU J 94 -15.47 16.35 6.85
CA GLU J 94 -16.69 15.71 6.38
C GLU J 94 -16.97 16.02 4.92
N ALA J 95 -16.21 16.97 4.35
CA ALA J 95 -16.27 17.25 2.91
C ALA J 95 -16.00 15.98 2.11
N ASN J 96 -15.18 15.07 2.62
CA ASN J 96 -15.01 13.81 1.94
C ASN J 96 -16.26 13.00 1.73
N VAL J 97 -17.37 13.41 2.32
CA VAL J 97 -18.57 12.62 2.17
C VAL J 97 -18.97 12.75 0.74
N ARG J 98 -18.79 13.99 0.23
CA ARG J 98 -18.97 14.35 -1.20
C ARG J 98 -18.23 13.41 -2.15
N GLU J 99 -16.94 13.26 -1.89
CA GLU J 99 -16.11 12.34 -2.60
C GLU J 99 -16.71 10.92 -2.59
N ILE J 100 -17.06 10.38 -1.43
CA ILE J 100 -17.73 9.07 -1.37
C ILE J 100 -18.95 8.99 -2.30
N PHE J 101 -19.78 10.03 -2.25
CA PHE J 101 -20.98 10.05 -3.04
C PHE J 101 -20.63 10.08 -4.51
N ASP J 102 -19.68 10.92 -4.89
CA ASP J 102 -19.19 10.94 -6.28
C ASP J 102 -18.82 9.57 -6.76
N LYS J 103 -17.86 8.95 -6.06
CA LYS J 103 -17.42 7.59 -6.36
C LYS J 103 -18.57 6.58 -6.48
N ALA J 104 -19.68 6.79 -5.77
CA ALA J 104 -20.83 5.90 -5.85
C ALA J 104 -21.61 6.22 -7.08
N ARG J 105 -21.74 7.51 -7.36
CA ARG J 105 -22.52 8.01 -8.48
C ARG J 105 -21.88 7.52 -9.74
N GLN J 106 -20.57 7.62 -9.75
CA GLN J 106 -19.75 7.23 -10.88
C GLN J 106 -19.69 5.69 -11.04
N ALA J 107 -19.87 4.95 -9.96
CA ALA J 107 -19.91 3.49 -10.08
C ALA J 107 -21.32 2.93 -10.22
N ALA J 108 -22.30 3.81 -10.48
CA ALA J 108 -23.73 3.40 -10.63
C ALA J 108 -23.88 2.30 -11.71
N PRO J 109 -24.71 1.26 -11.46
CA PRO J 109 -25.59 1.01 -10.30
C PRO J 109 -24.81 0.51 -9.10
N CYS J 110 -25.12 1.09 -7.95
CA CYS J 110 -24.33 0.93 -6.75
C CYS J 110 -25.16 0.96 -5.49
N VAL J 111 -24.91 0.00 -4.59
CA VAL J 111 -25.40 0.18 -3.20
C VAL J 111 -24.29 0.73 -2.31
N LEU J 112 -24.53 1.93 -1.79
CA LEU J 112 -23.61 2.65 -0.92
C LEU J 112 -24.09 2.33 0.45
N PHE J 113 -23.20 1.78 1.28
CA PHE J 113 -23.65 1.17 2.52
C PHE J 113 -22.93 1.69 3.74
N PHE J 114 -23.68 2.43 4.59
CA PHE J 114 -23.10 3.08 5.76
C PHE J 114 -23.39 2.23 6.95
N ASP J 115 -22.43 1.41 7.30
CA ASP J 115 -22.55 0.60 8.47
C ASP J 115 -22.09 1.38 9.69
N GLU J 116 -22.48 0.91 10.90
CA GLU J 116 -22.16 1.57 12.19
C GLU J 116 -22.53 3.05 12.23
N LEU J 117 -23.68 3.39 11.68
CA LEU J 117 -24.15 4.77 11.57
C LEU J 117 -24.17 5.61 12.88
N ASP J 118 -24.04 4.92 14.00
CA ASP J 118 -24.29 5.46 15.33
C ASP J 118 -22.98 5.78 16.01
N SER J 119 -21.92 5.54 15.26
CA SER J 119 -20.65 5.51 15.90
C SER J 119 -20.17 6.88 16.37
N ILE J 120 -20.62 7.95 15.74
CA ILE J 120 -20.24 9.26 16.20
C ILE J 120 -21.01 9.55 17.42
N ALA J 121 -22.30 9.22 17.40
CA ALA J 121 -23.19 9.43 18.55
C ALA J 121 -22.52 8.79 19.77
N LYS J 122 -22.24 7.49 19.73
CA LYS J 122 -21.45 6.84 20.74
C LYS J 122 -20.26 7.71 21.08
N ALA J 123 -19.46 8.08 20.12
CA ALA J 123 -18.19 8.72 20.40
C ALA J 123 -18.35 10.00 21.18
N ARG J 124 -19.45 10.69 20.97
CA ARG J 124 -19.61 11.89 21.71
C ARG J 124 -20.35 11.73 23.04
N GLY J 125 -20.73 10.52 23.40
CA GLY J 125 -21.28 10.31 24.74
C GLY J 125 -22.43 9.33 24.67
N GLY J 126 -23.07 9.30 23.51
CA GLY J 126 -24.13 8.36 23.23
C GLY J 126 -25.42 8.54 24.01
N ASN J 127 -25.78 7.47 24.72
CA ASN J 127 -26.96 7.43 25.60
C ASN J 127 -27.18 8.78 26.39
N ILE J 128 -26.15 9.24 27.14
CA ILE J 128 -26.13 10.55 27.85
C ILE J 128 -25.73 11.75 26.96
N GLY J 129 -24.52 11.72 26.39
CA GLY J 129 -24.12 12.67 25.35
C GLY J 129 -23.32 13.88 25.78
N ASP J 130 -23.21 14.86 24.89
CA ASP J 130 -22.62 16.18 25.17
C ASP J 130 -23.76 17.25 25.18
N GLY J 131 -23.45 18.51 24.95
CA GLY J 131 -24.46 19.60 24.96
C GLY J 131 -25.60 19.50 23.92
N GLY J 132 -25.23 19.41 22.64
CA GLY J 132 -26.18 19.61 21.55
C GLY J 132 -27.07 18.44 21.18
N GLY J 133 -27.82 18.59 20.09
CA GLY J 133 -28.75 17.58 19.64
C GLY J 133 -28.13 16.47 18.80
N ALA J 134 -28.99 15.75 18.12
CA ALA J 134 -28.57 14.56 17.44
C ALA J 134 -27.63 14.84 16.24
N ALA J 135 -27.78 16.00 15.61
CA ALA J 135 -26.93 16.43 14.51
C ALA J 135 -25.45 16.44 14.79
N ASP J 136 -24.71 16.02 13.78
CA ASP J 136 -23.27 16.03 13.82
C ASP J 136 -22.77 16.27 12.39
N ARG J 137 -21.59 16.87 12.28
CA ARG J 137 -21.15 17.40 11.02
C ARG J 137 -21.12 16.31 9.95
N VAL J 138 -20.75 15.09 10.34
CA VAL J 138 -20.54 14.04 9.36
C VAL J 138 -21.84 13.50 8.89
N ILE J 139 -22.71 13.06 9.80
CA ILE J 139 -23.94 12.45 9.30
C ILE J 139 -24.70 13.50 8.53
N ASN J 140 -24.68 14.73 9.07
CA ASN J 140 -25.35 15.83 8.35
C ASN J 140 -24.94 15.92 6.86
N GLN J 141 -23.63 15.77 6.62
CA GLN J 141 -23.10 15.79 5.30
C GLN J 141 -23.72 14.67 4.55
N ILE J 142 -23.67 13.45 5.05
CA ILE J 142 -24.40 12.36 4.37
C ILE J 142 -25.84 12.79 3.98
N LEU J 143 -26.51 13.49 4.87
CA LEU J 143 -27.87 13.85 4.57
C LEU J 143 -27.92 14.80 3.40
N THR J 144 -27.09 15.84 3.37
CA THR J 144 -27.08 16.76 2.24
C THR J 144 -26.78 16.01 0.97
N GLU J 145 -25.70 15.25 0.99
CA GLU J 145 -25.31 14.49 -0.17
C GLU J 145 -26.36 13.52 -0.60
N MET J 146 -27.51 13.51 0.05
CA MET J 146 -28.48 12.53 -0.26
C MET J 146 -29.70 13.27 -0.70
N ASP J 147 -29.79 14.51 -0.25
CA ASP J 147 -30.84 15.39 -0.68
C ASP J 147 -30.52 15.78 -2.10
N GLY J 148 -29.28 16.19 -2.30
CA GLY J 148 -28.79 16.65 -3.60
C GLY J 148 -28.51 15.56 -4.60
N MET J 149 -28.57 14.31 -4.16
CA MET J 149 -28.30 13.19 -5.03
C MET J 149 -29.59 12.80 -5.71
N SER J 150 -29.68 13.13 -6.99
CA SER J 150 -30.87 12.89 -7.77
C SER J 150 -31.37 11.45 -7.64
N THR J 151 -32.66 11.33 -7.33
CA THR J 151 -33.34 10.03 -7.27
C THR J 151 -33.07 9.15 -8.50
N LYS J 152 -32.81 9.82 -9.64
CA LYS J 152 -32.73 9.20 -10.97
C LYS J 152 -31.33 8.72 -11.42
N LYS J 153 -30.31 8.87 -10.57
CA LYS J 153 -29.04 8.13 -10.75
C LYS J 153 -29.34 6.68 -10.35
N ASN J 154 -28.32 5.86 -10.19
CA ASN J 154 -28.68 4.52 -9.79
C ASN J 154 -28.02 4.06 -8.49
N VAL J 155 -27.97 4.96 -7.51
CA VAL J 155 -27.30 4.71 -6.24
C VAL J 155 -28.28 4.45 -5.12
N PHE J 156 -28.19 3.27 -4.50
CA PHE J 156 -29.08 2.93 -3.42
C PHE J 156 -28.35 2.93 -2.08
N ILE J 157 -28.85 3.68 -1.12
CA ILE J 157 -28.16 3.85 0.14
C ILE J 157 -28.73 2.97 1.22
N ILE J 158 -27.87 2.27 1.93
CA ILE J 158 -28.33 1.49 3.04
C ILE J 158 -27.55 1.85 4.33
N GLY J 159 -28.29 2.17 5.40
CA GLY J 159 -27.68 2.37 6.69
C GLY J 159 -27.82 1.10 7.54
N ALA J 160 -26.95 0.96 8.54
CA ALA J 160 -27.12 -0.07 9.54
C ALA J 160 -26.64 0.50 10.84
N THR J 161 -27.29 0.07 11.90
CA THR J 161 -26.99 0.49 13.25
C THR J 161 -27.57 -0.54 14.19
N ASN J 162 -26.91 -0.69 15.32
CA ASN J 162 -27.51 -1.43 16.37
C ASN J 162 -27.74 -0.54 17.59
N ARG J 163 -27.75 0.77 17.40
CA ARG J 163 -28.18 1.64 18.46
C ARG J 163 -29.07 2.68 17.82
N PRO J 164 -30.26 2.27 17.34
CA PRO J 164 -31.14 3.20 16.63
C PRO J 164 -31.66 4.31 17.59
N ASP J 165 -31.81 4.01 18.87
CA ASP J 165 -32.05 5.12 19.85
C ASP J 165 -31.11 6.36 19.74
N ILE J 166 -29.86 6.20 19.27
CA ILE J 166 -28.99 7.38 19.21
C ILE J 166 -28.82 7.98 17.83
N ILE J 167 -29.25 7.26 16.80
CA ILE J 167 -29.37 7.79 15.42
C ILE J 167 -30.03 9.19 15.31
N ASP J 168 -29.50 10.08 14.47
CA ASP J 168 -30.26 11.35 14.25
C ASP J 168 -31.56 11.12 13.48
N PRO J 169 -32.73 11.44 14.07
CA PRO J 169 -34.06 11.29 13.43
C PRO J 169 -34.17 11.81 11.99
N ALA J 170 -33.48 12.91 11.66
CA ALA J 170 -33.49 13.41 10.30
C ALA J 170 -33.17 12.31 9.28
N ILE J 171 -32.48 11.25 9.69
CA ILE J 171 -32.08 10.25 8.73
C ILE J 171 -33.33 9.57 8.27
N LEU J 172 -34.40 9.64 9.03
CA LEU J 172 -35.60 8.86 8.72
C LEU J 172 -36.67 9.61 8.00
N ARG J 173 -36.56 10.94 7.89
CA ARG J 173 -37.52 11.73 7.13
C ARG J 173 -37.73 11.23 5.69
N PRO J 174 -38.89 11.53 5.08
CA PRO J 174 -39.13 11.24 3.67
C PRO J 174 -38.03 11.71 2.73
N GLY J 175 -37.68 10.88 1.76
CA GLY J 175 -36.63 11.22 0.82
C GLY J 175 -35.22 10.85 1.28
N ARG J 176 -35.13 10.12 2.39
CA ARG J 176 -33.83 9.70 2.89
C ARG J 176 -33.88 8.21 3.17
N LEU J 177 -33.55 7.77 4.36
CA LEU J 177 -33.74 6.37 4.67
C LEU J 177 -35.12 6.18 5.29
N ASP J 178 -36.08 6.02 4.40
CA ASP J 178 -37.47 5.92 4.76
C ASP J 178 -37.81 4.55 5.29
N GLN J 179 -37.21 3.52 4.74
CA GLN J 179 -37.60 2.18 5.13
C GLN J 179 -36.83 1.74 6.32
N LEU J 180 -37.43 1.88 7.48
CA LEU J 180 -36.90 1.18 8.63
C LEU J 180 -37.09 -0.35 8.42
N ILE J 181 -36.07 -1.15 8.70
CA ILE J 181 -36.22 -2.62 8.73
C ILE J 181 -35.52 -3.26 9.89
N TYR J 182 -36.25 -3.98 10.72
CA TYR J 182 -35.65 -4.57 11.90
C TYR J 182 -35.06 -5.94 11.52
N ILE J 183 -33.77 -6.16 11.81
CA ILE J 183 -33.17 -7.47 11.63
C ILE J 183 -32.94 -8.02 13.01
N PRO J 184 -33.85 -8.89 13.47
CA PRO J 184 -33.96 -9.41 14.85
C PRO J 184 -33.00 -10.56 15.05
N LEU J 185 -32.76 -10.98 16.30
CA LEU J 185 -32.06 -12.26 16.50
C LEU J 185 -32.74 -13.37 15.73
N PRO J 186 -31.96 -14.35 15.28
CA PRO J 186 -32.55 -15.45 14.55
C PRO J 186 -33.35 -16.33 15.51
N ASP J 187 -34.52 -16.75 15.07
CA ASP J 187 -35.38 -17.68 15.82
C ASP J 187 -35.01 -19.17 15.62
N GLU J 188 -35.75 -20.02 16.33
CA GLU J 188 -35.75 -21.48 16.18
C GLU J 188 -35.39 -22.06 14.79
N LYS J 189 -36.26 -21.82 13.81
CA LYS J 189 -36.06 -22.28 12.42
C LYS J 189 -34.84 -21.63 11.79
N SER J 190 -34.74 -20.31 11.94
CA SER J 190 -33.70 -19.50 11.33
C SER J 190 -32.32 -19.99 11.69
N ARG J 191 -32.14 -20.34 12.96
CA ARG J 191 -30.83 -20.83 13.39
C ARG J 191 -30.42 -22.04 12.55
N VAL J 192 -31.35 -22.94 12.26
CA VAL J 192 -31.02 -24.03 11.39
C VAL J 192 -30.52 -23.49 10.05
N ALA J 193 -31.30 -22.64 9.40
CA ALA J 193 -30.93 -22.10 8.08
C ALA J 193 -29.52 -21.48 8.13
N ILE J 194 -29.29 -20.66 9.15
CA ILE J 194 -28.02 -20.02 9.33
C ILE J 194 -26.88 -21.01 9.47
N LEU J 195 -27.11 -22.14 10.14
CA LEU J 195 -26.07 -23.18 10.23
C LEU J 195 -25.82 -23.79 8.87
N LYS J 196 -26.90 -24.14 8.17
CA LYS J 196 -26.80 -24.73 6.85
C LYS J 196 -26.06 -23.77 5.96
N ALA J 197 -26.49 -22.51 5.92
CA ALA J 197 -25.83 -21.49 5.07
C ALA J 197 -24.35 -21.38 5.38
N ASN J 198 -24.03 -21.42 6.66
CA ASN J 198 -22.65 -21.32 7.11
C ASN J 198 -21.83 -22.55 6.80
N LEU J 199 -22.50 -23.66 6.47
CA LEU J 199 -21.74 -24.87 6.21
C LEU J 199 -21.85 -25.34 4.77
N ARG J 200 -22.60 -24.57 3.97
CA ARG J 200 -22.83 -24.83 2.56
C ARG J 200 -21.59 -25.27 1.86
N LYS J 201 -20.48 -24.59 2.12
CA LYS J 201 -19.22 -24.91 1.46
C LYS J 201 -18.27 -25.74 2.35
N SER J 202 -18.82 -26.74 3.03
CA SER J 202 -18.08 -27.53 4.01
C SER J 202 -18.48 -29.02 4.06
N PRO J 203 -17.52 -29.89 4.40
CA PRO J 203 -17.77 -31.32 4.49
C PRO J 203 -18.38 -31.71 5.84
N VAL J 204 -19.69 -31.50 5.95
CA VAL J 204 -20.44 -31.80 7.19
C VAL J 204 -20.72 -33.27 7.30
N ALA J 205 -20.25 -33.88 8.38
CA ALA J 205 -20.54 -35.28 8.64
C ALA J 205 -22.04 -35.51 8.64
N LYS J 206 -22.45 -36.67 8.12
CA LYS J 206 -23.85 -36.98 7.89
C LYS J 206 -24.66 -37.02 9.17
N ASP J 207 -24.08 -37.61 10.21
CA ASP J 207 -24.77 -37.79 11.48
C ASP J 207 -25.11 -36.47 12.20
N VAL J 208 -24.20 -35.50 12.15
CA VAL J 208 -24.32 -34.17 12.82
C VAL J 208 -25.69 -33.50 12.68
N ASP J 209 -26.39 -33.32 13.81
CA ASP J 209 -27.75 -32.82 13.81
C ASP J 209 -27.81 -31.33 14.11
N LEU J 210 -28.10 -30.53 13.08
CA LEU J 210 -28.17 -29.08 13.23
C LEU J 210 -29.50 -28.62 13.84
N GLU J 211 -30.58 -29.31 13.47
CA GLU J 211 -31.92 -28.97 13.95
C GLU J 211 -31.89 -28.98 15.47
N PHE J 212 -30.93 -29.74 16.01
CA PHE J 212 -30.76 -29.88 17.43
C PHE J 212 -29.95 -28.76 17.97
N LEU J 213 -28.79 -28.53 17.35
CA LEU J 213 -27.97 -27.35 17.62
C LEU J 213 -28.80 -26.07 17.67
N ALA J 214 -29.72 -25.96 16.72
CA ALA J 214 -30.67 -24.87 16.67
C ALA J 214 -31.53 -24.76 17.94
N LYS J 215 -31.99 -25.90 18.47
CA LYS J 215 -32.74 -25.93 19.73
C LYS J 215 -31.83 -25.51 20.89
N MET J 216 -30.53 -25.73 20.75
CA MET J 216 -29.58 -25.52 21.85
C MET J 216 -29.14 -24.11 22.05
N THR J 217 -29.54 -23.23 21.15
CA THR J 217 -29.00 -21.85 21.06
C THR J 217 -30.14 -20.80 21.15
N ASN J 218 -29.95 -19.72 21.90
CA ASN J 218 -30.98 -18.70 21.82
C ASN J 218 -30.58 -17.31 21.49
N GLY J 219 -30.22 -16.55 22.53
CA GLY J 219 -29.70 -15.19 22.38
C GLY J 219 -28.53 -15.25 21.44
N PHE J 220 -28.50 -16.37 20.71
CA PHE J 220 -27.54 -16.63 19.67
C PHE J 220 -27.94 -15.90 18.44
N SER J 221 -27.03 -15.03 18.02
CA SER J 221 -27.14 -14.31 16.80
C SER J 221 -26.38 -15.15 15.77
N GLY J 222 -26.57 -14.79 14.50
CA GLY J 222 -25.90 -15.50 13.40
C GLY J 222 -24.41 -15.53 13.69
N ALA J 223 -23.89 -14.38 14.10
CA ALA J 223 -22.46 -14.27 14.33
C ALA J 223 -22.05 -15.34 15.31
N ASP J 224 -22.73 -15.38 16.47
CA ASP J 224 -22.52 -16.39 17.49
C ASP J 224 -22.55 -17.85 16.94
N LEU J 225 -23.42 -18.10 15.94
CA LEU J 225 -23.58 -19.44 15.41
C LEU J 225 -22.40 -19.76 14.55
N THR J 226 -22.06 -18.81 13.67
CA THR J 226 -20.85 -18.87 12.85
C THR J 226 -19.63 -19.18 13.72
N GLU J 227 -19.54 -18.52 14.85
CA GLU J 227 -18.41 -18.74 15.75
C GLU J 227 -18.29 -20.20 16.13
N ILE J 228 -19.41 -20.88 16.34
CA ILE J 228 -19.42 -22.30 16.70
C ILE J 228 -18.78 -23.10 15.57
N CYS J 229 -19.38 -23.02 14.39
CA CYS J 229 -18.85 -23.75 13.23
C CYS J 229 -17.34 -23.58 13.12
N GLN J 230 -16.90 -22.33 13.16
CA GLN J 230 -15.49 -22.06 13.06
C GLN J 230 -14.69 -22.86 14.07
N ARG J 231 -15.08 -22.86 15.35
CA ARG J 231 -14.37 -23.64 16.38
C ARG J 231 -14.40 -25.10 15.97
N ALA J 232 -15.53 -25.55 15.42
CA ALA J 232 -15.68 -26.92 15.02
C ALA J 232 -14.67 -27.19 13.93
N CYS J 233 -14.56 -26.30 12.95
CA CYS J 233 -13.61 -26.46 11.85
C CYS J 233 -12.21 -26.51 12.38
N LYS J 234 -11.85 -25.46 13.11
CA LYS J 234 -10.51 -25.34 13.65
C LYS J 234 -10.19 -26.63 14.38
N LEU J 235 -11.22 -27.29 14.93
CA LEU J 235 -11.02 -28.56 15.66
C LEU J 235 -10.71 -29.70 14.73
N ALA J 236 -11.52 -29.83 13.68
CA ALA J 236 -11.26 -30.79 12.60
C ALA J 236 -9.89 -30.58 11.91
N ILE J 237 -9.56 -29.37 11.50
CA ILE J 237 -8.23 -29.09 10.93
C ILE J 237 -7.12 -29.53 11.88
N ARG J 238 -7.11 -29.01 13.12
CA ARG J 238 -6.11 -29.41 14.11
C ARG J 238 -6.14 -30.91 14.32
N GLU J 239 -7.33 -31.49 14.20
CA GLU J 239 -7.53 -32.94 14.36
C GLU J 239 -7.00 -33.70 13.16
N SER J 240 -7.07 -33.04 12.00
CA SER J 240 -6.56 -33.60 10.74
C SER J 240 -5.05 -33.53 10.74
N ILE J 241 -4.48 -32.32 10.64
CA ILE J 241 -3.03 -32.12 10.65
C ILE J 241 -2.34 -32.92 11.77
N GLU J 242 -3.06 -33.20 12.85
CA GLU J 242 -2.57 -34.04 13.93
C GLU J 242 -2.22 -35.45 13.45
N SER J 243 -3.19 -36.13 12.84
CA SER J 243 -3.05 -37.55 12.45
C SER J 243 -1.87 -37.87 11.51
N GLU J 244 -1.64 -37.04 10.50
CA GLU J 244 -0.54 -37.27 9.56
C GLU J 244 0.82 -37.25 10.26
N ILE J 245 1.14 -36.10 10.86
CA ILE J 245 2.45 -35.85 11.47
C ILE J 245 2.55 -36.57 12.81
N VAL J 266 -9.25 -38.55 5.68
CA VAL J 266 -9.72 -38.40 7.07
C VAL J 266 -10.45 -37.05 7.40
N PRO J 267 -10.69 -36.16 6.39
CA PRO J 267 -11.30 -34.85 6.68
C PRO J 267 -12.81 -34.69 6.41
N GLU J 268 -13.64 -34.83 7.45
CA GLU J 268 -15.08 -34.51 7.42
C GLU J 268 -15.41 -33.99 8.79
N ILE J 269 -15.89 -32.75 8.86
CA ILE J 269 -16.16 -32.12 10.16
C ILE J 269 -17.33 -32.83 10.90
N ARG J 270 -17.04 -33.49 12.01
CA ARG J 270 -18.00 -34.45 12.56
C ARG J 270 -18.51 -34.16 13.95
N ARG J 271 -19.47 -34.98 14.40
CA ARG J 271 -20.22 -34.80 15.63
C ARG J 271 -19.44 -34.22 16.84
N ASP J 272 -18.43 -34.96 17.27
CA ASP J 272 -17.67 -34.67 18.49
C ASP J 272 -16.90 -33.37 18.38
N HIS J 273 -16.68 -32.91 17.17
CA HIS J 273 -16.07 -31.60 16.94
C HIS J 273 -17.07 -30.53 17.30
N PHE J 274 -18.29 -30.63 16.80
CA PHE J 274 -19.31 -29.69 17.17
C PHE J 274 -19.56 -29.77 18.63
N GLU J 275 -19.59 -30.99 19.17
CA GLU J 275 -19.80 -31.17 20.60
C GLU J 275 -18.76 -30.40 21.38
N GLU J 276 -17.49 -30.62 21.06
CA GLU J 276 -16.44 -29.93 21.77
C GLU J 276 -16.40 -28.41 21.44
N ALA J 277 -16.88 -28.02 20.26
CA ALA J 277 -16.97 -26.60 19.90
C ALA J 277 -17.98 -25.92 20.75
N MET J 278 -19.04 -26.67 21.08
CA MET J 278 -20.13 -26.18 21.90
C MET J 278 -19.70 -25.86 23.31
N ARG J 279 -18.60 -26.46 23.77
CA ARG J 279 -18.08 -26.16 25.11
C ARG J 279 -17.64 -24.69 25.29
N PHE J 280 -17.60 -23.93 24.19
CA PHE J 280 -17.20 -22.53 24.23
C PHE J 280 -18.22 -21.62 23.56
N ALA J 281 -19.50 -21.94 23.63
CA ALA J 281 -20.49 -21.13 22.95
C ALA J 281 -20.84 -19.92 23.81
N ARG J 282 -20.79 -18.73 23.22
CA ARG J 282 -21.15 -17.54 23.96
C ARG J 282 -22.46 -17.07 23.40
N ARG J 283 -23.02 -16.04 24.00
CA ARG J 283 -24.09 -15.32 23.36
C ARG J 283 -23.62 -13.87 23.29
N SER J 284 -23.49 -13.30 22.11
CA SER J 284 -23.12 -11.90 22.05
C SER J 284 -24.22 -10.99 22.64
N VAL J 285 -25.48 -11.26 22.35
CA VAL J 285 -26.54 -10.37 22.82
C VAL J 285 -27.16 -10.84 24.13
N SER J 286 -27.18 -9.94 25.11
CA SER J 286 -27.82 -10.23 26.37
C SER J 286 -29.30 -9.80 26.34
N ASP J 287 -30.10 -10.52 27.13
CA ASP J 287 -31.55 -10.30 27.26
C ASP J 287 -31.99 -8.83 27.45
N ASN J 288 -31.26 -8.09 28.28
CA ASN J 288 -31.53 -6.65 28.46
C ASN J 288 -31.51 -5.95 27.12
N ASP J 289 -30.41 -6.15 26.40
CA ASP J 289 -30.25 -5.59 25.09
C ASP J 289 -31.37 -6.03 24.20
N ILE J 290 -31.62 -7.33 24.16
CA ILE J 290 -32.68 -7.82 23.31
C ILE J 290 -33.98 -7.07 23.62
N ARG J 291 -34.33 -7.03 24.91
CA ARG J 291 -35.46 -6.26 25.39
C ARG J 291 -35.44 -4.85 24.83
N LYS J 292 -34.30 -4.17 24.97
CA LYS J 292 -34.16 -2.84 24.45
C LYS J 292 -34.49 -2.76 22.96
N TYR J 293 -34.11 -3.74 22.15
CA TYR J 293 -34.46 -3.66 20.72
C TYR J 293 -35.95 -3.70 20.47
N GLU J 294 -36.66 -4.52 21.23
CA GLU J 294 -38.11 -4.62 21.11
C GLU J 294 -38.76 -3.29 21.40
N MET J 295 -38.24 -2.57 22.40
CA MET J 295 -38.70 -1.20 22.73
C MET J 295 -38.46 -0.29 21.54
N PHE J 296 -37.21 -0.25 21.05
CA PHE J 296 -36.85 0.52 19.87
C PHE J 296 -37.81 0.05 18.78
N ALA J 297 -37.92 -1.28 18.58
CA ALA J 297 -38.72 -1.89 17.49
C ALA J 297 -40.21 -1.56 17.53
N GLN J 298 -40.72 -1.31 18.74
CA GLN J 298 -42.12 -0.99 18.94
C GLN J 298 -42.45 0.39 18.40
N THR J 299 -41.87 1.42 18.99
CA THR J 299 -42.10 2.78 18.51
C THR J 299 -41.65 2.90 17.06
N LEU J 300 -40.43 2.45 16.77
CA LEU J 300 -39.80 2.61 15.44
C LEU J 300 -40.63 1.94 14.31
N GLN J 301 -41.36 0.86 14.62
CA GLN J 301 -42.27 0.22 13.64
C GLN J 301 -43.74 0.47 13.99
N ALA K 1 -18.53 23.43 2.51
CA ALA K 1 -18.89 22.33 1.58
C ALA K 1 -20.32 22.43 0.98
N LEU K 2 -20.87 23.66 0.77
CA LEU K 2 -22.32 23.84 0.46
C LEU K 2 -22.77 23.19 -0.87
N ARG K 3 -23.83 22.37 -0.79
CA ARG K 3 -24.46 21.70 -1.94
C ARG K 3 -24.83 22.71 -3.05
N GLU K 4 -25.20 22.23 -4.25
CA GLU K 4 -25.54 23.12 -5.37
C GLU K 4 -27.03 23.55 -5.44
N THR K 5 -27.29 24.86 -5.50
CA THR K 5 -28.65 25.42 -5.48
C THR K 5 -29.38 25.12 -6.79
N VAL K 6 -30.46 24.36 -6.70
CA VAL K 6 -31.18 23.88 -7.88
C VAL K 6 -32.53 24.56 -8.10
N VAL K 7 -32.63 25.41 -9.11
CA VAL K 7 -33.94 25.95 -9.51
C VAL K 7 -34.68 24.89 -10.30
N GLU K 8 -35.99 24.92 -10.27
CA GLU K 8 -36.78 23.84 -10.87
C GLU K 8 -38.20 24.35 -11.09
N VAL K 9 -38.97 23.63 -11.90
CA VAL K 9 -40.38 23.97 -12.01
C VAL K 9 -41.16 22.92 -11.24
N PRO K 10 -41.93 23.37 -10.26
CA PRO K 10 -42.69 22.52 -9.40
C PRO K 10 -43.64 21.67 -10.22
N GLN K 11 -43.41 20.39 -10.12
CA GLN K 11 -44.15 19.33 -10.77
C GLN K 11 -45.59 19.19 -10.27
N VAL K 12 -45.87 19.61 -9.03
CA VAL K 12 -47.13 19.30 -8.29
C VAL K 12 -48.14 20.45 -8.26
N THR K 13 -49.42 20.13 -8.35
CA THR K 13 -50.45 21.17 -8.40
C THR K 13 -51.47 20.97 -7.31
N TRP K 14 -52.43 21.88 -7.20
CA TRP K 14 -53.45 21.73 -6.16
C TRP K 14 -54.20 20.40 -6.09
N GLU K 15 -54.32 19.73 -7.23
CA GLU K 15 -55.05 18.47 -7.32
C GLU K 15 -54.40 17.39 -6.45
N ASP K 16 -53.08 17.45 -6.35
CA ASP K 16 -52.34 16.44 -5.59
C ASP K 16 -52.41 16.66 -4.09
N ILE K 17 -53.06 17.74 -3.67
CA ILE K 17 -53.15 18.11 -2.27
C ILE K 17 -54.56 17.87 -1.80
N GLY K 18 -54.72 16.93 -0.88
CA GLY K 18 -56.02 16.65 -0.30
C GLY K 18 -56.33 17.65 0.80
N GLY K 19 -57.49 18.29 0.70
CA GLY K 19 -57.98 19.18 1.76
C GLY K 19 -57.26 20.51 1.77
N LEU K 20 -57.38 21.22 2.88
CA LEU K 20 -56.71 22.50 3.06
C LEU K 20 -57.24 23.55 2.11
N GLU K 21 -58.53 23.53 1.85
CA GLU K 21 -59.08 24.43 0.86
C GLU K 21 -58.86 25.88 1.27
N ASP K 22 -59.19 26.17 2.51
CA ASP K 22 -58.99 27.46 3.15
C ASP K 22 -57.59 28.09 2.96
N VAL K 23 -56.54 27.29 3.11
CA VAL K 23 -55.19 27.79 2.96
C VAL K 23 -54.83 27.98 1.48
N LYS K 24 -55.22 27.03 0.64
CA LYS K 24 -55.00 27.15 -0.78
C LYS K 24 -55.50 28.52 -1.26
N ARG K 25 -56.72 28.87 -0.87
CA ARG K 25 -57.31 30.15 -1.19
C ARG K 25 -56.43 31.27 -0.63
N GLU K 26 -56.07 31.13 0.64
CA GLU K 26 -55.30 32.12 1.35
C GLU K 26 -53.96 32.34 0.71
N LEU K 27 -53.37 31.25 0.26
CA LEU K 27 -52.08 31.30 -0.40
C LEU K 27 -52.15 32.08 -1.70
N GLN K 28 -53.19 31.81 -2.46
CA GLN K 28 -53.42 32.51 -3.70
C GLN K 28 -53.57 33.97 -3.42
N GLU K 29 -54.39 34.31 -2.44
CA GLU K 29 -54.56 35.71 -2.08
C GLU K 29 -53.27 36.42 -1.69
N LEU K 30 -52.23 35.65 -1.41
CA LEU K 30 -50.96 36.22 -0.98
C LEU K 30 -49.92 36.33 -2.05
N VAL K 31 -50.03 35.50 -3.10
CA VAL K 31 -49.09 35.54 -4.22
C VAL K 31 -49.73 35.88 -5.58
N GLN K 32 -50.91 35.33 -5.88
CA GLN K 32 -51.59 35.59 -7.17
C GLN K 32 -51.97 37.03 -7.22
N TYR K 33 -52.84 37.39 -6.30
CA TYR K 33 -53.46 38.69 -6.32
C TYR K 33 -52.50 39.84 -6.47
N PRO K 34 -51.42 39.88 -5.67
CA PRO K 34 -50.47 41.00 -5.88
C PRO K 34 -49.84 41.09 -7.29
N VAL K 35 -49.59 39.95 -7.92
CA VAL K 35 -48.96 39.91 -9.25
C VAL K 35 -49.97 40.09 -10.39
N GLU K 36 -51.12 39.42 -10.29
CA GLU K 36 -52.11 39.43 -11.36
C GLU K 36 -53.16 40.49 -11.18
N HIS K 37 -53.11 41.23 -10.08
CA HIS K 37 -54.00 42.37 -9.91
C HIS K 37 -53.30 43.55 -9.25
N PRO K 38 -52.10 43.89 -9.74
CA PRO K 38 -51.37 44.94 -9.05
C PRO K 38 -52.22 46.17 -8.94
N ASP K 39 -53.12 46.36 -9.91
CA ASP K 39 -54.05 47.49 -9.93
C ASP K 39 -54.89 47.61 -8.65
N LYS K 40 -55.44 46.48 -8.18
CA LYS K 40 -56.30 46.43 -6.98
C LYS K 40 -55.54 46.70 -5.69
N PHE K 41 -54.29 46.26 -5.64
CA PHE K 41 -53.45 46.52 -4.49
C PHE K 41 -53.06 47.98 -4.44
N LEU K 42 -52.82 48.57 -5.60
CA LEU K 42 -52.48 49.98 -5.71
C LEU K 42 -53.71 50.81 -5.42
N LYS K 43 -54.86 50.29 -5.84
CA LYS K 43 -56.16 50.93 -5.61
C LYS K 43 -56.47 51.08 -4.12
N PHE K 44 -56.42 49.98 -3.39
CA PHE K 44 -56.71 50.00 -1.96
C PHE K 44 -55.51 50.44 -1.12
N GLY K 45 -54.35 50.52 -1.74
CA GLY K 45 -53.16 51.02 -1.06
C GLY K 45 -52.25 49.96 -0.48
N MET K 46 -52.82 49.07 0.33
CA MET K 46 -52.03 48.05 1.00
C MET K 46 -51.04 47.33 0.09
N THR K 47 -49.82 47.13 0.60
CA THR K 47 -48.74 46.44 -0.12
C THR K 47 -48.60 45.02 0.40
N PRO K 48 -48.23 44.07 -0.46
CA PRO K 48 -48.33 42.64 -0.18
C PRO K 48 -47.32 42.21 0.85
N SER K 49 -47.29 40.92 1.19
CA SER K 49 -46.32 40.41 2.19
C SER K 49 -45.17 39.59 1.59
N LYS K 50 -43.99 39.69 2.20
CA LYS K 50 -42.76 39.07 1.65
C LYS K 50 -42.70 37.56 1.74
N GLY K 51 -43.45 37.01 2.68
CA GLY K 51 -43.34 35.60 3.00
C GLY K 51 -44.34 35.04 4.01
N VAL K 52 -44.18 33.75 4.27
CA VAL K 52 -45.13 32.97 4.99
C VAL K 52 -44.36 31.92 5.79
N LEU K 53 -44.85 31.63 7.00
CA LEU K 53 -44.33 30.49 7.73
C LEU K 53 -45.41 29.44 7.93
N PHE K 54 -45.25 28.26 7.33
CA PHE K 54 -46.10 27.15 7.67
C PHE K 54 -45.54 26.41 8.86
N TYR K 55 -46.36 26.13 9.86
CA TYR K 55 -45.97 25.26 10.96
C TYR K 55 -47.06 24.28 11.19
N GLY K 56 -46.73 23.17 11.84
CA GLY K 56 -47.67 22.06 11.94
C GLY K 56 -46.92 20.76 12.09
N PRO K 57 -47.62 19.66 12.44
CA PRO K 57 -46.98 18.34 12.47
C PRO K 57 -46.50 17.93 11.06
N PRO K 58 -45.55 16.97 11.02
CA PRO K 58 -44.87 16.45 9.86
C PRO K 58 -45.77 15.58 9.04
N GLY K 59 -45.75 15.77 7.73
CA GLY K 59 -46.48 14.90 6.80
C GLY K 59 -47.89 15.39 6.60
N CYS K 60 -48.03 16.69 6.46
CA CYS K 60 -49.34 17.27 6.35
C CYS K 60 -49.43 18.18 5.17
N GLY K 61 -48.36 18.26 4.39
CA GLY K 61 -48.45 18.97 3.15
C GLY K 61 -47.87 20.38 3.17
N LYS K 62 -47.00 20.66 4.13
CA LYS K 62 -46.29 21.94 4.11
C LYS K 62 -45.50 22.09 2.83
N THR K 63 -44.82 21.03 2.39
CA THR K 63 -44.07 21.05 1.13
C THR K 63 -44.98 21.10 -0.12
N LEU K 64 -46.02 20.27 -0.16
CA LEU K 64 -46.96 20.29 -1.29
C LEU K 64 -47.49 21.67 -1.50
N LEU K 65 -47.89 22.29 -0.41
CA LEU K 65 -48.34 23.64 -0.49
C LEU K 65 -47.27 24.57 -1.06
N ALA K 66 -46.02 24.46 -0.61
CA ALA K 66 -45.06 25.45 -1.06
C ALA K 66 -44.84 25.24 -2.57
N LYS K 67 -44.97 24.00 -3.04
CA LYS K 67 -44.71 23.74 -4.42
C LYS K 67 -45.89 24.08 -5.30
N ALA K 68 -47.04 23.49 -5.00
CA ALA K 68 -48.25 23.83 -5.73
C ALA K 68 -48.39 25.34 -5.96
N ILE K 69 -48.26 26.14 -4.91
CA ILE K 69 -48.40 27.56 -5.09
C ILE K 69 -47.37 28.07 -6.09
N ALA K 70 -46.13 27.57 -6.04
CA ALA K 70 -45.14 28.03 -7.02
C ALA K 70 -45.58 27.62 -8.40
N ASN K 71 -46.08 26.41 -8.53
CA ASN K 71 -46.55 25.91 -9.81
C ASN K 71 -47.79 26.61 -10.36
N GLU K 72 -48.72 26.93 -9.49
CA GLU K 72 -49.87 27.70 -9.87
C GLU K 72 -49.41 29.02 -10.46
N CYS K 73 -48.55 29.75 -9.75
CA CYS K 73 -48.02 30.99 -10.25
C CYS K 73 -47.12 30.80 -11.46
N GLN K 74 -46.99 29.59 -11.95
CA GLN K 74 -46.02 29.26 -13.00
C GLN K 74 -44.65 29.88 -12.67
N ALA K 75 -44.17 29.65 -11.44
CA ALA K 75 -42.92 30.25 -10.96
C ALA K 75 -41.84 29.22 -10.66
N ASN K 76 -40.64 29.71 -10.45
CA ASN K 76 -39.59 28.86 -10.11
C ASN K 76 -39.63 28.55 -8.62
N PHE K 77 -38.98 27.45 -8.26
CA PHE K 77 -39.02 26.94 -6.92
C PHE K 77 -37.64 26.53 -6.45
N ILE K 78 -37.17 27.12 -5.37
CA ILE K 78 -35.90 26.69 -4.79
C ILE K 78 -36.21 26.15 -3.41
N SER K 79 -35.68 24.97 -3.12
CA SER K 79 -35.91 24.33 -1.83
C SER K 79 -34.63 24.18 -1.06
N ILE K 80 -34.49 24.91 0.04
CA ILE K 80 -33.33 24.72 0.93
C ILE K 80 -33.84 23.94 2.09
N LYS K 81 -33.25 22.77 2.34
CA LYS K 81 -33.72 21.92 3.44
C LYS K 81 -32.80 21.95 4.65
N GLY K 82 -33.11 21.09 5.61
CA GLY K 82 -32.49 21.12 6.92
C GLY K 82 -31.00 20.94 6.83
N PRO K 83 -30.56 19.79 6.32
CA PRO K 83 -29.14 19.44 6.23
C PRO K 83 -28.33 20.50 5.50
N GLU K 84 -28.93 21.20 4.51
CA GLU K 84 -28.21 22.26 3.84
C GLU K 84 -27.94 23.45 4.80
N LEU K 85 -28.98 23.91 5.52
CA LEU K 85 -28.78 24.89 6.63
C LEU K 85 -27.72 24.42 7.62
N LEU K 86 -27.84 23.20 8.11
CA LEU K 86 -26.90 22.74 9.10
C LEU K 86 -25.49 22.75 8.57
N THR K 87 -25.30 22.45 7.28
CA THR K 87 -23.98 22.43 6.66
C THR K 87 -23.37 23.80 6.83
N MET K 88 -24.16 24.82 6.51
CA MET K 88 -23.66 26.18 6.68
C MET K 88 -23.42 26.51 8.13
N TRP K 89 -24.14 25.82 9.01
CA TRP K 89 -23.94 26.05 10.42
C TRP K 89 -22.69 25.36 10.94
N PHE K 90 -22.54 24.07 10.69
CA PHE K 90 -21.35 23.39 11.10
C PHE K 90 -20.13 24.03 10.47
N GLY K 91 -20.14 24.27 9.16
CA GLY K 91 -18.96 24.83 8.49
C GLY K 91 -18.84 26.32 8.56
N GLU K 92 -19.68 26.97 9.35
CA GLU K 92 -19.60 28.41 9.49
C GLU K 92 -19.57 29.11 8.15
N SER K 93 -20.31 28.61 7.20
CA SER K 93 -20.32 29.21 5.88
C SER K 93 -21.63 29.87 5.52
N GLU K 94 -22.12 30.72 6.39
CA GLU K 94 -23.48 31.25 6.17
C GLU K 94 -23.50 32.27 5.06
N ALA K 95 -22.32 32.73 4.66
CA ALA K 95 -22.22 33.65 3.57
C ALA K 95 -22.89 33.06 2.34
N ASN K 96 -22.97 31.73 2.23
CA ASN K 96 -23.72 31.14 1.11
C ASN K 96 -25.19 31.47 1.03
N VAL K 97 -25.75 32.02 2.10
CA VAL K 97 -27.16 32.35 2.09
C VAL K 97 -27.41 33.47 1.07
N ARG K 98 -26.44 34.37 0.99
CA ARG K 98 -26.37 35.38 -0.06
C ARG K 98 -26.49 34.75 -1.43
N GLU K 99 -25.70 33.71 -1.66
CA GLU K 99 -25.67 32.99 -2.93
C GLU K 99 -27.05 32.42 -3.27
N ILE K 100 -27.65 31.73 -2.31
CA ILE K 100 -28.98 31.21 -2.44
C ILE K 100 -29.98 32.29 -2.79
N PHE K 101 -29.88 33.44 -2.12
CA PHE K 101 -30.77 34.55 -2.42
C PHE K 101 -30.53 35.15 -3.83
N ASP K 102 -29.26 35.33 -4.21
CA ASP K 102 -28.90 35.71 -5.57
C ASP K 102 -29.60 34.78 -6.56
N LYS K 103 -29.33 33.49 -6.45
CA LYS K 103 -29.94 32.51 -7.33
C LYS K 103 -31.47 32.57 -7.42
N ALA K 104 -32.13 33.04 -6.37
CA ALA K 104 -33.59 33.15 -6.40
C ALA K 104 -33.95 34.40 -7.09
N ARG K 105 -33.21 35.46 -6.81
CA ARG K 105 -33.47 36.78 -7.35
C ARG K 105 -33.36 36.69 -8.85
N GLN K 106 -32.29 36.05 -9.29
CA GLN K 106 -31.99 35.86 -10.68
C GLN K 106 -33.00 34.92 -11.34
N ALA K 107 -33.62 34.02 -10.60
CA ALA K 107 -34.63 33.14 -11.21
C ALA K 107 -36.08 33.63 -11.03
N ALA K 108 -36.21 34.89 -10.62
CA ALA K 108 -37.54 35.49 -10.32
C ALA K 108 -38.41 35.44 -11.57
N PRO K 109 -39.71 35.13 -11.45
CA PRO K 109 -40.52 34.88 -10.26
C PRO K 109 -40.23 33.50 -9.66
N CYS K 110 -40.09 33.47 -8.34
CA CYS K 110 -39.54 32.34 -7.61
C CYS K 110 -40.12 32.22 -6.23
N VAL K 111 -40.54 31.02 -5.85
CA VAL K 111 -40.67 30.79 -4.42
C VAL K 111 -39.47 30.07 -3.81
N LEU K 112 -38.80 30.77 -2.93
CA LEU K 112 -37.65 30.26 -2.21
C LEU K 112 -38.20 29.68 -0.92
N PHE K 113 -37.95 28.40 -0.68
CA PHE K 113 -38.65 27.67 0.38
C PHE K 113 -37.77 26.99 1.40
N PHE K 114 -37.71 27.55 2.62
CA PHE K 114 -36.77 27.05 3.64
C PHE K 114 -37.54 26.09 4.49
N ASP K 115 -37.35 24.83 4.20
CA ASP K 115 -37.99 23.81 4.96
C ASP K 115 -37.08 23.46 6.16
N GLU K 116 -37.67 22.82 7.19
CA GLU K 116 -36.96 22.38 8.41
C GLU K 116 -36.22 23.54 9.04
N LEU K 117 -36.83 24.73 8.99
CA LEU K 117 -36.29 25.93 9.63
C LEU K 117 -35.64 25.80 11.04
N ASP K 118 -36.09 24.80 11.77
CA ASP K 118 -35.85 24.66 13.19
C ASP K 118 -34.62 23.77 13.44
N SER K 119 -34.03 23.30 12.34
CA SER K 119 -33.03 22.25 12.43
C SER K 119 -31.72 22.67 13.08
N ILE K 120 -31.35 23.94 13.01
CA ILE K 120 -30.20 24.38 13.76
C ILE K 120 -30.52 24.46 15.25
N ALA K 121 -31.72 24.96 15.54
CA ALA K 121 -32.20 25.05 16.94
C ALA K 121 -32.15 23.65 17.63
N LYS K 122 -32.80 22.63 17.04
CA LYS K 122 -32.60 21.26 17.43
C LYS K 122 -31.14 20.99 17.65
N ALA K 123 -30.28 21.36 16.69
CA ALA K 123 -28.90 20.82 16.65
C ALA K 123 -28.13 21.35 17.78
N ARG K 124 -28.52 22.50 18.25
CA ARG K 124 -27.79 23.02 19.39
C ARG K 124 -28.42 22.71 20.74
N GLY K 125 -29.45 21.88 20.79
CA GLY K 125 -30.00 21.44 22.08
C GLY K 125 -31.52 21.54 22.12
N GLY K 126 -32.06 22.43 21.27
CA GLY K 126 -33.49 22.52 21.01
C GLY K 126 -34.27 23.02 22.19
N ASN K 127 -35.25 22.22 22.60
CA ASN K 127 -36.12 22.47 23.76
C ASN K 127 -35.35 23.09 24.96
N ILE K 128 -34.28 22.43 25.43
CA ILE K 128 -33.35 22.92 26.50
C ILE K 128 -32.27 23.89 25.98
N GLY K 129 -31.46 23.47 25.01
CA GLY K 129 -30.51 24.35 24.33
C GLY K 129 -29.11 24.47 24.89
N ASP K 130 -28.39 25.48 24.39
CA ASP K 130 -27.06 25.87 24.88
C ASP K 130 -27.17 27.21 25.63
N GLY K 131 -26.07 27.97 25.74
CA GLY K 131 -26.06 29.25 26.47
C GLY K 131 -26.99 30.36 25.89
N GLY K 132 -26.79 30.70 24.62
CA GLY K 132 -27.35 31.91 24.06
C GLY K 132 -28.82 31.86 23.71
N GLY K 133 -29.29 32.92 23.05
CA GLY K 133 -30.68 33.06 22.63
C GLY K 133 -31.02 32.43 21.30
N ALA K 134 -32.15 32.81 20.73
CA ALA K 134 -32.69 32.05 19.59
C ALA K 134 -31.88 32.29 18.32
N ALA K 135 -31.21 33.45 18.26
CA ALA K 135 -30.33 33.75 17.13
C ALA K 135 -29.24 32.69 16.82
N ASP K 136 -28.99 32.48 15.55
CA ASP K 136 -27.87 31.66 15.13
C ASP K 136 -27.36 32.23 13.79
N ARG K 137 -26.08 32.06 13.52
CA ARG K 137 -25.49 32.72 12.37
C ARG K 137 -26.24 32.54 11.04
N VAL K 138 -26.73 31.34 10.78
CA VAL K 138 -27.33 30.97 9.49
C VAL K 138 -28.72 31.58 9.37
N ILE K 139 -29.60 31.33 10.34
CA ILE K 139 -30.93 31.93 10.23
C ILE K 139 -30.75 33.42 10.17
N ASN K 140 -29.80 33.94 10.96
CA ASN K 140 -29.66 35.37 11.01
C ASN K 140 -29.36 35.94 9.64
N GLN K 141 -28.55 35.20 8.92
CA GLN K 141 -28.20 35.57 7.57
C GLN K 141 -29.43 35.61 6.69
N ILE K 142 -30.19 34.52 6.64
CA ILE K 142 -31.52 34.56 6.00
C ILE K 142 -32.33 35.81 6.30
N LEU K 143 -32.32 36.25 7.56
CA LEU K 143 -33.05 37.45 7.89
C LEU K 143 -32.49 38.69 7.25
N THR K 144 -31.19 38.91 7.30
CA THR K 144 -30.59 40.04 6.60
C THR K 144 -30.91 39.97 5.11
N GLU K 145 -30.59 38.83 4.51
CA GLU K 145 -30.86 38.62 3.09
C GLU K 145 -32.29 38.84 2.78
N MET K 146 -33.12 39.14 3.77
CA MET K 146 -34.54 39.21 3.52
C MET K 146 -34.96 40.62 3.75
N ASP K 147 -34.19 41.29 4.59
CA ASP K 147 -34.36 42.70 4.88
C ASP K 147 -33.87 43.45 3.66
N GLY K 148 -32.64 43.10 3.24
CA GLY K 148 -32.00 43.69 2.07
C GLY K 148 -32.62 43.33 0.74
N MET K 149 -33.51 42.34 0.72
CA MET K 149 -34.12 41.88 -0.51
C MET K 149 -35.36 42.71 -0.82
N SER K 150 -35.21 43.59 -1.80
CA SER K 150 -36.26 44.52 -2.14
C SER K 150 -37.60 43.80 -2.33
N THR K 151 -38.62 44.29 -1.63
CA THR K 151 -40.00 43.81 -1.79
C THR K 151 -40.41 43.65 -3.25
N LYS K 152 -39.82 44.49 -4.10
CA LYS K 152 -40.24 44.69 -5.51
C LYS K 152 -39.58 43.72 -6.53
N LYS K 153 -38.69 42.82 -6.07
CA LYS K 153 -38.21 41.72 -6.92
C LYS K 153 -39.37 40.76 -6.95
N ASN K 154 -39.16 39.58 -7.50
CA ASN K 154 -40.32 38.72 -7.54
C ASN K 154 -40.16 37.42 -6.79
N VAL K 155 -39.51 37.52 -5.64
CA VAL K 155 -39.16 36.34 -4.85
C VAL K 155 -40.03 36.20 -3.59
N PHE K 156 -40.74 35.09 -3.48
CA PHE K 156 -41.57 34.85 -2.34
C PHE K 156 -40.99 33.78 -1.41
N ILE K 157 -40.77 34.12 -0.15
CA ILE K 157 -40.12 33.19 0.74
C ILE K 157 -41.13 32.43 1.58
N ILE K 158 -40.96 31.12 1.61
CA ILE K 158 -41.79 30.30 2.49
C ILE K 158 -40.95 29.43 3.41
N GLY K 159 -41.28 29.51 4.73
CA GLY K 159 -40.62 28.74 5.79
C GLY K 159 -41.57 27.66 6.23
N ALA K 160 -41.00 26.58 6.72
CA ALA K 160 -41.79 25.47 7.25
C ALA K 160 -41.04 24.88 8.41
N THR K 161 -41.80 24.48 9.41
CA THR K 161 -41.20 23.95 10.64
C THR K 161 -42.22 23.14 11.35
N ASN K 162 -41.77 22.10 12.03
CA ASN K 162 -42.71 21.44 12.90
C ASN K 162 -42.35 21.58 14.37
N ARG K 163 -41.48 22.55 14.66
CA ARG K 163 -41.13 22.86 16.02
C ARG K 163 -41.07 24.37 16.12
N PRO K 164 -42.23 25.00 15.99
CA PRO K 164 -42.26 26.44 15.97
C PRO K 164 -41.86 26.96 17.32
N ASP K 165 -42.11 26.22 18.40
CA ASP K 165 -41.58 26.66 19.71
C ASP K 165 -40.11 27.06 19.67
N ILE K 166 -39.29 26.43 18.82
CA ILE K 166 -37.83 26.75 18.88
C ILE K 166 -37.34 27.72 17.82
N ILE K 167 -38.17 28.02 16.84
CA ILE K 167 -37.93 29.08 15.83
C ILE K 167 -37.51 30.41 16.45
N ASP K 168 -36.53 31.10 15.87
CA ASP K 168 -36.25 32.46 16.31
C ASP K 168 -37.44 33.40 16.01
N PRO K 169 -38.02 34.05 17.06
CA PRO K 169 -39.11 35.03 16.91
C PRO K 169 -38.85 36.14 15.89
N ALA K 170 -37.60 36.59 15.74
CA ALA K 170 -37.29 37.61 14.75
C ALA K 170 -37.80 37.27 13.36
N ILE K 171 -37.91 35.96 13.08
CA ILE K 171 -38.44 35.53 11.77
C ILE K 171 -39.88 36.01 11.54
N LEU K 172 -40.60 36.28 12.62
CA LEU K 172 -42.00 36.60 12.53
C LEU K 172 -42.30 38.08 12.51
N ARG K 173 -41.33 38.93 12.87
CA ARG K 173 -41.49 40.38 12.76
C ARG K 173 -41.98 40.84 11.40
N PRO K 174 -42.74 41.97 11.37
CA PRO K 174 -43.16 42.60 10.12
C PRO K 174 -42.02 42.72 9.10
N GLY K 175 -42.36 42.48 7.84
CA GLY K 175 -41.40 42.56 6.75
C GLY K 175 -40.57 41.29 6.57
N ARG K 176 -40.95 40.23 7.29
CA ARG K 176 -40.27 38.92 7.16
C ARG K 176 -41.32 37.84 6.93
N LEU K 177 -41.33 36.80 7.74
CA LEU K 177 -42.40 35.84 7.56
C LEU K 177 -43.57 36.23 8.46
N ASP K 178 -44.41 37.11 7.95
CA ASP K 178 -45.51 37.69 8.70
C ASP K 178 -46.64 36.73 8.83
N GLN K 179 -46.88 35.96 7.80
CA GLN K 179 -48.06 35.15 7.81
C GLN K 179 -47.77 33.83 8.43
N LEU K 180 -48.09 33.70 9.70
CA LEU K 180 -48.16 32.39 10.32
C LEU K 180 -49.29 31.57 9.71
N ILE K 181 -49.05 30.31 9.34
CA ILE K 181 -50.17 29.45 8.88
C ILE K 181 -50.05 28.06 9.47
N TYR K 182 -51.10 27.59 10.13
CA TYR K 182 -51.02 26.30 10.74
C TYR K 182 -51.51 25.23 9.79
N ILE K 183 -50.67 24.26 9.45
CA ILE K 183 -51.16 23.12 8.67
C ILE K 183 -51.30 21.98 9.66
N PRO K 184 -52.54 21.71 10.08
CA PRO K 184 -52.91 20.77 11.14
C PRO K 184 -52.95 19.35 10.56
N LEU K 185 -53.12 18.34 11.39
CA LEU K 185 -53.48 17.01 10.87
C LEU K 185 -54.75 17.02 10.06
N PRO K 186 -54.83 16.11 9.08
CA PRO K 186 -56.03 16.09 8.28
C PRO K 186 -57.21 15.56 9.07
N ASP K 187 -58.37 16.19 8.93
CA ASP K 187 -59.60 15.72 9.56
C ASP K 187 -60.33 14.64 8.74
N GLU K 188 -61.43 14.16 9.31
CA GLU K 188 -62.39 13.23 8.70
C GLU K 188 -62.51 13.33 7.17
N LYS K 189 -63.01 14.47 6.69
CA LYS K 189 -63.25 14.73 5.27
C LYS K 189 -61.96 14.76 4.52
N SER K 190 -61.01 15.52 5.07
CA SER K 190 -59.71 15.71 4.47
C SER K 190 -59.02 14.39 4.09
N ARG K 191 -59.05 13.45 5.03
CA ARG K 191 -58.44 12.16 4.78
C ARG K 191 -58.99 11.51 3.52
N VAL K 192 -60.27 11.66 3.27
CA VAL K 192 -60.82 11.17 2.03
C VAL K 192 -60.08 11.86 0.91
N ALA K 193 -60.09 13.19 0.89
CA ALA K 193 -59.46 13.97 -0.18
C ALA K 193 -58.02 13.55 -0.42
N ILE K 194 -57.30 13.42 0.66
CA ILE K 194 -55.94 13.02 0.60
C ILE K 194 -55.78 11.67 -0.02
N LEU K 195 -56.68 10.75 0.25
CA LEU K 195 -56.61 9.45 -0.41
C LEU K 195 -56.89 9.52 -1.91
N LYS K 196 -57.90 10.28 -2.27
CA LYS K 196 -58.26 10.49 -3.66
C LYS K 196 -57.09 11.13 -4.38
N ALA K 197 -56.52 12.18 -3.80
CA ALA K 197 -55.40 12.89 -4.40
C ALA K 197 -54.25 11.94 -4.64
N ASN K 198 -53.97 11.14 -3.64
CA ASN K 198 -52.88 10.17 -3.72
C ASN K 198 -53.13 9.06 -4.69
N LEU K 199 -54.37 8.86 -5.09
CA LEU K 199 -54.65 7.76 -5.99
C LEU K 199 -55.15 8.25 -7.38
N ARG K 200 -55.18 9.57 -7.54
CA ARG K 200 -55.56 10.20 -8.79
C ARG K 200 -54.96 9.51 -9.99
N LYS K 201 -53.66 9.20 -9.93
CA LYS K 201 -52.96 8.58 -11.05
C LYS K 201 -52.76 7.05 -10.86
N SER K 202 -53.84 6.38 -10.41
CA SER K 202 -53.82 4.94 -10.09
C SER K 202 -55.11 4.15 -10.45
N PRO K 203 -54.97 2.86 -10.78
CA PRO K 203 -56.10 2.01 -11.09
C PRO K 203 -56.75 1.49 -9.81
N VAL K 204 -57.56 2.35 -9.18
CA VAL K 204 -58.33 1.99 -7.97
C VAL K 204 -59.54 1.13 -8.27
N ALA K 205 -59.58 -0.08 -7.70
CA ALA K 205 -60.74 -0.95 -7.85
C ALA K 205 -62.00 -0.22 -7.41
N LYS K 206 -63.09 -0.43 -8.15
CA LYS K 206 -64.34 0.29 -7.96
C LYS K 206 -64.90 0.10 -6.56
N ASP K 207 -64.88 -1.15 -6.07
CA ASP K 207 -65.45 -1.48 -4.77
C ASP K 207 -64.80 -0.76 -3.58
N VAL K 208 -63.46 -0.64 -3.61
CA VAL K 208 -62.65 -0.03 -2.52
C VAL K 208 -63.20 1.28 -1.93
N ASP K 209 -63.52 1.25 -0.64
CA ASP K 209 -64.21 2.36 0.01
C ASP K 209 -63.25 3.21 0.81
N LEU K 210 -62.96 4.38 0.27
CA LEU K 210 -62.04 5.31 0.92
C LEU K 210 -62.69 6.08 2.06
N GLU K 211 -63.97 6.43 1.87
CA GLU K 211 -64.73 7.19 2.87
C GLU K 211 -64.66 6.45 4.19
N PHE K 212 -64.48 5.14 4.09
CA PHE K 212 -64.38 4.27 5.23
C PHE K 212 -62.99 4.27 5.80
N LEU K 213 -62.01 4.10 4.93
CA LEU K 213 -60.61 4.21 5.29
C LEU K 213 -60.36 5.50 6.03
N ALA K 214 -61.01 6.57 5.56
CA ALA K 214 -60.95 7.86 6.23
C ALA K 214 -61.49 7.81 7.67
N LYS K 215 -62.58 7.07 7.91
CA LYS K 215 -63.12 6.88 9.27
C LYS K 215 -62.17 6.03 10.10
N MET K 216 -61.35 5.20 9.45
CA MET K 216 -60.44 4.28 10.15
C MET K 216 -59.14 4.86 10.71
N THR K 217 -58.84 6.11 10.33
CA THR K 217 -57.52 6.71 10.54
C THR K 217 -57.63 8.01 11.35
N ASN K 218 -56.76 8.22 12.32
CA ASN K 218 -56.81 9.51 12.98
C ASN K 218 -55.58 10.39 13.04
N GLY K 219 -54.79 10.19 14.08
CA GLY K 219 -53.53 10.89 14.20
C GLY K 219 -52.75 10.63 12.94
N PHE K 220 -53.47 10.17 11.93
CA PHE K 220 -52.92 9.94 10.62
C PHE K 220 -52.74 11.26 9.94
N SER K 221 -51.49 11.50 9.55
CA SER K 221 -51.12 12.61 8.73
C SER K 221 -51.17 12.16 7.27
N GLY K 222 -51.16 13.12 6.36
CA GLY K 222 -51.14 12.82 4.94
C GLY K 222 -50.07 11.79 4.65
N ALA K 223 -48.90 12.01 5.24
CA ALA K 223 -47.76 11.12 5.04
C ALA K 223 -48.16 9.70 5.38
N ASP K 224 -48.71 9.51 6.58
CA ASP K 224 -49.22 8.21 7.00
C ASP K 224 -50.20 7.57 6.01
N LEU K 225 -51.06 8.36 5.41
CA LEU K 225 -52.06 7.84 4.50
C LEU K 225 -51.41 7.40 3.25
N THR K 226 -50.59 8.28 2.69
CA THR K 226 -49.73 7.95 1.56
C THR K 226 -49.04 6.62 1.77
N GLU K 227 -48.48 6.43 2.95
CA GLU K 227 -47.79 5.20 3.27
C GLU K 227 -48.69 4.00 3.06
N ILE K 228 -49.96 4.09 3.44
CA ILE K 228 -50.90 3.00 3.25
C ILE K 228 -51.02 2.67 1.77
N CYS K 229 -51.42 3.64 0.96
CA CYS K 229 -51.56 3.43 -0.47
C CYS K 229 -50.35 2.71 -1.08
N GLN K 230 -49.18 3.22 -0.75
CA GLN K 230 -47.98 2.63 -1.22
C GLN K 230 -47.87 1.15 -0.88
N ARG K 231 -48.15 0.77 0.37
CA ARG K 231 -48.11 -0.65 0.71
C ARG K 231 -49.13 -1.40 -0.14
N ALA K 232 -50.29 -0.80 -0.33
CA ALA K 232 -51.34 -1.37 -1.16
C ALA K 232 -50.78 -1.59 -2.55
N CYS K 233 -50.20 -0.56 -3.18
CA CYS K 233 -49.54 -0.71 -4.48
C CYS K 233 -48.53 -1.82 -4.52
N LYS K 234 -47.53 -1.69 -3.65
CA LYS K 234 -46.49 -2.70 -3.55
C LYS K 234 -47.11 -4.09 -3.47
N LEU K 235 -48.28 -4.22 -2.82
CA LEU K 235 -48.94 -5.51 -2.72
C LEU K 235 -49.48 -5.95 -4.07
N ALA K 236 -50.11 -5.01 -4.78
CA ALA K 236 -50.69 -5.23 -6.11
C ALA K 236 -49.59 -5.58 -7.11
N ILE K 237 -48.51 -4.81 -7.11
CA ILE K 237 -47.37 -5.13 -7.98
C ILE K 237 -46.80 -6.53 -7.73
N ARG K 238 -46.46 -6.82 -6.47
CA ARG K 238 -45.98 -8.14 -6.07
C ARG K 238 -47.01 -9.21 -6.39
N GLU K 239 -48.29 -8.85 -6.28
CA GLU K 239 -49.42 -9.75 -6.58
C GLU K 239 -49.60 -9.94 -8.09
N SER K 240 -49.23 -8.91 -8.84
CA SER K 240 -49.25 -8.95 -10.31
C SER K 240 -48.09 -9.77 -10.84
N ILE K 241 -46.85 -9.27 -10.68
CA ILE K 241 -45.64 -10.01 -11.11
C ILE K 241 -45.63 -11.49 -10.68
N GLU K 242 -46.29 -11.77 -9.55
CA GLU K 242 -46.50 -13.13 -9.06
C GLU K 242 -47.22 -14.01 -10.09
N SER K 243 -48.42 -13.59 -10.52
CA SER K 243 -49.29 -14.41 -11.39
C SER K 243 -48.65 -14.85 -12.72
N GLU K 244 -47.93 -13.95 -13.39
CA GLU K 244 -47.30 -14.27 -14.68
C GLU K 244 -46.26 -15.37 -14.56
N ILE K 245 -45.23 -15.10 -13.74
CA ILE K 245 -44.09 -15.99 -13.57
C ILE K 245 -44.45 -17.17 -12.65
N VAL K 266 -54.69 -8.19 -15.51
CA VAL K 266 -54.90 -8.49 -14.08
C VAL K 266 -54.54 -7.34 -13.06
N PRO K 267 -54.12 -6.14 -13.54
CA PRO K 267 -53.67 -5.05 -12.63
C PRO K 267 -54.69 -3.92 -12.29
N GLU K 268 -55.39 -4.07 -11.16
CA GLU K 268 -56.23 -2.99 -10.58
C GLU K 268 -56.10 -3.12 -9.07
N ILE K 269 -55.63 -2.06 -8.41
CA ILE K 269 -55.36 -2.10 -6.97
C ILE K 269 -56.66 -2.23 -6.18
N ARG K 270 -56.85 -3.37 -5.52
CA ARG K 270 -58.16 -3.74 -5.02
C ARG K 270 -58.29 -3.94 -3.52
N ARG K 271 -59.54 -4.10 -3.09
CA ARG K 271 -59.97 -4.19 -1.70
C ARG K 271 -58.98 -4.86 -0.76
N ASP K 272 -58.77 -6.16 -0.97
CA ASP K 272 -57.96 -6.98 -0.09
C ASP K 272 -56.51 -6.52 -0.03
N HIS K 273 -56.09 -5.74 -1.03
CA HIS K 273 -54.78 -5.11 -0.99
C HIS K 273 -54.73 -4.02 0.03
N PHE K 274 -55.70 -3.11 -0.01
CA PHE K 274 -55.82 -2.12 1.03
C PHE K 274 -56.00 -2.76 2.39
N GLU K 275 -56.84 -3.78 2.46
CA GLU K 275 -57.06 -4.49 3.72
C GLU K 275 -55.72 -4.95 4.31
N GLU K 276 -54.94 -5.68 3.52
CA GLU K 276 -53.68 -6.20 4.02
C GLU K 276 -52.62 -5.08 4.20
N ALA K 277 -52.78 -3.95 3.51
CA ALA K 277 -51.88 -2.80 3.72
C ALA K 277 -52.14 -2.16 5.06
N MET K 278 -53.41 -2.17 5.45
CA MET K 278 -53.85 -1.63 6.72
C MET K 278 -53.27 -2.34 7.91
N ARG K 279 -52.86 -3.61 7.73
CA ARG K 279 -52.30 -4.39 8.83
C ARG K 279 -50.99 -3.81 9.32
N PHE K 280 -50.45 -2.81 8.62
CA PHE K 280 -49.17 -2.14 8.99
C PHE K 280 -49.31 -0.62 9.06
N ALA K 281 -50.48 -0.13 9.43
CA ALA K 281 -50.70 1.31 9.42
C ALA K 281 -50.14 1.86 10.71
N ARG K 282 -49.31 2.91 10.61
CA ARG K 282 -48.77 3.57 11.80
C ARG K 282 -49.42 4.91 11.92
N ARG K 283 -49.07 5.61 12.98
CA ARG K 283 -49.41 7.01 13.11
C ARG K 283 -48.13 7.76 13.38
N SER K 284 -47.69 8.63 12.48
CA SER K 284 -46.45 9.33 12.76
C SER K 284 -46.61 10.26 13.96
N VAL K 285 -47.72 10.97 14.07
CA VAL K 285 -47.86 11.95 15.13
C VAL K 285 -48.61 11.38 16.31
N SER K 286 -48.00 11.46 17.50
CA SER K 286 -48.69 11.03 18.74
C SER K 286 -49.49 12.17 19.38
N ASP K 287 -50.52 11.78 20.11
CA ASP K 287 -51.46 12.71 20.73
C ASP K 287 -50.79 13.83 21.55
N ASN K 288 -49.73 13.49 22.30
CA ASN K 288 -48.97 14.51 23.05
C ASN K 288 -48.53 15.61 22.11
N ASP K 289 -47.79 15.22 21.06
CA ASP K 289 -47.34 16.17 20.06
C ASP K 289 -48.51 16.97 19.55
N ILE K 290 -49.56 16.28 19.13
CA ILE K 290 -50.68 16.96 18.52
C ILE K 290 -51.07 18.05 19.49
N ARG K 291 -51.23 17.67 20.77
CA ARG K 291 -51.60 18.59 21.87
C ARG K 291 -50.65 19.78 21.92
N LYS K 292 -49.37 19.48 21.85
CA LYS K 292 -48.37 20.50 21.77
C LYS K 292 -48.61 21.45 20.61
N TYR K 293 -49.00 20.98 19.43
CA TYR K 293 -49.25 21.93 18.35
C TYR K 293 -50.34 22.91 18.69
N GLU K 294 -51.43 22.42 19.26
CA GLU K 294 -52.57 23.25 19.59
C GLU K 294 -52.17 24.35 20.56
N MET K 295 -51.27 24.03 21.48
CA MET K 295 -50.69 25.02 22.38
C MET K 295 -49.94 26.08 21.55
N PHE K 296 -49.02 25.60 20.70
CA PHE K 296 -48.26 26.47 19.81
C PHE K 296 -49.32 27.26 19.05
N ALA K 297 -50.26 26.55 18.44
CA ALA K 297 -51.31 27.15 17.56
C ALA K 297 -52.17 28.18 18.25
N GLN K 298 -52.30 28.07 19.57
CA GLN K 298 -53.12 28.97 20.34
C GLN K 298 -52.48 30.34 20.44
N THR K 299 -51.33 30.41 21.12
CA THR K 299 -50.60 31.66 21.22
C THR K 299 -50.19 32.18 19.85
N LEU K 300 -49.61 31.31 19.02
CA LEU K 300 -49.08 31.71 17.70
C LEU K 300 -50.18 32.30 16.79
N GLN K 301 -51.44 31.86 16.96
CA GLN K 301 -52.59 32.45 16.22
C GLN K 301 -53.48 33.31 17.12
N ALA L 1 -18.98 39.01 6.78
CA ALA L 1 -19.94 38.90 5.64
C ALA L 1 -20.88 40.13 5.57
N LEU L 2 -20.43 41.31 6.02
CA LEU L 2 -21.36 42.46 6.26
C LEU L 2 -22.15 42.93 5.03
N ARG L 3 -23.47 43.05 5.19
CA ARG L 3 -24.41 43.58 4.19
C ARG L 3 -24.00 44.99 3.70
N GLU L 4 -24.57 45.44 2.59
CA GLU L 4 -24.21 46.74 1.99
C GLU L 4 -24.97 47.95 2.58
N THR L 5 -24.26 48.98 3.03
CA THR L 5 -24.86 50.14 3.70
C THR L 5 -25.60 51.02 2.72
N VAL L 6 -26.91 51.15 2.89
CA VAL L 6 -27.77 51.81 1.91
C VAL L 6 -28.25 53.17 2.41
N VAL L 7 -27.79 54.25 1.81
CA VAL L 7 -28.35 55.56 2.08
C VAL L 7 -29.62 55.68 1.32
N GLU L 8 -30.56 56.45 1.82
CA GLU L 8 -31.88 56.52 1.21
C GLU L 8 -32.56 57.81 1.64
N VAL L 9 -33.61 58.21 0.95
CA VAL L 9 -34.38 59.35 1.43
C VAL L 9 -35.67 58.81 1.97
N PRO L 10 -35.95 59.16 3.22
CA PRO L 10 -37.08 58.64 3.94
C PRO L 10 -38.34 59.06 3.24
N GLN L 11 -39.10 58.04 2.86
CA GLN L 11 -40.36 58.10 2.17
C GLN L 11 -41.53 58.62 3.06
N VAL L 12 -41.39 58.50 4.39
CA VAL L 12 -42.48 58.73 5.33
C VAL L 12 -42.40 60.08 6.05
N THR L 13 -43.54 60.68 6.31
CA THR L 13 -43.60 62.00 6.92
C THR L 13 -44.47 61.95 8.18
N TRP L 14 -44.53 63.06 8.92
CA TRP L 14 -45.37 63.14 10.12
C TRP L 14 -46.82 62.72 9.94
N GLU L 15 -47.40 62.92 8.77
CA GLU L 15 -48.78 62.55 8.50
C GLU L 15 -49.07 61.07 8.67
N ASP L 16 -48.07 60.25 8.36
CA ASP L 16 -48.21 58.78 8.45
C ASP L 16 -48.09 58.25 9.87
N ILE L 17 -47.74 59.14 10.80
CA ILE L 17 -47.57 58.79 12.20
C ILE L 17 -48.75 59.27 13.03
N GLY L 18 -49.49 58.32 13.59
CA GLY L 18 -50.62 58.64 14.44
C GLY L 18 -50.18 58.94 15.85
N GLY L 19 -50.61 60.09 16.37
CA GLY L 19 -50.36 60.46 17.75
C GLY L 19 -48.95 60.91 17.94
N LEU L 20 -48.51 60.84 19.20
CA LEU L 20 -47.13 61.18 19.58
C LEU L 20 -46.78 62.63 19.29
N GLU L 21 -47.73 63.55 19.43
CA GLU L 21 -47.50 64.94 19.07
C GLU L 21 -46.35 65.57 19.86
N ASP L 22 -46.37 65.34 21.16
CA ASP L 22 -45.33 65.74 22.09
C ASP L 22 -43.91 65.39 21.63
N VAL L 23 -43.68 64.15 21.19
CA VAL L 23 -42.33 63.74 20.79
C VAL L 23 -41.93 64.30 19.45
N LYS L 24 -42.90 64.39 18.53
CA LYS L 24 -42.70 65.00 17.21
C LYS L 24 -42.13 66.41 17.36
N ARG L 25 -42.71 67.14 18.30
CA ARG L 25 -42.27 68.47 18.66
C ARG L 25 -40.86 68.36 19.25
N GLU L 26 -40.72 67.50 20.23
CA GLU L 26 -39.46 67.32 20.90
C GLU L 26 -38.35 66.95 19.92
N LEU L 27 -38.63 66.02 19.02
CA LEU L 27 -37.69 65.61 18.00
C LEU L 27 -37.22 66.77 17.12
N GLN L 28 -38.17 67.56 16.63
CA GLN L 28 -37.86 68.79 15.88
C GLN L 28 -36.95 69.73 16.64
N GLU L 29 -37.26 69.98 17.91
CA GLU L 29 -36.42 70.82 18.75
C GLU L 29 -34.98 70.29 18.87
N LEU L 30 -34.77 69.00 18.58
CA LEU L 30 -33.45 68.42 18.76
C LEU L 30 -32.64 68.39 17.49
N VAL L 31 -33.31 68.43 16.34
CA VAL L 31 -32.62 68.37 15.06
C VAL L 31 -32.85 69.61 14.19
N GLN L 32 -34.09 70.10 14.10
CA GLN L 32 -34.42 71.29 13.30
C GLN L 32 -33.74 72.51 13.86
N TYR L 33 -34.09 72.85 15.09
CA TYR L 33 -33.64 74.08 15.72
C TYR L 33 -32.14 74.27 15.70
N PRO L 34 -31.36 73.24 16.05
CA PRO L 34 -29.92 73.49 15.95
C PRO L 34 -29.40 73.86 14.51
N VAL L 35 -29.96 73.23 13.46
CA VAL L 35 -29.52 73.45 12.07
C VAL L 35 -30.16 74.71 11.46
N GLU L 36 -31.44 74.95 11.72
CA GLU L 36 -32.17 76.03 11.10
C GLU L 36 -32.20 77.28 11.95
N HIS L 37 -31.65 77.21 13.14
CA HIS L 37 -31.51 78.41 13.97
C HIS L 37 -30.19 78.43 14.70
N PRO L 38 -29.08 78.15 14.00
CA PRO L 38 -27.82 78.01 14.72
C PRO L 38 -27.57 79.27 15.52
N ASP L 39 -28.11 80.39 15.03
CA ASP L 39 -28.02 81.70 15.70
C ASP L 39 -28.56 81.69 17.13
N LYS L 40 -29.74 81.08 17.35
CA LYS L 40 -30.37 80.98 18.69
C LYS L 40 -29.64 80.04 19.67
N PHE L 41 -28.98 79.02 19.14
CA PHE L 41 -28.19 78.12 19.97
C PHE L 41 -26.87 78.75 20.37
N LEU L 42 -26.29 79.52 19.45
CA LEU L 42 -25.10 80.31 19.74
C LEU L 42 -25.44 81.48 20.67
N LYS L 43 -26.63 82.07 20.51
CA LYS L 43 -27.12 83.17 21.39
C LYS L 43 -27.24 82.75 22.84
N PHE L 44 -27.97 81.66 23.10
CA PHE L 44 -28.13 81.14 24.47
C PHE L 44 -26.96 80.27 24.93
N GLY L 45 -26.10 79.87 24.01
CA GLY L 45 -24.86 79.19 24.35
C GLY L 45 -24.94 77.68 24.22
N MET L 46 -25.95 77.07 24.83
CA MET L 46 -26.10 75.63 24.87
C MET L 46 -25.89 74.99 23.49
N THR L 47 -25.09 73.92 23.46
CA THR L 47 -24.81 73.18 22.21
C THR L 47 -25.72 71.95 22.14
N PRO L 48 -26.10 71.51 20.91
CA PRO L 48 -27.14 70.49 20.71
C PRO L 48 -26.71 69.08 21.11
N SER L 49 -27.59 68.10 21.01
CA SER L 49 -27.24 66.73 21.39
C SER L 49 -26.95 65.80 20.19
N LYS L 50 -26.08 64.82 20.42
CA LYS L 50 -25.58 63.95 19.35
C LYS L 50 -26.61 62.93 18.88
N GLY L 51 -27.60 62.70 19.73
CA GLY L 51 -28.47 61.56 19.52
C GLY L 51 -29.53 61.29 20.56
N VAL L 52 -30.25 60.22 20.28
CA VAL L 52 -31.48 59.93 20.95
C VAL L 52 -31.69 58.44 21.05
N LEU L 53 -32.25 58.02 22.17
CA LEU L 53 -32.65 56.64 22.28
C LEU L 53 -34.16 56.53 22.48
N PHE L 54 -34.87 55.99 21.50
CA PHE L 54 -36.23 55.59 21.72
C PHE L 54 -36.23 54.21 22.33
N TYR L 55 -37.00 54.04 23.39
CA TYR L 55 -37.33 52.73 23.91
C TYR L 55 -38.81 52.63 24.13
N GLY L 56 -39.37 51.43 24.01
CA GLY L 56 -40.81 51.24 24.11
C GLY L 56 -41.20 49.85 23.66
N PRO L 57 -42.46 49.47 23.82
CA PRO L 57 -42.88 48.23 23.21
C PRO L 57 -42.81 48.32 21.67
N PRO L 58 -42.80 47.13 20.98
CA PRO L 58 -42.69 46.94 19.53
C PRO L 58 -43.97 47.33 18.79
N GLY L 59 -43.78 48.07 17.71
CA GLY L 59 -44.87 48.42 16.82
C GLY L 59 -45.57 49.65 17.33
N CYS L 60 -44.76 50.60 17.80
CA CYS L 60 -45.29 51.85 18.27
C CYS L 60 -44.82 53.08 17.50
N GLY L 61 -44.00 52.84 16.48
CA GLY L 61 -43.58 53.89 15.58
C GLY L 61 -42.19 54.44 15.83
N LYS L 62 -41.37 53.68 16.57
CA LYS L 62 -39.96 54.05 16.80
C LYS L 62 -39.24 54.24 15.47
N THR L 63 -39.49 53.36 14.52
CA THR L 63 -38.92 53.56 13.20
C THR L 63 -39.59 54.74 12.46
N LEU L 64 -40.92 54.84 12.52
CA LEU L 64 -41.57 55.93 11.79
C LEU L 64 -40.97 57.24 12.21
N LEU L 65 -40.87 57.41 13.52
CA LEU L 65 -40.26 58.62 14.05
C LEU L 65 -38.85 58.81 13.48
N ALA L 66 -38.06 57.75 13.46
CA ALA L 66 -36.67 57.98 13.05
C ALA L 66 -36.65 58.45 11.60
N LYS L 67 -37.61 57.96 10.82
CA LYS L 67 -37.59 58.27 9.41
C LYS L 67 -38.19 59.63 9.15
N ALA L 68 -39.39 59.83 9.69
CA ALA L 68 -40.11 61.07 9.50
C ALA L 68 -39.21 62.23 9.87
N ILE L 69 -38.56 62.15 11.02
CA ILE L 69 -37.62 63.20 11.39
C ILE L 69 -36.52 63.43 10.35
N ALA L 70 -35.95 62.38 9.80
CA ALA L 70 -34.97 62.56 8.75
C ALA L 70 -35.60 63.26 7.53
N ASN L 71 -36.77 62.78 7.11
CA ASN L 71 -37.42 63.34 5.93
C ASN L 71 -37.82 64.78 6.14
N GLU L 72 -38.21 65.13 7.36
CA GLU L 72 -38.60 66.48 7.68
C GLU L 72 -37.40 67.36 7.49
N CYS L 73 -36.27 66.96 8.05
CA CYS L 73 -35.06 67.72 7.84
C CYS L 73 -34.49 67.57 6.45
N GLN L 74 -35.27 66.97 5.56
CA GLN L 74 -34.79 66.70 4.20
C GLN L 74 -33.36 66.12 4.27
N ALA L 75 -33.18 65.07 5.09
CA ALA L 75 -31.87 64.46 5.24
C ALA L 75 -31.85 63.02 4.82
N ASN L 76 -30.65 62.49 4.70
CA ASN L 76 -30.46 61.12 4.37
C ASN L 76 -30.67 60.27 5.56
N PHE L 77 -30.94 58.99 5.33
CA PHE L 77 -31.33 58.10 6.39
C PHE L 77 -30.57 56.83 6.19
N ILE L 78 -29.77 56.45 7.18
CA ILE L 78 -29.18 55.07 7.14
C ILE L 78 -29.74 54.20 8.26
N SER L 79 -30.18 53.00 7.90
CA SER L 79 -30.78 52.10 8.88
C SER L 79 -29.96 50.84 9.07
N ILE L 80 -29.33 50.72 10.24
CA ILE L 80 -28.72 49.43 10.60
C ILE L 80 -29.64 48.68 11.53
N LYS L 81 -30.07 47.50 11.13
CA LYS L 81 -30.97 46.74 12.04
C LYS L 81 -30.31 45.59 12.81
N GLY L 82 -31.14 44.80 13.49
CA GLY L 82 -30.66 43.76 14.42
C GLY L 82 -29.68 42.84 13.71
N PRO L 83 -30.15 42.21 12.62
CA PRO L 83 -29.36 41.15 11.99
C PRO L 83 -28.03 41.64 11.44
N GLU L 84 -27.98 42.88 11.00
CA GLU L 84 -26.71 43.43 10.62
C GLU L 84 -25.73 43.49 11.81
N LEU L 85 -26.17 44.06 12.95
CA LEU L 85 -25.36 44.08 14.16
C LEU L 85 -24.96 42.65 14.48
N LEU L 86 -25.91 41.75 14.43
CA LEU L 86 -25.60 40.41 14.82
C LEU L 86 -24.56 39.76 13.93
N THR L 87 -24.62 40.11 12.64
CA THR L 87 -23.59 39.67 11.68
C THR L 87 -22.17 40.05 12.09
N MET L 88 -22.01 41.30 12.49
CA MET L 88 -20.73 41.75 12.94
C MET L 88 -20.34 41.08 14.23
N TRP L 89 -21.36 40.75 15.02
CA TRP L 89 -21.07 40.08 16.28
C TRP L 89 -20.60 38.66 16.07
N PHE L 90 -21.36 37.91 15.28
CA PHE L 90 -21.00 36.56 14.97
C PHE L 90 -19.69 36.49 14.22
N GLY L 91 -19.51 37.34 13.22
CA GLY L 91 -18.29 37.31 12.46
C GLY L 91 -17.11 38.06 13.06
N GLU L 92 -17.27 38.63 14.24
CA GLU L 92 -16.21 39.42 14.88
C GLU L 92 -15.72 40.52 13.94
N SER L 93 -16.60 41.09 13.15
CA SER L 93 -16.17 42.05 12.21
C SER L 93 -16.76 43.39 12.58
N GLU L 94 -16.47 43.86 13.79
CA GLU L 94 -17.05 45.11 14.23
C GLU L 94 -16.33 46.32 13.64
N ALA L 95 -15.16 46.08 13.07
CA ALA L 95 -14.49 47.16 12.38
C ALA L 95 -15.40 47.79 11.30
N ASN L 96 -16.30 47.02 10.68
CA ASN L 96 -17.29 47.63 9.78
C ASN L 96 -18.13 48.75 10.32
N VAL L 97 -18.12 48.91 11.63
CA VAL L 97 -18.94 49.94 12.21
C VAL L 97 -18.39 51.28 11.73
N ARG L 98 -17.07 51.30 11.56
CA ARG L 98 -16.31 52.41 11.02
C ARG L 98 -16.81 52.81 9.67
N GLU L 99 -16.95 51.82 8.80
CA GLU L 99 -17.40 52.00 7.46
C GLU L 99 -18.80 52.63 7.46
N ILE L 100 -19.70 52.09 8.27
CA ILE L 100 -21.05 52.63 8.42
C ILE L 100 -20.96 54.08 8.83
N PHE L 101 -20.15 54.39 9.82
CA PHE L 101 -20.00 55.78 10.20
C PHE L 101 -19.49 56.69 9.07
N ASP L 102 -18.49 56.22 8.33
CA ASP L 102 -17.97 56.91 7.14
C ASP L 102 -19.09 57.19 6.19
N LYS L 103 -19.74 56.13 5.73
CA LYS L 103 -20.85 56.31 4.83
C LYS L 103 -21.86 57.34 5.29
N ALA L 104 -22.03 57.50 6.60
CA ALA L 104 -23.04 58.41 7.15
C ALA L 104 -22.48 59.81 7.14
N ARG L 105 -21.20 59.90 7.45
CA ARG L 105 -20.49 61.15 7.53
C ARG L 105 -20.45 61.77 6.14
N GLN L 106 -20.15 60.94 5.17
CA GLN L 106 -20.06 61.32 3.78
C GLN L 106 -21.47 61.69 3.23
N ALA L 107 -22.53 61.09 3.75
CA ALA L 107 -23.89 61.39 3.27
C ALA L 107 -24.56 62.46 4.09
N ALA L 108 -23.77 63.16 4.92
CA ALA L 108 -24.28 64.29 5.75
C ALA L 108 -25.01 65.36 4.91
N PRO L 109 -26.17 65.88 5.37
CA PRO L 109 -26.91 65.64 6.62
C PRO L 109 -27.63 64.29 6.65
N CYS L 110 -27.45 63.58 7.75
CA CYS L 110 -27.90 62.20 7.85
C CYS L 110 -28.45 61.85 9.25
N VAL L 111 -29.60 61.20 9.35
CA VAL L 111 -29.84 60.40 10.55
C VAL L 111 -29.41 58.95 10.32
N LEU L 112 -28.44 58.55 11.11
CA LEU L 112 -28.00 57.19 11.19
C LEU L 112 -28.85 56.53 12.31
N PHE L 113 -29.55 55.46 11.99
CA PHE L 113 -30.49 54.87 12.94
C PHE L 113 -30.27 53.40 13.24
N PHE L 114 -29.84 53.12 14.46
CA PHE L 114 -29.56 51.75 14.91
C PHE L 114 -30.78 51.25 15.57
N ASP L 115 -31.57 50.52 14.79
CA ASP L 115 -32.68 49.78 15.38
C ASP L 115 -32.26 48.43 16.10
N GLU L 116 -33.13 47.90 16.97
CA GLU L 116 -32.92 46.63 17.65
C GLU L 116 -31.57 46.63 18.33
N LEU L 117 -31.16 47.79 18.83
CA LEU L 117 -29.94 47.92 19.63
C LEU L 117 -29.61 46.83 20.65
N ASP L 118 -30.62 46.06 21.08
CA ASP L 118 -30.50 45.10 22.20
C ASP L 118 -30.24 43.68 21.73
N SER L 119 -30.04 43.54 20.42
CA SER L 119 -30.12 42.24 19.86
C SER L 119 -28.88 41.37 20.08
N ILE L 120 -27.73 41.97 20.23
CA ILE L 120 -26.63 41.17 20.73
C ILE L 120 -26.81 40.74 22.19
N ALA L 121 -27.35 41.62 23.04
CA ALA L 121 -27.61 41.31 24.45
C ALA L 121 -28.48 40.08 24.49
N LYS L 122 -29.58 40.14 23.74
CA LYS L 122 -30.47 39.03 23.62
C LYS L 122 -29.70 37.85 23.18
N ALA L 123 -28.91 37.99 22.13
CA ALA L 123 -28.22 36.83 21.55
C ALA L 123 -27.31 36.14 22.50
N ARG L 124 -26.66 36.86 23.40
CA ARG L 124 -25.81 36.19 24.36
C ARG L 124 -26.49 35.69 25.64
N GLY L 125 -27.82 35.80 25.76
CA GLY L 125 -28.54 35.26 26.93
C GLY L 125 -29.54 36.24 27.53
N GLY L 126 -29.29 37.52 27.29
CA GLY L 126 -30.23 38.61 27.61
C GLY L 126 -30.45 38.84 29.08
N ASN L 127 -31.71 38.67 29.49
CA ASN L 127 -32.16 38.82 30.88
C ASN L 127 -31.17 38.17 31.88
N ILE L 128 -30.83 36.87 31.67
CA ILE L 128 -29.82 36.15 32.49
C ILE L 128 -28.34 36.34 32.03
N GLY L 129 -28.05 36.02 30.76
CA GLY L 129 -26.77 36.39 30.13
C GLY L 129 -25.67 35.35 30.18
N ASP L 130 -24.44 35.79 29.86
CA ASP L 130 -23.21 35.00 29.99
C ASP L 130 -22.37 35.53 31.16
N GLY L 131 -21.06 35.30 31.13
CA GLY L 131 -20.17 35.79 32.21
C GLY L 131 -20.10 37.34 32.40
N GLY L 132 -19.76 38.04 31.32
CA GLY L 132 -19.37 39.44 31.37
C GLY L 132 -20.49 40.43 31.52
N GLY L 133 -20.12 41.71 31.54
CA GLY L 133 -21.08 42.78 31.69
C GLY L 133 -21.74 43.23 30.42
N ALA L 134 -22.28 44.41 30.46
CA ALA L 134 -23.13 44.83 29.37
C ALA L 134 -22.35 45.10 28.07
N ALA L 135 -21.08 45.50 28.15
CA ALA L 135 -20.28 45.72 26.96
C ALA L 135 -20.22 44.51 25.98
N ASP L 136 -20.13 44.78 24.70
CA ASP L 136 -19.93 43.75 23.70
C ASP L 136 -19.22 44.44 22.52
N ARG L 137 -18.49 43.66 21.73
CA ARG L 137 -17.55 44.25 20.83
C ARG L 137 -18.20 45.27 19.87
N VAL L 138 -19.38 44.92 19.39
CA VAL L 138 -20.04 45.68 18.34
C VAL L 138 -20.63 46.96 18.83
N ILE L 139 -21.45 46.92 19.89
CA ILE L 139 -22.02 48.22 20.38
C ILE L 139 -20.88 49.11 20.86
N ASN L 140 -19.84 48.49 21.44
CA ASN L 140 -18.71 49.24 21.93
C ASN L 140 -18.08 50.03 20.80
N GLN L 141 -17.93 49.33 19.68
CA GLN L 141 -17.51 49.98 18.47
C GLN L 141 -18.37 51.22 18.11
N ILE L 142 -19.69 51.06 18.05
CA ILE L 142 -20.60 52.18 17.85
C ILE L 142 -20.29 53.38 18.81
N LEU L 143 -19.95 53.06 20.05
CA LEU L 143 -19.71 54.08 21.01
C LEU L 143 -18.41 54.79 20.73
N THR L 144 -17.36 54.11 20.29
CA THR L 144 -16.12 54.80 19.92
C THR L 144 -16.37 55.67 18.72
N GLU L 145 -16.94 55.06 17.69
CA GLU L 145 -17.28 55.76 16.48
C GLU L 145 -18.15 56.94 16.76
N MET L 146 -18.55 57.14 17.99
CA MET L 146 -19.51 58.15 18.23
C MET L 146 -18.82 59.18 19.04
N ASP L 147 -17.78 58.75 19.72
CA ASP L 147 -16.99 59.61 20.53
C ASP L 147 -16.11 60.34 19.58
N GLY L 148 -15.55 59.61 18.63
CA GLY L 148 -14.64 60.16 17.63
C GLY L 148 -15.34 60.97 16.55
N MET L 149 -16.65 60.83 16.46
CA MET L 149 -17.41 61.51 15.44
C MET L 149 -17.71 62.94 15.87
N SER L 150 -17.00 63.89 15.26
CA SER L 150 -17.14 65.30 15.61
C SER L 150 -18.59 65.81 15.61
N THR L 151 -18.96 66.45 16.71
CA THR L 151 -20.30 67.00 16.90
C THR L 151 -20.72 67.87 15.73
N LYS L 152 -19.71 68.44 15.06
CA LYS L 152 -19.89 69.47 14.03
C LYS L 152 -20.05 68.95 12.59
N LYS L 153 -20.04 67.63 12.39
CA LYS L 153 -20.53 67.03 11.12
C LYS L 153 -22.05 67.18 11.14
N ASN L 154 -22.74 66.51 10.25
CA ASN L 154 -24.17 66.68 10.33
C ASN L 154 -24.91 65.37 10.47
N VAL L 155 -24.34 64.49 11.29
CA VAL L 155 -24.88 63.17 11.44
C VAL L 155 -25.59 63.06 12.76
N PHE L 156 -26.88 62.74 12.76
CA PHE L 156 -27.65 62.54 14.00
C PHE L 156 -27.95 61.05 14.27
N ILE L 157 -27.57 60.55 15.45
CA ILE L 157 -27.75 59.15 15.66
C ILE L 157 -28.99 58.89 16.46
N ILE L 158 -29.73 57.85 16.09
CA ILE L 158 -30.90 57.45 16.85
C ILE L 158 -30.85 55.95 17.01
N GLY L 159 -30.93 55.51 18.29
CA GLY L 159 -31.07 54.10 18.67
C GLY L 159 -32.51 53.79 19.03
N ALA L 160 -32.91 52.52 18.84
CA ALA L 160 -34.25 52.06 19.26
C ALA L 160 -34.05 50.72 19.91
N THR L 161 -34.88 50.39 20.87
CA THR L 161 -34.81 49.13 21.53
C THR L 161 -36.12 48.93 22.24
N ASN L 162 -36.54 47.69 22.34
CA ASN L 162 -37.65 47.42 23.20
C ASN L 162 -37.22 46.58 24.37
N ARG L 163 -35.93 46.53 24.66
CA ARG L 163 -35.52 45.84 25.84
C ARG L 163 -34.46 46.66 26.52
N PRO L 164 -34.85 47.88 26.96
CA PRO L 164 -33.86 48.86 27.42
C PRO L 164 -33.19 48.30 28.67
N ASP L 165 -33.89 47.49 29.46
CA ASP L 165 -33.21 46.78 30.56
C ASP L 165 -31.89 46.10 30.17
N ILE L 166 -31.74 45.65 28.93
CA ILE L 166 -30.49 44.93 28.58
C ILE L 166 -29.45 45.68 27.77
N ILE L 167 -29.79 46.88 27.30
CA ILE L 167 -28.89 47.90 26.73
C ILE L 167 -27.69 48.25 27.61
N ASP L 168 -26.51 48.36 27.04
CA ASP L 168 -25.38 48.80 27.85
C ASP L 168 -25.54 50.25 28.25
N PRO L 169 -25.55 50.53 29.57
CA PRO L 169 -25.69 51.89 30.11
C PRO L 169 -24.77 52.93 29.46
N ALA L 170 -23.58 52.52 28.99
CA ALA L 170 -22.61 53.45 28.44
C ALA L 170 -23.23 54.20 27.27
N ILE L 171 -24.29 53.62 26.71
CA ILE L 171 -24.94 54.25 25.57
C ILE L 171 -25.60 55.54 25.99
N LEU L 172 -25.83 55.70 27.28
CA LEU L 172 -26.65 56.79 27.74
C LEU L 172 -25.84 57.89 28.34
N ARG L 173 -24.55 57.69 28.59
CA ARG L 173 -23.71 58.76 29.13
C ARG L 173 -23.71 60.00 28.26
N PRO L 174 -23.47 61.20 28.84
CA PRO L 174 -23.32 62.45 28.09
C PRO L 174 -22.43 62.32 26.86
N GLY L 175 -22.85 62.95 25.77
CA GLY L 175 -22.08 62.92 24.56
C GLY L 175 -22.47 61.75 23.66
N ARG L 176 -23.46 60.97 24.07
CA ARG L 176 -23.86 59.80 23.28
C ARG L 176 -25.34 59.84 23.03
N LEU L 177 -26.07 58.80 23.40
CA LEU L 177 -27.51 58.87 23.29
C LEU L 177 -28.08 59.38 24.63
N ASP L 178 -28.08 60.71 24.73
CA ASP L 178 -28.47 61.44 25.94
C ASP L 178 -29.95 61.49 26.13
N GLN L 179 -30.69 61.63 25.05
CA GLN L 179 -32.11 61.80 25.15
C GLN L 179 -32.78 60.47 25.14
N LEU L 180 -33.15 60.00 26.32
CA LEU L 180 -34.03 58.87 26.42
C LEU L 180 -35.39 59.36 26.02
N ILE L 181 -36.11 58.60 25.18
CA ILE L 181 -37.51 58.92 24.86
C ILE L 181 -38.37 57.66 24.86
N TYR L 182 -39.45 57.69 25.64
CA TYR L 182 -40.33 56.56 25.70
C TYR L 182 -41.39 56.66 24.62
N ILE L 183 -41.45 55.66 23.75
CA ILE L 183 -42.61 55.54 22.86
C ILE L 183 -43.55 54.44 23.35
N PRO L 184 -44.64 54.85 24.02
CA PRO L 184 -45.54 54.01 24.78
C PRO L 184 -46.57 53.39 23.86
N LEU L 185 -47.36 52.43 24.34
CA LEU L 185 -48.52 52.02 23.56
C LEU L 185 -49.44 53.19 23.27
N PRO L 186 -50.12 53.16 22.10
CA PRO L 186 -51.01 54.26 21.79
C PRO L 186 -52.21 54.23 22.70
N ASP L 187 -52.62 55.42 23.15
CA ASP L 187 -53.85 55.57 23.95
C ASP L 187 -55.14 55.69 23.11
N GLU L 188 -56.24 55.78 23.82
CA GLU L 188 -57.58 56.06 23.31
C GLU L 188 -57.62 56.92 22.04
N LYS L 189 -57.16 58.18 22.15
CA LYS L 189 -57.18 59.18 21.05
C LYS L 189 -56.24 58.78 19.95
N SER L 190 -55.03 58.43 20.38
CA SER L 190 -53.96 58.05 19.49
C SER L 190 -54.40 56.97 18.54
N ARG L 191 -55.07 55.95 19.06
CA ARG L 191 -55.53 54.86 18.19
C ARG L 191 -56.38 55.38 17.03
N VAL L 192 -57.17 56.43 17.28
CA VAL L 192 -57.92 57.03 16.20
C VAL L 192 -56.98 57.61 15.18
N ALA L 193 -56.06 58.46 15.63
CA ALA L 193 -55.05 59.04 14.74
C ALA L 193 -54.33 58.00 13.87
N ILE L 194 -53.83 56.94 14.51
CA ILE L 194 -53.12 55.84 13.85
C ILE L 194 -53.93 55.16 12.76
N LEU L 195 -55.21 54.94 13.02
CA LEU L 195 -56.10 54.41 12.01
C LEU L 195 -56.26 55.38 10.86
N LYS L 196 -56.47 56.66 11.18
CA LYS L 196 -56.62 57.68 10.14
C LYS L 196 -55.38 57.74 9.30
N ALA L 197 -54.22 57.83 9.96
CA ALA L 197 -52.91 57.84 9.30
C ALA L 197 -52.72 56.62 8.40
N ASN L 198 -53.07 55.45 8.92
CA ASN L 198 -52.91 54.22 8.17
C ASN L 198 -53.86 54.10 7.02
N LEU L 199 -54.92 54.90 7.03
CA LEU L 199 -55.89 54.84 5.96
C LEU L 199 -55.90 56.07 5.04
N ARG L 200 -55.02 57.04 5.33
CA ARG L 200 -54.87 58.27 4.58
C ARG L 200 -54.92 58.01 3.11
N LYS L 201 -54.22 56.97 2.67
CA LYS L 201 -54.13 56.68 1.25
C LYS L 201 -55.05 55.53 0.87
N SER L 202 -56.28 55.56 1.40
CA SER L 202 -57.29 54.49 1.17
C SER L 202 -58.77 54.93 1.04
N PRO L 203 -59.57 54.17 0.24
CA PRO L 203 -60.97 54.48 0.04
C PRO L 203 -61.78 53.95 1.18
N VAL L 204 -61.76 54.68 2.29
CA VAL L 204 -62.56 54.33 3.48
C VAL L 204 -64.05 54.69 3.31
N ALA L 205 -64.91 53.68 3.40
CA ALA L 205 -66.36 53.92 3.35
C ALA L 205 -66.77 54.92 4.42
N LYS L 206 -67.71 55.79 4.06
CA LYS L 206 -68.09 56.90 4.90
C LYS L 206 -68.62 56.48 6.27
N ASP L 207 -69.44 55.43 6.28
CA ASP L 207 -70.08 54.93 7.51
C ASP L 207 -69.12 54.43 8.59
N VAL L 208 -68.09 53.67 8.17
CA VAL L 208 -67.08 53.06 9.03
C VAL L 208 -66.55 53.99 10.15
N ASP L 209 -66.83 53.58 11.38
CA ASP L 209 -66.52 54.38 12.56
C ASP L 209 -65.22 53.96 13.24
N LEU L 210 -64.20 54.80 13.07
CA LEU L 210 -62.88 54.54 13.63
C LEU L 210 -62.81 54.87 15.13
N GLU L 211 -63.46 55.96 15.52
CA GLU L 211 -63.48 56.41 16.93
C GLU L 211 -63.95 55.26 17.81
N PHE L 212 -64.73 54.35 17.21
CA PHE L 212 -65.25 53.18 17.88
C PHE L 212 -64.21 52.10 17.90
N LEU L 213 -63.65 51.79 16.73
CA LEU L 213 -62.56 50.83 16.61
C LEU L 213 -61.48 51.13 17.60
N ALA L 214 -61.23 52.41 17.80
CA ALA L 214 -60.28 52.85 18.80
C ALA L 214 -60.70 52.47 20.22
N LYS L 215 -61.99 52.54 20.52
CA LYS L 215 -62.48 52.17 21.85
C LYS L 215 -62.31 50.67 22.00
N MET L 216 -62.33 49.96 20.88
CA MET L 216 -62.35 48.49 20.90
C MET L 216 -61.00 47.83 21.15
N THR L 217 -59.94 48.64 21.13
CA THR L 217 -58.56 48.14 21.08
C THR L 217 -57.75 48.66 22.26
N ASN L 218 -56.99 47.81 22.91
CA ASN L 218 -56.09 48.32 23.94
C ASN L 218 -54.61 48.05 23.87
N GLY L 219 -54.19 46.93 24.43
CA GLY L 219 -52.78 46.52 24.37
C GLY L 219 -52.37 46.50 22.92
N PHE L 220 -53.20 47.14 22.11
CA PHE L 220 -53.00 47.28 20.71
C PHE L 220 -52.00 48.32 20.49
N SER L 221 -51.01 47.95 19.72
CA SER L 221 -49.97 48.83 19.36
C SER L 221 -50.28 49.29 17.95
N GLY L 222 -49.62 50.35 17.51
CA GLY L 222 -49.75 50.79 16.14
C GLY L 222 -49.69 49.61 15.16
N ALA L 223 -48.66 48.79 15.30
CA ALA L 223 -48.52 47.63 14.47
C ALA L 223 -49.80 46.80 14.47
N ASP L 224 -50.29 46.46 15.64
CA ASP L 224 -51.52 45.71 15.74
C ASP L 224 -52.69 46.35 14.99
N LEU L 225 -52.75 47.67 14.99
CA LEU L 225 -53.88 48.36 14.38
C LEU L 225 -53.79 48.28 12.88
N THR L 226 -52.57 48.51 12.39
CA THR L 226 -52.17 48.36 11.01
C THR L 226 -52.59 47.01 10.52
N GLU L 227 -52.34 46.00 11.33
CA GLU L 227 -52.68 44.65 10.97
C GLU L 227 -54.17 44.53 10.64
N ILE L 228 -55.02 45.15 11.44
CA ILE L 228 -56.45 45.11 11.19
C ILE L 228 -56.76 45.68 9.82
N CYS L 229 -56.42 46.95 9.58
CA CYS L 229 -56.65 47.58 8.27
C CYS L 229 -56.23 46.62 7.15
N GLN L 230 -55.03 46.12 7.23
CA GLN L 230 -54.60 45.25 6.22
C GLN L 230 -55.55 44.09 5.98
N ARG L 231 -56.06 43.47 7.03
CA ARG L 231 -57.00 42.36 6.84
C ARG L 231 -58.27 42.89 6.20
N ALA L 232 -58.73 44.05 6.65
CA ALA L 232 -59.87 44.69 6.03
C ALA L 232 -59.67 44.85 4.52
N CYS L 233 -58.53 45.46 4.13
CA CYS L 233 -58.15 45.61 2.73
C CYS L 233 -58.18 44.31 2.01
N LYS L 234 -57.42 43.36 2.53
CA LYS L 234 -57.28 42.06 1.89
C LYS L 234 -58.67 41.47 1.71
N LEU L 235 -59.61 41.86 2.57
CA LEU L 235 -61.00 41.39 2.46
C LEU L 235 -61.71 42.08 1.31
N ALA L 236 -61.59 43.40 1.25
CA ALA L 236 -62.09 44.20 0.16
C ALA L 236 -61.51 43.72 -1.18
N ILE L 237 -60.19 43.54 -1.26
CA ILE L 237 -59.58 43.11 -2.52
C ILE L 237 -60.13 41.78 -2.96
N ARG L 238 -60.17 40.82 -2.04
CA ARG L 238 -60.70 39.50 -2.34
C ARG L 238 -62.18 39.58 -2.65
N GLU L 239 -62.84 40.55 -2.03
CA GLU L 239 -64.26 40.78 -2.24
C GLU L 239 -64.53 41.47 -3.60
N SER L 240 -63.58 42.30 -4.03
CA SER L 240 -63.63 42.95 -5.32
C SER L 240 -63.34 41.92 -6.40
N ILE L 241 -62.12 41.42 -6.49
CA ILE L 241 -61.75 40.44 -7.52
C ILE L 241 -62.74 39.31 -7.64
N GLU L 242 -63.44 39.05 -6.55
CA GLU L 242 -64.49 38.06 -6.54
C GLU L 242 -65.64 38.41 -7.49
N SER L 243 -66.23 39.60 -7.31
CA SER L 243 -67.42 40.03 -8.08
C SER L 243 -67.28 40.00 -9.63
N GLU L 244 -66.14 40.44 -10.15
CA GLU L 244 -65.91 40.45 -11.60
C GLU L 244 -65.93 39.05 -12.18
N ILE L 245 -65.02 38.20 -11.69
CA ILE L 245 -64.80 36.86 -12.21
C ILE L 245 -65.87 35.87 -11.72
N VAL L 266 -67.09 49.21 -7.81
CA VAL L 266 -67.45 48.48 -6.59
C VAL L 266 -66.39 48.51 -5.43
N PRO L 267 -65.25 49.27 -5.61
CA PRO L 267 -64.18 49.26 -4.58
C PRO L 267 -64.15 50.44 -3.55
N GLU L 268 -64.73 50.23 -2.37
CA GLU L 268 -64.57 51.13 -1.22
C GLU L 268 -64.53 50.25 0.02
N ILE L 269 -63.45 50.31 0.79
CA ILE L 269 -63.25 49.43 1.94
C ILE L 269 -64.26 49.76 3.06
N ARG L 270 -65.18 48.84 3.31
CA ARG L 270 -66.39 49.20 4.08
C ARG L 270 -66.60 48.44 5.36
N ARG L 271 -67.61 48.90 6.12
CA ARG L 271 -67.98 48.40 7.46
C ARG L 271 -67.76 46.91 7.77
N ASP L 272 -68.46 46.05 7.06
CA ASP L 272 -68.44 44.61 7.26
C ASP L 272 -67.07 43.98 7.00
N HIS L 273 -66.23 44.68 6.24
CA HIS L 273 -64.86 44.29 6.07
C HIS L 273 -64.07 44.50 7.34
N PHE L 274 -64.17 45.68 7.95
CA PHE L 274 -63.53 45.94 9.24
C PHE L 274 -64.07 45.01 10.27
N GLU L 275 -65.38 44.80 10.24
CA GLU L 275 -66.03 43.89 11.17
C GLU L 275 -65.38 42.50 11.08
N GLU L 276 -65.38 41.92 9.89
CA GLU L 276 -64.79 40.58 9.74
C GLU L 276 -63.27 40.58 9.94
N ALA L 277 -62.63 41.73 9.79
CA ALA L 277 -61.20 41.85 10.01
C ALA L 277 -60.93 41.79 11.46
N MET L 278 -61.84 42.35 12.24
CA MET L 278 -61.75 42.35 13.70
C MET L 278 -61.83 40.96 14.32
N ARG L 279 -62.42 40.00 13.61
CA ARG L 279 -62.51 38.62 14.07
C ARG L 279 -61.15 37.97 14.24
N PHE L 280 -60.09 38.63 13.83
CA PHE L 280 -58.72 38.10 13.98
C PHE L 280 -57.77 39.09 14.63
N ALA L 281 -58.27 39.97 15.49
CA ALA L 281 -57.42 41.02 16.02
C ALA L 281 -56.62 40.44 17.15
N ARG L 282 -55.32 40.64 17.14
CA ARG L 282 -54.47 40.18 18.23
C ARG L 282 -54.00 41.38 19.02
N ARG L 283 -53.26 41.13 20.09
CA ARG L 283 -52.50 42.19 20.73
C ARG L 283 -51.06 41.74 20.79
N SER L 284 -50.14 42.47 20.17
CA SER L 284 -48.74 42.02 20.23
C SER L 284 -48.19 42.11 21.66
N VAL L 285 -48.51 43.18 22.37
CA VAL L 285 -47.95 43.40 23.68
C VAL L 285 -48.88 42.87 24.73
N SER L 286 -48.36 42.02 25.62
CA SER L 286 -49.14 41.57 26.76
C SER L 286 -48.91 42.47 27.98
N ASP L 287 -49.95 42.56 28.81
CA ASP L 287 -49.96 43.37 30.03
C ASP L 287 -48.71 43.27 30.94
N ASN L 288 -48.16 42.06 31.11
CA ASN L 288 -46.89 41.89 31.87
C ASN L 288 -45.81 42.76 31.27
N ASP L 289 -45.59 42.61 29.95
CA ASP L 289 -44.62 43.40 29.22
C ASP L 289 -44.89 44.86 29.44
N ILE L 290 -46.14 45.25 29.25
CA ILE L 290 -46.50 46.65 29.38
C ILE L 290 -46.04 47.15 30.72
N ARG L 291 -46.43 46.43 31.76
CA ARG L 291 -46.02 46.73 33.12
C ARG L 291 -44.52 46.88 33.23
N LYS L 292 -43.80 45.91 32.70
CA LYS L 292 -42.35 46.01 32.58
C LYS L 292 -41.87 47.32 31.95
N TYR L 293 -42.48 47.79 30.86
CA TYR L 293 -42.00 49.07 30.31
C TYR L 293 -42.12 50.23 31.28
N GLU L 294 -43.23 50.25 32.03
CA GLU L 294 -43.49 51.29 33.02
C GLU L 294 -42.40 51.27 34.09
N MET L 295 -41.98 50.08 34.48
CA MET L 295 -40.88 49.94 35.42
C MET L 295 -39.64 50.55 34.81
N PHE L 296 -39.30 50.09 33.60
CA PHE L 296 -38.17 50.64 32.85
C PHE L 296 -38.37 52.17 32.78
N ALA L 297 -39.55 52.57 32.29
CA ALA L 297 -39.88 53.98 32.10
C ALA L 297 -39.77 54.83 33.36
N GLN L 298 -39.97 54.21 34.52
CA GLN L 298 -39.94 54.94 35.76
C GLN L 298 -38.53 55.36 36.10
N THR L 299 -37.63 54.39 36.31
CA THR L 299 -36.24 54.70 36.61
C THR L 299 -35.60 55.44 35.43
N LEU L 300 -35.78 54.90 34.22
CA LEU L 300 -35.13 55.47 33.02
C LEU L 300 -35.51 56.96 32.78
N GLN L 301 -36.73 57.38 33.18
CA GLN L 301 -37.17 58.80 33.10
C GLN L 301 -37.25 59.45 34.48
N ALA M 1 -11.10 -27.85 -23.27
CA ALA M 1 -12.30 -26.95 -23.42
C ALA M 1 -13.37 -27.45 -24.47
N LEU M 2 -13.52 -28.79 -24.67
CA LEU M 2 -14.28 -29.35 -25.83
C LEU M 2 -15.78 -28.97 -25.89
N ARG M 3 -16.22 -28.46 -27.05
CA ARG M 3 -17.60 -28.08 -27.31
C ARG M 3 -18.53 -29.25 -27.04
N GLU M 4 -19.84 -29.02 -27.01
CA GLU M 4 -20.81 -30.09 -26.75
C GLU M 4 -21.26 -30.89 -28.00
N THR M 5 -21.22 -32.23 -27.95
CA THR M 5 -21.54 -33.09 -29.11
C THR M 5 -23.04 -33.13 -29.41
N VAL M 6 -23.44 -32.57 -30.53
CA VAL M 6 -24.86 -32.37 -30.89
C VAL M 6 -25.38 -33.42 -31.92
N VAL M 7 -26.21 -34.36 -31.50
CA VAL M 7 -26.83 -35.23 -32.49
C VAL M 7 -27.95 -34.42 -33.09
N GLU M 8 -28.38 -34.76 -34.29
CA GLU M 8 -29.42 -33.99 -34.96
C GLU M 8 -29.98 -34.80 -36.11
N VAL M 9 -31.16 -34.42 -36.58
CA VAL M 9 -31.70 -35.10 -37.75
C VAL M 9 -31.46 -34.17 -38.90
N PRO M 10 -30.75 -34.67 -39.89
CA PRO M 10 -30.36 -33.91 -41.07
C PRO M 10 -31.60 -33.43 -41.81
N GLN M 11 -31.67 -32.10 -41.90
CA GLN M 11 -32.74 -31.32 -42.50
C GLN M 11 -32.74 -31.44 -44.05
N VAL M 12 -31.61 -31.82 -44.64
CA VAL M 12 -31.42 -31.78 -46.11
C VAL M 12 -31.53 -33.14 -46.79
N THR M 13 -32.11 -33.11 -47.99
CA THR M 13 -32.36 -34.30 -48.81
C THR M 13 -31.71 -34.22 -50.18
N TRP M 14 -31.70 -35.34 -50.91
CA TRP M 14 -31.16 -35.33 -52.27
C TRP M 14 -31.62 -34.19 -53.16
N GLU M 15 -32.83 -33.70 -52.98
CA GLU M 15 -33.37 -32.67 -53.84
C GLU M 15 -32.59 -31.36 -53.70
N ASP M 16 -31.96 -31.15 -52.56
CA ASP M 16 -31.24 -29.90 -52.40
C ASP M 16 -29.85 -29.94 -52.99
N ILE M 17 -29.46 -31.11 -53.46
CA ILE M 17 -28.15 -31.35 -54.02
C ILE M 17 -28.21 -31.41 -55.56
N GLY M 18 -27.59 -30.42 -56.18
CA GLY M 18 -27.53 -30.38 -57.64
C GLY M 18 -26.47 -31.31 -58.19
N GLY M 19 -26.88 -32.19 -59.08
CA GLY M 19 -25.94 -33.08 -59.74
C GLY M 19 -25.39 -34.13 -58.83
N LEU M 20 -24.21 -34.64 -59.15
CA LEU M 20 -23.59 -35.71 -58.40
C LEU M 20 -24.42 -37.00 -58.37
N GLU M 21 -25.09 -37.31 -59.48
CA GLU M 21 -26.00 -38.43 -59.48
C GLU M 21 -25.28 -39.71 -59.15
N ASP M 22 -24.15 -39.90 -59.80
CA ASP M 22 -23.28 -41.04 -59.65
C ASP M 22 -22.91 -41.31 -58.20
N VAL M 23 -22.58 -40.26 -57.45
CA VAL M 23 -22.16 -40.47 -56.06
C VAL M 23 -23.35 -40.72 -55.15
N LYS M 24 -24.45 -40.03 -55.42
CA LYS M 24 -25.67 -40.29 -54.69
C LYS M 24 -26.00 -41.77 -54.72
N ARG M 25 -25.94 -42.35 -55.91
CA ARG M 25 -26.19 -43.74 -56.11
C ARG M 25 -25.17 -44.55 -55.35
N GLU M 26 -23.90 -44.23 -55.54
CA GLU M 26 -22.81 -44.92 -54.88
C GLU M 26 -22.91 -44.83 -53.35
N LEU M 27 -23.37 -43.70 -52.85
CA LEU M 27 -23.55 -43.55 -51.44
C LEU M 27 -24.62 -44.48 -50.89
N GLN M 28 -25.77 -44.49 -51.56
CA GLN M 28 -26.83 -45.40 -51.24
C GLN M 28 -26.34 -46.81 -51.19
N GLU M 29 -25.61 -47.22 -52.22
CA GLU M 29 -25.06 -48.57 -52.25
C GLU M 29 -24.15 -48.91 -51.08
N LEU M 30 -23.71 -47.92 -50.33
CA LEU M 30 -22.75 -48.14 -49.24
C LEU M 30 -23.35 -48.12 -47.86
N VAL M 31 -24.49 -47.48 -47.75
CA VAL M 31 -25.24 -47.40 -46.49
C VAL M 31 -26.66 -48.02 -46.54
N GLN M 32 -27.45 -47.75 -47.59
CA GLN M 32 -28.78 -48.34 -47.71
C GLN M 32 -28.65 -49.82 -47.80
N TYR M 33 -28.05 -50.28 -48.89
CA TYR M 33 -28.02 -51.68 -49.22
C TYR M 33 -27.61 -52.59 -48.07
N PRO M 34 -26.51 -52.28 -47.36
CA PRO M 34 -26.17 -53.14 -46.22
C PRO M 34 -27.23 -53.26 -45.10
N VAL M 35 -27.99 -52.19 -44.85
CA VAL M 35 -28.99 -52.17 -43.80
C VAL M 35 -30.35 -52.68 -44.29
N GLU M 36 -30.73 -52.29 -45.50
CA GLU M 36 -32.02 -52.65 -46.02
C GLU M 36 -32.01 -53.88 -46.84
N HIS M 37 -30.84 -54.46 -47.06
CA HIS M 37 -30.77 -55.74 -47.73
C HIS M 37 -29.73 -56.63 -47.13
N PRO M 38 -29.71 -56.74 -45.80
CA PRO M 38 -28.63 -57.52 -45.21
C PRO M 38 -28.58 -58.91 -45.80
N ASP M 39 -29.74 -59.40 -46.26
CA ASP M 39 -29.87 -60.72 -46.90
C ASP M 39 -28.99 -60.89 -48.11
N LYS M 40 -28.94 -59.87 -48.98
CA LYS M 40 -28.12 -59.88 -50.22
C LYS M 40 -26.62 -59.77 -49.97
N PHE M 41 -26.23 -59.11 -48.89
CA PHE M 41 -24.83 -59.04 -48.52
C PHE M 41 -24.37 -60.36 -47.90
N LEU M 42 -25.21 -60.97 -47.08
CA LEU M 42 -24.96 -62.29 -46.51
C LEU M 42 -24.95 -63.35 -47.63
N LYS M 43 -25.85 -63.20 -48.61
CA LYS M 43 -25.95 -64.10 -49.78
C LYS M 43 -24.66 -64.13 -50.57
N PHE M 44 -24.16 -62.96 -50.96
CA PHE M 44 -22.94 -62.89 -51.76
C PHE M 44 -21.70 -62.92 -50.89
N GLY M 45 -21.88 -62.82 -49.57
CA GLY M 45 -20.77 -62.95 -48.63
C GLY M 45 -20.11 -61.64 -48.21
N MET M 46 -19.70 -60.84 -49.19
CA MET M 46 -19.00 -59.57 -48.94
C MET M 46 -19.63 -58.71 -47.84
N THR M 47 -18.80 -58.22 -46.93
CA THR M 47 -19.27 -57.39 -45.81
C THR M 47 -19.02 -55.91 -46.14
N PRO M 48 -19.88 -55.00 -45.63
CA PRO M 48 -19.92 -53.60 -46.06
C PRO M 48 -18.70 -52.83 -45.57
N SER M 49 -18.60 -51.54 -45.92
CA SER M 49 -17.47 -50.69 -45.49
C SER M 49 -17.82 -49.72 -44.37
N LYS M 50 -16.85 -49.45 -43.49
CA LYS M 50 -17.05 -48.63 -42.29
C LYS M 50 -17.28 -47.15 -42.59
N GLY M 51 -16.77 -46.70 -43.71
CA GLY M 51 -16.69 -45.27 -43.97
C GLY M 51 -16.13 -44.85 -45.31
N VAL M 52 -16.05 -43.56 -45.50
CA VAL M 52 -15.87 -42.99 -46.78
C VAL M 52 -15.12 -41.73 -46.57
N LEU M 53 -14.27 -41.36 -47.51
CA LEU M 53 -13.65 -40.07 -47.48
C LEU M 53 -14.04 -39.29 -48.71
N PHE M 54 -14.72 -38.17 -48.57
CA PHE M 54 -14.89 -37.25 -49.69
C PHE M 54 -13.73 -36.27 -49.71
N TYR M 55 -13.11 -36.10 -50.87
CA TYR M 55 -12.14 -35.00 -51.05
C TYR M 55 -12.52 -34.25 -52.28
N GLY M 56 -12.07 -33.00 -52.34
CA GLY M 56 -12.49 -32.14 -53.44
C GLY M 56 -12.29 -30.69 -53.11
N PRO M 57 -12.46 -29.79 -54.09
CA PRO M 57 -12.46 -28.37 -53.75
C PRO M 57 -13.66 -28.08 -52.87
N PRO M 58 -13.58 -26.92 -52.18
CA PRO M 58 -14.52 -26.39 -51.16
C PRO M 58 -15.78 -25.85 -51.79
N GLY M 59 -16.93 -26.22 -51.27
CA GLY M 59 -18.19 -25.63 -51.73
C GLY M 59 -18.78 -26.46 -52.84
N CYS M 60 -18.69 -27.77 -52.71
CA CYS M 60 -19.13 -28.58 -53.82
C CYS M 60 -20.08 -29.61 -53.35
N GLY M 61 -20.44 -29.53 -52.07
CA GLY M 61 -21.47 -30.42 -51.52
C GLY M 61 -20.97 -31.62 -50.74
N LYS M 62 -19.73 -31.57 -50.27
CA LYS M 62 -19.21 -32.59 -49.34
C LYS M 62 -20.08 -32.74 -48.08
N THR M 63 -20.49 -31.62 -47.52
CA THR M 63 -21.43 -31.64 -46.43
C THR M 63 -22.88 -32.02 -46.81
N LEU M 64 -23.41 -31.50 -47.91
CA LEU M 64 -24.76 -31.86 -48.26
C LEU M 64 -24.85 -33.35 -48.41
N LEU M 65 -23.81 -33.92 -49.00
CA LEU M 65 -23.85 -35.31 -49.27
C LEU M 65 -23.84 -36.05 -47.95
N ALA M 66 -23.05 -35.58 -46.98
CA ALA M 66 -22.95 -36.40 -45.77
C ALA M 66 -24.31 -36.33 -45.05
N LYS M 67 -25.00 -35.21 -45.20
CA LYS M 67 -26.22 -35.04 -44.48
C LYS M 67 -27.36 -35.67 -45.21
N ALA M 68 -27.51 -35.36 -46.49
CA ALA M 68 -28.53 -36.04 -47.25
C ALA M 68 -28.49 -37.56 -47.03
N ILE M 69 -27.32 -38.20 -47.13
CA ILE M 69 -27.29 -39.63 -46.97
C ILE M 69 -27.80 -40.02 -45.61
N ALA M 70 -27.44 -39.28 -44.56
CA ALA M 70 -27.98 -39.58 -43.24
C ALA M 70 -29.47 -39.45 -43.21
N ASN M 71 -29.96 -38.39 -43.81
CA ASN M 71 -31.38 -38.16 -43.81
C ASN M 71 -32.17 -39.18 -44.60
N GLU M 72 -31.62 -39.65 -45.70
CA GLU M 72 -32.23 -40.65 -46.55
C GLU M 72 -32.36 -41.89 -45.72
N CYS M 73 -31.29 -42.30 -45.06
CA CYS M 73 -31.37 -43.45 -44.19
C CYS M 73 -32.15 -43.20 -42.94
N GLN M 74 -32.79 -42.05 -42.86
CA GLN M 74 -33.49 -41.66 -41.64
C GLN M 74 -32.59 -41.88 -40.41
N ALA M 75 -31.35 -41.40 -40.45
CA ALA M 75 -30.42 -41.65 -39.35
C ALA M 75 -29.97 -40.35 -38.74
N ASN M 76 -29.29 -40.49 -37.62
CA ASN M 76 -28.80 -39.36 -36.88
C ASN M 76 -27.52 -38.90 -37.49
N PHE M 77 -27.18 -37.67 -37.23
CA PHE M 77 -26.04 -37.10 -37.88
C PHE M 77 -25.19 -36.36 -36.87
N ILE M 78 -23.93 -36.74 -36.69
CA ILE M 78 -23.06 -35.93 -35.83
C ILE M 78 -22.00 -35.27 -36.71
N SER M 79 -21.74 -34.00 -36.48
CA SER M 79 -20.82 -33.28 -37.29
C SER M 79 -19.71 -32.75 -36.41
N ILE M 80 -18.50 -33.26 -36.57
CA ILE M 80 -17.32 -32.68 -35.90
C ILE M 80 -16.53 -31.89 -36.94
N LYS M 81 -16.35 -30.59 -36.71
CA LYS M 81 -15.66 -29.78 -37.70
C LYS M 81 -14.22 -29.50 -37.34
N GLY M 82 -13.57 -28.68 -38.16
CA GLY M 82 -12.16 -28.40 -38.00
C GLY M 82 -11.80 -27.85 -36.63
N PRO M 83 -12.46 -26.75 -36.25
CA PRO M 83 -12.09 -26.10 -34.98
C PRO M 83 -12.24 -27.03 -33.82
N GLU M 84 -13.18 -27.96 -33.88
CA GLU M 84 -13.37 -28.88 -32.77
C GLU M 84 -12.17 -29.83 -32.61
N LEU M 85 -11.76 -30.41 -33.76
CA LEU M 85 -10.49 -31.19 -33.82
C LEU M 85 -9.35 -30.38 -33.24
N LEU M 86 -9.20 -29.16 -33.74
CA LEU M 86 -8.08 -28.37 -33.37
C LEU M 86 -8.11 -28.07 -31.88
N THR M 87 -9.30 -27.88 -31.31
CA THR M 87 -9.39 -27.62 -29.86
C THR M 87 -8.74 -28.78 -29.13
N MET M 88 -9.07 -30.02 -29.56
CA MET M 88 -8.48 -31.20 -28.94
C MET M 88 -7.00 -31.27 -29.24
N TRP M 89 -6.61 -30.67 -30.36
CA TRP M 89 -5.23 -30.75 -30.62
C TRP M 89 -4.43 -29.77 -29.77
N PHE M 90 -4.78 -28.46 -29.80
CA PHE M 90 -4.20 -27.47 -28.96
C PHE M 90 -4.25 -27.84 -27.45
N GLY M 91 -5.44 -28.24 -26.97
CA GLY M 91 -5.60 -28.58 -25.55
C GLY M 91 -5.13 -29.96 -25.16
N GLU M 92 -4.61 -30.72 -26.10
CA GLU M 92 -4.15 -32.06 -25.81
C GLU M 92 -5.22 -32.97 -25.24
N SER M 93 -6.45 -32.76 -25.64
CA SER M 93 -7.53 -33.47 -25.02
C SER M 93 -8.19 -34.44 -25.96
N GLU M 94 -7.40 -35.30 -26.58
CA GLU M 94 -7.94 -36.11 -27.68
C GLU M 94 -8.75 -37.25 -27.14
N ALA M 95 -8.65 -37.44 -25.84
CA ALA M 95 -9.48 -38.40 -25.17
C ALA M 95 -10.96 -38.15 -25.44
N ASN M 96 -11.36 -36.92 -25.68
CA ASN M 96 -12.75 -36.65 -26.03
C ASN M 96 -13.23 -37.31 -27.28
N VAL M 97 -12.32 -37.86 -28.07
CA VAL M 97 -12.71 -38.47 -29.32
C VAL M 97 -13.54 -39.69 -28.97
N ARG M 98 -13.08 -40.38 -27.94
CA ARG M 98 -13.81 -41.45 -27.31
C ARG M 98 -15.25 -41.03 -27.05
N GLU M 99 -15.42 -39.90 -26.37
CA GLU M 99 -16.73 -39.36 -26.03
C GLU M 99 -17.56 -39.17 -27.30
N ILE M 100 -16.99 -38.53 -28.29
CA ILE M 100 -17.69 -38.39 -29.56
C ILE M 100 -18.16 -39.73 -30.09
N PHE M 101 -17.31 -40.73 -30.06
CA PHE M 101 -17.68 -42.04 -30.61
C PHE M 101 -18.79 -42.72 -29.79
N ASP M 102 -18.71 -42.57 -28.46
CA ASP M 102 -19.76 -43.01 -27.57
C ASP M 102 -21.08 -42.44 -28.01
N LYS M 103 -21.21 -41.12 -27.96
CA LYS M 103 -22.40 -40.43 -28.40
C LYS M 103 -22.93 -40.82 -29.79
N ALA M 104 -22.09 -41.34 -30.68
CA ALA M 104 -22.53 -41.76 -32.01
C ALA M 104 -23.02 -43.16 -31.91
N ARG M 105 -22.36 -43.95 -31.08
CA ARG M 105 -22.70 -45.35 -30.91
C ARG M 105 -24.08 -45.41 -30.28
N GLN M 106 -24.27 -44.57 -29.28
CA GLN M 106 -25.49 -44.52 -28.49
C GLN M 106 -26.60 -43.92 -29.35
N ALA M 107 -26.26 -43.04 -30.31
CA ALA M 107 -27.24 -42.47 -31.23
C ALA M 107 -27.46 -43.28 -32.52
N ALA M 108 -26.93 -44.52 -32.55
CA ALA M 108 -27.04 -45.40 -33.72
C ALA M 108 -28.50 -45.69 -34.08
N PRO M 109 -28.85 -45.67 -35.38
CA PRO M 109 -28.05 -45.50 -36.59
C PRO M 109 -27.65 -44.05 -36.84
N CYS M 110 -26.39 -43.86 -37.16
CA CYS M 110 -25.75 -42.54 -37.10
C CYS M 110 -24.69 -42.40 -38.14
N VAL M 111 -24.73 -41.33 -38.92
CA VAL M 111 -23.52 -40.97 -39.63
C VAL M 111 -22.79 -39.91 -38.86
N LEU M 112 -21.57 -40.31 -38.45
CA LEU M 112 -20.58 -39.47 -37.78
C LEU M 112 -19.69 -38.86 -38.85
N PHE M 113 -19.61 -37.54 -38.90
CA PHE M 113 -19.02 -36.89 -40.05
C PHE M 113 -17.93 -35.91 -39.68
N PHE M 114 -16.68 -36.30 -39.95
CA PHE M 114 -15.51 -35.42 -39.62
C PHE M 114 -15.21 -34.53 -40.77
N ASP M 115 -15.68 -33.30 -40.69
CA ASP M 115 -15.36 -32.38 -41.75
C ASP M 115 -13.99 -31.71 -41.50
N GLU M 116 -13.40 -31.13 -42.53
CA GLU M 116 -12.11 -30.41 -42.41
C GLU M 116 -11.05 -31.29 -41.75
N LEU M 117 -11.07 -32.59 -42.04
CA LEU M 117 -10.04 -33.53 -41.57
C LEU M 117 -8.56 -33.13 -41.59
N ASP M 118 -8.21 -32.19 -42.44
CA ASP M 118 -6.83 -31.83 -42.70
C ASP M 118 -6.35 -30.68 -41.80
N SER M 119 -7.23 -30.25 -40.91
CA SER M 119 -7.04 -28.96 -40.29
C SER M 119 -5.88 -28.96 -39.26
N ILE M 120 -5.60 -30.11 -38.67
CA ILE M 120 -4.46 -30.18 -37.83
C ILE M 120 -3.23 -30.12 -38.68
N ALA M 121 -3.23 -30.82 -39.80
CA ALA M 121 -2.04 -30.87 -40.70
C ALA M 121 -1.67 -29.43 -41.03
N LYS M 122 -2.64 -28.71 -41.61
CA LYS M 122 -2.56 -27.30 -41.90
C LYS M 122 -1.98 -26.58 -40.71
N ALA M 123 -2.57 -26.76 -39.54
CA ALA M 123 -2.15 -26.07 -38.30
C ALA M 123 -0.71 -26.32 -37.90
N ARG M 124 -0.18 -27.46 -38.24
CA ARG M 124 1.22 -27.62 -37.91
C ARG M 124 2.20 -27.30 -39.06
N GLY M 125 1.72 -26.71 -40.15
CA GLY M 125 2.63 -26.29 -41.24
C GLY M 125 2.15 -26.74 -42.60
N GLY M 126 1.36 -27.83 -42.62
CA GLY M 126 0.72 -28.33 -43.83
C GLY M 126 1.66 -28.85 -44.91
N ASN M 127 1.54 -28.26 -46.10
CA ASN M 127 2.39 -28.55 -47.26
C ASN M 127 3.88 -28.79 -46.87
N ILE M 128 4.51 -27.83 -46.17
CA ILE M 128 5.90 -27.97 -45.61
C ILE M 128 6.00 -28.72 -44.26
N GLY M 129 5.35 -28.20 -43.22
CA GLY M 129 5.18 -28.94 -41.97
C GLY M 129 6.18 -28.66 -40.87
N ASP M 130 6.13 -29.51 -39.85
CA ASP M 130 7.10 -29.54 -38.74
C ASP M 130 8.01 -30.78 -38.89
N GLY M 131 8.60 -31.27 -37.79
CA GLY M 131 9.53 -32.42 -37.82
C GLY M 131 8.95 -33.78 -38.25
N GLY M 132 7.93 -34.24 -37.54
CA GLY M 132 7.45 -35.59 -37.71
C GLY M 132 6.59 -35.91 -38.91
N GLY M 133 6.00 -37.10 -38.87
CA GLY M 133 5.20 -37.65 -39.95
C GLY M 133 3.75 -37.31 -39.89
N ALA M 134 2.94 -37.94 -40.72
CA ALA M 134 1.56 -37.47 -40.90
C ALA M 134 0.68 -37.63 -39.64
N ALA M 135 1.02 -38.61 -38.81
CA ALA M 135 0.38 -38.86 -37.54
C ALA M 135 0.28 -37.63 -36.63
N ASP M 136 -0.84 -37.52 -35.93
CA ASP M 136 -1.05 -36.49 -34.94
C ASP M 136 -1.98 -37.10 -33.90
N ARG M 137 -1.90 -36.62 -32.65
CA ARG M 137 -2.60 -37.26 -31.53
C ARG M 137 -4.11 -37.47 -31.73
N VAL M 138 -4.77 -36.44 -32.27
CA VAL M 138 -6.21 -36.41 -32.46
C VAL M 138 -6.62 -37.34 -33.55
N ILE M 139 -6.05 -37.22 -34.75
CA ILE M 139 -6.55 -38.06 -35.85
C ILE M 139 -6.24 -39.46 -35.43
N ASN M 140 -5.11 -39.61 -34.73
CA ASN M 140 -4.74 -40.96 -34.38
C ASN M 140 -5.80 -41.65 -33.51
N GLN M 141 -6.30 -40.87 -32.55
CA GLN M 141 -7.38 -41.29 -31.71
C GLN M 141 -8.59 -41.68 -32.58
N ILE M 142 -8.99 -40.83 -33.52
CA ILE M 142 -10.08 -41.15 -34.38
C ILE M 142 -9.87 -42.53 -34.94
N LEU M 143 -8.63 -42.81 -35.37
CA LEU M 143 -8.38 -44.10 -36.02
C LEU M 143 -8.50 -45.27 -35.08
N THR M 144 -8.05 -45.16 -33.82
CA THR M 144 -8.30 -46.20 -32.81
C THR M 144 -9.79 -46.31 -32.60
N GLU M 145 -10.42 -45.19 -32.26
CA GLU M 145 -11.82 -45.23 -32.02
C GLU M 145 -12.55 -45.85 -33.17
N MET M 146 -11.85 -46.23 -34.22
CA MET M 146 -12.53 -46.65 -35.39
C MET M 146 -12.16 -48.05 -35.60
N ASP M 147 -11.03 -48.41 -35.04
CA ASP M 147 -10.58 -49.78 -35.11
C ASP M 147 -11.34 -50.56 -34.10
N GLY M 148 -11.46 -49.97 -32.90
CA GLY M 148 -12.23 -50.56 -31.79
C GLY M 148 -13.74 -50.54 -31.94
N MET M 149 -14.25 -49.78 -32.90
CA MET M 149 -15.67 -49.61 -33.05
C MET M 149 -16.14 -50.73 -33.91
N SER M 150 -16.76 -51.71 -33.28
CA SER M 150 -17.31 -52.86 -33.99
C SER M 150 -18.12 -52.51 -35.24
N THR M 151 -17.76 -53.15 -36.33
CA THR M 151 -18.43 -53.01 -37.60
C THR M 151 -19.94 -53.14 -37.48
N LYS M 152 -20.35 -53.92 -36.48
CA LYS M 152 -21.73 -54.35 -36.30
C LYS M 152 -22.64 -53.41 -35.47
N LYS M 153 -22.12 -52.26 -35.02
CA LYS M 153 -22.98 -51.20 -34.51
C LYS M 153 -23.58 -50.54 -35.73
N ASN M 154 -24.19 -49.39 -35.59
CA ASN M 154 -24.77 -48.85 -36.79
C ASN M 154 -24.26 -47.45 -37.12
N VAL M 155 -22.96 -47.27 -36.91
CA VAL M 155 -22.34 -45.97 -37.09
C VAL M 155 -21.53 -45.95 -38.39
N PHE M 156 -21.86 -45.01 -39.27
CA PHE M 156 -21.13 -44.83 -40.48
C PHE M 156 -20.30 -43.54 -40.43
N ILE M 157 -19.00 -43.65 -40.67
CA ILE M 157 -18.13 -42.50 -40.60
C ILE M 157 -17.83 -41.89 -41.96
N ILE M 158 -17.87 -40.59 -42.07
CA ILE M 158 -17.54 -39.95 -43.30
C ILE M 158 -16.57 -38.81 -42.99
N GLY M 159 -15.44 -38.81 -43.70
CA GLY M 159 -14.48 -37.70 -43.61
C GLY M 159 -14.56 -36.84 -44.85
N ALA M 160 -14.19 -35.59 -44.71
CA ALA M 160 -14.18 -34.70 -45.87
C ALA M 160 -12.96 -33.84 -45.73
N THR M 161 -12.36 -33.50 -46.86
CA THR M 161 -11.15 -32.71 -46.81
C THR M 161 -10.98 -32.07 -48.13
N ASN M 162 -10.49 -30.85 -48.11
CA ASN M 162 -10.07 -30.34 -49.40
C ASN M 162 -8.52 -30.22 -49.57
N ARG M 163 -7.79 -30.97 -48.74
CA ARG M 163 -6.37 -31.01 -48.89
C ARG M 163 -5.96 -32.40 -48.59
N PRO M 164 -6.37 -33.30 -49.48
CA PRO M 164 -6.10 -34.75 -49.26
C PRO M 164 -4.61 -35.00 -49.28
N ASP M 165 -3.84 -34.26 -50.08
CA ASP M 165 -2.39 -34.39 -49.96
C ASP M 165 -1.86 -34.42 -48.53
N ILE M 166 -2.52 -33.77 -47.58
CA ILE M 166 -1.88 -33.67 -46.25
C ILE M 166 -2.50 -34.56 -45.21
N ILE M 167 -3.63 -35.13 -45.53
CA ILE M 167 -4.29 -36.20 -44.75
C ILE M 167 -3.30 -37.35 -44.38
N ASP M 168 -3.30 -37.82 -43.15
CA ASP M 168 -2.52 -39.05 -42.88
C ASP M 168 -3.03 -40.28 -43.64
N PRO M 169 -2.18 -40.91 -44.48
CA PRO M 169 -2.48 -42.15 -45.25
C PRO M 169 -3.17 -43.28 -44.46
N ALA M 170 -2.78 -43.47 -43.19
CA ALA M 170 -3.42 -44.47 -42.35
C ALA M 170 -4.98 -44.38 -42.39
N ILE M 171 -5.53 -43.19 -42.66
CA ILE M 171 -6.98 -43.03 -42.67
C ILE M 171 -7.53 -43.90 -43.76
N LEU M 172 -6.72 -44.14 -44.79
CA LEU M 172 -7.20 -44.83 -45.99
C LEU M 172 -7.07 -46.35 -45.99
N ARG M 173 -6.21 -46.92 -45.14
CA ARG M 173 -6.09 -48.38 -45.02
C ARG M 173 -7.45 -49.08 -44.88
N PRO M 174 -7.53 -50.36 -45.32
CA PRO M 174 -8.70 -51.22 -45.12
C PRO M 174 -9.25 -51.20 -43.70
N GLY M 175 -10.58 -51.16 -43.59
CA GLY M 175 -11.24 -51.15 -42.30
C GLY M 175 -11.42 -49.76 -41.74
N ARG M 176 -11.07 -48.76 -42.52
CA ARG M 176 -11.17 -47.36 -42.09
C ARG M 176 -11.95 -46.58 -43.12
N LEU M 177 -11.42 -45.45 -43.58
CA LEU M 177 -12.08 -44.78 -44.66
C LEU M 177 -11.52 -45.32 -45.98
N ASP M 178 -12.13 -46.42 -46.43
CA ASP M 178 -11.71 -47.17 -47.59
C ASP M 178 -12.16 -46.48 -48.83
N GLN M 179 -13.36 -45.93 -48.83
CA GLN M 179 -13.88 -45.44 -50.07
C GLN M 179 -13.49 -44.03 -50.26
N LEU M 180 -12.48 -43.79 -51.09
CA LEU M 180 -12.17 -42.43 -51.57
C LEU M 180 -13.25 -42.02 -52.56
N ILE M 181 -13.82 -40.85 -52.41
CA ILE M 181 -14.74 -40.29 -53.41
C ILE M 181 -14.41 -38.82 -53.73
N TYR M 182 -14.18 -38.53 -55.00
CA TYR M 182 -13.87 -37.20 -55.43
C TYR M 182 -15.16 -36.41 -55.72
N ILE M 183 -15.36 -35.31 -55.01
CA ILE M 183 -16.46 -34.41 -55.35
C ILE M 183 -15.84 -33.22 -56.00
N PRO M 184 -15.96 -33.20 -57.33
CA PRO M 184 -15.28 -32.27 -58.24
C PRO M 184 -16.07 -30.96 -58.32
N LEU M 185 -15.52 -29.92 -58.95
CA LEU M 185 -16.32 -28.75 -59.33
C LEU M 185 -17.50 -29.15 -60.17
N PRO M 186 -18.62 -28.43 -60.06
CA PRO M 186 -19.79 -28.80 -60.89
C PRO M 186 -19.56 -28.47 -62.36
N ASP M 187 -19.96 -29.38 -63.24
CA ASP M 187 -19.88 -29.13 -64.67
C ASP M 187 -21.07 -28.34 -65.23
N GLU M 188 -21.01 -28.13 -66.53
CA GLU M 188 -22.04 -27.52 -67.36
C GLU M 188 -23.48 -27.81 -66.90
N LYS M 189 -23.88 -29.08 -66.98
CA LYS M 189 -25.23 -29.54 -66.60
C LYS M 189 -25.49 -29.36 -65.14
N SER M 190 -24.54 -29.83 -64.34
CA SER M 190 -24.63 -29.78 -62.90
C SER M 190 -24.91 -28.38 -62.39
N ARG M 191 -24.23 -27.36 -62.92
CA ARG M 191 -24.50 -26.01 -62.47
C ARG M 191 -26.00 -25.67 -62.62
N VAL M 192 -26.62 -26.12 -63.70
CA VAL M 192 -28.07 -25.91 -63.83
C VAL M 192 -28.78 -26.54 -62.64
N ALA M 193 -28.55 -27.83 -62.41
CA ALA M 193 -29.19 -28.55 -61.30
C ALA M 193 -29.01 -27.79 -60.00
N ILE M 194 -27.78 -27.36 -59.77
CA ILE M 194 -27.44 -26.69 -58.53
C ILE M 194 -28.25 -25.42 -58.40
N LEU M 195 -28.50 -24.73 -59.50
CA LEU M 195 -29.28 -23.50 -59.39
C LEU M 195 -30.72 -23.83 -59.07
N LYS M 196 -31.24 -24.84 -59.76
CA LYS M 196 -32.61 -25.29 -59.53
C LYS M 196 -32.78 -25.73 -58.11
N ALA M 197 -31.90 -26.62 -57.65
CA ALA M 197 -31.92 -27.07 -56.26
C ALA M 197 -31.90 -25.89 -55.27
N ASN M 198 -31.09 -24.89 -55.55
CA ASN M 198 -30.93 -23.76 -54.66
C ASN M 198 -32.13 -22.84 -54.72
N LEU M 199 -32.95 -22.99 -55.74
CA LEU M 199 -34.06 -22.09 -55.88
C LEU M 199 -35.40 -22.81 -55.69
N ARG M 200 -35.33 -24.14 -55.47
CA ARG M 200 -36.51 -24.98 -55.23
C ARG M 200 -37.57 -24.33 -54.38
N LYS M 201 -37.18 -23.71 -53.29
CA LYS M 201 -38.14 -23.09 -52.38
C LYS M 201 -38.15 -21.59 -52.56
N SER M 202 -38.17 -21.14 -53.82
CA SER M 202 -38.13 -19.70 -54.19
C SER M 202 -39.04 -19.29 -55.36
N PRO M 203 -39.56 -18.05 -55.33
CA PRO M 203 -40.39 -17.52 -56.41
C PRO M 203 -39.53 -17.00 -57.55
N VAL M 204 -39.06 -17.94 -58.36
CA VAL M 204 -38.25 -17.61 -59.55
C VAL M 204 -39.13 -17.09 -60.67
N ALA M 205 -38.85 -15.86 -61.12
CA ALA M 205 -39.53 -15.32 -62.29
C ALA M 205 -39.40 -16.25 -63.49
N LYS M 206 -40.47 -16.35 -64.27
CA LYS M 206 -40.56 -17.32 -65.37
C LYS M 206 -39.49 -17.13 -66.44
N ASP M 207 -39.24 -15.89 -66.82
CA ASP M 207 -38.28 -15.55 -67.88
C ASP M 207 -36.82 -15.96 -67.59
N VAL M 208 -36.39 -15.79 -66.34
CA VAL M 208 -35.00 -16.03 -65.87
C VAL M 208 -34.42 -17.35 -66.38
N ASP M 209 -33.34 -17.26 -67.14
CA ASP M 209 -32.75 -18.41 -67.79
C ASP M 209 -31.52 -18.91 -67.04
N LEU M 210 -31.69 -20.06 -66.38
CA LEU M 210 -30.61 -20.66 -65.59
C LEU M 210 -29.62 -21.44 -66.46
N GLU M 211 -30.15 -22.12 -67.48
CA GLU M 211 -29.34 -22.88 -68.43
C GLU M 211 -28.25 -21.99 -68.98
N PHE M 212 -28.54 -20.68 -69.01
CA PHE M 212 -27.61 -19.68 -69.48
C PHE M 212 -26.61 -19.30 -68.41
N LEU M 213 -27.15 -19.00 -67.22
CA LEU M 213 -26.34 -18.76 -66.03
C LEU M 213 -25.30 -19.85 -65.83
N ALA M 214 -25.74 -21.08 -66.07
CA ALA M 214 -24.84 -22.22 -66.05
C ALA M 214 -23.70 -22.13 -67.09
N LYS M 215 -24.00 -21.62 -68.30
CA LYS M 215 -22.97 -21.40 -69.34
C LYS M 215 -22.06 -20.28 -68.91
N MET M 216 -22.55 -19.35 -68.10
CA MET M 216 -21.75 -18.21 -67.69
C MET M 216 -20.70 -18.44 -66.62
N THR M 217 -20.69 -19.62 -66.04
CA THR M 217 -19.98 -19.89 -64.79
C THR M 217 -19.03 -21.08 -64.96
N ASN M 218 -17.80 -20.98 -64.47
CA ASN M 218 -16.96 -22.16 -64.51
C ASN M 218 -16.33 -22.67 -63.24
N GLY M 219 -15.14 -22.17 -62.92
CA GLY M 219 -14.43 -22.51 -61.67
C GLY M 219 -15.40 -22.23 -60.53
N PHE M 220 -16.68 -22.11 -60.91
CA PHE M 220 -17.76 -21.87 -60.02
C PHE M 220 -18.11 -23.17 -59.37
N SER M 221 -17.98 -23.15 -58.04
CA SER M 221 -18.37 -24.24 -57.20
C SER M 221 -19.80 -23.97 -56.77
N GLY M 222 -20.47 -25.02 -56.28
CA GLY M 222 -21.85 -24.90 -55.77
C GLY M 222 -22.00 -23.71 -54.84
N ALA M 223 -21.09 -23.61 -53.88
CA ALA M 223 -21.03 -22.50 -52.95
C ALA M 223 -21.10 -21.16 -53.73
N ASP M 224 -20.23 -21.00 -54.73
CA ASP M 224 -20.20 -19.80 -55.60
C ASP M 224 -21.57 -19.48 -56.26
N LEU M 225 -22.29 -20.52 -56.61
CA LEU M 225 -23.53 -20.35 -57.32
C LEU M 225 -24.61 -19.94 -56.38
N THR M 226 -24.62 -20.59 -55.22
CA THR M 226 -25.50 -20.22 -54.13
C THR M 226 -25.27 -18.77 -53.77
N GLU M 227 -24.00 -18.36 -53.70
CA GLU M 227 -23.71 -16.98 -53.43
C GLU M 227 -24.44 -16.02 -54.41
N ILE M 228 -24.48 -16.34 -55.70
CA ILE M 228 -25.21 -15.54 -56.68
C ILE M 228 -26.69 -15.42 -56.33
N CYS M 229 -27.39 -16.53 -56.25
CA CYS M 229 -28.80 -16.55 -55.85
C CYS M 229 -29.08 -15.68 -54.66
N GLN M 230 -28.34 -15.91 -53.59
CA GLN M 230 -28.49 -15.06 -52.44
C GLN M 230 -28.41 -13.57 -52.77
N ARG M 231 -27.44 -13.14 -53.58
CA ARG M 231 -27.33 -11.69 -53.90
C ARG M 231 -28.59 -11.30 -54.66
N ALA M 232 -29.08 -12.20 -55.50
CA ALA M 232 -30.29 -11.92 -56.25
C ALA M 232 -31.47 -11.73 -55.33
N CYS M 233 -31.67 -12.66 -54.39
CA CYS M 233 -32.69 -12.49 -53.34
C CYS M 233 -32.56 -11.19 -52.59
N LYS M 234 -31.40 -10.99 -51.98
CA LYS M 234 -31.11 -9.78 -51.19
C LYS M 234 -31.49 -8.55 -52.01
N LEU M 235 -31.36 -8.64 -53.35
CA LEU M 235 -31.72 -7.54 -54.25
C LEU M 235 -33.22 -7.41 -54.39
N ALA M 236 -33.91 -8.55 -54.54
CA ALA M 236 -35.37 -8.62 -54.58
C ALA M 236 -36.04 -8.17 -53.29
N ILE M 237 -35.57 -8.67 -52.15
CA ILE M 237 -36.01 -8.17 -50.84
C ILE M 237 -35.83 -6.66 -50.65
N ARG M 238 -34.61 -6.15 -50.84
CA ARG M 238 -34.31 -4.71 -50.76
C ARG M 238 -35.13 -3.97 -51.80
N GLU M 239 -35.41 -4.63 -52.93
CA GLU M 239 -36.21 -4.06 -54.00
C GLU M 239 -37.71 -4.09 -53.64
N SER M 240 -38.10 -5.09 -52.86
CA SER M 240 -39.46 -5.19 -52.36
C SER M 240 -39.71 -4.16 -51.25
N ILE M 241 -39.09 -4.36 -50.09
CA ILE M 241 -39.19 -3.42 -48.95
C ILE M 241 -39.08 -1.95 -49.38
N GLU M 242 -38.34 -1.71 -50.46
CA GLU M 242 -38.20 -0.37 -51.03
C GLU M 242 -39.55 0.19 -51.47
N SER M 243 -40.26 -0.55 -52.32
CA SER M 243 -41.50 -0.06 -52.94
C SER M 243 -42.61 0.36 -51.97
N GLU M 244 -42.83 -0.42 -50.91
CA GLU M 244 -43.86 -0.10 -49.92
C GLU M 244 -43.59 1.22 -49.21
N ILE M 245 -42.44 1.29 -48.53
CA ILE M 245 -42.08 2.43 -47.70
C ILE M 245 -41.61 3.62 -48.55
N VAL M 266 -45.89 -7.79 -55.23
CA VAL M 266 -44.72 -7.38 -56.02
C VAL M 266 -43.47 -8.29 -55.86
N PRO M 267 -43.56 -9.44 -55.11
CA PRO M 267 -42.37 -10.30 -54.86
C PRO M 267 -42.16 -11.59 -55.72
N GLU M 268 -41.34 -11.49 -56.76
CA GLU M 268 -40.88 -12.65 -57.55
C GLU M 268 -39.48 -12.31 -58.02
N ILE M 269 -38.52 -13.14 -57.65
CA ILE M 269 -37.11 -12.87 -57.94
C ILE M 269 -36.87 -12.97 -59.45
N ARG M 270 -36.55 -11.84 -60.08
CA ARG M 270 -36.58 -11.72 -61.54
C ARG M 270 -35.26 -11.37 -62.25
N ARG M 271 -35.29 -11.44 -63.57
CA ARG M 271 -34.14 -11.30 -64.44
C ARG M 271 -33.08 -10.32 -64.01
N ASP M 272 -33.45 -9.05 -63.94
CA ASP M 272 -32.53 -7.95 -63.66
C ASP M 272 -31.86 -8.05 -62.28
N HIS M 273 -32.49 -8.81 -61.38
CA HIS M 273 -31.90 -9.09 -60.09
C HIS M 273 -30.75 -10.03 -60.24
N PHE M 274 -30.96 -11.12 -60.96
CA PHE M 274 -29.88 -12.01 -61.30
C PHE M 274 -28.80 -11.30 -62.08
N GLU M 275 -29.20 -10.49 -63.05
CA GLU M 275 -28.23 -9.70 -63.83
C GLU M 275 -27.36 -8.88 -62.89
N GLU M 276 -27.97 -8.07 -62.03
CA GLU M 276 -27.18 -7.25 -61.13
C GLU M 276 -26.43 -8.05 -60.06
N ALA M 277 -26.94 -9.23 -59.73
CA ALA M 277 -26.23 -10.12 -58.80
C ALA M 277 -24.96 -10.66 -59.43
N MET M 278 -25.01 -10.86 -60.74
CA MET M 278 -23.89 -11.37 -61.50
C MET M 278 -22.73 -10.43 -61.55
N ARG M 279 -23.00 -9.14 -61.31
CA ARG M 279 -21.96 -8.10 -61.29
C ARG M 279 -20.94 -8.29 -60.15
N PHE M 280 -21.21 -9.23 -59.24
CA PHE M 280 -20.34 -9.55 -58.11
C PHE M 280 -20.08 -11.07 -57.99
N ALA M 281 -20.02 -11.80 -59.09
CA ALA M 281 -19.81 -13.24 -59.01
C ALA M 281 -18.30 -13.49 -58.90
N ARG M 282 -17.90 -14.28 -57.91
CA ARG M 282 -16.50 -14.63 -57.74
C ARG M 282 -16.34 -16.09 -58.14
N ARG M 283 -15.11 -16.57 -58.11
CA ARG M 283 -14.88 -17.99 -58.20
C ARG M 283 -14.02 -18.32 -57.01
N SER M 284 -14.50 -19.19 -56.13
CA SER M 284 -13.71 -19.52 -54.97
C SER M 284 -12.46 -20.32 -55.38
N VAL M 285 -12.61 -21.24 -56.33
CA VAL M 285 -11.49 -22.10 -56.70
C VAL M 285 -10.78 -21.52 -57.89
N SER M 286 -9.47 -21.36 -57.77
CA SER M 286 -8.65 -20.97 -58.91
C SER M 286 -8.16 -22.21 -59.68
N ASP M 287 -7.94 -22.01 -60.97
CA ASP M 287 -7.39 -23.02 -61.88
C ASP M 287 -6.19 -23.84 -61.35
N ASN M 288 -5.21 -23.19 -60.72
CA ASN M 288 -4.06 -23.90 -60.09
C ASN M 288 -4.57 -24.94 -59.14
N ASP M 289 -5.39 -24.51 -58.18
CA ASP M 289 -6.03 -25.43 -57.24
C ASP M 289 -6.76 -26.55 -57.94
N ILE M 290 -7.60 -26.19 -58.88
CA ILE M 290 -8.33 -27.20 -59.63
C ILE M 290 -7.36 -28.24 -60.17
N ARG M 291 -6.35 -27.77 -60.91
CA ARG M 291 -5.28 -28.62 -61.42
C ARG M 291 -4.76 -29.54 -60.33
N LYS M 292 -4.36 -28.93 -59.20
CA LYS M 292 -3.93 -29.69 -58.06
C LYS M 292 -4.90 -30.78 -57.69
N TYR M 293 -6.23 -30.56 -57.73
CA TYR M 293 -7.11 -31.68 -57.36
C TYR M 293 -7.01 -32.85 -58.32
N GLU M 294 -6.81 -32.56 -59.59
CA GLU M 294 -6.77 -33.58 -60.60
C GLU M 294 -5.56 -34.45 -60.36
N MET M 295 -4.46 -33.82 -59.93
CA MET M 295 -3.23 -34.55 -59.57
C MET M 295 -3.57 -35.49 -58.43
N PHE M 296 -4.13 -34.93 -57.35
CA PHE M 296 -4.54 -35.67 -56.18
C PHE M 296 -5.46 -36.76 -56.71
N ALA M 297 -6.46 -36.36 -57.50
CA ALA M 297 -7.49 -37.28 -58.03
C ALA M 297 -6.96 -38.40 -58.92
N GLN M 298 -5.82 -38.16 -59.57
CA GLN M 298 -5.20 -39.18 -60.41
C GLN M 298 -4.59 -40.34 -59.61
N THR M 299 -3.58 -40.05 -58.78
CA THR M 299 -3.00 -41.08 -57.91
C THR M 299 -4.04 -41.67 -56.96
N LEU M 300 -4.76 -40.78 -56.25
CA LEU M 300 -5.75 -41.18 -55.24
C LEU M 300 -6.85 -42.12 -55.81
N GLN M 301 -7.20 -41.97 -57.10
CA GLN M 301 -8.17 -42.88 -57.76
C GLN M 301 -7.48 -43.81 -58.76
N ALA N 1 -4.32 -42.50 -22.41
CA ALA N 1 -5.66 -42.78 -22.99
C ALA N 1 -5.80 -44.18 -23.66
N LEU N 2 -5.04 -45.22 -23.23
CA LEU N 2 -4.90 -46.51 -23.99
C LEU N 2 -6.20 -47.30 -24.22
N ARG N 3 -6.47 -47.66 -25.49
CA ARG N 3 -7.61 -48.47 -25.91
C ARG N 3 -7.69 -49.79 -25.10
N GLU N 4 -8.83 -50.50 -25.16
CA GLU N 4 -9.04 -51.76 -24.40
C GLU N 4 -8.55 -53.04 -25.10
N THR N 5 -7.74 -53.84 -24.41
CA THR N 5 -7.09 -55.01 -25.00
C THR N 5 -8.07 -56.15 -25.21
N VAL N 6 -8.28 -56.54 -26.46
CA VAL N 6 -9.34 -57.47 -26.82
C VAL N 6 -8.81 -58.82 -27.25
N VAL N 7 -8.97 -59.83 -26.40
CA VAL N 7 -8.69 -61.21 -26.81
C VAL N 7 -9.83 -61.68 -27.70
N GLU N 8 -9.55 -62.60 -28.62
CA GLU N 8 -10.55 -63.03 -29.60
C GLU N 8 -10.11 -64.37 -30.16
N VAL N 9 -11.03 -65.07 -30.82
CA VAL N 9 -10.63 -66.29 -31.49
C VAL N 9 -10.62 -65.98 -32.96
N PRO N 10 -9.49 -66.23 -33.58
CA PRO N 10 -9.27 -65.89 -34.97
C PRO N 10 -10.26 -66.60 -35.84
N GLN N 11 -11.03 -65.79 -36.55
CA GLN N 11 -12.08 -66.22 -37.46
C GLN N 11 -11.53 -66.94 -38.72
N VAL N 12 -10.30 -66.62 -39.12
CA VAL N 12 -9.70 -66.97 -40.43
C VAL N 12 -8.75 -68.17 -40.42
N THR N 13 -8.81 -68.98 -41.46
CA THR N 13 -8.02 -70.21 -41.52
C THR N 13 -7.15 -70.21 -42.75
N TRP N 14 -6.32 -71.25 -42.91
CA TRP N 14 -5.43 -71.35 -44.09
C TRP N 14 -6.15 -71.27 -45.44
N GLU N 15 -7.38 -71.74 -45.50
CA GLU N 15 -8.12 -71.70 -46.74
C GLU N 15 -8.29 -70.29 -47.26
N ASP N 16 -8.34 -69.30 -46.37
CA ASP N 16 -8.59 -67.89 -46.76
C ASP N 16 -7.36 -67.21 -47.27
N ILE N 17 -6.22 -67.90 -47.17
CA ILE N 17 -4.92 -67.36 -47.55
C ILE N 17 -4.45 -67.97 -48.85
N GLY N 18 -4.38 -67.14 -49.88
CA GLY N 18 -3.90 -67.59 -51.18
C GLY N 18 -2.39 -67.68 -51.21
N GLY N 19 -1.87 -68.85 -51.57
CA GLY N 19 -0.43 -69.05 -51.77
C GLY N 19 0.34 -69.13 -50.48
N LEU N 20 1.62 -68.80 -50.52
CA LEU N 20 2.47 -68.75 -49.35
C LEU N 20 2.57 -70.10 -48.70
N GLU N 21 2.58 -71.17 -49.49
CA GLU N 21 2.57 -72.53 -48.92
C GLU N 21 3.77 -72.78 -47.99
N ASP N 22 4.93 -72.44 -48.50
CA ASP N 22 6.19 -72.49 -47.80
C ASP N 22 6.15 -71.91 -46.40
N VAL N 23 5.59 -70.71 -46.25
CA VAL N 23 5.55 -70.03 -44.94
C VAL N 23 4.53 -70.64 -44.00
N LYS N 24 3.39 -71.08 -44.54
CA LYS N 24 2.37 -71.78 -43.79
C LYS N 24 2.99 -72.96 -43.09
N ARG N 25 3.78 -73.69 -43.86
CA ARG N 25 4.46 -74.85 -43.35
C ARG N 25 5.44 -74.41 -42.28
N GLU N 26 6.28 -73.45 -42.63
CA GLU N 26 7.28 -72.93 -41.73
C GLU N 26 6.67 -72.43 -40.44
N LEU N 27 5.53 -71.76 -40.53
CA LEU N 27 4.83 -71.25 -39.36
C LEU N 27 4.37 -72.35 -38.45
N GLN N 28 3.77 -73.39 -39.03
CA GLN N 28 3.37 -74.57 -38.27
C GLN N 28 4.56 -75.16 -37.55
N GLU N 29 5.67 -75.33 -38.26
CA GLU N 29 6.87 -75.85 -37.65
C GLU N 29 7.37 -75.05 -36.44
N LEU N 30 6.94 -73.80 -36.31
CA LEU N 30 7.40 -72.93 -35.25
C LEU N 30 6.49 -72.87 -34.06
N VAL N 31 5.22 -73.19 -34.26
CA VAL N 31 4.24 -73.14 -33.17
C VAL N 31 3.59 -74.52 -32.87
N GLN N 32 3.15 -75.24 -33.90
CA GLN N 32 2.50 -76.55 -33.73
C GLN N 32 3.48 -77.48 -33.07
N TYR N 33 4.58 -77.74 -33.78
CA TYR N 33 5.53 -78.78 -33.42
C TYR N 33 6.00 -78.66 -31.97
N PRO N 34 6.40 -77.45 -31.54
CA PRO N 34 6.80 -77.38 -30.12
C PRO N 34 5.73 -77.78 -29.09
N VAL N 35 4.46 -77.43 -29.38
CA VAL N 35 3.34 -77.71 -28.47
C VAL N 35 2.78 -79.14 -28.61
N GLU N 36 2.63 -79.61 -29.85
CA GLU N 36 2.01 -80.89 -30.11
C GLU N 36 3.03 -82.01 -30.25
N HIS N 37 4.32 -81.67 -30.19
CA HIS N 37 5.34 -82.70 -30.13
C HIS N 37 6.45 -82.35 -29.17
N PRO N 38 6.11 -81.91 -27.94
CA PRO N 38 7.18 -81.46 -27.04
C PRO N 38 8.22 -82.55 -26.88
N ASP N 39 7.79 -83.81 -27.02
CA ASP N 39 8.67 -84.98 -26.99
C ASP N 39 9.82 -84.91 -28.01
N LYS N 40 9.52 -84.56 -29.26
CA LYS N 40 10.55 -84.44 -30.32
C LYS N 40 11.53 -83.28 -30.13
N PHE N 41 11.07 -82.20 -29.51
CA PHE N 41 11.95 -81.07 -29.24
C PHE N 41 12.85 -81.35 -28.08
N LEU N 42 12.34 -82.08 -27.09
CA LEU N 42 13.12 -82.56 -25.96
C LEU N 42 14.11 -83.66 -26.39
N LYS N 43 13.68 -84.52 -27.33
CA LYS N 43 14.52 -85.58 -27.90
C LYS N 43 15.75 -85.03 -28.59
N PHE N 44 15.56 -84.10 -29.52
CA PHE N 44 16.67 -83.49 -30.24
C PHE N 44 17.32 -82.36 -29.46
N GLY N 45 16.69 -81.92 -28.39
CA GLY N 45 17.27 -80.93 -27.50
C GLY N 45 16.84 -79.49 -27.76
N MET N 46 16.97 -79.06 -29.02
CA MET N 46 16.70 -77.68 -29.40
C MET N 46 15.39 -77.19 -28.83
N THR N 47 15.44 -75.99 -28.27
CA THR N 47 14.26 -75.31 -27.72
C THR N 47 13.69 -74.31 -28.73
N PRO N 48 12.35 -74.11 -28.74
CA PRO N 48 11.66 -73.37 -29.80
C PRO N 48 11.96 -71.86 -29.78
N SER N 49 11.37 -71.09 -30.70
CA SER N 49 11.59 -69.65 -30.73
C SER N 49 10.42 -68.83 -30.19
N LYS N 50 10.71 -67.69 -29.58
CA LYS N 50 9.69 -66.85 -28.92
C LYS N 50 8.72 -66.15 -29.89
N GLY N 51 9.20 -65.93 -31.10
CA GLY N 51 8.51 -65.06 -32.03
C GLY N 51 9.08 -64.95 -33.44
N VAL N 52 8.40 -64.14 -34.24
CA VAL N 52 8.60 -64.07 -35.64
C VAL N 52 8.34 -62.61 -36.09
N LEU N 53 9.09 -62.18 -37.10
CA LEU N 53 8.83 -60.92 -37.71
C LEU N 53 8.55 -61.16 -39.19
N PHE N 54 7.33 -60.88 -39.61
CA PHE N 54 6.99 -60.78 -41.01
C PHE N 54 7.25 -59.34 -41.48
N TYR N 55 8.03 -59.20 -42.54
CA TYR N 55 8.17 -57.94 -43.25
C TYR N 55 7.87 -58.17 -44.69
N GLY N 56 7.46 -57.11 -45.38
CA GLY N 56 6.94 -57.23 -46.73
C GLY N 56 6.16 -56.02 -47.13
N PRO N 57 5.79 -55.90 -48.42
CA PRO N 57 4.87 -54.85 -48.82
C PRO N 57 3.51 -55.12 -48.22
N PRO N 58 2.66 -54.05 -48.14
CA PRO N 58 1.34 -53.99 -47.55
C PRO N 58 0.34 -54.75 -48.36
N GLY N 59 -0.52 -55.50 -47.70
CA GLY N 59 -1.62 -56.18 -48.37
C GLY N 59 -1.18 -57.53 -48.96
N CYS N 60 -0.36 -58.23 -48.21
CA CYS N 60 0.16 -59.44 -48.73
C CYS N 60 -0.10 -60.62 -47.85
N GLY N 61 -0.82 -60.35 -46.76
CA GLY N 61 -1.28 -61.40 -45.87
C GLY N 61 -0.48 -61.60 -44.59
N LYS N 62 0.23 -60.53 -44.20
CA LYS N 62 0.96 -60.58 -42.95
C LYS N 62 0.00 -60.81 -41.80
N THR N 63 -1.17 -60.15 -41.86
CA THR N 63 -2.21 -60.29 -40.84
C THR N 63 -2.89 -61.62 -40.94
N LEU N 64 -3.18 -62.05 -42.16
CA LEU N 64 -3.88 -63.34 -42.33
C LEU N 64 -3.07 -64.43 -41.70
N LEU N 65 -1.79 -64.43 -42.00
CA LEU N 65 -0.92 -65.46 -41.49
C LEU N 65 -0.91 -65.42 -40.00
N ALA N 66 -0.83 -64.23 -39.42
CA ALA N 66 -0.74 -64.20 -37.96
C ALA N 66 -2.02 -64.84 -37.40
N LYS N 67 -3.14 -64.58 -38.06
CA LYS N 67 -4.42 -65.02 -37.50
C LYS N 67 -4.62 -66.49 -37.77
N ALA N 68 -4.49 -66.91 -39.02
CA ALA N 68 -4.63 -68.29 -39.39
C ALA N 68 -3.79 -69.19 -38.49
N ILE N 69 -2.54 -68.82 -38.26
CA ILE N 69 -1.74 -69.62 -37.37
C ILE N 69 -2.35 -69.73 -35.98
N ALA N 70 -2.79 -68.61 -35.41
CA ALA N 70 -3.44 -68.69 -34.09
C ALA N 70 -4.65 -69.64 -34.15
N ASN N 71 -5.43 -69.53 -35.22
CA ASN N 71 -6.66 -70.26 -35.33
C ASN N 71 -6.38 -71.73 -35.48
N GLU N 72 -5.32 -72.04 -36.23
CA GLU N 72 -4.91 -73.42 -36.43
C GLU N 72 -4.57 -74.04 -35.09
N CYS N 73 -3.74 -73.36 -34.32
CA CYS N 73 -3.40 -73.85 -33.01
C CYS N 73 -4.56 -73.77 -32.04
N GLN N 74 -5.73 -73.41 -32.54
CA GLN N 74 -6.89 -73.14 -31.68
C GLN N 74 -6.50 -72.25 -30.49
N ALA N 75 -5.84 -71.12 -30.76
CA ALA N 75 -5.35 -70.26 -29.69
C ALA N 75 -5.99 -68.90 -29.74
N ASN N 76 -5.82 -68.15 -28.67
CA ASN N 76 -6.27 -66.79 -28.63
C ASN N 76 -5.34 -65.84 -29.40
N PHE N 77 -5.86 -64.69 -29.73
CA PHE N 77 -5.18 -63.80 -30.62
C PHE N 77 -5.35 -62.39 -30.10
N ILE N 78 -4.25 -61.71 -29.80
CA ILE N 78 -4.36 -60.30 -29.45
C ILE N 78 -3.68 -59.47 -30.50
N SER N 79 -4.36 -58.42 -30.96
CA SER N 79 -3.82 -57.61 -32.03
C SER N 79 -3.58 -56.22 -31.50
N ILE N 80 -2.32 -55.83 -31.39
CA ILE N 80 -2.05 -54.45 -31.16
C ILE N 80 -1.62 -53.83 -32.47
N LYS N 81 -2.34 -52.81 -32.91
CA LYS N 81 -1.94 -52.10 -34.13
C LYS N 81 -1.17 -50.80 -33.95
N GLY N 82 -1.02 -50.09 -35.05
CA GLY N 82 -0.13 -48.99 -35.05
C GLY N 82 -0.64 -47.93 -34.12
N PRO N 83 -1.90 -47.53 -34.30
CA PRO N 83 -2.42 -46.37 -33.55
C PRO N 83 -2.38 -46.54 -32.06
N GLU N 84 -2.51 -47.79 -31.63
CA GLU N 84 -2.40 -48.11 -30.22
C GLU N 84 -0.97 -47.86 -29.69
N LEU N 85 0.03 -48.39 -30.41
CA LEU N 85 1.46 -48.05 -30.16
C LEU N 85 1.67 -46.54 -30.13
N LEU N 86 1.16 -45.86 -31.14
CA LEU N 86 1.31 -44.45 -31.18
C LEU N 86 0.68 -43.74 -30.04
N THR N 87 -0.43 -44.27 -29.57
CA THR N 87 -1.05 -43.70 -28.36
C THR N 87 -0.13 -43.74 -27.15
N MET N 88 0.49 -44.89 -26.94
CA MET N 88 1.41 -45.00 -25.85
C MET N 88 2.61 -44.11 -26.06
N TRP N 89 2.96 -43.91 -27.32
CA TRP N 89 4.07 -43.08 -27.62
C TRP N 89 3.73 -41.63 -27.33
N PHE N 90 2.63 -41.15 -27.89
CA PHE N 90 2.25 -39.80 -27.67
C PHE N 90 1.95 -39.47 -26.22
N GLY N 91 1.27 -40.38 -25.56
CA GLY N 91 0.92 -40.21 -24.16
C GLY N 91 1.99 -40.66 -23.18
N GLU N 92 3.15 -41.07 -23.66
CA GLU N 92 4.20 -41.49 -22.77
C GLU N 92 3.72 -42.56 -21.80
N SER N 93 2.76 -43.37 -22.24
CA SER N 93 2.20 -44.40 -21.37
C SER N 93 2.58 -45.79 -21.80
N GLU N 94 3.87 -46.04 -21.95
CA GLU N 94 4.33 -47.34 -22.45
C GLU N 94 4.21 -48.42 -21.39
N ALA N 95 4.01 -48.00 -20.14
CA ALA N 95 3.78 -48.93 -19.05
C ALA N 95 2.60 -49.85 -19.39
N ASN N 96 1.65 -49.38 -20.20
CA ASN N 96 0.58 -50.27 -20.64
C ASN N 96 1.01 -51.49 -21.41
N VAL N 97 2.27 -51.55 -21.80
CA VAL N 97 2.72 -52.64 -22.61
C VAL N 97 2.69 -53.85 -21.71
N ARG N 98 2.97 -53.60 -20.42
CA ARG N 98 2.94 -54.59 -19.36
C ARG N 98 1.59 -55.22 -19.27
N GLU N 99 0.58 -54.35 -19.23
CA GLU N 99 -0.81 -54.75 -19.20
C GLU N 99 -1.13 -55.65 -20.41
N ILE N 100 -0.77 -55.24 -21.61
CA ILE N 100 -0.96 -56.08 -22.80
C ILE N 100 -0.36 -57.47 -22.62
N PHE N 101 0.84 -57.52 -22.08
CA PHE N 101 1.52 -58.78 -21.93
C PHE N 101 0.88 -59.63 -20.90
N ASP N 102 0.47 -59.04 -19.78
CA ASP N 102 -0.40 -59.74 -18.80
C ASP N 102 -1.61 -60.38 -19.50
N LYS N 103 -2.47 -59.56 -20.06
CA LYS N 103 -3.63 -60.06 -20.73
C LYS N 103 -3.32 -61.21 -21.68
N ALA N 104 -2.11 -61.24 -22.24
CA ALA N 104 -1.76 -62.28 -23.22
C ALA N 104 -1.36 -63.50 -22.48
N ARG N 105 -0.64 -63.27 -21.39
CA ARG N 105 -0.13 -64.35 -20.55
C ARG N 105 -1.30 -65.09 -19.93
N GLN N 106 -2.27 -64.32 -19.47
CA GLN N 106 -3.49 -64.79 -18.84
C GLN N 106 -4.41 -65.47 -19.88
N ALA N 107 -4.32 -65.09 -21.15
CA ALA N 107 -5.13 -65.74 -22.20
C ALA N 107 -4.44 -66.91 -22.92
N ALA N 108 -3.30 -67.34 -22.38
CA ALA N 108 -2.46 -68.38 -22.98
C ALA N 108 -3.27 -69.66 -23.13
N PRO N 109 -3.13 -70.36 -24.28
CA PRO N 109 -2.25 -70.15 -25.42
C PRO N 109 -2.74 -69.01 -26.30
N CYS N 110 -1.79 -68.16 -26.72
CA CYS N 110 -2.08 -66.88 -27.32
C CYS N 110 -1.00 -66.48 -28.30
N VAL N 111 -1.40 -66.08 -29.51
CA VAL N 111 -0.48 -65.28 -30.32
C VAL N 111 -0.74 -63.78 -30.17
N LEU N 112 0.27 -63.13 -29.64
CA LEU N 112 0.25 -61.70 -29.47
C LEU N 112 0.90 -61.13 -30.75
N PHE N 113 0.20 -60.19 -31.40
CA PHE N 113 0.60 -59.79 -32.76
C PHE N 113 0.71 -58.27 -32.90
N PHE N 114 1.94 -57.77 -32.98
CA PHE N 114 2.18 -56.37 -33.08
C PHE N 114 2.30 -56.06 -34.50
N ASP N 115 1.21 -55.58 -35.07
CA ASP N 115 1.23 -55.05 -36.42
C ASP N 115 1.74 -53.55 -36.52
N GLU N 116 2.15 -53.13 -37.72
CA GLU N 116 2.67 -51.80 -37.95
C GLU N 116 3.72 -51.40 -36.94
N LEU N 117 4.62 -52.33 -36.65
CA LEU N 117 5.71 -52.12 -35.72
C LEU N 117 6.56 -50.87 -35.93
N ASP N 118 6.43 -50.30 -37.10
CA ASP N 118 7.36 -49.26 -37.57
C ASP N 118 6.75 -47.90 -37.44
N SER N 119 5.58 -47.86 -36.83
CA SER N 119 4.77 -46.67 -36.84
C SER N 119 5.29 -45.56 -35.94
N ILE N 120 5.95 -45.87 -34.85
CA ILE N 120 6.62 -44.78 -34.12
C ILE N 120 7.79 -44.20 -34.91
N ALA N 121 8.54 -45.09 -35.56
CA ALA N 121 9.72 -44.73 -36.30
C ALA N 121 9.27 -43.71 -37.30
N LYS N 122 8.31 -44.14 -38.13
CA LYS N 122 7.64 -43.22 -39.03
C LYS N 122 7.26 -41.90 -38.35
N ALA N 123 6.59 -41.97 -37.21
CA ALA N 123 6.08 -40.79 -36.58
C ALA N 123 7.18 -39.85 -36.18
N ARG N 124 8.35 -40.36 -35.85
CA ARG N 124 9.38 -39.41 -35.51
C ARG N 124 10.22 -38.91 -36.68
N GLY N 125 9.88 -39.27 -37.91
CA GLY N 125 10.70 -38.81 -39.02
C GLY N 125 11.11 -39.91 -39.97
N GLY N 126 11.19 -41.14 -39.46
CA GLY N 126 11.42 -42.34 -40.27
C GLY N 126 12.78 -42.42 -40.95
N ASN N 127 12.72 -42.53 -42.28
CA ASN N 127 13.89 -42.59 -43.17
C ASN N 127 15.01 -41.62 -42.72
N ILE N 128 14.68 -40.33 -42.58
CA ILE N 128 15.62 -39.33 -42.04
C ILE N 128 15.67 -39.29 -40.50
N GLY N 129 14.54 -39.04 -39.83
CA GLY N 129 14.44 -39.16 -38.38
C GLY N 129 14.69 -37.92 -37.53
N ASP N 130 14.87 -38.10 -36.22
CA ASP N 130 15.24 -37.05 -35.25
C ASP N 130 16.69 -37.24 -34.79
N GLY N 131 17.06 -36.73 -33.62
CA GLY N 131 18.45 -36.89 -33.12
C GLY N 131 18.89 -38.36 -32.91
N GLY N 132 18.11 -39.10 -32.12
CA GLY N 132 18.51 -40.37 -31.54
C GLY N 132 18.47 -41.58 -32.42
N GLY N 133 18.77 -42.70 -31.81
CA GLY N 133 18.87 -43.97 -32.52
C GLY N 133 17.55 -44.65 -32.67
N ALA N 134 17.58 -45.93 -33.01
CA ALA N 134 16.34 -46.62 -33.34
C ALA N 134 15.42 -46.81 -32.14
N ALA N 135 15.99 -46.85 -30.95
CA ALA N 135 15.23 -47.06 -29.76
C ALA N 135 14.15 -46.00 -29.54
N ASP N 136 13.04 -46.43 -28.99
CA ASP N 136 11.97 -45.55 -28.57
C ASP N 136 11.22 -46.22 -27.42
N ARG N 137 10.60 -45.41 -26.58
CA ARG N 137 10.15 -45.87 -25.27
C ARG N 137 9.17 -47.06 -25.37
N VAL N 138 8.36 -47.04 -26.40
CA VAL N 138 7.31 -48.00 -26.48
C VAL N 138 7.83 -49.30 -26.97
N ILE N 139 8.57 -49.29 -28.10
CA ILE N 139 9.10 -50.58 -28.61
C ILE N 139 10.02 -51.16 -27.57
N ASN N 140 10.79 -50.28 -26.90
CA ASN N 140 11.69 -50.75 -25.91
C ASN N 140 11.01 -51.53 -24.80
N GLN N 141 9.85 -51.03 -24.41
CA GLN N 141 9.03 -51.70 -23.45
C GLN N 141 8.64 -53.09 -23.92
N ILE N 142 8.11 -53.18 -25.13
CA ILE N 142 7.87 -54.48 -25.79
C ILE N 142 9.05 -55.44 -25.69
N LEU N 143 10.24 -54.93 -25.85
CA LEU N 143 11.38 -55.75 -25.76
C LEU N 143 11.64 -56.24 -24.37
N THR N 144 11.55 -55.39 -23.33
CA THR N 144 11.66 -55.87 -21.96
C THR N 144 10.56 -56.90 -21.66
N GLU N 145 9.32 -56.52 -21.94
CA GLU N 145 8.22 -57.41 -21.69
C GLU N 145 8.40 -58.69 -22.42
N MET N 146 9.47 -58.85 -23.15
CA MET N 146 9.61 -60.03 -23.94
C MET N 146 10.80 -60.80 -23.44
N ASP N 147 11.70 -60.08 -22.80
CA ASP N 147 12.83 -60.68 -22.16
C ASP N 147 12.35 -61.33 -20.90
N GLY N 148 11.55 -60.58 -20.12
CA GLY N 148 10.99 -61.06 -18.84
C GLY N 148 9.88 -62.08 -18.99
N MET N 149 9.36 -62.25 -20.19
CA MET N 149 8.25 -63.16 -20.42
C MET N 149 8.81 -64.55 -20.64
N SER N 150 8.64 -65.40 -19.63
CA SER N 150 9.18 -66.76 -19.63
C SER N 150 8.83 -67.56 -20.90
N THR N 151 9.85 -68.09 -21.56
CA THR N 151 9.71 -68.92 -22.75
C THR N 151 8.64 -70.00 -22.55
N LYS N 152 8.43 -70.38 -21.29
CA LYS N 152 7.60 -71.52 -20.92
C LYS N 152 6.12 -71.21 -20.64
N LYS N 153 5.71 -69.95 -20.77
CA LYS N 153 4.28 -69.63 -20.87
C LYS N 153 3.83 -70.06 -22.26
N ASN N 154 2.63 -69.71 -22.69
CA ASN N 154 2.23 -70.17 -24.00
C ASN N 154 1.90 -69.06 -24.98
N VAL N 155 2.68 -67.98 -24.88
CA VAL N 155 2.46 -66.77 -25.67
C VAL N 155 3.48 -66.68 -26.79
N PHE N 156 2.97 -66.60 -28.02
CA PHE N 156 3.81 -66.46 -29.18
C PHE N 156 3.66 -65.09 -29.82
N ILE N 157 4.77 -64.38 -29.92
CA ILE N 157 4.76 -63.03 -30.44
C ILE N 157 5.04 -62.92 -31.94
N ILE N 158 4.24 -62.16 -32.66
CA ILE N 158 4.48 -61.96 -34.08
C ILE N 158 4.41 -60.47 -34.40
N GLY N 159 5.50 -59.96 -35.00
CA GLY N 159 5.57 -58.57 -35.47
C GLY N 159 5.30 -58.47 -36.95
N ALA N 160 4.89 -57.31 -37.42
CA ALA N 160 4.74 -57.09 -38.87
C ALA N 160 5.09 -55.65 -39.14
N THR N 161 5.75 -55.46 -40.26
CA THR N 161 6.14 -54.17 -40.65
C THR N 161 6.30 -54.21 -42.14
N ASN N 162 6.05 -53.09 -42.77
CA ASN N 162 6.45 -52.97 -44.15
C ASN N 162 7.55 -51.93 -44.27
N ARG N 163 8.17 -51.56 -43.18
CA ARG N 163 9.28 -50.66 -43.32
C ARG N 163 10.40 -51.18 -42.45
N PRO N 164 10.95 -52.36 -42.82
CA PRO N 164 11.86 -53.05 -41.92
C PRO N 164 13.14 -52.28 -41.86
N ASP N 165 13.46 -51.50 -42.88
CA ASP N 165 14.59 -50.56 -42.70
C ASP N 165 14.56 -49.69 -41.46
N ILE N 166 13.38 -49.34 -40.97
CA ILE N 166 13.33 -48.42 -39.82
C ILE N 166 13.04 -49.03 -38.45
N ILE N 167 12.54 -50.26 -38.41
CA ILE N 167 12.61 -51.13 -37.23
C ILE N 167 13.91 -51.06 -36.37
N ASP N 168 13.80 -50.97 -35.06
CA ASP N 168 14.99 -51.10 -34.21
C ASP N 168 15.57 -52.53 -34.31
N PRO N 169 16.86 -52.65 -34.71
CA PRO N 169 17.58 -53.94 -34.77
C PRO N 169 17.43 -54.85 -33.53
N ALA N 170 17.42 -54.25 -32.33
CA ALA N 170 17.30 -55.01 -31.12
C ALA N 170 16.11 -55.94 -31.19
N ILE N 171 15.11 -55.64 -32.01
CA ILE N 171 13.99 -56.56 -32.13
C ILE N 171 14.40 -57.87 -32.73
N LEU N 172 15.55 -57.89 -33.39
CA LEU N 172 15.98 -59.08 -34.10
C LEU N 172 16.97 -60.00 -33.39
N ARG N 173 17.61 -59.50 -32.34
CA ARG N 173 18.49 -60.31 -31.51
C ARG N 173 17.87 -61.62 -31.02
N PRO N 174 18.72 -62.66 -30.81
CA PRO N 174 18.29 -63.91 -30.19
C PRO N 174 17.41 -63.71 -28.95
N GLY N 175 16.36 -64.54 -28.85
CA GLY N 175 15.45 -64.51 -27.72
C GLY N 175 14.33 -63.52 -27.91
N ARG N 176 14.24 -62.95 -29.11
CA ARG N 176 13.18 -62.00 -29.42
C ARG N 176 12.50 -62.44 -30.70
N LEU N 177 12.40 -61.55 -31.68
CA LEU N 177 11.85 -61.92 -32.97
C LEU N 177 12.99 -62.38 -33.85
N ASP N 178 13.36 -63.63 -33.65
CA ASP N 178 14.47 -64.28 -34.33
C ASP N 178 14.17 -64.62 -35.76
N GLN N 179 12.96 -65.05 -36.03
CA GLN N 179 12.63 -65.49 -37.34
C GLN N 179 12.18 -64.32 -38.17
N LEU N 180 13.08 -63.84 -39.00
CA LEU N 180 12.67 -62.98 -40.09
C LEU N 180 11.90 -63.79 -41.15
N ILE N 181 10.76 -63.28 -41.63
CA ILE N 181 10.10 -63.92 -42.77
C ILE N 181 9.61 -62.82 -43.70
N TYR N 182 9.99 -62.97 -44.95
CA TYR N 182 9.56 -62.08 -45.99
C TYR N 182 8.24 -62.55 -46.60
N ILE N 183 7.22 -61.70 -46.53
CA ILE N 183 5.97 -61.97 -47.29
C ILE N 183 5.97 -61.02 -48.50
N PRO N 184 6.34 -61.58 -49.67
CA PRO N 184 6.57 -60.88 -50.92
C PRO N 184 5.24 -60.62 -51.62
N LEU N 185 5.26 -59.83 -52.70
CA LEU N 185 4.06 -59.76 -53.55
C LEU N 185 3.68 -61.10 -54.11
N PRO N 186 2.38 -61.33 -54.34
CA PRO N 186 2.00 -62.64 -54.83
C PRO N 186 2.46 -62.76 -56.27
N ASP N 187 3.00 -63.93 -56.63
CA ASP N 187 3.37 -64.23 -58.00
C ASP N 187 2.21 -64.71 -58.86
N GLU N 188 2.52 -64.99 -60.11
CA GLU N 188 1.62 -65.62 -61.10
C GLU N 188 0.59 -66.60 -60.54
N LYS N 189 1.07 -67.74 -59.99
CA LYS N 189 0.22 -68.83 -59.47
C LYS N 189 -0.54 -68.33 -58.31
N SER N 190 0.17 -67.71 -57.37
CA SER N 190 -0.39 -67.21 -56.12
C SER N 190 -1.61 -66.34 -56.34
N ARG N 191 -1.53 -65.44 -57.30
CA ARG N 191 -2.65 -64.56 -57.54
C ARG N 191 -3.87 -65.41 -57.84
N VAL N 192 -3.69 -66.53 -58.53
CA VAL N 192 -4.85 -67.38 -58.75
C VAL N 192 -5.38 -67.81 -57.43
N ALA N 193 -4.52 -68.43 -56.60
CA ALA N 193 -4.91 -68.89 -55.24
C ALA N 193 -5.65 -67.83 -54.41
N ILE N 194 -5.09 -66.63 -54.39
CA ILE N 194 -5.69 -65.52 -53.70
C ILE N 194 -7.11 -65.17 -54.21
N LEU N 195 -7.32 -65.27 -55.52
CA LEU N 195 -8.64 -64.98 -56.07
C LEU N 195 -9.62 -66.07 -55.66
N LYS N 196 -9.20 -67.32 -55.80
CA LYS N 196 -9.99 -68.44 -55.35
C LYS N 196 -10.35 -68.32 -53.86
N ALA N 197 -9.34 -68.09 -53.02
CA ALA N 197 -9.55 -67.90 -51.59
C ALA N 197 -10.51 -66.77 -51.31
N ASN N 198 -10.33 -65.68 -52.02
CA ASN N 198 -11.20 -64.55 -51.84
C ASN N 198 -12.64 -64.80 -52.32
N LEU N 199 -12.85 -65.84 -53.10
CA LEU N 199 -14.17 -66.05 -53.64
C LEU N 199 -14.77 -67.36 -53.16
N ARG N 200 -14.03 -68.08 -52.32
CA ARG N 200 -14.50 -69.30 -51.69
C ARG N 200 -15.95 -69.25 -51.24
N LYS N 201 -16.35 -68.16 -50.59
CA LYS N 201 -17.71 -68.07 -50.08
C LYS N 201 -18.57 -67.18 -50.97
N SER N 202 -18.48 -67.41 -52.28
CA SER N 202 -19.16 -66.57 -53.29
C SER N 202 -19.70 -67.32 -54.53
N PRO N 203 -20.82 -66.85 -55.11
CA PRO N 203 -21.40 -67.45 -56.30
C PRO N 203 -20.69 -66.98 -57.57
N VAL N 204 -19.50 -67.56 -57.82
CA VAL N 204 -18.70 -67.24 -59.02
C VAL N 204 -19.27 -67.87 -60.28
N ALA N 205 -19.64 -67.06 -61.26
CA ALA N 205 -20.14 -67.59 -62.53
C ALA N 205 -19.10 -68.54 -63.12
N LYS N 206 -19.59 -69.62 -63.71
CA LYS N 206 -18.76 -70.72 -64.21
C LYS N 206 -17.74 -70.26 -65.24
N ASP N 207 -18.18 -69.42 -66.17
CA ASP N 207 -17.31 -68.93 -67.26
C ASP N 207 -16.09 -68.11 -66.81
N VAL N 208 -16.27 -67.24 -65.82
CA VAL N 208 -15.23 -66.31 -65.32
C VAL N 208 -13.86 -66.98 -65.11
N ASP N 209 -12.87 -66.46 -65.82
CA ASP N 209 -11.53 -67.04 -65.85
C ASP N 209 -10.55 -66.27 -64.95
N LEU N 210 -10.23 -66.87 -63.81
CA LEU N 210 -9.31 -66.30 -62.82
C LEU N 210 -7.85 -66.46 -63.21
N GLU N 211 -7.51 -67.62 -63.77
CA GLU N 211 -6.14 -67.93 -64.24
C GLU N 211 -5.67 -66.82 -65.19
N PHE N 212 -6.65 -66.18 -65.84
CA PHE N 212 -6.41 -65.09 -66.75
C PHE N 212 -6.25 -63.80 -65.99
N LEU N 213 -7.22 -63.50 -65.13
CA LEU N 213 -7.13 -62.35 -64.26
C LEU N 213 -5.76 -62.33 -63.58
N ALA N 214 -5.27 -63.52 -63.24
CA ALA N 214 -3.99 -63.64 -62.60
C ALA N 214 -2.88 -63.16 -63.50
N LYS N 215 -3.02 -63.45 -64.79
CA LYS N 215 -2.01 -63.04 -65.79
C LYS N 215 -2.10 -61.53 -65.94
N MET N 216 -3.25 -60.95 -65.62
CA MET N 216 -3.51 -59.53 -65.88
C MET N 216 -2.92 -58.59 -64.88
N THR N 217 -2.51 -59.14 -63.75
CA THR N 217 -2.16 -58.36 -62.55
C THR N 217 -0.68 -58.56 -62.12
N ASN N 218 0.04 -57.49 -61.80
CA ASN N 218 1.36 -57.71 -61.26
C ASN N 218 1.73 -57.16 -59.91
N GLY N 219 2.17 -55.91 -59.90
CA GLY N 219 2.46 -55.21 -58.65
C GLY N 219 1.22 -55.26 -57.79
N PHE N 220 0.34 -56.16 -58.17
CA PHE N 220 -0.88 -56.45 -57.46
C PHE N 220 -0.59 -57.28 -56.26
N SER N 221 -0.95 -56.72 -55.11
CA SER N 221 -0.89 -57.38 -53.85
C SER N 221 -2.23 -58.05 -53.57
N GLY N 222 -2.22 -59.01 -52.66
CA GLY N 222 -3.47 -59.63 -52.23
C GLY N 222 -4.55 -58.58 -52.00
N ALA N 223 -4.23 -57.54 -51.23
CA ALA N 223 -5.20 -56.49 -51.00
C ALA N 223 -5.76 -55.95 -52.32
N ASP N 224 -4.89 -55.57 -53.26
CA ASP N 224 -5.33 -55.05 -54.56
C ASP N 224 -6.27 -55.99 -55.31
N LEU N 225 -6.07 -57.31 -55.15
CA LEU N 225 -6.87 -58.33 -55.83
C LEU N 225 -8.22 -58.44 -55.22
N THR N 226 -8.23 -58.58 -53.89
CA THR N 226 -9.41 -58.41 -53.09
C THR N 226 -10.22 -57.22 -53.55
N GLU N 227 -9.60 -56.07 -53.64
CA GLU N 227 -10.31 -54.87 -54.05
C GLU N 227 -11.12 -55.09 -55.33
N ILE N 228 -10.55 -55.81 -56.29
CA ILE N 228 -11.22 -56.15 -57.57
C ILE N 228 -12.49 -56.94 -57.35
N CYS N 229 -12.36 -58.12 -56.74
CA CYS N 229 -13.55 -58.89 -56.32
C CYS N 229 -14.63 -58.02 -55.71
N GLN N 230 -14.26 -57.28 -54.68
CA GLN N 230 -15.23 -56.43 -54.11
C GLN N 230 -15.96 -55.51 -55.10
N ARG N 231 -15.25 -54.87 -56.03
CA ARG N 231 -15.93 -54.00 -56.98
C ARG N 231 -16.84 -54.85 -57.84
N ALA N 232 -16.40 -56.06 -58.17
CA ALA N 232 -17.20 -57.02 -58.92
C ALA N 232 -18.51 -57.36 -58.20
N CYS N 233 -18.42 -57.78 -56.92
CA CYS N 233 -19.59 -57.90 -56.03
C CYS N 233 -20.50 -56.71 -56.02
N LYS N 234 -19.98 -55.57 -55.56
CA LYS N 234 -20.73 -54.34 -55.53
C LYS N 234 -21.45 -54.14 -56.84
N LEU N 235 -20.87 -54.63 -57.95
CA LEU N 235 -21.48 -54.46 -59.26
C LEU N 235 -22.63 -55.41 -59.42
N ALA N 236 -22.40 -56.66 -59.04
CA ALA N 236 -23.45 -57.67 -59.04
C ALA N 236 -24.62 -57.33 -58.09
N ILE N 237 -24.33 -56.86 -56.87
CA ILE N 237 -25.38 -56.42 -55.97
C ILE N 237 -26.19 -55.27 -56.57
N ARG N 238 -25.52 -54.22 -57.00
CA ARG N 238 -26.18 -53.06 -57.62
C ARG N 238 -26.95 -53.50 -58.83
N GLU N 239 -26.40 -54.49 -59.53
CA GLU N 239 -26.99 -55.06 -60.75
C GLU N 239 -28.18 -55.96 -60.40
N SER N 240 -28.17 -56.55 -59.21
CA SER N 240 -29.28 -57.36 -58.73
C SER N 240 -30.43 -56.48 -58.24
N ILE N 241 -30.24 -55.77 -57.13
CA ILE N 241 -31.22 -54.82 -56.60
C ILE N 241 -31.85 -53.94 -57.70
N GLU N 242 -31.08 -53.66 -58.75
CA GLU N 242 -31.57 -52.91 -59.89
C GLU N 242 -32.77 -53.62 -60.52
N SER N 243 -32.59 -54.90 -60.91
CA SER N 243 -33.59 -55.65 -61.70
C SER N 243 -34.97 -55.76 -61.05
N GLU N 244 -35.02 -55.99 -59.74
CA GLU N 244 -36.30 -56.13 -59.05
C GLU N 244 -37.11 -54.84 -59.08
N ILE N 245 -36.52 -53.80 -58.52
CA ILE N 245 -37.20 -52.51 -58.34
C ILE N 245 -37.25 -51.77 -59.67
N VAL N 266 -31.60 -64.45 -60.05
CA VAL N 266 -30.69 -63.69 -60.92
C VAL N 266 -29.26 -63.35 -60.33
N PRO N 267 -28.90 -63.87 -59.12
CA PRO N 267 -27.61 -63.55 -58.48
C PRO N 267 -26.45 -64.59 -58.60
N GLU N 268 -25.56 -64.35 -59.56
CA GLU N 268 -24.26 -65.05 -59.71
C GLU N 268 -23.26 -64.05 -60.27
N ILE N 269 -22.19 -63.81 -59.54
CA ILE N 269 -21.21 -62.79 -59.92
C ILE N 269 -20.46 -63.20 -61.19
N ARG N 270 -20.72 -62.50 -62.29
CA ARG N 270 -20.33 -63.00 -63.60
C ARG N 270 -19.33 -62.17 -64.40
N ARG N 271 -18.89 -62.72 -65.54
CA ARG N 271 -17.82 -62.19 -66.37
C ARG N 271 -17.73 -60.67 -66.51
N ASP N 272 -18.78 -60.07 -67.04
CA ASP N 272 -18.83 -58.63 -67.33
C ASP N 272 -18.74 -57.76 -66.07
N HIS N 273 -19.05 -58.34 -64.91
CA HIS N 273 -18.84 -57.69 -63.65
C HIS N 273 -17.39 -57.59 -63.34
N PHE N 274 -16.67 -58.69 -63.39
CA PHE N 274 -15.22 -58.61 -63.27
C PHE N 274 -14.63 -57.72 -64.29
N GLU N 275 -15.13 -57.80 -65.51
CA GLU N 275 -14.62 -56.97 -66.61
C GLU N 275 -14.72 -55.52 -66.22
N GLU N 276 -15.92 -55.07 -65.92
CA GLU N 276 -16.07 -53.69 -65.51
C GLU N 276 -15.38 -53.34 -64.16
N ALA N 277 -15.12 -54.35 -63.33
CA ALA N 277 -14.43 -54.16 -62.07
C ALA N 277 -12.99 -53.85 -62.33
N MET N 278 -12.47 -54.48 -63.38
CA MET N 278 -11.08 -54.30 -63.86
C MET N 278 -10.76 -52.91 -64.36
N ARG N 279 -11.79 -52.17 -64.80
CA ARG N 279 -11.66 -50.77 -65.26
C ARG N 279 -11.18 -49.81 -64.16
N PHE N 280 -11.12 -50.30 -62.92
CA PHE N 280 -10.63 -49.51 -61.76
C PHE N 280 -9.55 -50.25 -60.94
N ALA N 281 -8.78 -51.11 -61.57
CA ALA N 281 -7.77 -51.83 -60.83
C ALA N 281 -6.58 -50.91 -60.58
N ARG N 282 -6.12 -50.81 -59.33
CA ARG N 282 -4.93 -50.06 -58.99
C ARG N 282 -3.84 -51.04 -58.63
N ARG N 283 -2.64 -50.54 -58.39
CA ARG N 283 -1.62 -51.36 -57.78
C ARG N 283 -1.19 -50.59 -56.59
N SER N 284 -1.33 -51.14 -55.39
CA SER N 284 -0.87 -50.39 -54.20
C SER N 284 0.66 -50.23 -54.15
N VAL N 285 1.42 -51.22 -54.55
CA VAL N 285 2.87 -51.16 -54.45
C VAL N 285 3.44 -50.77 -55.79
N SER N 286 4.27 -49.74 -55.78
CA SER N 286 5.00 -49.37 -56.98
C SER N 286 6.35 -50.06 -57.01
N ASP N 287 6.86 -50.21 -58.23
CA ASP N 287 8.12 -50.89 -58.52
C ASP N 287 9.33 -50.43 -57.71
N ASN N 288 9.44 -49.12 -57.47
CA ASN N 288 10.49 -48.62 -56.59
C ASN N 288 10.44 -49.30 -55.24
N ASP N 289 9.29 -49.21 -54.59
CA ASP N 289 9.08 -49.86 -53.32
C ASP N 289 9.43 -51.34 -53.40
N ILE N 290 8.87 -52.03 -54.41
CA ILE N 290 9.14 -53.45 -54.58
C ILE N 290 10.64 -53.65 -54.56
N ARG N 291 11.35 -52.91 -55.41
CA ARG N 291 12.82 -52.93 -55.43
C ARG N 291 13.42 -52.77 -54.04
N LYS N 292 12.96 -51.73 -53.35
CA LYS N 292 13.36 -51.56 -52.00
C LYS N 292 13.19 -52.79 -51.13
N TYR N 293 12.10 -53.52 -51.27
CA TYR N 293 11.97 -54.70 -50.40
C TYR N 293 13.02 -55.75 -50.67
N GLU N 294 13.37 -55.94 -51.94
CA GLU N 294 14.39 -56.90 -52.33
C GLU N 294 15.71 -56.55 -51.70
N MET N 295 16.01 -55.24 -51.63
CA MET N 295 17.21 -54.76 -50.96
C MET N 295 17.16 -55.14 -49.51
N PHE N 296 16.05 -54.78 -48.85
CA PHE N 296 15.83 -55.13 -47.47
C PHE N 296 15.97 -56.65 -47.40
N ALA N 297 15.24 -57.37 -48.26
CA ALA N 297 15.18 -58.85 -48.27
C ALA N 297 16.52 -59.54 -48.49
N GLN N 298 17.43 -58.85 -49.17
CA GLN N 298 18.75 -59.40 -49.44
C GLN N 298 19.60 -59.45 -48.19
N THR N 299 19.92 -58.29 -47.62
CA THR N 299 20.67 -58.25 -46.37
C THR N 299 19.93 -58.97 -45.24
N LEU N 300 18.65 -58.64 -45.04
CA LEU N 300 17.83 -59.17 -43.93
C LEU N 300 17.71 -60.72 -43.98
N GLN N 301 17.79 -61.33 -45.17
CA GLN N 301 17.82 -62.81 -45.32
C GLN N 301 19.20 -63.33 -45.76
PB ADP O . 27.03 -62.24 -27.87
O1B ADP O . 26.72 -62.00 -26.39
O2B ADP O . 28.45 -62.60 -28.15
O3B ADP O . 26.36 -61.20 -28.77
PA ADP O . 26.07 -64.80 -27.32
O1A ADP O . 27.22 -64.97 -26.36
O2A ADP O . 24.74 -64.53 -26.66
O3A ADP O . 26.32 -63.60 -28.34
O5' ADP O . 25.96 -66.04 -28.33
C5' ADP O . 24.81 -66.06 -29.17
C4' ADP O . 24.49 -67.49 -29.54
O4' ADP O . 25.33 -67.89 -30.59
C3' ADP O . 24.80 -68.45 -28.41
O3' ADP O . 23.60 -68.52 -27.65
C2' ADP O . 25.17 -69.73 -29.14
O2' ADP O . 24.04 -70.43 -29.60
C1' ADP O . 25.82 -69.21 -30.39
N9 ADP O . 27.25 -69.13 -30.07
C8 ADP O . 28.01 -68.13 -30.13
N7 ADP O . 29.20 -67.81 -29.93
C5 ADP O . 29.43 -69.15 -29.52
C6 ADP O . 30.56 -69.86 -29.06
N6 ADP O . 31.78 -69.30 -28.91
N1 ADP O . 30.43 -71.16 -28.77
C2 ADP O . 29.28 -71.83 -28.89
N3 ADP O . 28.15 -71.24 -29.30
C4 ADP O . 28.20 -69.94 -29.62
PB ADP P . 45.22 -39.55 -10.35
O1B ADP P . 44.37 -39.19 -9.16
O2B ADP P . 46.51 -38.82 -10.37
O3B ADP P . 44.57 -39.70 -11.70
PA ADP P . 45.96 -41.68 -8.61
O1A ADP P . 46.67 -40.71 -7.70
O2A ADP P . 44.59 -42.26 -8.24
O3A ADP P . 45.80 -41.04 -10.10
O5' ADP P . 46.96 -42.91 -8.94
C5' ADP P . 46.43 -43.99 -9.69
C4' ADP P . 47.21 -45.24 -9.32
O4' ADP P . 48.42 -45.30 -10.06
C3' ADP P . 47.65 -45.24 -7.87
O3' ADP P . 46.62 -45.93 -7.20
C2' ADP P . 48.93 -46.04 -7.85
O2' ADP P . 48.65 -47.44 -7.97
C1' ADP P . 49.48 -45.65 -9.19
N9 ADP P . 50.33 -44.49 -8.91
C8 ADP P . 50.31 -43.37 -9.44
N7 ADP P . 50.91 -42.29 -9.41
C5 ADP P . 51.74 -42.86 -8.42
C6 ADP P . 52.83 -42.38 -7.68
N6 ADP P . 53.31 -41.12 -7.84
N1 ADP P . 53.44 -43.19 -6.82
C2 ADP P . 53.04 -44.45 -6.64
N3 ADP P . 52.03 -44.99 -7.28
C4 ADP P . 51.37 -44.22 -8.14
PB ADP Q . 39.94 -7.40 -5.94
O1B ADP Q . 38.65 -7.33 -5.15
O2B ADP Q . 40.49 -6.01 -6.31
O3B ADP Q . 39.94 -8.49 -7.05
PA ADP Q . 41.14 -7.70 -3.37
O1A ADP Q . 40.78 -6.25 -3.08
O2A ADP Q . 40.36 -8.81 -2.72
O3A ADP Q . 41.09 -7.98 -4.96
O5' ADP Q . 42.66 -7.96 -3.00
C5' ADP Q . 43.17 -9.27 -3.19
C4' ADP Q . 44.42 -9.42 -2.34
O4' ADP Q . 45.60 -8.91 -2.96
C3' ADP Q . 44.35 -8.56 -1.10
O3' ADP Q . 43.77 -9.37 -0.10
C2' ADP Q . 45.76 -8.20 -0.74
O2' ADP Q . 46.47 -9.30 -0.18
C1' ADP Q . 46.36 -8.05 -2.10
N9 ADP Q . 46.24 -6.63 -2.41
C8 ADP Q . 45.65 -6.09 -3.34
N7 ADP Q . 45.37 -4.98 -3.83
C5 ADP Q . 46.09 -4.44 -2.75
C6 ADP Q . 46.42 -3.11 -2.36
N6 ADP Q . 46.02 -2.01 -3.05
N1 ADP Q . 47.16 -2.93 -1.23
C2 ADP Q . 47.60 -3.95 -0.47
N3 ADP Q . 47.34 -5.24 -0.78
C4 ADP Q . 46.61 -5.49 -1.88
PB ADP R . -17.67 63.38 35.25
O1B ADP R . -16.40 63.34 34.44
O2B ADP R . -17.45 63.90 36.67
O3B ADP R . -18.51 62.17 35.06
PA ADP R . -17.99 65.79 33.89
O1A ADP R . -16.86 66.46 34.67
O2A ADP R . -17.82 65.39 32.43
O3A ADP R . -18.62 64.48 34.61
O5' ADP R . -19.25 66.79 33.94
C5' ADP R . -20.45 66.46 33.23
C4' ADP R . -21.26 67.73 32.97
O4' ADP R . -22.04 68.09 34.11
C3' ADP R . -20.36 68.92 32.71
O3' ADP R . -20.15 69.02 31.32
C2' ADP R . -21.16 70.08 33.20
O2' ADP R . -22.09 70.44 32.20
C1' ADP R . -21.92 69.48 34.37
N9 ADP R . -21.09 69.78 35.55
C8 ADP R . -20.61 69.00 36.38
N7 ADP R . -19.92 68.93 37.41
C5 ADP R . -19.83 70.31 37.30
C6 ADP R . -19.19 71.28 38.07
N6 ADP R . -18.46 71.01 39.19
N1 ADP R . -19.31 72.58 37.70
C2 ADP R . -20.00 73.00 36.63
N3 ADP R . -20.61 72.12 35.85
C4 ADP R . -20.55 70.81 36.15
PB ADP S . 8.97 48.67 48.40
O1B ADP S . 9.86 48.19 47.25
O2B ADP S . 9.44 48.20 49.77
O3B ADP S . 7.48 48.55 48.12
PA ADP S . 10.31 51.13 48.01
O1A ADP S . 11.64 50.52 48.48
O2A ADP S . 10.08 51.53 46.58
O3A ADP S . 9.04 50.28 48.47
O5' ADP S . 10.00 52.41 48.90
C5' ADP S . 8.90 53.25 48.52
C4' ADP S . 9.19 54.71 48.94
O4' ADP S . 8.87 54.86 50.31
C3' ADP S . 10.66 55.10 48.80
O3' ADP S . 10.86 55.72 47.56
C2' ADP S . 10.84 56.12 49.91
O2' ADP S . 10.34 57.41 49.51
C1' ADP S . 9.89 55.61 50.96
N9 ADP S . 10.70 54.75 51.82
C8 ADP S . 10.50 53.56 52.10
N7 ADP S . 10.99 52.65 52.77
C5 ADP S . 12.02 53.55 53.16
C6 ADP S . 13.14 53.45 53.99
N6 ADP S . 13.45 52.28 54.63
N1 ADP S . 13.95 54.55 54.19
C2 ADP S . 13.68 55.72 53.60
N3 ADP S . 12.64 55.90 52.79
C4 ADP S . 11.80 54.85 52.55
PB ADP T . 18.86 16.75 46.18
O1B ADP T . 19.19 16.63 44.70
O2B ADP T . 19.00 15.52 47.01
O3B ADP T . 17.58 17.54 46.36
PA ADP T . 21.45 17.76 46.24
O1A ADP T . 22.02 16.40 45.94
O2A ADP T . 21.48 18.77 45.08
O3A ADP T . 19.98 17.68 46.86
O5' ADP T . 22.17 18.36 47.55
C5' ADP T . 21.94 19.73 47.82
C4' ADP T . 23.13 20.27 48.56
O4' ADP T . 23.05 19.93 49.94
C3' ADP T . 24.45 19.66 48.10
O3' ADP T . 25.01 20.45 47.07
C2' ADP T . 25.30 19.75 49.34
O2' ADP T . 25.71 21.08 49.59
C1' ADP T . 24.32 19.48 50.44
N9 ADP T . 24.34 18.01 50.64
C8 ADP T . 23.39 17.20 50.58
N7 ADP T . 23.13 15.98 50.68
C5 ADP T . 24.50 15.81 50.92
C6 ADP T . 25.27 14.69 51.20
N6 ADP T . 24.74 13.46 51.25
N1 ADP T . 26.58 14.82 51.41
C2 ADP T . 27.21 15.99 51.35
N3 ADP T . 26.55 17.11 51.09
C4 ADP T . 25.23 17.05 50.89
PB ADP U . 14.17 11.06 -17.82
O1B ADP U . 12.93 10.55 -17.07
O2B ADP U . 13.81 12.14 -18.82
O3B ADP U . 15.20 10.03 -18.22
PA ADP U . 14.40 12.56 -15.47
O1A ADP U . 13.12 13.28 -15.85
O2A ADP U . 14.34 11.51 -14.36
O3A ADP U . 15.08 11.84 -16.76
O5' ADP U . 15.59 13.57 -15.09
C5' ADP U . 16.79 13.04 -14.56
C4' ADP U . 17.46 14.08 -13.69
O4' ADP U . 18.20 14.98 -14.51
C3' ADP U . 16.46 14.97 -12.97
O3' ADP U . 16.18 14.39 -11.72
C2' ADP U . 17.21 16.28 -12.79
O2' ADP U . 18.16 16.26 -11.71
C1' ADP U . 17.98 16.34 -14.10
N9 ADP U . 17.09 17.04 -15.05
C8 ADP U . 16.69 16.65 -16.14
N7 ADP U . 15.98 17.00 -17.08
C5 ADP U . 15.71 18.19 -16.34
C6 ADP U . 14.93 19.35 -16.58
N6 ADP U . 14.21 19.52 -17.73
N1 ADP U . 14.88 20.34 -15.67
C2 ADP U . 15.58 20.24 -14.53
N3 ADP U . 16.33 19.19 -14.23
C4 ADP U . 16.41 18.17 -15.09
PB ADP V . -11.17 1.42 -36.74
O1B ADP V . -11.97 0.45 -35.93
O2B ADP V . -11.81 1.57 -38.11
O3B ADP V . -9.68 1.21 -36.55
PA ADP V . -12.68 3.41 -35.48
O1A ADP V . -13.87 2.81 -36.22
O2A ADP V . -12.52 3.10 -34.00
O3A ADP V . -11.31 2.92 -36.17
O5' ADP V . -12.55 4.99 -35.68
C5' ADP V . -11.48 5.63 -34.98
C4' ADP V . -11.86 7.08 -34.72
O4' ADP V . -11.59 7.90 -35.86
C3' ADP V . -13.36 7.25 -34.51
O3' ADP V . -13.64 7.18 -33.14
C2' ADP V . -13.64 8.65 -34.99
O2' ADP V . -13.22 9.61 -34.04
C1' ADP V . -12.68 8.75 -36.14
N9 ADP V . -13.45 8.26 -37.28
C8 ADP V . -13.20 7.31 -38.02
N7 ADP V . -13.70 6.72 -39.03
C5 ADP V . -14.76 7.63 -39.00
C6 ADP V . -15.89 7.81 -39.78
N6 ADP V . -16.16 6.99 -40.83
N1 ADP V . -16.76 8.79 -39.49
C2 ADP V . -16.56 9.62 -38.48
N3 ADP V . -15.50 9.53 -37.68
C4 ADP V . -14.60 8.56 -37.91
PB ADP W . 3.62 -8.02 29.29
O1B ADP W . 3.68 -7.64 27.88
O2B ADP W . 2.94 -9.36 29.49
O3B ADP W . 3.28 -6.82 30.18
PA ADP W . 6.24 -9.05 28.79
O1A ADP W . 5.60 -10.06 27.89
O2A ADP W . 6.92 -7.83 28.20
O3A ADP W . 5.11 -8.44 29.75
O5' ADP W . 7.25 -9.72 29.89
C5' ADP W . 7.95 -8.88 30.78
C4' ADP W . 9.19 -9.61 31.22
O4' ADP W . 8.88 -10.51 32.27
C3' ADP W . 9.79 -10.52 30.17
O3' ADP W . 10.81 -9.78 29.51
C2' ADP W . 10.45 -11.66 30.94
O2' ADP W . 11.65 -11.20 31.53
C1' ADP W . 9.52 -11.78 32.09
N9 ADP W . 8.54 -12.79 31.70
C8 ADP W . 7.29 -12.69 31.73
N7 ADP W . 6.27 -13.34 31.52
C5 ADP W . 7.14 -14.40 31.19
C6 ADP W . 6.91 -15.72 30.76
N6 ADP W . 5.65 -16.18 30.59
N1 ADP W . 7.99 -16.52 30.53
C2 ADP W . 9.27 -16.10 30.69
N3 ADP W . 9.58 -14.86 31.06
C4 ADP W . 8.55 -14.04 31.31
PB ADP X . -24.26 -7.31 11.37
O1B ADP X . -23.86 -6.36 10.25
O2B ADP X . -25.69 -7.85 11.25
O3B ADP X . -23.80 -6.68 12.68
PA ADP X . -23.03 -9.21 9.70
O1A ADP X . -24.23 -9.05 8.76
O2A ADP X . -21.70 -8.66 9.33
O3A ADP X . -23.34 -8.62 11.18
O5' ADP X . -22.80 -10.75 10.03
C5' ADP X . -21.72 -11.06 10.88
C4' ADP X . -21.36 -12.50 10.61
O4' ADP X . -22.20 -13.39 11.35
C3' ADP X . -21.55 -12.93 9.16
O3' ADP X . -20.34 -12.66 8.49
C2' ADP X . -21.84 -14.41 9.22
O2' ADP X . -20.63 -15.16 9.37
C1' ADP X . -22.61 -14.52 10.53
N9 ADP X . -24.04 -14.44 10.19
C8 ADP X . -24.86 -13.62 10.62
N7 ADP X . -26.06 -13.30 10.52
C5 ADP X . -26.19 -14.36 9.60
C6 ADP X . -27.26 -14.85 8.85
N6 ADP X . -28.49 -14.30 8.96
N1 ADP X . -27.07 -15.92 8.01
C2 ADP X . -25.87 -16.50 7.89
N3 ADP X . -24.79 -16.08 8.58
C4 ADP X . -24.92 -15.04 9.41
PB ADP Y . -44.49 18.22 5.41
O1B ADP Y . -43.69 19.20 4.61
O2B ADP Y . -45.89 18.66 5.67
O3B ADP Y . -43.75 17.65 6.59
PA ADP Y . -45.03 17.12 2.85
O1A ADP Y . -45.79 18.36 2.46
O2A ADP Y . -43.69 16.92 2.19
O3A ADP Y . -44.85 16.98 4.47
O5' ADP Y . -45.88 15.79 2.55
C5' ADP Y . -45.26 14.51 2.76
C4' ADP Y . -45.94 13.46 1.88
O4' ADP Y . -47.12 12.98 2.53
C3' ADP Y . -46.41 13.99 0.54
O3' ADP Y . -45.38 13.78 -0.41
C2' ADP Y . -47.61 13.14 0.23
O2' ADP Y . -47.24 11.85 -0.27
C1' ADP Y . -48.17 12.91 1.60
N9 ADP Y . -49.13 14.00 1.86
C8 ADP Y . -49.17 14.80 2.79
N7 ADP Y . -49.86 15.76 3.21
C5 ADP Y . -50.70 15.58 2.10
C6 ADP Y . -51.87 16.24 1.63
N6 ADP Y . -52.46 17.31 2.24
N1 ADP Y . -52.47 15.80 0.48
C2 ADP Y . -51.95 14.77 -0.22
N3 ADP Y . -50.86 14.10 0.14
C4 ADP Y . -50.22 14.48 1.28
PB ADP Z . -41.26 50.00 16.15
O1B ADP Z . -39.99 50.52 15.45
O2B ADP Z . -41.86 51.00 17.11
O3B ADP Z . -41.19 48.58 16.66
PA ADP Z . -42.35 50.82 13.70
O1A ADP Z . -42.15 52.32 13.98
O2A ADP Z . -41.43 50.11 12.73
O3A ADP Z . -42.36 49.82 14.99
O5' ADP Z . -43.87 50.53 13.21
C5' ADP Z . -44.33 49.23 12.78
C4' ADP Z . -45.57 49.44 11.91
O4' ADP Z . -46.73 49.58 12.72
C3' ADP Z . -45.52 50.75 11.11
O3' ADP Z . -44.87 50.51 9.88
C2' ADP Z . -46.96 51.14 10.92
O2' ADP Z . -47.61 50.39 9.88
C1' ADP Z . -47.55 50.64 12.22
N9 ADP Z . -47.51 51.80 13.12
C8 ADP Z . -47.02 51.89 14.24
N7 ADP Z . -46.87 52.71 15.16
C5 ADP Z . -47.55 53.63 14.36
C6 ADP Z . -47.93 54.98 14.55
N6 ADP Z . -47.62 55.64 15.70
N1 ADP Z . -48.62 55.65 13.58
C2 ADP Z . -48.96 55.02 12.44
N3 ADP Z . -48.64 53.75 12.18
C4 ADP Z . -47.94 53.06 13.10
PB ADP AA . -18.16 -28.48 -48.90
O1B ADP AA . -18.52 -29.38 -47.73
O2B ADP AA . -18.29 -29.20 -50.23
O3B ADP AA . -16.93 -27.61 -48.70
PA ADP AA . -20.92 -27.87 -48.60
O1A ADP AA . -21.26 -29.30 -48.99
O2A ADP AA . -21.04 -27.46 -47.15
O3A ADP AA . -19.41 -27.49 -49.05
O5' ADP AA . -21.84 -26.83 -49.42
C5' ADP AA . -21.58 -25.45 -49.24
C4' ADP AA . -22.79 -24.70 -49.75
O4' ADP AA . -22.67 -24.41 -51.15
C3' ADP AA . -24.06 -25.53 -49.61
O3' ADP AA . -24.61 -25.19 -48.38
C2' ADP AA . -24.93 -25.01 -50.73
O2' ADP AA . -25.55 -23.77 -50.36
C1' ADP AA . -23.92 -24.70 -51.81
N9 ADP AA . -23.83 -25.93 -52.62
C8 ADP AA . -22.84 -26.63 -52.84
N7 ADP AA . -22.47 -27.66 -53.42
C5 ADP AA . -23.81 -27.81 -53.84
C6 ADP AA . -24.50 -28.76 -54.63
N6 ADP AA . -23.85 -29.81 -55.16
N1 ADP AA . -25.82 -28.62 -54.87
C2 ADP AA . -26.54 -27.58 -54.36
N3 ADP AA . -25.97 -26.64 -53.58
C4 ADP AA . -24.63 -26.72 -53.31
PB ADP BA . -0.90 -57.00 -44.55
O1B ADP BA . -1.08 -57.24 -43.09
O2B ADP BA . -0.08 -58.08 -45.22
O3B ADP BA . -0.66 -55.56 -44.91
PA ADP BA . -3.31 -58.33 -44.61
O1A ADP BA . -2.73 -59.70 -44.20
O2A ADP BA . -4.17 -57.53 -43.60
O3A ADP BA . -2.29 -57.25 -45.22
O5' ADP BA . -4.31 -58.54 -45.87
C5' ADP BA . -5.13 -57.42 -46.29
C4' ADP BA . -6.30 -57.95 -47.09
O4' ADP BA . -5.90 -58.22 -48.44
C3' ADP BA . -6.78 -59.29 -46.57
O3' ADP BA . -7.85 -58.96 -45.69
C2' ADP BA . -7.33 -59.99 -47.78
O2' ADP BA . -8.65 -59.47 -48.09
C1' ADP BA . -6.40 -59.49 -48.86
N9 ADP BA . -5.33 -60.49 -48.96
C8 ADP BA . -4.10 -60.34 -48.88
N7 ADP BA . -3.04 -60.99 -48.92
C5 ADP BA . -3.84 -62.13 -49.12
C6 ADP BA . -3.57 -63.50 -49.29
N6 ADP BA . -2.32 -64.00 -49.30
N1 ADP BA . -4.56 -64.37 -49.50
C2 ADP BA . -5.84 -63.99 -49.53
N3 ADP BA . -6.22 -62.75 -49.35
C4 ADP BA . -5.25 -61.80 -49.14
#